data_4AY6
#
_entry.id   4AY6
#
_cell.length_a   275.439
_cell.length_b   275.439
_cell.length_c   142.632
_cell.angle_alpha   90.00
_cell.angle_beta   90.00
_cell.angle_gamma   120.00
#
_symmetry.space_group_name_H-M   'P 3 2 1'
#
loop_
_entity.id
_entity.type
_entity.pdbx_description
1 polymer 'UDP-N-ACETYLGLUCOSAMINE--PEPTIDE N-ACETYLGLUCOSAMINYLTRANS FERASE 110 KDA SUBUNIT'
2 polymer 'TGF-BETA-ACTIVATED KINASE 1 AND MAP3K7-BINDING PROTEIN 1'
3 non-polymer 'SULFATE ION'
4 non-polymer '(2S,3R,4R,5S,6R)-3-(acetylamino)-4,5-dihydroxy-6-(hydroxymethyl)tetrahydro-2H-thiopyran-2-yl [(2R,3S,4R,5R)-5-(2,4-dioxo-3,4-dihydropyrimidin-1(2H)-yl)-3,4-dihydroxytetrahydrofuran-2-yl]methyl dihydrogen diphosphate'
#
loop_
_entity_poly.entity_id
_entity_poly.type
_entity_poly.pdbx_seq_one_letter_code
_entity_poly.pdbx_strand_id
1 'polypeptide(L)'
;GPGSCPTHADSLNNLANIKREQGNIEEAVRLYRKALEVFPEFAAAHSNLASVLQQQGKLQEALMHYKEAIRISPTFADAY
SNMGNTLKEMQDVQGALQCYTRAIQINPAFADAHSNLASIHKDSGNIPEAIASYRTALKLKPDFPDAYCNLAHCLQIVCD
WTDYDERMKKLVSIVADQLEKNRLPSVHPHHSMLYPLSHGFRKAIAERHGNLCLDKINVLHKPPYEHPKDLKLSDGRLRV
GYVSSDFGNHPTSHLMQSIPGMHNPDKFEVFCYALSPDDGTNFRVKVMAEANHFIDLSQIPCNGKAADRIHQDGIHILVN
MNGYTKGARNELFALRPAPIQAMWLGYPGTSGALFMDYIITDQETSPAEVAEQYSEKLAYMPHTFFIGDHANMFPHLKKK
AVIDFKSNGHIYDNRIVLNGIDLKAFLDSLPDVKIVKMKCPDGGDNADSSNTALNMPVIPMNTIAEAVIEMINRGQIQIT
INGFSISNGLATTQINNKAATGEEVPRTIIVTTRSQYGLPEDAIVYCNFNQLYKIDPSTLQMWANILKRVPNSVLWLLRF
PAVGEPNIQQYAQNMGLPQNRIIFSPVAPKEEHVRRGQLADVCLDTPLCNGHTTGMDVLWAGTPMVTMPGETLASRVAAS
QLTCLGCLELIAKNRQEYEDIAVKLGTDLEYLKKVRGKVWKQRISSPLFNTKQYTMELERLYLQMWEHYAAGNKPDHMIK
PVE
;
A,B,C,D
2 'polypeptide(L)' PVSVPY(DNP)SAQSTS E,F,G,H
#
# COMPACT_ATOMS: atom_id res chain seq x y z
N SER A 4 26.88 -42.28 67.66
CA SER A 4 27.03 -42.97 66.34
C SER A 4 25.73 -43.58 65.80
N CYS A 5 24.61 -43.03 66.25
CA CYS A 5 23.32 -43.66 66.07
C CYS A 5 22.53 -43.08 64.90
N PRO A 6 22.25 -43.91 63.86
CA PRO A 6 21.35 -43.54 62.75
C PRO A 6 19.99 -43.02 63.19
N THR A 7 19.39 -43.66 64.18
CA THR A 7 18.06 -43.28 64.66
C THR A 7 18.07 -41.88 65.26
N HIS A 8 19.02 -41.63 66.15
CA HIS A 8 19.25 -40.30 66.69
C HIS A 8 19.29 -39.34 65.55
N ALA A 9 20.26 -39.51 64.67
CA ALA A 9 20.44 -38.60 63.56
C ALA A 9 19.13 -38.46 62.78
N ASP A 10 18.45 -39.57 62.59
CA ASP A 10 17.25 -39.60 61.77
C ASP A 10 16.19 -38.65 62.29
N SER A 11 16.04 -38.64 63.62
CA SER A 11 15.11 -37.76 64.32
C SER A 11 15.50 -36.29 64.17
N LEU A 12 16.77 -36.00 64.39
CA LEU A 12 17.33 -34.67 64.19
C LEU A 12 17.00 -34.11 62.79
N ASN A 13 17.22 -34.93 61.76
CA ASN A 13 16.83 -34.57 60.41
C ASN A 13 15.35 -34.14 60.37
N ASN A 14 14.47 -35.00 60.89
CA ASN A 14 13.03 -34.70 60.99
C ASN A 14 12.73 -33.38 61.64
N LEU A 15 13.56 -33.02 62.61
CA LEU A 15 13.40 -31.78 63.32
C LEU A 15 13.83 -30.63 62.46
N ALA A 16 15.02 -30.72 61.88
CA ALA A 16 15.53 -29.69 60.99
C ALA A 16 14.54 -29.35 59.87
N ASN A 17 14.01 -30.37 59.19
CA ASN A 17 13.05 -30.15 58.12
C ASN A 17 11.85 -29.39 58.60
N ILE A 18 11.53 -29.57 59.87
CA ILE A 18 10.44 -28.85 60.50
C ILE A 18 10.85 -27.38 60.60
N LYS A 19 12.05 -27.14 61.13
CA LYS A 19 12.54 -25.79 61.39
C LYS A 19 12.66 -24.97 60.12
N ARG A 20 12.97 -25.66 59.03
CA ARG A 20 13.01 -25.04 57.73
C ARG A 20 11.59 -24.59 57.29
N GLU A 21 10.60 -25.45 57.51
CA GLU A 21 9.23 -25.13 57.09
C GLU A 21 8.73 -23.87 57.73
N GLN A 22 8.95 -23.77 59.03
CA GLN A 22 8.66 -22.55 59.77
C GLN A 22 9.71 -21.49 59.45
N GLY A 23 10.16 -21.48 58.19
CA GLY A 23 11.04 -20.44 57.66
C GLY A 23 12.33 -20.09 58.42
N ASN A 24 12.52 -20.69 59.60
CA ASN A 24 13.68 -20.37 60.43
C ASN A 24 14.95 -21.15 60.00
N ILE A 25 15.67 -20.54 59.05
CA ILE A 25 16.85 -21.14 58.40
C ILE A 25 18.02 -21.35 59.35
N GLU A 26 18.37 -20.29 60.07
CA GLU A 26 19.37 -20.29 61.14
C GLU A 26 19.44 -21.65 61.82
N GLU A 27 18.30 -22.05 62.38
CA GLU A 27 18.21 -23.23 63.23
C GLU A 27 18.34 -24.54 62.44
N ALA A 28 17.62 -24.62 61.32
CA ALA A 28 17.70 -25.79 60.46
C ALA A 28 19.16 -26.22 60.28
N VAL A 29 20.03 -25.32 59.84
CA VAL A 29 21.43 -25.63 59.61
C VAL A 29 22.08 -26.25 60.84
N ARG A 30 21.90 -25.60 62.00
CA ARG A 30 22.49 -26.08 63.27
C ARG A 30 22.15 -27.55 63.59
N LEU A 31 20.88 -27.90 63.37
CA LEU A 31 20.39 -29.26 63.56
C LEU A 31 20.99 -30.24 62.56
N TYR A 32 20.89 -29.92 61.27
CA TYR A 32 21.48 -30.72 60.20
C TYR A 32 22.93 -31.01 60.53
N ARG A 33 23.68 -29.99 60.96
CA ARG A 33 25.11 -30.14 61.29
C ARG A 33 25.34 -31.10 62.44
N LYS A 34 24.42 -31.10 63.41
CA LYS A 34 24.48 -32.04 64.53
C LYS A 34 24.06 -33.46 64.13
N ALA A 35 23.09 -33.58 63.24
CA ALA A 35 22.71 -34.85 62.67
C ALA A 35 23.89 -35.52 62.00
N LEU A 36 24.72 -34.74 61.33
CA LEU A 36 25.86 -35.29 60.61
C LEU A 36 27.01 -35.58 61.56
N GLU A 37 27.00 -34.92 62.72
CA GLU A 37 28.03 -35.13 63.71
C GLU A 37 27.82 -36.49 64.32
N VAL A 38 26.56 -36.82 64.59
CA VAL A 38 26.17 -38.11 65.13
C VAL A 38 26.41 -39.24 64.14
N PHE A 39 25.99 -39.04 62.89
CA PHE A 39 26.08 -40.07 61.86
C PHE A 39 26.54 -39.46 60.54
N PRO A 40 27.86 -39.47 60.28
CA PRO A 40 28.47 -38.82 59.11
C PRO A 40 28.04 -39.38 57.78
N GLU A 41 27.76 -40.67 57.73
CA GLU A 41 27.33 -41.36 56.51
C GLU A 41 25.83 -41.18 56.22
N PHE A 42 25.28 -40.05 56.63
CA PHE A 42 23.88 -39.76 56.42
C PHE A 42 23.70 -39.01 55.08
N ALA A 43 23.15 -39.71 54.09
CA ALA A 43 22.95 -39.09 52.80
C ALA A 43 21.97 -37.92 52.85
N ALA A 44 20.75 -38.14 53.34
CA ALA A 44 19.69 -37.12 53.26
C ALA A 44 20.03 -35.85 54.03
N ALA A 45 20.76 -36.00 55.13
CA ALA A 45 21.25 -34.86 55.91
C ALA A 45 22.19 -33.99 55.10
N HIS A 46 23.18 -34.65 54.49
CA HIS A 46 24.08 -33.97 53.56
C HIS A 46 23.36 -33.22 52.46
N SER A 47 22.36 -33.86 51.86
CA SER A 47 21.61 -33.24 50.79
C SER A 47 20.86 -32.01 51.30
N ASN A 48 20.24 -32.13 52.47
CA ASN A 48 19.43 -31.06 53.03
C ASN A 48 20.22 -29.86 53.53
N LEU A 49 21.37 -30.15 54.15
CA LEU A 49 22.28 -29.11 54.60
C LEU A 49 22.87 -28.38 53.41
N ALA A 50 23.04 -29.10 52.30
CA ALA A 50 23.59 -28.49 51.09
C ALA A 50 22.72 -27.37 50.54
N SER A 51 21.42 -27.64 50.46
CA SER A 51 20.50 -26.75 49.80
C SER A 51 20.20 -25.49 50.57
N VAL A 52 20.37 -25.52 51.89
CA VAL A 52 20.30 -24.28 52.65
C VAL A 52 21.61 -23.50 52.51
N LEU A 53 22.72 -24.21 52.47
CA LEU A 53 23.97 -23.57 52.20
C LEU A 53 23.89 -22.92 50.85
N GLN A 54 23.19 -23.56 49.92
CA GLN A 54 23.01 -22.98 48.59
C GLN A 54 22.14 -21.75 48.69
N GLN A 55 21.03 -21.85 49.41
CA GLN A 55 20.18 -20.70 49.61
C GLN A 55 20.95 -19.55 50.23
N GLN A 56 21.82 -19.85 51.19
CA GLN A 56 22.59 -18.83 51.89
C GLN A 56 23.72 -18.29 51.05
N GLY A 57 23.88 -18.86 49.86
CA GLY A 57 24.88 -18.40 48.92
C GLY A 57 26.27 -18.90 49.25
N LYS A 58 26.37 -19.87 50.17
CA LYS A 58 27.65 -20.49 50.53
C LYS A 58 27.93 -21.69 49.66
N LEU A 59 28.17 -21.44 48.36
CA LEU A 59 28.18 -22.51 47.35
C LEU A 59 29.39 -23.46 47.48
N GLN A 60 30.60 -22.94 47.26
CA GLN A 60 31.84 -23.47 47.84
C GLN A 60 31.58 -24.73 48.67
N GLU A 61 30.93 -24.50 49.82
CA GLU A 61 30.62 -25.49 50.82
C GLU A 61 29.41 -26.37 50.43
N ALA A 62 28.27 -25.75 50.13
CA ALA A 62 27.10 -26.51 49.69
C ALA A 62 27.48 -27.56 48.65
N LEU A 63 28.46 -27.27 47.81
CA LEU A 63 28.92 -28.22 46.80
C LEU A 63 29.56 -29.41 47.47
N MET A 64 30.50 -29.15 48.37
CA MET A 64 31.17 -30.24 49.07
C MET A 64 30.20 -31.24 49.67
N HIS A 65 29.11 -30.73 50.23
CA HIS A 65 28.10 -31.62 50.81
C HIS A 65 27.28 -32.39 49.83
N TYR A 66 26.84 -31.77 48.74
CA TYR A 66 26.24 -32.50 47.63
C TYR A 66 27.15 -33.64 47.11
N LYS A 67 28.44 -33.35 46.92
CA LYS A 67 29.41 -34.35 46.49
C LYS A 67 29.40 -35.50 47.48
N GLU A 68 29.32 -35.17 48.76
CA GLU A 68 29.26 -36.18 49.79
C GLU A 68 28.02 -37.04 49.69
N ALA A 69 26.86 -36.40 49.61
CA ALA A 69 25.60 -37.09 49.45
C ALA A 69 25.66 -38.17 48.36
N ILE A 70 26.07 -37.79 47.14
CA ILE A 70 26.20 -38.73 46.03
C ILE A 70 27.08 -39.95 46.38
N ARG A 71 28.30 -39.69 46.88
CA ARG A 71 29.27 -40.75 47.18
C ARG A 71 28.64 -41.82 48.04
N ILE A 72 27.80 -41.38 48.95
CA ILE A 72 27.05 -42.25 49.83
C ILE A 72 25.88 -42.99 49.12
N SER A 73 25.07 -42.26 48.35
CA SER A 73 23.93 -42.83 47.62
C SER A 73 24.03 -42.58 46.14
N PRO A 74 24.66 -43.50 45.41
CA PRO A 74 24.87 -43.25 44.01
C PRO A 74 23.59 -43.13 43.18
N THR A 75 22.46 -43.64 43.68
CA THR A 75 21.21 -43.48 42.95
C THR A 75 20.43 -42.21 43.31
N PHE A 76 20.98 -41.38 44.19
CA PHE A 76 20.31 -40.15 44.63
C PHE A 76 20.20 -39.14 43.47
N ALA A 77 19.18 -39.31 42.63
CA ALA A 77 19.03 -38.50 41.42
C ALA A 77 18.76 -37.04 41.77
N ASP A 78 18.03 -36.84 42.87
CA ASP A 78 17.68 -35.52 43.35
C ASP A 78 18.89 -34.67 43.70
N ALA A 79 19.97 -35.29 44.15
CA ALA A 79 21.19 -34.56 44.54
C ALA A 79 22.00 -34.13 43.33
N TYR A 80 22.02 -34.97 42.32
CA TYR A 80 22.70 -34.59 41.10
C TYR A 80 22.11 -33.30 40.54
N SER A 81 20.79 -33.28 40.43
CA SER A 81 20.04 -32.17 39.87
C SER A 81 20.37 -30.88 40.58
N ASN A 82 20.36 -30.91 41.90
CA ASN A 82 20.65 -29.70 42.67
C ASN A 82 22.08 -29.25 42.52
N MET A 83 23.00 -30.21 42.54
CA MET A 83 24.41 -29.94 42.40
C MET A 83 24.63 -29.20 41.08
N GLY A 84 23.89 -29.62 40.07
CA GLY A 84 23.81 -28.88 38.82
C GLY A 84 23.51 -27.40 39.03
N ASN A 85 22.39 -27.11 39.69
CA ASN A 85 21.99 -25.75 39.96
C ASN A 85 23.07 -24.93 40.61
N THR A 86 23.77 -25.56 41.55
CA THR A 86 24.90 -24.95 42.26
C THR A 86 26.03 -24.63 41.29
N LEU A 87 26.46 -25.66 40.55
CA LEU A 87 27.53 -25.48 39.60
C LEU A 87 27.18 -24.41 38.58
N LYS A 88 25.90 -24.32 38.23
CA LYS A 88 25.43 -23.30 37.32
C LYS A 88 25.71 -21.96 37.97
N GLU A 89 25.18 -21.79 39.17
CA GLU A 89 25.32 -20.54 39.90
C GLU A 89 26.78 -20.18 40.22
N MET A 90 27.68 -21.09 39.93
CA MET A 90 29.10 -20.84 40.12
C MET A 90 29.79 -20.55 38.79
N GLN A 91 29.01 -20.20 37.78
CA GLN A 91 29.52 -19.94 36.43
C GLN A 91 30.23 -21.12 35.79
N ASP A 92 30.19 -22.30 36.42
CA ASP A 92 30.68 -23.54 35.76
C ASP A 92 29.55 -24.33 35.04
N VAL A 93 29.18 -23.85 33.86
CA VAL A 93 28.05 -24.40 33.10
C VAL A 93 28.37 -25.84 32.66
N GLN A 94 29.57 -26.03 32.13
CA GLN A 94 30.08 -27.35 31.76
C GLN A 94 29.75 -28.48 32.79
N GLY A 95 30.18 -28.31 34.03
CA GLY A 95 30.00 -29.35 35.06
C GLY A 95 28.55 -29.52 35.50
N ALA A 96 27.81 -28.42 35.54
CA ALA A 96 26.40 -28.47 35.87
C ALA A 96 25.62 -29.23 34.82
N LEU A 97 26.02 -29.06 33.56
CA LEU A 97 25.38 -29.73 32.42
C LEU A 97 25.56 -31.24 32.57
N GLN A 98 26.78 -31.62 32.94
CA GLN A 98 27.15 -32.99 33.24
C GLN A 98 26.28 -33.62 34.34
N CYS A 99 26.00 -32.87 35.41
CA CYS A 99 25.12 -33.35 36.50
C CYS A 99 23.75 -33.68 36.01
N TYR A 100 23.13 -32.71 35.33
CA TYR A 100 21.78 -32.87 34.83
C TYR A 100 21.67 -34.11 33.95
N THR A 101 22.58 -34.24 32.98
CA THR A 101 22.48 -35.37 32.09
C THR A 101 22.69 -36.63 32.87
N ARG A 102 23.65 -36.60 33.79
CA ARG A 102 23.93 -37.77 34.62
C ARG A 102 22.70 -38.19 35.43
N ALA A 103 21.98 -37.21 35.94
CA ALA A 103 20.75 -37.48 36.68
C ALA A 103 19.68 -38.13 35.80
N ILE A 104 19.51 -37.64 34.58
CA ILE A 104 18.45 -38.15 33.68
C ILE A 104 18.75 -39.57 33.28
N GLN A 105 20.04 -39.90 33.22
CA GLN A 105 20.49 -41.20 32.76
C GLN A 105 20.16 -42.20 33.85
N ILE A 106 20.31 -41.77 35.09
CA ILE A 106 20.01 -42.62 36.25
C ILE A 106 18.52 -42.80 36.49
N ASN A 107 17.79 -41.70 36.50
CA ASN A 107 16.35 -41.76 36.58
C ASN A 107 15.70 -41.08 35.36
N PRO A 108 15.42 -41.87 34.30
CA PRO A 108 14.81 -41.37 33.07
C PRO A 108 13.53 -40.57 33.31
N ALA A 109 12.86 -40.91 34.41
CA ALA A 109 11.56 -40.32 34.74
C ALA A 109 11.63 -39.10 35.66
N PHE A 110 12.81 -38.79 36.19
CA PHE A 110 12.99 -37.65 37.11
C PHE A 110 12.79 -36.30 36.39
N ALA A 111 11.75 -35.55 36.79
CA ALA A 111 11.31 -34.44 35.96
C ALA A 111 12.14 -33.15 36.12
N ASP A 112 12.64 -32.89 37.33
CA ASP A 112 13.41 -31.66 37.59
C ASP A 112 14.67 -31.57 36.75
N ALA A 113 15.29 -32.72 36.50
CA ALA A 113 16.49 -32.75 35.69
C ALA A 113 16.17 -32.23 34.32
N HIS A 114 15.09 -32.76 33.75
CA HIS A 114 14.67 -32.37 32.42
C HIS A 114 14.41 -30.89 32.28
N SER A 115 13.86 -30.30 33.35
CA SER A 115 13.65 -28.86 33.40
C SER A 115 14.98 -28.10 33.57
N ASN A 116 15.79 -28.53 34.51
CA ASN A 116 17.07 -27.91 34.74
C ASN A 116 17.94 -27.87 33.53
N LEU A 117 17.87 -28.95 32.75
CA LEU A 117 18.57 -29.03 31.47
C LEU A 117 17.99 -27.99 30.51
N ALA A 118 16.67 -28.01 30.33
CA ALA A 118 16.05 -27.00 29.47
C ALA A 118 16.53 -25.59 29.85
N SER A 119 16.61 -25.32 31.15
CA SER A 119 16.99 -24.00 31.62
C SER A 119 18.38 -23.59 31.18
N ILE A 120 19.30 -24.54 31.00
CA ILE A 120 20.62 -24.20 30.50
C ILE A 120 20.48 -23.81 29.06
N HIS A 121 19.70 -24.58 28.33
CA HIS A 121 19.50 -24.31 26.92
C HIS A 121 18.92 -22.94 26.71
N LYS A 122 18.03 -22.56 27.61
CA LYS A 122 17.39 -21.26 27.59
C LYS A 122 18.43 -20.18 27.73
N ASP A 123 19.34 -20.33 28.67
CA ASP A 123 20.37 -19.34 28.89
C ASP A 123 21.43 -19.29 27.80
N SER A 124 21.52 -20.33 26.97
CA SER A 124 22.46 -20.31 25.85
C SER A 124 21.73 -19.80 24.65
N GLY A 125 20.46 -19.50 24.82
CA GLY A 125 19.70 -18.93 23.75
C GLY A 125 19.39 -19.93 22.68
N ASN A 126 19.58 -21.22 22.91
CA ASN A 126 18.95 -22.16 22.00
C ASN A 126 17.59 -22.62 22.56
N ILE A 127 16.57 -22.03 21.96
CA ILE A 127 15.24 -22.09 22.45
C ILE A 127 14.50 -23.34 21.98
N PRO A 128 14.60 -23.70 20.69
CA PRO A 128 13.81 -24.87 20.30
C PRO A 128 14.14 -26.10 21.17
N GLU A 129 15.42 -26.25 21.50
CA GLU A 129 15.89 -27.32 22.43
C GLU A 129 15.39 -27.12 23.85
N ALA A 130 15.45 -25.90 24.34
CA ALA A 130 14.91 -25.61 25.68
C ALA A 130 13.46 -26.03 25.76
N ILE A 131 12.66 -25.65 24.76
CA ILE A 131 11.26 -26.03 24.69
C ILE A 131 11.05 -27.54 24.69
N ALA A 132 11.78 -28.25 23.84
CA ALA A 132 11.67 -29.71 23.81
C ALA A 132 11.72 -30.25 25.21
N SER A 133 12.82 -29.93 25.90
CA SER A 133 13.10 -30.41 27.23
C SER A 133 12.09 -30.00 28.30
N TYR A 134 11.53 -28.78 28.21
CA TYR A 134 10.44 -28.39 29.09
C TYR A 134 9.19 -29.25 28.86
N ARG A 135 8.86 -29.51 27.60
CA ARG A 135 7.68 -30.31 27.25
C ARG A 135 7.80 -31.70 27.82
N THR A 136 8.99 -32.29 27.72
CA THR A 136 9.28 -33.60 28.33
C THR A 136 9.10 -33.59 29.84
N ALA A 137 9.69 -32.58 30.48
CA ALA A 137 9.56 -32.42 31.92
C ALA A 137 8.09 -32.37 32.37
N LEU A 138 7.25 -31.66 31.61
CA LEU A 138 5.84 -31.47 31.96
C LEU A 138 5.03 -32.71 31.67
N LYS A 139 5.42 -33.45 30.64
CA LYS A 139 4.78 -34.71 30.36
C LYS A 139 4.93 -35.64 31.58
N LEU A 140 6.17 -35.77 32.08
CA LEU A 140 6.50 -36.61 33.24
C LEU A 140 5.82 -36.19 34.52
N LYS A 141 5.78 -34.89 34.79
CA LYS A 141 5.13 -34.33 35.98
C LYS A 141 4.20 -33.19 35.56
N PRO A 142 2.92 -33.50 35.22
CA PRO A 142 2.03 -32.48 34.66
C PRO A 142 1.74 -31.28 35.55
N ASP A 143 2.04 -31.39 36.85
CA ASP A 143 2.03 -30.21 37.73
C ASP A 143 3.44 -29.76 38.10
N PHE A 144 3.98 -28.85 37.31
CA PHE A 144 5.32 -28.33 37.54
C PHE A 144 5.30 -26.86 37.15
N PRO A 145 5.12 -25.98 38.14
CA PRO A 145 5.16 -24.55 37.91
C PRO A 145 6.44 -24.09 37.18
N ASP A 146 7.60 -24.28 37.80
CA ASP A 146 8.84 -23.70 37.25
C ASP A 146 8.95 -23.98 35.77
N ALA A 147 8.69 -25.23 35.40
CA ALA A 147 8.77 -25.66 34.00
C ALA A 147 7.66 -25.04 33.17
N TYR A 148 6.44 -25.00 33.68
CA TYR A 148 5.36 -24.38 32.96
C TYR A 148 5.64 -22.92 32.66
N CYS A 149 6.05 -22.18 33.67
CA CYS A 149 6.34 -20.76 33.50
C CYS A 149 7.49 -20.46 32.57
N ASN A 150 8.59 -21.19 32.71
CA ASN A 150 9.73 -20.97 31.85
C ASN A 150 9.38 -21.28 30.41
N LEU A 151 8.66 -22.37 30.21
CA LEU A 151 8.17 -22.70 28.88
C LEU A 151 7.37 -21.52 28.29
N ALA A 152 6.40 -21.08 29.09
CA ALA A 152 5.53 -20.01 28.69
C ALA A 152 6.35 -18.86 28.16
N HIS A 153 7.50 -18.60 28.77
CA HIS A 153 8.31 -17.51 28.33
C HIS A 153 9.01 -17.76 27.02
N CYS A 154 9.40 -19.00 26.78
CA CYS A 154 10.03 -19.34 25.52
C CYS A 154 9.00 -19.21 24.40
N LEU A 155 7.87 -19.88 24.58
CA LEU A 155 6.84 -19.75 23.61
C LEU A 155 6.57 -18.28 23.32
N GLN A 156 6.70 -17.45 24.34
CA GLN A 156 6.56 -16.01 24.18
C GLN A 156 7.60 -15.39 23.22
N ILE A 157 8.81 -15.94 23.26
CA ILE A 157 9.97 -15.37 22.56
C ILE A 157 9.95 -15.77 21.12
N VAL A 158 9.34 -16.90 20.83
CA VAL A 158 9.30 -17.37 19.46
C VAL A 158 7.95 -17.01 18.83
N CYS A 159 7.10 -16.37 19.61
CA CYS A 159 5.76 -16.04 19.17
C CYS A 159 4.95 -17.27 18.84
N ASP A 160 5.17 -18.35 19.60
CA ASP A 160 4.24 -19.44 19.56
C ASP A 160 3.10 -19.06 20.47
N TRP A 161 1.92 -18.89 19.88
CA TRP A 161 0.78 -18.39 20.59
C TRP A 161 -0.31 -19.42 20.68
N THR A 162 0.06 -20.69 20.74
CA THR A 162 -0.92 -21.77 20.83
C THR A 162 -1.59 -21.80 22.21
N ASP A 163 -2.91 -21.81 22.24
CA ASP A 163 -3.69 -21.75 23.50
C ASP A 163 -3.36 -20.55 24.36
N TYR A 164 -3.07 -19.44 23.70
CA TYR A 164 -2.56 -18.24 24.37
C TYR A 164 -3.42 -17.84 25.57
N ASP A 165 -4.73 -17.81 25.39
CA ASP A 165 -5.58 -17.30 26.42
C ASP A 165 -5.65 -18.24 27.59
N GLU A 166 -5.71 -19.54 27.32
CA GLU A 166 -5.70 -20.51 28.42
C GLU A 166 -4.33 -20.51 29.16
N ARG A 167 -3.25 -20.33 28.39
CA ARG A 167 -1.90 -20.28 28.92
C ARG A 167 -1.77 -19.11 29.89
N MET A 168 -2.29 -17.95 29.51
CA MET A 168 -2.23 -16.77 30.35
C MET A 168 -2.99 -17.00 31.65
N LYS A 169 -4.24 -17.37 31.54
CA LYS A 169 -5.06 -17.64 32.71
C LYS A 169 -4.37 -18.63 33.60
N LYS A 170 -3.80 -19.66 33.00
CA LYS A 170 -3.12 -20.67 33.78
C LYS A 170 -1.95 -20.05 34.58
N LEU A 171 -1.16 -19.18 33.94
CA LEU A 171 -0.06 -18.52 34.63
C LEU A 171 -0.54 -17.81 35.85
N VAL A 172 -1.40 -16.82 35.63
CA VAL A 172 -2.01 -16.07 36.73
C VAL A 172 -2.33 -17.07 37.84
N SER A 173 -3.17 -18.04 37.48
CA SER A 173 -3.59 -19.12 38.36
C SER A 173 -2.46 -19.68 39.27
N ILE A 174 -1.38 -20.10 38.65
CA ILE A 174 -0.21 -20.64 39.35
C ILE A 174 0.41 -19.61 40.30
N VAL A 175 0.56 -18.38 39.83
CA VAL A 175 1.20 -17.34 40.63
C VAL A 175 0.34 -17.01 41.86
N ALA A 176 -0.97 -17.01 41.62
CA ALA A 176 -1.94 -16.79 42.68
C ALA A 176 -1.69 -17.81 43.79
N ASP A 177 -1.64 -19.07 43.40
CA ASP A 177 -1.38 -20.14 44.34
C ASP A 177 -0.06 -19.92 45.10
N GLN A 178 1.01 -19.64 44.38
CA GLN A 178 2.32 -19.59 44.97
C GLN A 178 2.51 -18.40 45.87
N LEU A 179 1.91 -17.26 45.52
CA LEU A 179 1.96 -16.05 46.35
C LEU A 179 1.30 -16.33 47.68
N GLU A 180 0.17 -17.01 47.61
CA GLU A 180 -0.59 -17.36 48.77
C GLU A 180 0.06 -18.43 49.62
N LYS A 181 0.66 -19.45 48.99
CA LYS A 181 1.37 -20.49 49.73
C LYS A 181 2.78 -20.09 50.16
N ASN A 182 3.09 -18.80 50.06
CA ASN A 182 4.38 -18.24 50.47
C ASN A 182 5.61 -18.96 49.86
N ARG A 183 5.45 -19.40 48.62
CA ARG A 183 6.52 -20.04 47.88
C ARG A 183 6.97 -19.05 46.79
N LEU A 184 8.28 -18.97 46.53
CA LEU A 184 8.83 -18.08 45.49
C LEU A 184 8.20 -18.41 44.12
N PRO A 185 7.65 -17.38 43.45
CA PRO A 185 6.87 -17.57 42.22
C PRO A 185 7.73 -17.82 41.01
N SER A 186 7.21 -18.71 40.18
CA SER A 186 7.94 -19.18 39.02
C SER A 186 8.17 -18.08 38.00
N VAL A 187 7.24 -17.13 37.88
CA VAL A 187 7.44 -16.00 36.97
C VAL A 187 8.53 -15.08 37.47
N HIS A 188 9.43 -14.72 36.56
CA HIS A 188 10.52 -13.86 36.88
C HIS A 188 10.07 -12.43 36.76
N PRO A 189 10.44 -11.58 37.74
CA PRO A 189 9.91 -10.23 37.79
C PRO A 189 10.13 -9.47 36.48
N HIS A 190 11.22 -9.73 35.80
CA HIS A 190 11.49 -9.06 34.54
C HIS A 190 10.50 -9.41 33.47
N HIS A 191 9.87 -10.58 33.58
CA HIS A 191 8.89 -11.03 32.59
C HIS A 191 7.50 -10.72 32.99
N SER A 192 7.31 -10.39 34.26
CA SER A 192 5.99 -10.23 34.82
C SER A 192 5.16 -9.22 34.04
N MET A 193 5.84 -8.29 33.39
CA MET A 193 5.13 -7.23 32.70
C MET A 193 4.43 -7.71 31.45
N LEU A 194 4.80 -8.91 31.02
CA LEU A 194 4.25 -9.48 29.80
C LEU A 194 2.92 -10.19 29.99
N TYR A 195 2.61 -10.55 31.22
CA TYR A 195 1.38 -11.28 31.43
C TYR A 195 0.29 -10.43 32.07
N PRO A 196 -0.97 -10.92 32.00
CA PRO A 196 -2.11 -10.20 32.56
C PRO A 196 -2.34 -10.49 34.05
N LEU A 197 -1.41 -10.04 34.89
CA LEU A 197 -1.49 -10.22 36.32
C LEU A 197 -2.00 -8.92 36.90
N SER A 198 -2.40 -8.92 38.17
CA SER A 198 -2.64 -7.66 38.89
C SER A 198 -1.30 -6.94 39.24
N HIS A 199 -1.38 -5.64 39.55
CA HIS A 199 -0.20 -4.81 39.84
C HIS A 199 0.31 -5.13 41.18
N GLY A 200 -0.61 -5.55 42.06
CA GLY A 200 -0.25 -6.06 43.38
C GLY A 200 0.52 -7.36 43.24
N PHE A 201 0.04 -8.22 42.35
CA PHE A 201 0.75 -9.43 42.00
C PHE A 201 2.18 -9.17 41.52
N ARG A 202 2.33 -8.24 40.59
CA ARG A 202 3.65 -7.88 40.08
C ARG A 202 4.56 -7.34 41.17
N LYS A 203 4.03 -6.44 41.98
CA LYS A 203 4.81 -5.93 43.10
C LYS A 203 5.19 -7.08 44.02
N ALA A 204 4.23 -7.96 44.31
CA ALA A 204 4.48 -9.11 45.20
C ALA A 204 5.60 -10.05 44.72
N ILE A 205 5.69 -10.26 43.41
CA ILE A 205 6.73 -11.09 42.83
C ILE A 205 8.07 -10.43 43.08
N ALA A 206 8.22 -9.21 42.59
CA ALA A 206 9.42 -8.42 42.79
C ALA A 206 9.85 -8.51 44.26
N GLU A 207 8.87 -8.30 45.13
CA GLU A 207 9.04 -8.32 46.57
C GLU A 207 9.77 -9.59 46.97
N ARG A 208 9.37 -10.72 46.42
CA ARG A 208 9.94 -12.00 46.84
C ARG A 208 11.40 -12.14 46.44
N HIS A 209 11.73 -11.68 45.24
CA HIS A 209 13.11 -11.73 44.75
C HIS A 209 13.91 -10.71 45.47
N GLY A 210 13.23 -9.69 45.95
CA GLY A 210 13.80 -8.80 46.95
C GLY A 210 14.34 -9.57 48.14
N ASN A 211 13.59 -10.54 48.63
CA ASN A 211 13.99 -11.29 49.82
C ASN A 211 15.03 -12.34 49.58
N LEU A 212 15.31 -12.65 48.32
CA LEU A 212 16.34 -13.61 48.00
C LEU A 212 17.72 -13.08 48.36
N CYS A 213 17.91 -11.77 48.16
CA CYS A 213 19.18 -11.14 48.49
C CYS A 213 19.29 -11.03 49.99
N LEU A 214 18.20 -10.62 50.61
CA LEU A 214 18.14 -10.48 52.05
C LEU A 214 18.70 -11.66 52.83
N ASP A 215 18.48 -12.88 52.36
CA ASP A 215 18.98 -14.05 53.08
C ASP A 215 20.45 -14.29 52.79
N LYS A 216 20.86 -13.91 51.57
CA LYS A 216 22.22 -14.14 51.12
C LYS A 216 23.18 -13.25 51.85
N ILE A 217 22.68 -12.17 52.46
CA ILE A 217 23.56 -11.28 53.21
C ILE A 217 23.45 -11.39 54.72
N ASN A 218 22.30 -11.84 55.20
CA ASN A 218 22.14 -12.07 56.63
C ASN A 218 23.23 -12.91 57.24
N VAL A 219 23.76 -13.84 56.44
CA VAL A 219 24.77 -14.78 56.86
C VAL A 219 26.17 -14.16 56.95
N LEU A 220 26.29 -12.87 56.65
CA LEU A 220 27.55 -12.16 56.86
C LEU A 220 27.59 -11.57 58.27
N HIS A 221 26.38 -11.32 58.80
CA HIS A 221 26.19 -10.77 60.14
C HIS A 221 26.89 -9.46 60.21
N LYS A 222 26.40 -8.48 59.47
CA LYS A 222 27.09 -7.21 59.42
C LYS A 222 26.30 -6.17 60.15
N PRO A 223 27.00 -5.33 60.91
CA PRO A 223 26.35 -4.20 61.55
C PRO A 223 25.87 -3.21 60.49
N PRO A 224 24.69 -2.60 60.69
CA PRO A 224 24.30 -1.46 59.87
C PRO A 224 25.45 -0.47 59.71
N TYR A 225 25.45 0.27 58.61
CA TYR A 225 26.49 1.26 58.40
C TYR A 225 26.14 2.65 58.94
N GLU A 226 27.16 3.36 59.41
CA GLU A 226 26.98 4.75 59.74
C GLU A 226 27.07 5.58 58.48
N HIS A 227 25.96 6.18 58.10
CA HIS A 227 25.94 7.03 56.91
C HIS A 227 26.33 8.43 57.25
N PRO A 228 26.92 9.15 56.30
CA PRO A 228 27.16 10.58 56.57
C PRO A 228 25.85 11.39 56.72
N LYS A 229 25.94 12.54 57.40
CA LYS A 229 24.76 13.36 57.70
C LYS A 229 24.89 14.76 57.11
N ASP A 230 26.04 15.05 56.52
CA ASP A 230 26.31 16.32 55.90
C ASP A 230 27.38 16.15 54.86
N LEU A 231 27.73 17.22 54.19
CA LEU A 231 28.65 17.13 53.07
C LEU A 231 30.04 17.60 53.46
N LYS A 232 30.32 17.65 54.75
CA LYS A 232 31.58 18.25 55.21
C LYS A 232 32.81 17.45 54.83
N LEU A 233 32.75 16.12 54.98
CA LEU A 233 33.88 15.23 54.65
C LEU A 233 34.22 15.15 53.16
N SER A 234 33.24 15.46 52.32
CA SER A 234 33.36 15.42 50.88
C SER A 234 33.42 16.83 50.31
N ASP A 235 33.69 17.80 51.18
CA ASP A 235 34.00 19.18 50.78
C ASP A 235 32.84 19.93 50.09
N GLY A 236 31.61 19.73 50.58
CA GLY A 236 30.42 20.31 49.95
C GLY A 236 29.89 19.59 48.72
N ARG A 237 30.55 18.49 48.32
CA ARG A 237 30.13 17.72 47.16
C ARG A 237 29.25 16.55 47.57
N LEU A 238 28.18 16.34 46.83
CA LEU A 238 27.33 15.18 46.99
C LEU A 238 27.96 14.04 46.23
N ARG A 239 28.16 12.89 46.87
CA ARG A 239 28.85 11.77 46.23
C ARG A 239 27.90 10.72 45.72
N VAL A 240 27.70 10.72 44.40
CA VAL A 240 26.78 9.77 43.76
C VAL A 240 27.54 8.60 43.19
N GLY A 241 26.94 7.42 43.36
CA GLY A 241 27.56 6.18 42.94
C GLY A 241 26.64 5.41 42.00
N TYR A 242 27.10 5.23 40.77
CA TYR A 242 26.37 4.41 39.81
C TYR A 242 26.85 2.96 39.85
N VAL A 243 25.91 2.02 39.85
CA VAL A 243 26.29 0.64 39.97
C VAL A 243 25.59 -0.17 38.90
N SER A 244 26.39 -0.65 37.94
CA SER A 244 25.87 -1.27 36.74
C SER A 244 26.76 -2.38 36.25
N SER A 245 26.16 -3.42 35.71
CA SER A 245 26.97 -4.45 35.12
C SER A 245 27.15 -4.17 33.64
N ASP A 246 26.78 -2.97 33.20
CA ASP A 246 26.71 -2.71 31.77
C ASP A 246 27.42 -1.43 31.36
N PHE A 247 28.58 -1.19 31.98
CA PHE A 247 29.50 -0.17 31.49
C PHE A 247 30.36 -0.88 30.49
N GLY A 248 29.79 -1.07 29.31
CA GLY A 248 30.46 -1.72 28.20
C GLY A 248 29.59 -1.60 26.98
N ASN A 249 29.84 -2.44 26.00
CA ASN A 249 28.97 -2.43 24.88
C ASN A 249 27.60 -3.04 25.23
N HIS A 250 26.61 -2.17 25.47
CA HIS A 250 25.31 -2.55 26.05
C HIS A 250 24.38 -1.38 26.13
N PRO A 251 23.09 -1.57 25.81
CA PRO A 251 22.13 -0.47 25.77
C PRO A 251 22.31 0.58 26.89
N THR A 252 22.34 0.13 28.14
CA THR A 252 22.58 1.05 29.24
C THR A 252 23.69 2.05 28.96
N SER A 253 24.84 1.59 28.50
CA SER A 253 25.85 2.50 28.09
C SER A 253 25.42 3.31 26.93
N HIS A 254 24.79 2.69 25.92
CA HIS A 254 24.39 3.46 24.74
C HIS A 254 23.51 4.63 25.11
N LEU A 255 22.82 4.52 26.25
CA LEU A 255 21.96 5.60 26.67
C LEU A 255 22.75 6.68 27.42
N MET A 256 23.43 6.28 28.49
CA MET A 256 23.88 7.27 29.47
C MET A 256 25.38 7.43 29.58
N GLN A 257 26.13 6.85 28.66
CA GLN A 257 27.58 6.97 28.71
C GLN A 257 28.05 8.43 28.88
N SER A 258 27.28 9.41 28.41
CA SER A 258 27.76 10.79 28.49
C SER A 258 27.63 11.43 29.88
N ILE A 259 26.67 10.93 30.65
CA ILE A 259 26.19 11.54 31.90
C ILE A 259 27.21 11.71 33.01
N PRO A 260 27.94 10.65 33.36
CA PRO A 260 28.97 10.82 34.37
C PRO A 260 29.93 11.92 34.00
N GLY A 261 30.23 12.02 32.72
CA GLY A 261 31.02 13.13 32.21
C GLY A 261 30.39 14.50 32.45
N MET A 262 29.07 14.56 32.40
CA MET A 262 28.38 15.83 32.39
C MET A 262 27.99 16.43 33.74
N HIS A 263 28.22 15.69 34.83
CA HIS A 263 27.97 16.23 36.17
C HIS A 263 28.78 17.44 36.47
N ASN A 264 28.24 18.27 37.37
CA ASN A 264 28.92 19.47 37.86
C ASN A 264 29.87 19.13 39.01
N PRO A 265 31.20 19.24 38.75
CA PRO A 265 32.25 18.84 39.68
C PRO A 265 32.28 19.68 40.95
N ASP A 266 31.58 20.80 40.94
CA ASP A 266 31.60 21.69 42.07
C ASP A 266 30.69 21.12 43.12
N LYS A 267 29.63 20.48 42.68
CA LYS A 267 28.61 20.10 43.60
C LYS A 267 28.50 18.60 43.70
N PHE A 268 29.10 17.90 42.76
CA PHE A 268 28.95 16.46 42.77
C PHE A 268 30.26 15.75 42.51
N GLU A 269 30.45 14.62 43.16
CA GLU A 269 31.58 13.77 42.90
C GLU A 269 31.04 12.40 42.49
N VAL A 270 31.44 11.95 41.29
CA VAL A 270 30.85 10.75 40.67
C VAL A 270 31.67 9.48 40.82
N PHE A 271 31.05 8.46 41.36
CA PHE A 271 31.69 7.17 41.49
C PHE A 271 30.96 6.15 40.64
N CYS A 272 31.72 5.40 39.86
CA CYS A 272 31.13 4.35 39.05
C CYS A 272 31.62 3.04 39.50
N TYR A 273 30.70 2.11 39.66
CA TYR A 273 31.06 0.82 40.16
C TYR A 273 30.67 -0.18 39.10
N ALA A 274 31.66 -0.70 38.37
CA ALA A 274 31.37 -1.70 37.37
C ALA A 274 31.18 -3.05 38.03
N LEU A 275 30.12 -3.77 37.64
CA LEU A 275 29.89 -5.14 38.18
C LEU A 275 30.46 -6.21 37.28
N SER A 276 31.02 -5.77 36.16
CA SER A 276 31.49 -6.65 35.12
C SER A 276 32.88 -6.23 34.64
N PRO A 277 33.68 -7.23 34.19
CA PRO A 277 35.05 -6.97 33.75
C PRO A 277 35.09 -6.12 32.50
N ASP A 278 36.23 -5.48 32.29
CA ASP A 278 36.42 -4.60 31.14
C ASP A 278 36.32 -5.38 29.84
N ASP A 279 35.33 -5.02 29.03
CA ASP A 279 35.10 -5.69 27.78
C ASP A 279 36.00 -5.17 26.65
N GLY A 280 36.65 -4.04 26.84
CA GLY A 280 37.61 -3.55 25.84
C GLY A 280 37.12 -2.39 25.00
N THR A 281 35.80 -2.20 24.96
CA THR A 281 35.14 -1.22 24.08
C THR A 281 35.30 0.23 24.53
N ASN A 282 35.07 1.16 23.60
CA ASN A 282 35.14 2.58 23.91
C ASN A 282 34.14 3.06 24.92
N PHE A 283 33.00 2.38 25.03
CA PHE A 283 32.02 2.79 26.03
C PHE A 283 32.65 2.71 27.43
N ARG A 284 33.10 1.52 27.80
CA ARG A 284 33.82 1.34 29.05
C ARG A 284 34.90 2.41 29.24
N VAL A 285 35.63 2.74 28.17
CA VAL A 285 36.76 3.67 28.24
C VAL A 285 36.32 5.08 28.61
N LYS A 286 35.33 5.57 27.88
CA LYS A 286 34.78 6.88 28.15
C LYS A 286 34.34 6.99 29.59
N VAL A 287 33.59 6.02 30.07
CA VAL A 287 33.06 6.13 31.40
C VAL A 287 34.21 6.19 32.40
N MET A 288 35.19 5.30 32.26
CA MET A 288 36.36 5.31 33.13
C MET A 288 37.11 6.64 33.01
N ALA A 289 37.26 7.13 31.80
CA ALA A 289 37.95 8.39 31.56
C ALA A 289 37.25 9.58 32.22
N GLU A 290 35.93 9.52 32.39
CA GLU A 290 35.16 10.71 32.70
C GLU A 290 34.53 10.79 34.07
N ALA A 291 34.31 9.63 34.69
CA ALA A 291 33.84 9.61 36.08
C ALA A 291 34.99 10.05 36.99
N ASN A 292 34.67 10.68 38.11
CA ASN A 292 35.71 11.10 39.04
C ASN A 292 36.49 9.92 39.56
N HIS A 293 35.81 8.79 39.69
CA HIS A 293 36.38 7.60 40.24
C HIS A 293 35.68 6.47 39.63
N PHE A 294 36.46 5.47 39.21
CA PHE A 294 35.88 4.28 38.63
C PHE A 294 36.40 3.06 39.36
N ILE A 295 35.51 2.23 39.90
CA ILE A 295 35.89 1.12 40.76
C ILE A 295 35.44 -0.20 40.17
N ASP A 296 36.36 -1.12 39.95
CA ASP A 296 35.96 -2.36 39.33
C ASP A 296 35.58 -3.36 40.41
N LEU A 297 34.28 -3.49 40.66
CA LEU A 297 33.76 -4.39 41.68
C LEU A 297 33.69 -5.84 41.27
N SER A 298 34.01 -6.13 40.01
CA SER A 298 34.07 -7.52 39.54
C SER A 298 35.32 -8.22 40.07
N GLN A 299 36.29 -7.42 40.52
CA GLN A 299 37.47 -7.92 41.22
C GLN A 299 37.17 -8.30 42.67
N ILE A 300 35.99 -7.96 43.16
CA ILE A 300 35.63 -8.11 44.56
C ILE A 300 34.33 -8.90 44.56
N PRO A 301 34.45 -10.23 44.48
CA PRO A 301 33.23 -11.05 44.39
C PRO A 301 32.40 -11.03 45.67
N CYS A 302 33.08 -10.99 46.82
CA CYS A 302 32.42 -10.95 48.10
C CYS A 302 31.60 -9.67 48.26
N ASN A 303 30.29 -9.85 48.46
CA ASN A 303 29.37 -8.73 48.67
C ASN A 303 29.62 -7.91 49.94
N GLY A 304 30.11 -8.56 50.99
CA GLY A 304 30.49 -7.88 52.22
C GLY A 304 31.59 -6.84 51.98
N LYS A 305 32.71 -7.29 51.40
CA LYS A 305 33.87 -6.41 51.16
C LYS A 305 33.58 -5.32 50.13
N ALA A 306 32.81 -5.70 49.10
CA ALA A 306 32.30 -4.74 48.11
C ALA A 306 31.50 -3.60 48.75
N ALA A 307 30.46 -3.95 49.52
CA ALA A 307 29.65 -2.95 50.23
C ALA A 307 30.52 -2.04 51.07
N ASP A 308 31.47 -2.62 51.82
CA ASP A 308 32.41 -1.84 52.63
C ASP A 308 33.09 -0.84 51.76
N ARG A 309 33.53 -1.30 50.58
CA ARG A 309 34.24 -0.47 49.64
C ARG A 309 33.42 0.73 49.16
N ILE A 310 32.11 0.54 49.12
CA ILE A 310 31.22 1.61 48.77
C ILE A 310 31.13 2.59 49.93
N HIS A 311 30.83 2.06 51.12
CA HIS A 311 30.72 2.84 52.34
C HIS A 311 32.01 3.53 52.67
N GLN A 312 33.11 2.85 52.34
CA GLN A 312 34.45 3.38 52.45
C GLN A 312 34.53 4.67 51.68
N ASP A 313 33.99 4.66 50.46
CA ASP A 313 34.09 5.81 49.57
C ASP A 313 33.16 6.96 49.97
N GLY A 314 32.24 6.70 50.89
CA GLY A 314 31.40 7.75 51.48
C GLY A 314 30.29 8.28 50.58
N ILE A 315 29.60 7.33 49.93
CA ILE A 315 28.53 7.60 48.96
C ILE A 315 27.22 8.03 49.60
N HIS A 316 26.69 9.17 49.16
CA HIS A 316 25.43 9.64 49.69
C HIS A 316 24.30 9.00 48.99
N ILE A 317 24.34 9.08 47.66
CA ILE A 317 23.33 8.42 46.83
C ILE A 317 23.93 7.32 45.96
N LEU A 318 23.45 6.11 46.20
CA LEU A 318 23.79 4.94 45.41
C LEU A 318 22.68 4.64 44.40
N VAL A 319 23.05 4.54 43.12
CA VAL A 319 22.07 4.36 42.05
C VAL A 319 22.17 2.96 41.49
N ASN A 320 21.05 2.24 41.54
CA ASN A 320 20.99 0.90 41.02
C ASN A 320 20.51 0.86 39.57
N MET A 321 21.37 0.48 38.65
CA MET A 321 20.97 0.51 37.24
C MET A 321 20.59 -0.87 36.71
N ASN A 322 20.66 -1.87 37.54
CA ASN A 322 20.45 -3.19 37.04
C ASN A 322 19.11 -3.75 37.41
N GLY A 323 18.63 -3.49 38.61
CA GLY A 323 17.44 -4.19 39.12
C GLY A 323 17.59 -5.69 38.92
N TYR A 324 16.57 -6.33 38.38
CA TYR A 324 16.62 -7.78 38.27
C TYR A 324 17.07 -8.23 36.88
N THR A 325 18.17 -7.66 36.39
CA THR A 325 18.68 -8.06 35.07
C THR A 325 19.98 -8.83 35.19
N LYS A 326 20.54 -9.30 34.07
CA LYS A 326 21.72 -10.16 34.09
C LYS A 326 22.92 -9.44 34.70
N GLY A 327 23.73 -10.16 35.49
CA GLY A 327 24.92 -9.60 36.12
C GLY A 327 24.66 -8.68 37.31
N ALA A 328 23.41 -8.53 37.72
CA ALA A 328 23.07 -7.71 38.87
C ALA A 328 23.62 -8.28 40.17
N ARG A 329 23.89 -7.40 41.13
CA ARG A 329 24.25 -7.81 42.49
C ARG A 329 23.57 -6.91 43.54
N ASN A 330 22.30 -7.20 43.83
CA ASN A 330 21.50 -6.36 44.72
C ASN A 330 21.79 -6.61 46.18
N GLU A 331 22.41 -7.73 46.50
CA GLU A 331 22.98 -7.93 47.82
C GLU A 331 23.73 -6.67 48.23
N LEU A 332 24.44 -6.05 47.30
CA LEU A 332 25.08 -4.77 47.60
C LEU A 332 24.10 -3.80 48.18
N PHE A 333 22.97 -3.60 47.51
CA PHE A 333 21.99 -2.62 47.98
C PHE A 333 21.34 -3.03 49.29
N ALA A 334 21.12 -4.34 49.44
CA ALA A 334 20.46 -4.88 50.62
C ALA A 334 21.28 -4.57 51.87
N LEU A 335 22.59 -4.45 51.69
CA LEU A 335 23.50 -4.12 52.79
C LEU A 335 23.44 -2.66 53.20
N ARG A 336 22.80 -1.85 52.37
CA ARG A 336 22.49 -0.48 52.73
C ARG A 336 23.76 0.36 53.10
N PRO A 337 24.67 0.58 52.13
CA PRO A 337 25.88 1.37 52.43
C PRO A 337 25.74 2.89 52.25
N ALA A 338 24.73 3.31 51.50
CA ALA A 338 24.45 4.73 51.35
C ALA A 338 23.08 5.06 51.95
N PRO A 339 22.94 6.29 52.48
CA PRO A 339 21.69 6.68 53.10
C PRO A 339 20.55 6.65 52.12
N ILE A 340 20.81 7.03 50.88
CA ILE A 340 19.77 7.09 49.86
C ILE A 340 20.10 6.16 48.71
N GLN A 341 19.13 5.31 48.35
CA GLN A 341 19.36 4.34 47.29
C GLN A 341 18.24 4.36 46.27
N ALA A 342 18.57 4.73 45.03
CA ALA A 342 17.56 4.95 43.99
C ALA A 342 17.74 4.03 42.81
N MET A 343 16.60 3.55 42.28
CA MET A 343 16.51 2.83 41.02
C MET A 343 16.53 3.80 39.85
N TRP A 344 17.23 3.46 38.77
CA TRP A 344 17.34 4.38 37.63
C TRP A 344 17.62 3.77 36.29
N LEU A 345 16.71 4.01 35.36
CA LEU A 345 16.95 3.83 33.93
C LEU A 345 17.02 2.38 33.49
N GLY A 346 17.86 1.61 34.16
CA GLY A 346 18.16 0.26 33.72
C GLY A 346 17.05 -0.75 33.77
N TYR A 347 16.30 -0.76 34.86
CA TYR A 347 15.23 -1.74 35.01
C TYR A 347 13.85 -1.06 35.02
N PRO A 348 12.97 -1.53 34.13
CA PRO A 348 11.67 -0.95 33.87
C PRO A 348 10.60 -1.63 34.72
N GLY A 349 10.65 -1.33 36.01
CA GLY A 349 9.73 -1.92 36.99
C GLY A 349 10.15 -1.65 38.42
N THR A 350 9.24 -1.93 39.35
CA THR A 350 9.54 -1.75 40.75
C THR A 350 10.47 -2.84 41.23
N SER A 351 11.31 -2.49 42.18
CA SER A 351 12.22 -3.44 42.80
C SER A 351 11.49 -4.30 43.79
N GLY A 352 10.38 -3.75 44.30
CA GLY A 352 9.55 -4.40 45.30
C GLY A 352 10.29 -4.58 46.63
N ALA A 353 11.43 -3.92 46.76
CA ALA A 353 12.30 -4.18 47.88
C ALA A 353 12.35 -3.03 48.89
N LEU A 354 12.51 -3.39 50.17
CA LEU A 354 12.67 -2.44 51.28
C LEU A 354 13.91 -1.55 51.17
N PHE A 355 15.05 -2.13 50.78
CA PHE A 355 16.30 -1.41 50.72
C PHE A 355 16.40 -0.43 49.55
N MET A 356 15.36 -0.35 48.70
CA MET A 356 15.32 0.64 47.63
C MET A 356 14.37 1.77 47.95
N ASP A 357 14.93 2.96 48.06
CA ASP A 357 14.23 4.16 48.51
C ASP A 357 13.42 4.82 47.41
N TYR A 358 14.08 5.21 46.33
CA TYR A 358 13.41 5.90 45.22
C TYR A 358 13.51 5.13 43.92
N ILE A 359 12.50 5.31 43.08
CA ILE A 359 12.55 4.95 41.65
C ILE A 359 12.53 6.25 40.85
N ILE A 360 13.44 6.39 39.91
CA ILE A 360 13.48 7.63 39.15
C ILE A 360 12.69 7.51 37.86
N THR A 361 11.73 8.40 37.69
CA THR A 361 10.73 8.31 36.63
C THR A 361 10.17 9.69 36.34
N ASP A 362 8.95 9.76 35.81
CA ASP A 362 8.25 11.02 35.58
C ASP A 362 6.75 10.82 35.63
N GLN A 363 6.02 11.90 35.39
CA GLN A 363 4.58 11.87 35.56
C GLN A 363 3.84 11.11 34.45
N GLU A 364 4.40 11.15 33.25
CA GLU A 364 3.84 10.42 32.13
C GLU A 364 4.03 8.92 32.30
N THR A 365 5.20 8.52 32.80
CA THR A 365 5.48 7.10 32.95
C THR A 365 4.85 6.50 34.21
N SER A 366 4.94 7.24 35.30
CA SER A 366 4.37 6.79 36.56
C SER A 366 3.50 7.89 37.17
N PRO A 367 2.29 8.11 36.60
CA PRO A 367 1.37 9.08 37.20
C PRO A 367 0.91 8.66 38.59
N ALA A 368 0.60 9.66 39.43
CA ALA A 368 0.43 9.46 40.86
C ALA A 368 -0.69 8.48 41.22
N GLU A 369 -1.74 8.44 40.39
CA GLU A 369 -2.81 7.44 40.53
C GLU A 369 -2.20 6.09 40.82
N VAL A 370 -1.16 5.74 40.06
CA VAL A 370 -0.60 4.39 40.07
C VAL A 370 0.70 4.29 40.85
N ALA A 371 0.85 5.13 41.87
CA ALA A 371 2.01 5.05 42.76
C ALA A 371 2.00 3.78 43.61
N GLU A 372 0.83 3.15 43.71
CA GLU A 372 0.64 1.97 44.49
C GLU A 372 1.21 0.75 43.77
N GLN A 373 1.60 0.92 42.52
CA GLN A 373 2.32 -0.14 41.77
C GLN A 373 3.74 -0.37 42.30
N TYR A 374 4.37 0.69 42.77
CA TYR A 374 5.76 0.64 43.16
C TYR A 374 5.88 0.51 44.67
N SER A 375 7.00 -0.04 45.13
CA SER A 375 7.28 -0.10 46.56
C SER A 375 8.18 1.06 47.00
N GLU A 376 8.83 1.71 46.03
CA GLU A 376 9.66 2.86 46.31
C GLU A 376 8.83 4.11 46.16
N LYS A 377 9.33 5.21 46.73
CA LYS A 377 8.74 6.53 46.52
C LYS A 377 9.16 7.01 45.16
N LEU A 378 8.29 7.76 44.49
CA LEU A 378 8.58 8.28 43.14
C LEU A 378 9.45 9.53 43.18
N ALA A 379 10.46 9.58 42.32
CA ALA A 379 11.18 10.79 42.10
C ALA A 379 11.01 11.19 40.64
N TYR A 380 10.32 12.30 40.37
CA TYR A 380 9.99 12.72 38.99
C TYR A 380 11.09 13.53 38.33
N MET A 381 11.43 13.20 37.10
CA MET A 381 12.17 14.12 36.27
C MET A 381 11.11 14.98 35.61
N PRO A 382 11.49 16.20 35.19
CA PRO A 382 10.52 17.16 34.67
C PRO A 382 9.94 16.86 33.30
N HIS A 383 10.55 15.94 32.54
CA HIS A 383 10.03 15.66 31.21
C HIS A 383 9.84 14.19 30.97
N THR A 384 10.95 13.49 30.74
CA THR A 384 10.96 12.02 30.81
C THR A 384 12.21 11.55 31.57
N PHE A 385 12.14 10.37 32.16
CA PHE A 385 13.29 9.84 32.86
C PHE A 385 14.24 9.18 31.88
N PHE A 386 13.76 8.89 30.68
CA PHE A 386 14.61 8.28 29.68
C PHE A 386 15.56 9.29 29.05
N ILE A 387 16.57 8.78 28.33
CA ILE A 387 17.60 9.63 27.70
C ILE A 387 18.43 8.81 26.74
N GLY A 388 19.05 9.47 25.76
CA GLY A 388 19.84 8.76 24.75
C GLY A 388 21.10 9.49 24.33
N ASP A 389 22.14 8.71 23.97
CA ASP A 389 23.43 9.32 23.64
C ASP A 389 23.53 9.68 22.17
N HIS A 390 22.50 9.26 21.42
CA HIS A 390 22.41 9.42 19.98
C HIS A 390 23.05 10.66 19.44
N ALA A 391 22.88 11.79 20.12
CA ALA A 391 23.40 13.07 19.66
C ALA A 391 24.91 13.05 19.55
N ASN A 392 25.54 12.47 20.59
CA ASN A 392 26.99 12.25 20.66
C ASN A 392 27.43 11.02 19.86
N MET A 393 26.67 9.92 19.99
CA MET A 393 26.99 8.66 19.33
C MET A 393 26.80 8.66 17.82
N PHE A 394 25.78 9.37 17.32
CA PHE A 394 25.44 9.38 15.90
C PHE A 394 25.23 10.78 15.30
N PRO A 395 26.23 11.64 15.39
CA PRO A 395 26.06 12.99 14.84
C PRO A 395 25.86 13.01 13.30
N HIS A 396 26.30 11.96 12.62
CA HIS A 396 26.10 11.90 11.16
C HIS A 396 24.66 11.78 10.74
N LEU A 397 23.74 11.65 11.68
CA LEU A 397 22.34 11.53 11.32
C LEU A 397 21.56 12.83 11.55
N LYS A 398 22.27 13.85 12.04
CA LYS A 398 21.68 15.18 12.20
C LYS A 398 21.07 15.70 10.89
N LYS A 399 21.77 15.46 9.79
CA LYS A 399 21.35 15.92 8.46
C LYS A 399 21.33 14.78 7.49
N LYS A 400 20.51 14.91 6.45
CA LYS A 400 20.47 13.89 5.40
C LYS A 400 20.36 14.52 4.04
N ALA A 401 20.55 13.71 3.01
CA ALA A 401 20.38 14.15 1.62
C ALA A 401 19.84 12.99 0.85
N VAL A 402 19.08 13.27 -0.20
CA VAL A 402 18.42 12.17 -0.92
C VAL A 402 18.65 12.20 -2.42
N ILE A 403 18.53 11.03 -3.03
CA ILE A 403 18.56 10.93 -4.45
C ILE A 403 17.15 10.75 -5.00
N ASP A 404 16.86 11.51 -6.04
CA ASP A 404 15.61 11.42 -6.76
C ASP A 404 15.82 10.56 -8.00
N PHE A 405 15.16 9.41 -8.03
CA PHE A 405 15.45 8.40 -9.05
C PHE A 405 14.30 8.12 -10.03
N LYS A 406 13.61 9.17 -10.48
CA LYS A 406 12.50 9.01 -11.42
C LYS A 406 12.65 9.88 -12.67
N ILE A 411 8.96 13.79 -4.78
CA ILE A 411 10.17 13.87 -3.95
C ILE A 411 10.02 13.18 -2.60
N TYR A 412 10.55 11.95 -2.52
CA TYR A 412 10.50 11.16 -1.31
C TYR A 412 11.73 11.42 -0.43
N ASP A 413 11.54 11.38 0.88
CA ASP A 413 12.62 11.61 1.85
C ASP A 413 13.25 10.32 2.38
N ASN A 414 12.71 9.18 1.99
CA ASN A 414 13.13 7.93 2.61
C ASN A 414 13.28 6.72 1.66
N ARG A 415 13.85 6.96 0.48
CA ARG A 415 13.98 5.91 -0.52
C ARG A 415 15.44 5.58 -0.78
N ILE A 416 16.23 6.62 -0.98
CA ILE A 416 17.66 6.49 -1.08
C ILE A 416 18.17 7.66 -0.25
N VAL A 417 18.91 7.32 0.80
CA VAL A 417 19.40 8.35 1.68
C VAL A 417 20.93 8.38 1.78
N LEU A 418 21.43 9.56 2.10
CA LEU A 418 22.84 9.78 2.28
C LEU A 418 23.09 10.56 3.55
N ASN A 419 23.97 10.02 4.40
CA ASN A 419 24.42 10.73 5.58
C ASN A 419 25.91 10.71 5.61
N GLY A 420 26.48 11.66 6.34
CA GLY A 420 27.92 11.70 6.53
C GLY A 420 28.31 13.01 7.16
N ILE A 421 29.40 12.98 7.92
CA ILE A 421 29.96 14.18 8.54
C ILE A 421 30.35 15.22 7.49
N ASP A 422 30.84 14.75 6.35
CA ASP A 422 31.32 15.62 5.26
C ASP A 422 30.39 15.64 4.06
N LEU A 423 29.11 15.36 4.32
CA LEU A 423 28.08 15.31 3.28
C LEU A 423 27.99 16.62 2.55
N LYS A 424 27.99 17.71 3.31
CA LYS A 424 27.80 19.05 2.77
C LYS A 424 28.86 19.43 1.76
N ALA A 425 30.12 19.28 2.12
CA ALA A 425 31.21 19.56 1.19
C ALA A 425 31.12 18.73 -0.12
N PHE A 426 30.58 17.51 -0.03
CA PHE A 426 30.41 16.62 -1.19
C PHE A 426 29.29 17.09 -2.07
N LEU A 427 28.21 17.57 -1.47
CA LEU A 427 27.12 18.13 -2.23
C LEU A 427 27.58 19.36 -2.96
N ASP A 428 28.52 20.10 -2.35
CA ASP A 428 29.05 21.31 -2.95
C ASP A 428 29.93 21.01 -4.14
N SER A 429 30.49 19.81 -4.17
CA SER A 429 31.28 19.42 -5.33
C SER A 429 30.35 19.19 -6.52
N LEU A 430 29.10 18.86 -6.23
CA LEU A 430 28.15 18.43 -7.23
C LEU A 430 27.47 19.59 -7.94
N PRO A 431 27.21 19.43 -9.26
CA PRO A 431 26.73 20.54 -10.09
C PRO A 431 25.26 20.98 -9.90
N ASP A 432 24.34 20.03 -9.67
CA ASP A 432 22.89 20.26 -9.88
C ASP A 432 21.94 20.02 -8.69
N VAL A 433 22.49 20.02 -7.48
CA VAL A 433 21.70 19.75 -6.26
C VAL A 433 20.51 20.71 -6.10
N LYS A 434 19.37 20.20 -5.66
CA LYS A 434 18.18 21.02 -5.45
C LYS A 434 17.82 21.01 -3.98
N ILE A 435 17.33 22.13 -3.47
CA ILE A 435 17.22 22.29 -2.01
C ILE A 435 15.78 22.47 -1.49
N VAL A 436 15.10 21.35 -1.28
CA VAL A 436 13.77 21.29 -0.62
C VAL A 436 13.77 21.90 0.80
N LYS A 437 12.73 22.67 1.15
CA LYS A 437 12.58 23.23 2.50
C LYS A 437 11.60 22.47 3.40
N MET A 438 11.85 22.49 4.71
CA MET A 438 11.04 21.71 5.63
C MET A 438 10.20 22.62 6.50
N LEU A 454 15.50 21.81 9.47
CA LEU A 454 16.36 22.55 8.54
C LEU A 454 15.80 22.62 7.09
N ASN A 455 16.19 21.63 6.26
CA ASN A 455 15.93 21.55 4.81
C ASN A 455 16.69 20.37 4.18
N MET A 456 16.23 19.85 3.05
CA MET A 456 16.77 18.57 2.55
C MET A 456 17.31 18.60 1.13
N PRO A 457 18.64 18.56 0.98
CA PRO A 457 19.32 18.46 -0.33
C PRO A 457 18.90 17.23 -1.13
N VAL A 458 18.69 17.43 -2.42
CA VAL A 458 18.26 16.38 -3.34
C VAL A 458 19.15 16.28 -4.58
N ILE A 459 19.82 15.14 -4.74
CA ILE A 459 20.62 14.89 -5.94
C ILE A 459 19.71 14.36 -7.07
N PRO A 460 19.81 14.96 -8.28
CA PRO A 460 19.07 14.54 -9.47
C PRO A 460 19.73 13.34 -10.17
N MET A 461 18.91 12.56 -10.88
CA MET A 461 19.34 11.30 -11.50
C MET A 461 20.39 11.46 -12.60
N ASN A 462 21.65 11.72 -12.22
CA ASN A 462 22.76 11.86 -13.17
C ASN A 462 23.76 10.73 -13.09
N THR A 463 24.88 10.86 -13.82
CA THR A 463 25.90 9.81 -13.83
C THR A 463 26.31 9.48 -12.39
N ILE A 464 26.58 10.55 -11.65
CA ILE A 464 26.81 10.45 -10.23
C ILE A 464 25.75 9.56 -9.59
N ALA A 465 24.50 10.02 -9.58
CA ALA A 465 23.42 9.25 -8.95
C ALA A 465 23.44 7.79 -9.44
N GLU A 466 23.69 7.61 -10.74
CA GLU A 466 23.71 6.27 -11.33
C GLU A 466 24.87 5.44 -10.81
N ALA A 467 26.04 6.07 -10.63
CA ALA A 467 27.20 5.40 -10.05
C ALA A 467 26.81 4.85 -8.68
N VAL A 468 26.35 5.74 -7.81
CA VAL A 468 25.92 5.34 -6.47
C VAL A 468 24.95 4.16 -6.48
N ILE A 469 23.90 4.27 -7.29
CA ILE A 469 22.90 3.23 -7.31
C ILE A 469 23.45 1.89 -7.86
N GLU A 470 24.34 1.95 -8.84
CA GLU A 470 24.97 0.73 -9.34
C GLU A 470 25.86 0.07 -8.29
N MET A 471 26.49 0.86 -7.42
CA MET A 471 27.28 0.31 -6.31
C MET A 471 26.36 -0.53 -5.49
N ILE A 472 25.23 0.07 -5.13
CA ILE A 472 24.23 -0.58 -4.30
C ILE A 472 23.77 -1.89 -4.95
N ASN A 473 23.56 -1.84 -6.26
CA ASN A 473 22.98 -2.92 -7.01
C ASN A 473 23.93 -4.09 -7.16
N ARG A 474 25.18 -3.79 -7.45
CA ARG A 474 26.18 -4.84 -7.58
C ARG A 474 26.62 -5.34 -6.20
N GLY A 475 26.21 -4.61 -5.16
CA GLY A 475 26.54 -4.95 -3.78
C GLY A 475 28.01 -4.76 -3.50
N GLN A 476 28.58 -3.64 -3.99
CA GLN A 476 29.98 -3.32 -3.77
C GLN A 476 30.17 -2.52 -2.50
N ILE A 477 31.30 -2.76 -1.82
CA ILE A 477 31.62 -2.16 -0.53
C ILE A 477 31.61 -0.64 -0.60
N GLN A 478 32.37 -0.06 -1.51
CA GLN A 478 32.47 1.39 -1.59
C GLN A 478 32.90 1.89 -2.96
N ILE A 479 32.64 3.17 -3.21
CA ILE A 479 33.18 3.87 -4.39
C ILE A 479 33.78 5.23 -4.02
N THR A 480 34.28 5.94 -5.01
CA THR A 480 34.86 7.28 -4.85
C THR A 480 34.29 8.25 -5.86
N ILE A 481 33.78 9.38 -5.38
CA ILE A 481 33.22 10.43 -6.23
C ILE A 481 33.83 11.79 -5.88
N ASN A 482 34.41 12.46 -6.88
CA ASN A 482 35.14 13.70 -6.66
C ASN A 482 36.08 13.61 -5.47
N GLY A 483 36.55 12.41 -5.19
CA GLY A 483 37.47 12.24 -4.09
C GLY A 483 36.86 11.87 -2.76
N PHE A 484 35.55 11.96 -2.64
CA PHE A 484 34.90 11.55 -1.41
C PHE A 484 34.61 10.08 -1.43
N SER A 485 34.73 9.42 -0.27
CA SER A 485 34.43 7.99 -0.22
C SER A 485 32.95 7.86 -0.03
N ILE A 486 32.35 7.04 -0.88
CA ILE A 486 30.94 6.72 -0.74
C ILE A 486 30.80 5.25 -0.33
N SER A 487 30.13 5.02 0.79
CA SER A 487 30.11 3.69 1.39
C SER A 487 28.75 3.03 1.37
N ASN A 488 28.74 1.77 0.96
CA ASN A 488 27.56 0.97 1.02
C ASN A 488 27.18 0.77 2.48
N GLY A 489 25.98 1.17 2.83
CA GLY A 489 25.58 1.09 4.23
C GLY A 489 25.11 -0.29 4.63
N LEU A 490 25.78 -1.30 4.10
CA LEU A 490 25.51 -2.68 4.45
C LEU A 490 26.83 -3.35 4.76
N ALA A 491 27.90 -2.59 4.56
CA ALA A 491 29.25 -3.13 4.59
C ALA A 491 30.09 -2.40 5.62
N THR A 492 29.46 -1.57 6.42
CA THR A 492 30.21 -0.74 7.34
C THR A 492 31.13 -1.55 8.27
N THR A 493 30.71 -2.72 8.76
CA THR A 493 31.58 -3.51 9.64
C THR A 493 32.85 -3.93 8.93
N GLN A 494 32.85 -3.90 7.60
CA GLN A 494 34.04 -4.19 6.82
C GLN A 494 34.88 -2.96 6.60
N ILE A 495 34.24 -1.83 6.38
CA ILE A 495 34.98 -0.62 6.11
C ILE A 495 35.55 -0.07 7.40
N ASN A 496 34.75 -0.09 8.47
CA ASN A 496 35.19 0.34 9.79
C ASN A 496 34.43 -0.29 10.97
N ASN A 497 34.92 -1.42 11.45
CA ASN A 497 34.30 -2.12 12.58
C ASN A 497 33.80 -1.21 13.71
N LYS A 498 34.63 -0.27 14.16
CA LYS A 498 34.30 0.56 15.32
C LYS A 498 33.13 1.51 15.08
N ALA A 499 33.07 2.07 13.88
CA ALA A 499 31.97 2.94 13.54
C ALA A 499 30.65 2.15 13.45
N ALA A 500 30.71 0.87 13.09
CA ALA A 500 29.50 0.07 12.93
C ALA A 500 28.89 -0.25 14.28
N THR A 501 29.72 -0.32 15.31
CA THR A 501 29.22 -0.69 16.66
C THR A 501 28.73 0.52 17.43
N GLY A 502 29.13 1.71 16.97
CA GLY A 502 28.71 2.93 17.62
C GLY A 502 29.81 3.49 18.49
N GLU A 503 30.98 2.85 18.50
CA GLU A 503 32.13 3.32 19.29
C GLU A 503 32.90 4.46 18.62
N GLU A 504 32.84 4.53 17.29
CA GLU A 504 33.41 5.66 16.55
C GLU A 504 32.35 6.30 15.71
N VAL A 505 32.62 7.53 15.30
CA VAL A 505 31.73 8.23 14.39
C VAL A 505 32.26 7.92 13.01
N PRO A 506 31.38 7.51 12.08
CA PRO A 506 31.77 7.18 10.71
C PRO A 506 32.49 8.33 9.99
N ARG A 507 33.60 8.03 9.31
CA ARG A 507 34.41 9.07 8.64
C ARG A 507 34.18 9.13 7.11
N THR A 508 33.12 8.50 6.64
CA THR A 508 32.73 8.55 5.24
C THR A 508 31.25 8.94 5.12
N ILE A 509 30.76 8.94 3.88
CA ILE A 509 29.34 9.15 3.57
C ILE A 509 28.69 7.80 3.32
N ILE A 510 27.51 7.57 3.86
CA ILE A 510 26.93 6.24 3.79
C ILE A 510 25.59 6.26 3.08
N VAL A 511 25.46 5.38 2.10
CA VAL A 511 24.22 5.27 1.34
C VAL A 511 23.35 4.21 1.93
N THR A 512 22.06 4.52 2.08
CA THR A 512 21.07 3.61 2.64
C THR A 512 19.87 3.67 1.73
N THR A 513 19.33 2.52 1.34
CA THR A 513 18.19 2.48 0.43
C THR A 513 17.23 1.32 0.68
N ARG A 514 16.02 1.44 0.17
CA ARG A 514 14.99 0.45 0.44
C ARG A 514 15.30 -0.85 -0.27
N SER A 515 15.93 -0.73 -1.43
CA SER A 515 16.26 -1.92 -2.19
C SER A 515 17.25 -2.80 -1.45
N GLN A 516 18.14 -2.20 -0.64
CA GLN A 516 19.07 -2.98 0.21
C GLN A 516 18.35 -3.97 1.12
N TYR A 517 17.16 -3.63 1.58
CA TYR A 517 16.44 -4.50 2.48
C TYR A 517 15.20 -5.07 1.80
N GLY A 518 15.12 -4.98 0.49
CA GLY A 518 14.00 -5.58 -0.22
C GLY A 518 12.65 -4.95 0.12
N LEU A 519 12.71 -3.69 0.54
CA LEU A 519 11.51 -2.93 0.74
C LEU A 519 11.06 -2.36 -0.61
N PRO A 520 9.74 -2.35 -0.85
CA PRO A 520 9.15 -1.73 -2.05
C PRO A 520 9.33 -0.21 -2.10
N GLU A 521 9.92 0.28 -3.18
CA GLU A 521 10.24 1.68 -3.28
C GLU A 521 9.05 2.63 -3.04
N ASP A 522 7.85 2.26 -3.45
CA ASP A 522 6.70 3.16 -3.41
C ASP A 522 5.65 2.73 -2.36
N ALA A 523 6.13 2.25 -1.20
CA ALA A 523 5.22 1.73 -0.17
C ALA A 523 5.17 2.59 1.08
N ILE A 524 4.15 2.31 1.89
CA ILE A 524 4.13 2.89 3.22
C ILE A 524 4.70 1.83 4.15
N VAL A 525 5.84 2.15 4.75
CA VAL A 525 6.54 1.18 5.57
C VAL A 525 6.34 1.42 7.05
N TYR A 526 5.58 0.54 7.68
CA TYR A 526 5.43 0.56 9.11
C TYR A 526 6.48 -0.38 9.65
N CYS A 527 7.30 0.11 10.55
CA CYS A 527 8.34 -0.72 11.14
C CYS A 527 8.08 -0.98 12.61
N ASN A 528 8.58 -2.10 13.10
CA ASN A 528 8.83 -2.24 14.51
C ASN A 528 10.08 -3.08 14.69
N PHE A 529 11.11 -2.49 15.28
CA PHE A 529 12.39 -3.19 15.36
C PHE A 529 12.66 -3.93 16.66
N ASN A 530 11.64 -4.15 17.48
CA ASN A 530 11.87 -4.74 18.79
C ASN A 530 12.06 -6.24 18.69
N GLN A 531 12.62 -6.83 19.73
CA GLN A 531 12.59 -8.27 19.87
C GLN A 531 11.16 -8.70 19.72
N LEU A 532 10.93 -9.90 19.18
CA LEU A 532 9.57 -10.31 18.88
C LEU A 532 8.78 -10.72 20.11
N TYR A 533 9.42 -10.97 21.24
CA TYR A 533 8.63 -11.35 22.41
C TYR A 533 7.64 -10.25 22.78
N LYS A 534 7.94 -9.01 22.43
CA LYS A 534 7.04 -7.90 22.75
C LYS A 534 5.67 -7.92 22.04
N ILE A 535 5.53 -8.78 21.03
CA ILE A 535 4.28 -8.88 20.28
C ILE A 535 3.44 -9.99 20.88
N ASP A 536 2.16 -9.69 21.01
CA ASP A 536 1.14 -10.67 21.33
C ASP A 536 0.01 -10.65 20.26
N PRO A 537 -0.88 -11.68 20.27
CA PRO A 537 -1.93 -11.82 19.26
C PRO A 537 -2.82 -10.59 19.05
N SER A 538 -3.05 -9.81 20.11
CA SER A 538 -3.74 -8.55 19.98
C SER A 538 -2.92 -7.61 19.15
N THR A 539 -1.69 -7.36 19.59
CA THR A 539 -0.83 -6.39 18.94
C THR A 539 -0.74 -6.65 17.45
N LEU A 540 -0.67 -7.92 17.09
CA LEU A 540 -0.61 -8.31 15.70
C LEU A 540 -1.93 -7.99 14.99
N GLN A 541 -3.04 -8.38 15.59
CA GLN A 541 -4.37 -8.09 15.05
C GLN A 541 -4.51 -6.64 14.61
N MET A 542 -4.08 -5.72 15.47
CA MET A 542 -4.15 -4.30 15.20
C MET A 542 -3.42 -3.94 13.94
N TRP A 543 -2.23 -4.50 13.80
CA TRP A 543 -1.42 -4.17 12.67
C TRP A 543 -2.06 -4.72 11.44
N ALA A 544 -2.49 -5.99 11.51
CA ALA A 544 -3.27 -6.60 10.45
C ALA A 544 -4.35 -5.64 9.96
N ASN A 545 -5.18 -5.13 10.87
CA ASN A 545 -6.20 -4.15 10.53
C ASN A 545 -5.66 -2.96 9.78
N ILE A 546 -4.67 -2.31 10.40
CA ILE A 546 -4.02 -1.16 9.80
C ILE A 546 -3.56 -1.45 8.36
N LEU A 547 -2.77 -2.50 8.20
CA LEU A 547 -2.31 -2.91 6.90
C LEU A 547 -3.43 -3.12 5.90
N LYS A 548 -4.57 -3.69 6.32
CA LYS A 548 -5.75 -3.86 5.44
C LYS A 548 -6.35 -2.52 4.99
N ARG A 549 -6.44 -1.58 5.91
CA ARG A 549 -6.98 -0.29 5.57
C ARG A 549 -6.01 0.59 4.77
N VAL A 550 -4.72 0.24 4.72
CA VAL A 550 -3.77 1.02 3.94
C VAL A 550 -3.14 0.14 2.85
N PRO A 551 -3.70 0.21 1.63
CA PRO A 551 -3.39 -0.75 0.61
C PRO A 551 -1.91 -0.76 0.16
N ASN A 552 -1.19 0.37 0.19
CA ASN A 552 0.21 0.37 -0.27
C ASN A 552 1.24 0.08 0.78
N SER A 553 0.82 -0.63 1.83
CA SER A 553 1.66 -0.75 3.02
C SER A 553 2.34 -2.07 3.16
N VAL A 554 3.42 -2.05 3.91
CA VAL A 554 4.11 -3.26 4.35
C VAL A 554 4.53 -3.09 5.80
N LEU A 555 4.62 -4.18 6.54
CA LEU A 555 5.12 -4.10 7.88
C LEU A 555 6.53 -4.63 7.90
N TRP A 556 7.43 -3.92 8.57
CA TRP A 556 8.86 -4.28 8.59
C TRP A 556 9.28 -4.76 9.94
N LEU A 557 9.71 -6.01 10.02
CA LEU A 557 10.07 -6.58 11.30
C LEU A 557 11.48 -7.13 11.31
N LEU A 558 11.91 -7.65 12.47
CA LEU A 558 13.24 -8.20 12.60
C LEU A 558 13.25 -9.67 12.94
N ARG A 559 14.22 -10.40 12.38
CA ARG A 559 14.43 -11.80 12.76
C ARG A 559 15.15 -11.82 14.09
N PHE A 560 14.36 -11.83 15.16
CA PHE A 560 14.85 -11.52 16.50
C PHE A 560 14.01 -12.30 17.51
N PRO A 561 14.14 -13.63 17.53
CA PRO A 561 15.04 -14.48 16.78
C PRO A 561 14.40 -14.98 15.47
N ALA A 562 15.22 -15.52 14.57
CA ALA A 562 14.74 -15.97 13.26
C ALA A 562 13.65 -17.02 13.37
N VAL A 563 13.74 -17.89 14.37
CA VAL A 563 12.74 -18.94 14.55
C VAL A 563 11.37 -18.33 14.75
N GLY A 564 11.37 -17.03 15.10
CA GLY A 564 10.14 -16.28 15.34
C GLY A 564 9.38 -16.00 14.07
N GLU A 565 10.10 -15.83 12.99
CA GLU A 565 9.52 -15.38 11.72
C GLU A 565 8.37 -16.26 11.20
N PRO A 566 8.62 -17.58 10.97
CA PRO A 566 7.52 -18.44 10.50
C PRO A 566 6.22 -18.29 11.30
N ASN A 567 6.32 -18.28 12.62
CA ASN A 567 5.14 -18.11 13.44
C ASN A 567 4.38 -16.85 13.10
N ILE A 568 5.04 -15.70 13.05
CA ILE A 568 4.29 -14.51 12.75
C ILE A 568 3.64 -14.73 11.41
N GLN A 569 4.47 -15.05 10.39
CA GLN A 569 3.96 -15.33 9.04
C GLN A 569 2.69 -16.15 9.09
N GLN A 570 2.70 -17.20 9.90
CA GLN A 570 1.56 -18.04 10.10
C GLN A 570 0.38 -17.22 10.55
N TYR A 571 0.46 -16.61 11.73
CA TYR A 571 -0.69 -15.91 12.30
C TYR A 571 -1.13 -14.74 11.38
N ALA A 572 -0.16 -14.18 10.68
CA ALA A 572 -0.43 -13.07 9.79
C ALA A 572 -1.31 -13.53 8.64
N GLN A 573 -1.03 -14.74 8.19
CA GLN A 573 -1.73 -15.37 7.09
C GLN A 573 -3.16 -15.74 7.47
N ASN A 574 -3.36 -16.18 8.70
CA ASN A 574 -4.68 -16.51 9.21
C ASN A 574 -5.55 -15.30 9.46
N MET A 575 -4.91 -14.16 9.72
CA MET A 575 -5.63 -12.91 9.80
C MET A 575 -5.91 -12.34 8.42
N GLY A 576 -5.44 -13.04 7.39
CA GLY A 576 -5.77 -12.72 6.02
C GLY A 576 -4.72 -11.88 5.30
N LEU A 577 -3.46 -12.00 5.69
CA LEU A 577 -2.38 -11.28 5.00
C LEU A 577 -1.52 -12.18 4.14
N PRO A 578 -1.46 -11.87 2.83
CA PRO A 578 -0.42 -12.46 1.96
C PRO A 578 0.98 -12.33 2.56
N GLN A 579 1.85 -13.31 2.26
CA GLN A 579 3.22 -13.28 2.75
C GLN A 579 3.95 -11.95 2.46
N ASN A 580 3.97 -11.55 1.20
CA ASN A 580 4.67 -10.33 0.77
C ASN A 580 4.28 -9.01 1.52
N ARG A 581 3.29 -9.08 2.43
CA ARG A 581 2.82 -7.91 3.19
C ARG A 581 3.70 -7.63 4.39
N ILE A 582 4.34 -8.68 4.89
CA ILE A 582 5.28 -8.52 6.01
C ILE A 582 6.69 -8.88 5.57
N ILE A 583 7.62 -7.97 5.85
CA ILE A 583 8.98 -8.17 5.43
C ILE A 583 9.88 -8.30 6.65
N PHE A 584 10.72 -9.33 6.65
CA PHE A 584 11.70 -9.51 7.73
C PHE A 584 13.12 -9.21 7.34
N SER A 585 13.77 -8.39 8.16
CA SER A 585 15.18 -8.13 7.96
C SER A 585 15.98 -8.77 9.07
N PRO A 586 17.27 -9.02 8.80
CA PRO A 586 18.06 -9.65 9.84
C PRO A 586 18.53 -8.58 10.82
N VAL A 587 18.98 -9.04 12.00
CA VAL A 587 19.47 -8.11 13.03
C VAL A 587 20.73 -7.43 12.52
N ALA A 588 20.89 -6.14 12.81
CA ALA A 588 22.06 -5.41 12.32
C ALA A 588 22.87 -4.76 13.46
N PRO A 589 24.15 -4.43 13.20
CA PRO A 589 24.94 -3.73 14.22
C PRO A 589 24.34 -2.36 14.53
N LYS A 590 24.60 -1.83 15.72
CA LYS A 590 23.89 -0.63 16.18
C LYS A 590 23.77 0.49 15.14
N GLU A 591 24.90 0.99 14.66
CA GLU A 591 24.91 2.05 13.66
C GLU A 591 24.05 1.81 12.42
N GLU A 592 24.18 0.66 11.76
CA GLU A 592 23.26 0.33 10.67
C GLU A 592 21.82 0.24 11.17
N HIS A 593 21.63 -0.41 12.30
CA HIS A 593 20.29 -0.52 12.83
C HIS A 593 19.62 0.83 12.96
N VAL A 594 20.28 1.80 13.60
CA VAL A 594 19.68 3.14 13.81
C VAL A 594 19.41 3.84 12.47
N ARG A 595 20.40 3.78 11.58
CA ARG A 595 20.42 4.53 10.34
C ARG A 595 19.31 4.09 9.39
N ARG A 596 19.08 2.79 9.30
CA ARG A 596 18.05 2.32 8.38
C ARG A 596 16.63 2.60 8.88
N GLY A 597 16.49 3.20 10.07
CA GLY A 597 15.19 3.65 10.53
C GLY A 597 14.64 4.77 9.66
N GLN A 598 15.56 5.43 8.93
CA GLN A 598 15.24 6.57 8.03
C GLN A 598 14.45 6.16 6.83
N LEU A 599 14.56 4.88 6.45
CA LEU A 599 13.83 4.30 5.33
C LEU A 599 12.33 4.12 5.62
N ALA A 600 12.00 3.78 6.87
CA ALA A 600 10.64 3.63 7.36
C ALA A 600 9.85 4.91 7.28
N ASP A 601 8.53 4.79 7.25
CA ASP A 601 7.59 5.94 7.19
C ASP A 601 6.98 6.24 8.57
N VAL A 602 6.47 5.20 9.23
CA VAL A 602 6.00 5.31 10.60
C VAL A 602 6.41 4.05 11.40
N CYS A 603 6.76 4.22 12.66
CA CYS A 603 7.03 3.08 13.50
C CYS A 603 5.76 2.76 14.29
N LEU A 604 5.45 1.49 14.44
CA LEU A 604 4.28 1.08 15.17
C LEU A 604 4.72 0.39 16.41
N ASP A 605 4.40 0.97 17.55
CA ASP A 605 4.96 0.50 18.78
C ASP A 605 4.16 -0.61 19.46
N THR A 606 4.88 -1.63 19.93
CA THR A 606 4.28 -2.69 20.75
C THR A 606 3.74 -2.09 22.04
N PRO A 607 2.46 -2.33 22.32
CA PRO A 607 1.82 -1.78 23.51
C PRO A 607 1.86 -2.72 24.70
N LEU A 608 2.10 -4.01 24.50
CA LEU A 608 2.31 -4.91 25.63
C LEU A 608 3.56 -4.48 26.45
N CYS A 609 4.61 -4.12 25.73
CA CYS A 609 5.83 -3.65 26.33
C CYS A 609 6.53 -2.77 25.31
N ASN A 610 6.74 -1.51 25.65
CA ASN A 610 7.15 -0.49 24.66
C ASN A 610 8.56 -0.68 24.13
N GLY A 611 8.89 0.04 23.06
CA GLY A 611 10.26 0.18 22.64
C GLY A 611 10.94 1.17 23.58
N HIS A 612 12.02 0.74 24.20
CA HIS A 612 12.64 1.62 25.17
C HIS A 612 13.83 2.27 24.61
N THR A 613 14.94 1.53 24.50
CA THR A 613 16.09 2.04 23.79
C THR A 613 15.70 2.22 22.34
N THR A 614 14.94 1.26 21.82
CA THR A 614 14.50 1.31 20.45
C THR A 614 13.70 2.56 20.14
N GLY A 615 12.80 2.92 21.06
CA GLY A 615 12.09 4.21 20.99
C GLY A 615 13.02 5.36 20.62
N MET A 616 14.07 5.55 21.39
CA MET A 616 15.03 6.58 21.13
C MET A 616 15.63 6.44 19.74
N ASP A 617 15.96 5.20 19.41
CA ASP A 617 16.64 4.89 18.16
C ASP A 617 15.84 5.35 16.94
N VAL A 618 14.56 4.96 16.89
CA VAL A 618 13.69 5.27 15.76
C VAL A 618 13.33 6.76 15.71
N LEU A 619 13.21 7.40 16.87
CA LEU A 619 12.96 8.82 16.90
C LEU A 619 14.15 9.60 16.39
N TRP A 620 15.35 9.10 16.65
CA TRP A 620 16.56 9.80 16.19
C TRP A 620 16.66 9.85 14.68
N ALA A 621 16.07 8.86 14.03
CA ALA A 621 16.08 8.78 12.58
C ALA A 621 15.04 9.71 11.98
N GLY A 622 14.18 10.28 12.82
CA GLY A 622 13.19 11.23 12.33
C GLY A 622 11.92 10.54 11.95
N THR A 623 11.73 9.36 12.51
CA THR A 623 10.63 8.50 12.18
C THR A 623 9.60 8.49 13.30
N PRO A 624 8.42 9.04 13.04
CA PRO A 624 7.40 9.14 14.06
C PRO A 624 6.89 7.78 14.50
N MET A 625 6.52 7.68 15.76
CA MET A 625 6.15 6.39 16.30
C MET A 625 4.80 6.48 16.99
N VAL A 626 3.84 5.66 16.55
CA VAL A 626 2.51 5.55 17.17
C VAL A 626 2.54 4.68 18.42
N THR A 627 2.06 5.19 19.55
CA THR A 627 1.97 4.36 20.76
C THR A 627 0.59 4.31 21.44
N MET A 628 0.33 3.24 22.19
CA MET A 628 -0.87 3.16 23.00
C MET A 628 -0.54 2.77 24.45
N PRO A 629 -0.29 3.76 25.31
CA PRO A 629 0.14 3.53 26.69
C PRO A 629 -0.85 2.72 27.53
N GLY A 630 -0.33 1.78 28.32
CA GLY A 630 -1.11 0.91 29.19
C GLY A 630 -0.87 1.21 30.65
N GLU A 631 -0.89 0.20 31.49
CA GLU A 631 -0.77 0.43 32.93
C GLU A 631 0.67 0.32 33.45
N THR A 632 1.32 -0.79 33.11
CA THR A 632 2.70 -1.04 33.49
C THR A 632 3.66 0.01 32.96
N LEU A 633 4.55 0.49 33.84
CA LEU A 633 5.62 1.40 33.44
C LEU A 633 6.11 1.10 32.02
N ALA A 634 6.51 -0.15 31.81
CA ALA A 634 7.17 -0.56 30.58
C ALA A 634 6.26 -0.40 29.37
N SER A 635 4.95 -0.36 29.59
CA SER A 635 4.04 -0.17 28.47
C SER A 635 3.75 1.28 28.29
N ARG A 636 4.41 2.14 29.07
CA ARG A 636 4.15 3.58 29.04
C ARG A 636 5.35 4.44 28.58
N VAL A 637 6.57 3.91 28.64
CA VAL A 637 7.79 4.65 28.25
C VAL A 637 7.74 5.41 26.89
N ALA A 638 7.33 4.73 25.83
CA ALA A 638 7.19 5.36 24.51
C ALA A 638 6.33 6.64 24.54
N ALA A 639 5.17 6.58 25.21
CA ALA A 639 4.28 7.74 25.36
C ALA A 639 5.03 8.87 26.00
N SER A 640 5.71 8.53 27.08
CA SER A 640 6.46 9.48 27.82
C SER A 640 7.52 10.14 26.96
N GLN A 641 8.14 9.39 26.07
CA GLN A 641 9.14 9.97 25.15
C GLN A 641 8.49 10.91 24.13
N LEU A 642 7.33 10.54 23.63
CA LEU A 642 6.65 11.33 22.63
C LEU A 642 6.14 12.62 23.23
N THR A 643 5.74 12.57 24.50
CA THR A 643 5.26 13.78 25.18
C THR A 643 6.37 14.79 25.25
N CYS A 644 7.50 14.35 25.78
CA CYS A 644 8.66 15.19 25.90
C CYS A 644 9.03 15.84 24.57
N LEU A 645 8.88 15.08 23.49
CA LEU A 645 9.23 15.52 22.16
C LEU A 645 8.24 16.55 21.68
N GLY A 646 7.02 16.41 22.17
CA GLY A 646 5.91 17.30 21.81
C GLY A 646 5.04 16.83 20.66
N CYS A 647 4.65 15.54 20.68
CA CYS A 647 3.83 14.96 19.63
C CYS A 647 2.73 14.08 20.19
N LEU A 648 1.75 14.73 20.81
CA LEU A 648 0.67 14.04 21.50
C LEU A 648 -0.33 13.38 20.53
N GLU A 649 -0.32 13.85 19.28
CA GLU A 649 -1.21 13.34 18.22
C GLU A 649 -0.81 11.91 17.78
N LEU A 650 0.30 11.44 18.35
CA LEU A 650 0.82 10.14 18.05
C LEU A 650 0.50 9.17 19.15
N ILE A 651 -0.25 9.64 20.15
CA ILE A 651 -0.50 8.86 21.37
C ILE A 651 -1.96 8.45 21.45
N ALA A 652 -2.24 7.15 21.35
CA ALA A 652 -3.61 6.68 21.27
C ALA A 652 -4.19 6.29 22.62
N LYS A 653 -5.48 6.58 22.81
CA LYS A 653 -6.17 6.22 24.05
C LYS A 653 -6.75 4.82 24.03
N ASN A 654 -6.79 4.19 22.86
CA ASN A 654 -7.28 2.79 22.73
C ASN A 654 -6.94 2.11 21.38
N ARG A 655 -7.08 0.79 21.33
CA ARG A 655 -6.86 0.06 20.11
C ARG A 655 -7.41 0.87 18.96
N GLN A 656 -8.67 1.26 19.09
CA GLN A 656 -9.37 1.92 18.01
C GLN A 656 -8.58 3.13 17.52
N GLU A 657 -8.28 4.05 18.42
CA GLU A 657 -7.63 5.28 18.02
C GLU A 657 -6.25 5.00 17.44
N TYR A 658 -5.58 3.98 17.99
CA TYR A 658 -4.26 3.57 17.50
C TYR A 658 -4.32 3.29 16.01
N GLU A 659 -5.19 2.37 15.62
CA GLU A 659 -5.39 2.06 14.22
C GLU A 659 -5.63 3.32 13.36
N ASP A 660 -6.47 4.23 13.85
CA ASP A 660 -6.81 5.40 13.05
C ASP A 660 -5.63 6.33 12.83
N ILE A 661 -4.88 6.63 13.89
CA ILE A 661 -3.70 7.48 13.79
C ILE A 661 -2.73 6.93 12.76
N ALA A 662 -2.55 5.61 12.80
CA ALA A 662 -1.67 4.92 11.86
C ALA A 662 -2.16 5.14 10.44
N VAL A 663 -3.44 4.86 10.25
CA VAL A 663 -4.05 4.85 8.93
C VAL A 663 -4.02 6.26 8.36
N LYS A 664 -4.37 7.25 9.18
CA LYS A 664 -4.27 8.66 8.77
C LYS A 664 -2.85 9.01 8.23
N LEU A 665 -1.84 8.53 8.92
CA LEU A 665 -0.46 8.75 8.53
C LEU A 665 -0.16 8.07 7.22
N GLY A 666 -0.70 6.86 7.08
CA GLY A 666 -0.44 6.04 5.92
C GLY A 666 -1.21 6.41 4.65
N THR A 667 -2.24 7.24 4.79
CA THR A 667 -3.05 7.62 3.62
C THR A 667 -2.84 9.10 3.29
N ASP A 668 -2.84 9.94 4.33
CA ASP A 668 -2.75 11.37 4.18
C ASP A 668 -1.29 11.80 4.10
N LEU A 669 -0.76 11.73 2.88
CA LEU A 669 0.64 12.00 2.63
C LEU A 669 1.05 13.41 3.01
N GLU A 670 0.10 14.33 2.96
CA GLU A 670 0.33 15.70 3.46
C GLU A 670 0.54 15.74 4.95
N TYR A 671 -0.35 15.06 5.65
CA TYR A 671 -0.28 14.97 7.09
C TYR A 671 1.00 14.24 7.49
N LEU A 672 1.25 13.11 6.85
CA LEU A 672 2.46 12.36 7.09
C LEU A 672 3.66 13.30 7.07
N LYS A 673 3.85 14.03 5.97
CA LYS A 673 4.96 14.95 5.82
C LYS A 673 5.05 15.99 6.94
N LYS A 674 3.88 16.46 7.39
CA LYS A 674 3.83 17.45 8.46
C LYS A 674 4.45 16.89 9.74
N VAL A 675 3.93 15.74 10.21
CA VAL A 675 4.45 15.05 11.37
C VAL A 675 5.92 14.63 11.27
N ARG A 676 6.30 13.93 10.20
CA ARG A 676 7.71 13.59 9.97
C ARG A 676 8.63 14.80 10.12
N GLY A 677 8.27 15.92 9.52
CA GLY A 677 9.06 17.11 9.68
C GLY A 677 9.13 17.55 11.13
N LYS A 678 8.04 17.35 11.87
CA LYS A 678 7.97 17.80 13.28
C LYS A 678 9.00 17.04 14.12
N VAL A 679 8.89 15.70 14.11
CA VAL A 679 9.85 14.77 14.71
C VAL A 679 11.29 15.15 14.38
N TRP A 680 11.59 15.23 13.09
CA TRP A 680 12.91 15.67 12.63
C TRP A 680 13.39 16.93 13.31
N LYS A 681 12.56 17.93 13.39
CA LYS A 681 12.99 19.18 14.00
C LYS A 681 13.09 18.98 15.51
N GLN A 682 12.02 18.47 16.10
CA GLN A 682 11.85 18.34 17.52
C GLN A 682 12.96 17.54 18.22
N ARG A 683 13.50 16.54 17.54
CA ARG A 683 14.49 15.66 18.20
C ARG A 683 15.71 16.46 18.63
N ILE A 684 15.98 17.55 17.92
CA ILE A 684 17.04 18.46 18.31
C ILE A 684 16.54 19.47 19.33
N SER A 685 15.49 20.20 18.96
CA SER A 685 15.03 21.33 19.75
C SER A 685 14.31 20.95 21.05
N SER A 686 13.70 19.79 21.15
CA SER A 686 13.10 19.38 22.43
C SER A 686 14.20 18.89 23.40
N PRO A 687 13.86 18.67 24.69
CA PRO A 687 14.91 18.27 25.63
C PRO A 687 15.30 16.79 25.56
N LEU A 688 14.63 16.02 24.70
CA LEU A 688 14.67 14.55 24.76
C LEU A 688 16.05 13.96 24.62
N PHE A 689 16.80 14.43 23.60
CA PHE A 689 18.12 13.92 23.27
C PHE A 689 19.18 14.82 23.82
N ASN A 690 18.81 15.62 24.83
CA ASN A 690 19.71 16.59 25.45
C ASN A 690 20.30 16.13 26.77
N THR A 691 21.48 15.53 26.67
CA THR A 691 22.11 14.92 27.82
C THR A 691 22.60 15.94 28.82
N LYS A 692 23.03 17.12 28.36
CA LYS A 692 23.47 18.15 29.30
C LYS A 692 22.32 18.63 30.21
N GLN A 693 21.21 19.00 29.56
CA GLN A 693 20.02 19.43 30.27
C GLN A 693 19.51 18.28 31.12
N TYR A 694 19.53 17.07 30.57
CA TYR A 694 19.07 15.92 31.32
C TYR A 694 19.84 15.82 32.64
N THR A 695 21.16 15.92 32.56
CA THR A 695 22.05 15.70 33.69
C THR A 695 21.71 16.69 34.78
N MET A 696 21.63 17.96 34.39
CA MET A 696 21.34 19.03 35.35
C MET A 696 20.04 18.80 36.14
N GLU A 697 19.09 18.11 35.54
CA GLU A 697 17.81 17.85 36.15
C GLU A 697 17.96 16.72 37.14
N LEU A 698 18.67 15.71 36.67
CA LEU A 698 19.02 14.61 37.50
C LEU A 698 19.75 15.18 38.71
N GLU A 699 20.61 16.17 38.50
CA GLU A 699 21.29 16.79 39.64
C GLU A 699 20.31 17.47 40.62
N ARG A 700 19.35 18.24 40.08
CA ARG A 700 18.28 18.81 40.90
C ARG A 700 17.66 17.73 41.79
N LEU A 701 17.08 16.74 41.13
CA LEU A 701 16.43 15.65 41.83
C LEU A 701 17.30 15.00 42.90
N TYR A 702 18.61 15.00 42.68
CA TYR A 702 19.52 14.40 43.64
C TYR A 702 19.54 15.25 44.87
N LEU A 703 19.75 16.54 44.67
CA LEU A 703 19.87 17.45 45.78
C LEU A 703 18.59 17.54 46.60
N GLN A 704 17.44 17.37 45.92
CA GLN A 704 16.15 17.38 46.61
C GLN A 704 16.08 16.24 47.57
N MET A 705 16.48 15.07 47.10
CA MET A 705 16.51 13.85 47.88
C MET A 705 17.42 14.02 49.10
N TRP A 706 18.54 14.70 48.87
CA TRP A 706 19.52 14.86 49.91
C TRP A 706 19.05 15.78 51.00
N GLU A 707 18.69 17.01 50.63
CA GLU A 707 18.11 17.98 51.58
C GLU A 707 17.14 17.32 52.53
N HIS A 708 16.12 16.71 51.92
CA HIS A 708 15.08 16.00 52.62
C HIS A 708 15.58 14.97 53.61
N TYR A 709 16.58 14.17 53.23
CA TYR A 709 17.13 13.18 54.18
C TYR A 709 17.98 13.85 55.26
N ALA A 710 18.75 14.87 54.87
CA ALA A 710 19.64 15.60 55.79
C ALA A 710 18.80 16.35 56.82
N ALA A 711 17.59 16.73 56.40
CA ALA A 711 16.60 17.35 57.29
C ALA A 711 16.18 16.41 58.42
N GLY A 712 16.45 15.14 58.28
CA GLY A 712 16.01 14.18 59.27
C GLY A 712 14.83 13.33 58.80
N ASN A 713 14.48 13.40 57.52
CA ASN A 713 13.31 12.70 57.03
C ASN A 713 13.56 11.45 56.23
N LYS A 714 12.77 10.43 56.57
CA LYS A 714 12.60 9.25 55.75
C LYS A 714 12.05 9.61 54.36
N PRO A 715 12.40 8.81 53.34
CA PRO A 715 12.03 9.22 51.99
C PRO A 715 10.51 9.30 51.80
N ASP A 716 10.07 10.41 51.19
CA ASP A 716 8.70 10.50 50.63
C ASP A 716 8.75 10.94 49.16
N HIS A 717 7.60 10.92 48.48
CA HIS A 717 7.49 11.24 47.04
C HIS A 717 8.04 12.57 46.70
N MET A 718 8.74 12.66 45.57
CA MET A 718 9.31 13.91 45.14
C MET A 718 8.62 14.21 43.83
N ILE A 719 7.35 14.59 43.90
CA ILE A 719 6.56 14.77 42.69
C ILE A 719 6.36 16.21 42.25
N LYS A 720 6.76 17.17 43.08
CA LYS A 720 6.93 18.59 42.66
C LYS A 720 5.73 19.16 41.88
N SER B 4 21.63 -13.90 -56.18
CA SER B 4 20.81 -15.05 -56.67
C SER B 4 21.36 -16.38 -56.18
N CYS B 5 22.08 -16.31 -55.06
CA CYS B 5 22.90 -17.42 -54.56
C CYS B 5 22.25 -18.30 -53.48
N PRO B 6 21.94 -19.59 -53.79
CA PRO B 6 21.42 -20.54 -52.81
C PRO B 6 22.22 -20.63 -51.54
N THR B 7 23.54 -20.64 -51.65
CA THR B 7 24.45 -20.79 -50.49
C THR B 7 24.38 -19.56 -49.56
N HIS B 8 24.45 -18.37 -50.14
CA HIS B 8 24.24 -17.16 -49.39
C HIS B 8 23.00 -17.33 -48.59
N ALA B 9 21.87 -17.46 -49.28
CA ALA B 9 20.57 -17.62 -48.65
C ALA B 9 20.59 -18.74 -47.59
N ASP B 10 21.23 -19.85 -47.93
CA ASP B 10 21.27 -21.00 -47.04
C ASP B 10 21.86 -20.63 -45.69
N SER B 11 22.94 -19.84 -45.72
CA SER B 11 23.61 -19.29 -44.52
C SER B 11 22.72 -18.34 -43.70
N LEU B 12 22.08 -17.39 -44.37
CA LEU B 12 21.13 -16.49 -43.73
C LEU B 12 20.02 -17.26 -43.00
N ASN B 13 19.51 -18.33 -43.59
CA ASN B 13 18.50 -19.16 -42.92
C ASN B 13 19.05 -19.69 -41.63
N ASN B 14 20.24 -20.32 -41.70
CA ASN B 14 20.97 -20.81 -40.52
C ASN B 14 21.11 -19.77 -39.45
N LEU B 15 21.30 -18.52 -39.85
CA LEU B 15 21.44 -17.42 -38.91
C LEU B 15 20.09 -17.13 -38.28
N ALA B 16 19.06 -16.95 -39.10
CA ALA B 16 17.72 -16.65 -38.61
C ALA B 16 17.21 -17.68 -37.59
N ASN B 17 17.35 -18.98 -37.89
CA ASN B 17 17.02 -20.05 -36.93
C ASN B 17 17.74 -19.89 -35.62
N ILE B 18 18.95 -19.34 -35.69
CA ILE B 18 19.71 -19.05 -34.49
C ILE B 18 19.01 -17.92 -33.73
N LYS B 19 18.67 -16.85 -34.45
CA LYS B 19 18.07 -15.66 -33.81
C LYS B 19 16.75 -15.98 -33.17
N ARG B 20 16.03 -16.92 -33.75
CA ARG B 20 14.76 -17.37 -33.20
C ARG B 20 14.97 -18.11 -31.88
N GLU B 21 16.00 -18.95 -31.83
CA GLU B 21 16.33 -19.71 -30.61
C GLU B 21 16.60 -18.84 -29.41
N GLN B 22 17.43 -17.81 -29.62
CA GLN B 22 17.67 -16.78 -28.62
C GLN B 22 16.44 -15.88 -28.51
N GLY B 23 15.26 -16.47 -28.68
CA GLY B 23 13.97 -15.80 -28.54
C GLY B 23 13.70 -14.52 -29.30
N ASN B 24 14.70 -13.94 -29.96
CA ASN B 24 14.57 -12.62 -30.61
C ASN B 24 13.88 -12.72 -31.97
N ILE B 25 12.54 -12.62 -31.93
CA ILE B 25 11.65 -12.80 -33.09
C ILE B 25 11.83 -11.72 -34.13
N GLU B 26 11.77 -10.48 -33.68
CA GLU B 26 12.06 -9.31 -34.50
C GLU B 26 13.08 -9.62 -35.59
N GLU B 27 14.27 -10.05 -35.16
CA GLU B 27 15.41 -10.20 -36.05
C GLU B 27 15.25 -11.37 -37.01
N ALA B 28 14.81 -12.50 -36.47
CA ALA B 28 14.59 -13.70 -37.28
C ALA B 28 13.84 -13.36 -38.58
N VAL B 29 12.70 -12.70 -38.44
CA VAL B 29 11.93 -12.31 -39.61
C VAL B 29 12.79 -11.54 -40.60
N ARG B 30 13.51 -10.52 -40.13
CA ARG B 30 14.30 -9.67 -41.01
C ARG B 30 15.26 -10.49 -41.87
N LEU B 31 15.92 -11.47 -41.24
CA LEU B 31 16.85 -12.37 -41.94
C LEU B 31 16.16 -13.27 -42.96
N TYR B 32 15.16 -14.03 -42.50
CA TYR B 32 14.34 -14.84 -43.38
C TYR B 32 13.95 -14.06 -44.62
N ARG B 33 13.49 -12.81 -44.44
CA ARG B 33 13.04 -12.00 -45.56
C ARG B 33 14.15 -11.69 -46.52
N LYS B 34 15.36 -11.50 -45.99
CA LYS B 34 16.54 -11.28 -46.83
C LYS B 34 17.02 -12.55 -47.54
N ALA B 35 16.92 -13.67 -46.85
CA ALA B 35 17.15 -14.98 -47.43
C ALA B 35 16.25 -15.23 -48.64
N LEU B 36 14.99 -14.82 -48.53
CA LEU B 36 14.07 -14.99 -49.64
C LEU B 36 14.32 -13.98 -50.77
N GLU B 37 14.92 -12.84 -50.43
CA GLU B 37 15.21 -11.80 -51.41
C GLU B 37 16.33 -12.27 -52.32
N VAL B 38 17.34 -12.89 -51.69
CA VAL B 38 18.47 -13.54 -52.38
C VAL B 38 18.02 -14.72 -53.27
N PHE B 39 17.26 -15.64 -52.67
CA PHE B 39 16.84 -16.84 -53.36
C PHE B 39 15.34 -17.10 -53.15
N PRO B 40 14.51 -16.56 -54.05
CA PRO B 40 13.08 -16.66 -53.87
C PRO B 40 12.59 -18.12 -53.80
N GLU B 41 13.21 -19.02 -54.56
CA GLU B 41 12.74 -20.40 -54.66
C GLU B 41 13.20 -21.25 -53.45
N PHE B 42 13.37 -20.60 -52.31
CA PHE B 42 13.83 -21.28 -51.10
C PHE B 42 12.69 -21.86 -50.25
N ALA B 43 12.52 -23.17 -50.27
CA ALA B 43 11.38 -23.76 -49.58
C ALA B 43 11.40 -23.55 -48.07
N ALA B 44 12.50 -23.92 -47.43
CA ALA B 44 12.62 -23.90 -45.96
C ALA B 44 12.52 -22.50 -45.35
N ALA B 45 13.04 -21.50 -46.04
CA ALA B 45 12.90 -20.11 -45.59
C ALA B 45 11.46 -19.71 -45.57
N HIS B 46 10.73 -19.98 -46.68
CA HIS B 46 9.29 -19.77 -46.78
C HIS B 46 8.53 -20.42 -45.65
N SER B 47 8.89 -21.65 -45.34
CA SER B 47 8.25 -22.37 -44.25
C SER B 47 8.53 -21.74 -42.90
N ASN B 48 9.78 -21.34 -42.67
CA ASN B 48 10.17 -20.77 -41.37
C ASN B 48 9.59 -19.36 -41.14
N LEU B 49 9.66 -18.54 -42.18
CA LEU B 49 9.09 -17.19 -42.13
C LEU B 49 7.59 -17.25 -41.88
N ALA B 50 6.94 -18.29 -42.40
CA ALA B 50 5.52 -18.44 -42.24
C ALA B 50 5.15 -18.65 -40.77
N SER B 51 5.91 -19.49 -40.08
CA SER B 51 5.51 -19.86 -38.71
C SER B 51 5.79 -18.78 -37.67
N VAL B 52 6.69 -17.85 -37.95
CA VAL B 52 6.78 -16.70 -37.05
C VAL B 52 5.67 -15.69 -37.36
N LEU B 53 5.29 -15.60 -38.63
CA LEU B 53 4.19 -14.77 -39.01
C LEU B 53 2.97 -15.34 -38.36
N GLN B 54 2.91 -16.64 -38.27
CA GLN B 54 1.77 -17.22 -37.61
C GLN B 54 1.83 -16.88 -36.15
N GLN B 55 3.01 -17.02 -35.53
CA GLN B 55 3.18 -16.68 -34.12
C GLN B 55 2.80 -15.24 -33.89
N GLN B 56 3.16 -14.36 -34.81
CA GLN B 56 2.85 -12.95 -34.66
C GLN B 56 1.36 -12.67 -34.94
N GLY B 57 0.63 -13.69 -35.35
CA GLY B 57 -0.78 -13.53 -35.66
C GLY B 57 -1.08 -12.92 -37.00
N LYS B 58 -0.07 -12.78 -37.87
CA LYS B 58 -0.27 -12.25 -39.23
C LYS B 58 -0.64 -13.36 -40.21
N LEU B 59 -1.79 -13.98 -40.02
CA LEU B 59 -2.12 -15.25 -40.70
C LEU B 59 -2.27 -15.11 -42.21
N GLN B 60 -3.27 -14.35 -42.64
CA GLN B 60 -3.29 -13.69 -43.95
C GLN B 60 -2.01 -14.00 -44.75
N GLU B 61 -0.91 -13.42 -44.29
CA GLU B 61 0.38 -13.45 -44.91
C GLU B 61 1.10 -14.78 -44.66
N ALA B 62 1.23 -15.19 -43.40
CA ALA B 62 1.76 -16.53 -43.05
C ALA B 62 1.25 -17.62 -44.00
N LEU B 63 -0.04 -17.56 -44.34
CA LEU B 63 -0.66 -18.51 -45.25
C LEU B 63 -0.06 -18.44 -46.63
N MET B 64 0.05 -17.25 -47.17
CA MET B 64 0.67 -17.07 -48.48
C MET B 64 2.03 -17.73 -48.60
N HIS B 65 2.86 -17.63 -47.55
CA HIS B 65 4.19 -18.24 -47.56
C HIS B 65 4.19 -19.74 -47.46
N TYR B 66 3.34 -20.30 -46.59
CA TYR B 66 3.11 -21.75 -46.56
C TYR B 66 2.69 -22.27 -47.93
N LYS B 67 1.74 -21.59 -48.57
CA LYS B 67 1.32 -21.97 -49.91
C LYS B 67 2.52 -21.98 -50.84
N GLU B 68 3.41 -21.00 -50.69
CA GLU B 68 4.60 -20.92 -51.52
C GLU B 68 5.51 -22.08 -51.29
N ALA B 69 5.77 -22.38 -50.01
CA ALA B 69 6.62 -23.51 -49.61
C ALA B 69 6.21 -24.81 -50.27
N ILE B 70 4.93 -25.19 -50.18
CA ILE B 70 4.38 -26.38 -50.87
C ILE B 70 4.65 -26.40 -52.39
N ARG B 71 4.25 -25.34 -53.09
CA ARG B 71 4.41 -25.25 -54.54
C ARG B 71 5.83 -25.58 -54.96
N ILE B 72 6.79 -25.12 -54.17
CA ILE B 72 8.19 -25.44 -54.37
C ILE B 72 8.55 -26.89 -54.01
N SER B 73 8.08 -27.40 -52.87
CA SER B 73 8.43 -28.75 -52.39
C SER B 73 7.23 -29.61 -52.12
N PRO B 74 6.67 -30.24 -53.15
CA PRO B 74 5.39 -30.92 -52.97
C PRO B 74 5.37 -31.98 -51.88
N THR B 75 6.53 -32.56 -51.54
CA THR B 75 6.61 -33.58 -50.48
C THR B 75 6.82 -33.02 -49.07
N PHE B 76 6.90 -31.69 -48.96
CA PHE B 76 7.10 -31.03 -47.66
C PHE B 76 5.91 -31.25 -46.73
N ALA B 77 5.87 -32.41 -46.10
CA ALA B 77 4.74 -32.81 -45.24
C ALA B 77 4.55 -31.90 -44.01
N ASP B 78 5.67 -31.39 -43.50
CA ASP B 78 5.65 -30.53 -42.34
C ASP B 78 4.94 -29.21 -42.59
N ALA B 79 5.01 -28.70 -43.82
CA ALA B 79 4.33 -27.44 -44.18
C ALA B 79 2.80 -27.59 -44.34
N TYR B 80 2.36 -28.71 -44.87
CA TYR B 80 0.93 -29.01 -44.93
C TYR B 80 0.31 -28.95 -43.53
N SER B 81 0.95 -29.66 -42.60
CA SER B 81 0.49 -29.73 -41.22
C SER B 81 0.35 -28.35 -40.62
N ASN B 82 1.39 -27.53 -40.73
CA ASN B 82 1.32 -26.20 -40.15
C ASN B 82 0.27 -25.29 -40.79
N MET B 83 0.17 -25.37 -42.12
CA MET B 83 -0.84 -24.65 -42.90
C MET B 83 -2.24 -25.02 -42.41
N GLY B 84 -2.44 -26.29 -42.11
CA GLY B 84 -3.61 -26.71 -41.35
C GLY B 84 -3.83 -25.82 -40.12
N ASN B 85 -2.85 -25.79 -39.22
CA ASN B 85 -2.98 -25.01 -37.99
C ASN B 85 -3.41 -23.58 -38.24
N THR B 86 -2.85 -22.98 -39.27
CA THR B 86 -3.18 -21.61 -39.62
C THR B 86 -4.62 -21.50 -40.07
N LEU B 87 -5.01 -22.36 -41.00
CA LEU B 87 -6.39 -22.39 -41.49
C LEU B 87 -7.41 -22.68 -40.39
N LYS B 88 -7.00 -23.44 -39.39
CA LYS B 88 -7.84 -23.66 -38.26
C LYS B 88 -8.01 -22.32 -37.57
N GLU B 89 -6.89 -21.69 -37.21
CA GLU B 89 -6.89 -20.43 -36.48
C GLU B 89 -7.61 -19.30 -37.24
N MET B 90 -7.96 -19.54 -38.50
CA MET B 90 -8.68 -18.57 -39.33
C MET B 90 -10.15 -18.94 -39.44
N GLN B 91 -10.60 -19.81 -38.55
CA GLN B 91 -11.99 -20.31 -38.56
C GLN B 91 -12.36 -21.08 -39.81
N ASP B 92 -11.39 -21.36 -40.69
CA ASP B 92 -11.68 -22.23 -41.83
C ASP B 92 -11.29 -23.68 -41.53
N VAL B 93 -12.16 -24.37 -40.81
CA VAL B 93 -11.93 -25.76 -40.39
C VAL B 93 -11.85 -26.71 -41.60
N GLN B 94 -12.84 -26.62 -42.47
CA GLN B 94 -12.84 -27.33 -43.75
C GLN B 94 -11.45 -27.46 -44.41
N GLY B 95 -10.84 -26.33 -44.79
CA GLY B 95 -9.56 -26.33 -45.50
C GLY B 95 -8.39 -26.90 -44.69
N ALA B 96 -8.37 -26.58 -43.41
CA ALA B 96 -7.35 -27.09 -42.50
C ALA B 96 -7.45 -28.60 -42.34
N LEU B 97 -8.68 -29.11 -42.37
CA LEU B 97 -8.88 -30.55 -42.33
C LEU B 97 -8.30 -31.25 -43.55
N GLN B 98 -8.50 -30.60 -44.70
CA GLN B 98 -7.92 -31.02 -45.98
C GLN B 98 -6.37 -31.08 -45.95
N CYS B 99 -5.74 -30.06 -45.36
CA CYS B 99 -4.29 -30.06 -45.17
C CYS B 99 -3.79 -31.25 -44.40
N TYR B 100 -4.37 -31.47 -43.21
CA TYR B 100 -3.97 -32.56 -42.33
C TYR B 100 -4.10 -33.90 -42.99
N THR B 101 -5.24 -34.17 -43.64
CA THR B 101 -5.37 -35.45 -44.36
C THR B 101 -4.40 -35.57 -45.54
N ARG B 102 -4.23 -34.48 -46.30
CA ARG B 102 -3.30 -34.47 -47.39
C ARG B 102 -1.87 -34.78 -46.90
N ALA B 103 -1.47 -34.19 -45.78
CA ALA B 103 -0.16 -34.49 -45.18
C ALA B 103 0.05 -35.96 -44.79
N ILE B 104 -0.98 -36.58 -44.22
CA ILE B 104 -0.92 -37.97 -43.78
C ILE B 104 -0.78 -38.91 -44.94
N GLN B 105 -1.42 -38.54 -46.04
CA GLN B 105 -1.48 -39.35 -47.23
C GLN B 105 -0.09 -39.39 -47.86
N ILE B 106 0.59 -38.23 -47.86
CA ILE B 106 1.98 -38.07 -48.38
C ILE B 106 3.04 -38.72 -47.49
N ASN B 107 3.01 -38.42 -46.20
CA ASN B 107 3.82 -39.13 -45.25
C ASN B 107 2.99 -39.87 -44.18
N PRO B 108 2.68 -41.13 -44.45
CA PRO B 108 1.85 -41.90 -43.53
C PRO B 108 2.41 -41.93 -42.14
N ALA B 109 3.74 -41.76 -42.03
CA ALA B 109 4.45 -41.90 -40.75
C ALA B 109 4.56 -40.60 -39.98
N PHE B 110 4.24 -39.49 -40.63
CA PHE B 110 4.34 -38.13 -40.02
C PHE B 110 3.39 -37.96 -38.85
N ALA B 111 3.95 -37.83 -37.64
CA ALA B 111 3.14 -37.90 -36.42
C ALA B 111 2.33 -36.64 -36.06
N ASP B 112 2.85 -35.45 -36.39
CA ASP B 112 2.15 -34.18 -36.05
C ASP B 112 0.80 -34.06 -36.76
N ALA B 113 0.72 -34.54 -37.99
CA ALA B 113 -0.51 -34.47 -38.74
C ALA B 113 -1.55 -35.30 -38.02
N HIS B 114 -1.16 -36.49 -37.55
CA HIS B 114 -2.08 -37.38 -36.84
C HIS B 114 -2.63 -36.76 -35.59
N SER B 115 -1.79 -35.95 -34.94
CA SER B 115 -2.18 -35.21 -33.77
C SER B 115 -3.09 -34.04 -34.15
N ASN B 116 -2.62 -33.15 -35.01
CA ASN B 116 -3.43 -32.06 -35.55
C ASN B 116 -4.84 -32.46 -35.96
N LEU B 117 -4.93 -33.59 -36.64
CA LEU B 117 -6.20 -34.17 -37.02
C LEU B 117 -7.03 -34.48 -35.76
N ALA B 118 -6.47 -35.30 -34.87
CA ALA B 118 -7.15 -35.58 -33.62
C ALA B 118 -7.68 -34.29 -32.95
N SER B 119 -6.90 -33.21 -33.02
CA SER B 119 -7.26 -31.93 -32.39
C SER B 119 -8.51 -31.31 -32.96
N ILE B 120 -8.74 -31.51 -34.26
CA ILE B 120 -9.96 -31.03 -34.89
C ILE B 120 -11.14 -31.82 -34.35
N HIS B 121 -10.98 -33.14 -34.30
CA HIS B 121 -12.02 -34.01 -33.76
C HIS B 121 -12.39 -33.64 -32.34
N LYS B 122 -11.38 -33.32 -31.56
CA LYS B 122 -11.57 -32.90 -30.18
C LYS B 122 -12.44 -31.68 -30.15
N ASP B 123 -12.14 -30.69 -31.00
CA ASP B 123 -12.89 -29.45 -31.05
C ASP B 123 -14.26 -29.61 -31.64
N SER B 124 -14.53 -30.71 -32.30
CA SER B 124 -15.87 -30.93 -32.78
C SER B 124 -16.56 -31.83 -31.81
N GLY B 125 -15.87 -32.19 -30.75
CA GLY B 125 -16.52 -32.93 -29.71
C GLY B 125 -16.84 -34.36 -30.07
N ASN B 126 -16.27 -34.87 -31.16
CA ASN B 126 -16.27 -36.31 -31.31
C ASN B 126 -14.95 -36.86 -30.77
N ILE B 127 -15.05 -37.39 -29.57
CA ILE B 127 -13.92 -37.76 -28.75
C ILE B 127 -13.36 -39.15 -29.09
N PRO B 128 -14.23 -40.17 -29.25
CA PRO B 128 -13.62 -41.48 -29.54
C PRO B 128 -12.68 -41.44 -30.77
N GLU B 129 -13.07 -40.69 -31.80
CA GLU B 129 -12.22 -40.48 -32.98
C GLU B 129 -10.97 -39.68 -32.66
N ALA B 130 -11.11 -38.68 -31.79
CA ALA B 130 -9.96 -37.88 -31.40
C ALA B 130 -8.91 -38.73 -30.69
N ILE B 131 -9.37 -39.61 -29.79
CA ILE B 131 -8.51 -40.55 -29.08
C ILE B 131 -7.80 -41.49 -30.06
N ALA B 132 -8.58 -42.16 -30.91
CA ALA B 132 -7.99 -42.98 -31.94
C ALA B 132 -6.74 -42.28 -32.49
N SER B 133 -6.95 -41.12 -33.13
CA SER B 133 -5.90 -40.40 -33.82
C SER B 133 -4.72 -39.96 -32.96
N TYR B 134 -4.97 -39.67 -31.68
CA TYR B 134 -3.86 -39.36 -30.78
C TYR B 134 -3.06 -40.61 -30.52
N ARG B 135 -3.74 -41.75 -30.35
CA ARG B 135 -3.05 -43.00 -30.05
C ARG B 135 -2.09 -43.33 -31.18
N THR B 136 -2.57 -43.21 -32.41
CA THR B 136 -1.75 -43.42 -33.60
C THR B 136 -0.55 -42.49 -33.61
N ALA B 137 -0.78 -41.21 -33.33
CA ALA B 137 0.30 -40.24 -33.33
C ALA B 137 1.39 -40.62 -32.33
N LEU B 138 1.00 -41.21 -31.21
CA LEU B 138 1.93 -41.54 -30.13
C LEU B 138 2.66 -42.82 -30.41
N LYS B 139 1.97 -43.74 -31.08
CA LYS B 139 2.60 -44.93 -31.58
C LYS B 139 3.77 -44.58 -32.49
N LEU B 140 3.51 -43.72 -33.47
CA LEU B 140 4.54 -43.26 -34.40
C LEU B 140 5.69 -42.50 -33.77
N LYS B 141 5.38 -41.63 -32.81
CA LYS B 141 6.40 -40.85 -32.12
C LYS B 141 6.13 -40.94 -30.63
N PRO B 142 6.71 -41.96 -29.95
CA PRO B 142 6.36 -42.18 -28.53
C PRO B 142 6.72 -41.05 -27.57
N ASP B 143 7.56 -40.09 -27.99
CA ASP B 143 7.78 -38.86 -27.23
C ASP B 143 7.14 -37.64 -27.90
N PHE B 144 5.88 -37.39 -27.57
CA PHE B 144 5.15 -36.29 -28.13
C PHE B 144 4.32 -35.73 -27.02
N PRO B 145 4.79 -34.62 -26.42
CA PRO B 145 4.05 -33.92 -25.38
C PRO B 145 2.62 -33.53 -25.83
N ASP B 146 2.51 -32.65 -26.82
CA ASP B 146 1.22 -32.10 -27.20
C ASP B 146 0.17 -33.17 -27.34
N ALA B 147 0.52 -34.25 -28.03
CA ALA B 147 -0.38 -35.38 -28.19
C ALA B 147 -0.69 -36.10 -26.87
N TYR B 148 0.34 -36.37 -26.07
CA TYR B 148 0.12 -37.04 -24.78
C TYR B 148 -0.82 -36.27 -23.86
N CYS B 149 -0.59 -34.96 -23.77
CA CYS B 149 -1.39 -34.09 -22.90
C CYS B 149 -2.83 -33.97 -23.36
N ASN B 150 -3.02 -33.65 -24.63
CA ASN B 150 -4.37 -33.62 -25.16
C ASN B 150 -5.10 -34.93 -24.95
N LEU B 151 -4.45 -36.04 -25.28
CA LEU B 151 -5.03 -37.35 -25.07
C LEU B 151 -5.49 -37.47 -23.65
N ALA B 152 -4.57 -37.15 -22.74
CA ALA B 152 -4.82 -37.25 -21.30
C ALA B 152 -6.16 -36.56 -20.91
N HIS B 153 -6.43 -35.45 -21.59
CA HIS B 153 -7.63 -34.71 -21.33
C HIS B 153 -8.86 -35.38 -21.81
N CYS B 154 -8.79 -36.06 -22.94
CA CYS B 154 -9.96 -36.73 -23.53
C CYS B 154 -10.29 -37.90 -22.67
N LEU B 155 -9.27 -38.67 -22.31
CA LEU B 155 -9.49 -39.80 -21.45
C LEU B 155 -10.13 -39.31 -20.18
N GLN B 156 -9.78 -38.08 -19.79
CA GLN B 156 -10.37 -37.41 -18.61
C GLN B 156 -11.88 -37.20 -18.77
N ILE B 157 -12.27 -36.83 -19.99
CA ILE B 157 -13.63 -36.43 -20.31
C ILE B 157 -14.56 -37.64 -20.42
N VAL B 158 -13.99 -38.79 -20.74
CA VAL B 158 -14.80 -39.96 -20.96
C VAL B 158 -14.69 -40.83 -19.76
N CYS B 159 -13.93 -40.36 -18.77
CA CYS B 159 -13.66 -41.14 -17.57
C CYS B 159 -13.04 -42.49 -17.88
N ASP B 160 -12.12 -42.48 -18.84
CA ASP B 160 -11.18 -43.58 -18.98
C ASP B 160 -10.02 -43.33 -18.00
N TRP B 161 -9.91 -44.21 -17.02
CA TRP B 161 -8.97 -44.01 -15.95
C TRP B 161 -7.91 -45.08 -15.96
N THR B 162 -7.57 -45.56 -17.14
CA THR B 162 -6.58 -46.62 -17.25
C THR B 162 -5.21 -46.06 -16.98
N ASP B 163 -4.50 -46.67 -16.03
CA ASP B 163 -3.14 -46.24 -15.63
C ASP B 163 -3.13 -44.84 -15.10
N TYR B 164 -4.21 -44.51 -14.41
CA TYR B 164 -4.46 -43.13 -13.99
C TYR B 164 -3.23 -42.50 -13.31
N ASP B 165 -2.68 -43.21 -12.33
CA ASP B 165 -1.64 -42.64 -11.50
C ASP B 165 -0.37 -42.41 -12.27
N GLU B 166 -0.03 -43.35 -13.15
CA GLU B 166 1.17 -43.20 -13.94
C GLU B 166 0.98 -42.07 -14.94
N ARG B 167 -0.27 -41.92 -15.38
CA ARG B 167 -0.64 -40.92 -16.38
C ARG B 167 -0.44 -39.54 -15.80
N MET B 168 -0.90 -39.35 -14.57
CA MET B 168 -0.74 -38.09 -13.85
C MET B 168 0.73 -37.75 -13.62
N LYS B 169 1.47 -38.68 -13.01
CA LYS B 169 2.89 -38.49 -12.76
C LYS B 169 3.59 -38.13 -14.06
N LYS B 170 3.29 -38.87 -15.13
CA LYS B 170 3.84 -38.56 -16.43
C LYS B 170 3.59 -37.10 -16.85
N LEU B 171 2.35 -36.62 -16.69
CA LEU B 171 2.02 -35.25 -17.07
C LEU B 171 2.91 -34.29 -16.36
N VAL B 172 2.84 -34.29 -15.03
CA VAL B 172 3.65 -33.40 -14.18
C VAL B 172 5.06 -33.38 -14.73
N SER B 173 5.61 -34.59 -14.87
CA SER B 173 6.91 -34.84 -15.47
C SER B 173 7.17 -34.03 -16.76
N ILE B 174 6.25 -34.11 -17.72
CA ILE B 174 6.36 -33.42 -19.02
C ILE B 174 6.39 -31.91 -18.86
N VAL B 175 5.44 -31.41 -18.06
CA VAL B 175 5.31 -29.98 -17.81
C VAL B 175 6.57 -29.44 -17.15
N ALA B 176 7.02 -30.14 -16.10
CA ALA B 176 8.25 -29.84 -15.40
C ALA B 176 9.36 -29.60 -16.41
N ASP B 177 9.53 -30.57 -17.32
CA ASP B 177 10.51 -30.46 -18.40
C ASP B 177 10.31 -29.16 -19.20
N GLN B 178 9.09 -28.95 -19.65
CA GLN B 178 8.80 -27.89 -20.59
C GLN B 178 8.93 -26.51 -20.00
N LEU B 179 8.54 -26.37 -18.75
CA LEU B 179 8.67 -25.10 -18.07
C LEU B 179 10.12 -24.78 -17.96
N GLU B 180 10.93 -25.78 -17.65
CA GLU B 180 12.35 -25.59 -17.43
C GLU B 180 13.07 -25.34 -18.74
N LYS B 181 12.65 -26.02 -19.80
CA LYS B 181 13.24 -25.80 -21.13
C LYS B 181 12.64 -24.60 -21.87
N ASN B 182 11.94 -23.75 -21.14
CA ASN B 182 11.34 -22.53 -21.68
C ASN B 182 10.55 -22.73 -22.98
N ARG B 183 9.84 -23.85 -23.05
CA ARG B 183 8.96 -24.16 -24.18
C ARG B 183 7.52 -24.05 -23.65
N LEU B 184 6.59 -23.56 -24.47
CA LEU B 184 5.17 -23.48 -24.08
C LEU B 184 4.55 -24.85 -23.74
N PRO B 185 3.96 -24.99 -22.55
CA PRO B 185 3.56 -26.29 -22.03
C PRO B 185 2.29 -26.84 -22.68
N SER B 186 2.28 -28.14 -22.87
CA SER B 186 1.19 -28.81 -23.56
C SER B 186 -0.12 -28.76 -22.82
N VAL B 187 -0.08 -28.75 -21.47
CA VAL B 187 -1.31 -28.65 -20.67
C VAL B 187 -1.88 -27.26 -20.77
N HIS B 188 -3.18 -27.20 -21.07
CA HIS B 188 -3.88 -25.95 -21.19
C HIS B 188 -4.26 -25.42 -19.85
N PRO B 189 -4.07 -24.11 -19.62
CA PRO B 189 -4.29 -23.55 -18.28
C PRO B 189 -5.66 -23.94 -17.72
N HIS B 190 -6.65 -23.98 -18.60
CA HIS B 190 -7.99 -24.25 -18.16
C HIS B 190 -8.10 -25.63 -17.62
N HIS B 191 -7.25 -26.54 -18.07
CA HIS B 191 -7.32 -27.91 -17.59
C HIS B 191 -6.37 -28.16 -16.46
N SER B 192 -5.41 -27.24 -16.28
CA SER B 192 -4.34 -27.42 -15.30
C SER B 192 -4.86 -27.77 -13.91
N MET B 193 -6.06 -27.30 -13.60
CA MET B 193 -6.65 -27.52 -12.28
C MET B 193 -7.05 -28.96 -12.03
N LEU B 194 -7.11 -29.77 -13.08
CA LEU B 194 -7.52 -31.15 -12.92
C LEU B 194 -6.37 -32.06 -12.50
N TYR B 195 -5.13 -31.62 -12.71
CA TYR B 195 -4.01 -32.51 -12.47
C TYR B 195 -3.24 -32.11 -11.21
N PRO B 196 -2.49 -33.06 -10.62
CA PRO B 196 -1.76 -32.82 -9.39
C PRO B 196 -0.42 -32.14 -9.67
N LEU B 197 -0.47 -30.91 -10.14
CA LEU B 197 0.72 -30.10 -10.32
C LEU B 197 0.92 -29.23 -9.10
N SER B 198 2.05 -28.53 -9.02
CA SER B 198 2.21 -27.51 -8.00
C SER B 198 1.47 -26.24 -8.42
N HIS B 199 1.23 -25.36 -7.45
CA HIS B 199 0.53 -24.10 -7.68
C HIS B 199 1.37 -23.11 -8.42
N GLY B 200 2.68 -23.21 -8.22
CA GLY B 200 3.66 -22.42 -8.97
C GLY B 200 3.71 -22.89 -10.41
N PHE B 201 3.62 -24.20 -10.59
CA PHE B 201 3.50 -24.79 -11.91
C PHE B 201 2.28 -24.26 -12.62
N ARG B 202 1.13 -24.31 -11.96
CA ARG B 202 -0.09 -23.82 -12.57
C ARG B 202 0.00 -22.35 -12.95
N LYS B 203 0.56 -21.52 -12.07
CA LYS B 203 0.72 -20.11 -12.36
C LYS B 203 1.67 -19.98 -13.52
N ALA B 204 2.71 -20.79 -13.54
CA ALA B 204 3.73 -20.67 -14.58
C ALA B 204 3.16 -20.95 -15.95
N ILE B 205 2.23 -21.92 -16.05
CA ILE B 205 1.54 -22.30 -17.30
C ILE B 205 0.73 -21.11 -17.83
N ALA B 206 -0.20 -20.66 -16.98
CA ALA B 206 -0.98 -19.45 -17.22
C ALA B 206 -0.05 -18.33 -17.69
N GLU B 207 1.00 -18.11 -16.93
CA GLU B 207 2.00 -17.12 -17.22
C GLU B 207 2.41 -17.20 -18.70
N ARG B 208 2.63 -18.40 -19.19
CA ARG B 208 3.15 -18.58 -20.56
C ARG B 208 2.15 -18.25 -21.67
N HIS B 209 0.90 -18.64 -21.47
CA HIS B 209 -0.17 -18.27 -22.38
C HIS B 209 -0.48 -16.81 -22.27
N GLY B 210 -0.14 -16.25 -21.11
CA GLY B 210 -0.10 -14.82 -20.93
C GLY B 210 0.81 -14.21 -21.98
N ASN B 211 1.98 -14.81 -22.18
CA ASN B 211 2.93 -14.26 -23.13
C ASN B 211 2.59 -14.44 -24.61
N LEU B 212 1.64 -15.33 -24.91
CA LEU B 212 1.23 -15.58 -26.29
C LEU B 212 0.53 -14.39 -26.91
N CYS B 213 -0.28 -13.72 -26.10
CA CYS B 213 -0.91 -12.52 -26.57
C CYS B 213 0.14 -11.43 -26.68
N LEU B 214 1.06 -11.36 -25.73
CA LEU B 214 2.10 -10.32 -25.70
C LEU B 214 2.83 -10.15 -27.02
N ASP B 215 3.02 -11.26 -27.72
CA ASP B 215 3.76 -11.25 -28.97
C ASP B 215 2.88 -10.86 -30.12
N LYS B 216 1.60 -11.20 -29.99
CA LYS B 216 0.62 -10.93 -31.03
C LYS B 216 0.31 -9.45 -31.15
N ILE B 217 0.57 -8.68 -30.09
CA ILE B 217 0.31 -7.23 -30.14
C ILE B 217 1.57 -6.39 -30.30
N ASN B 218 2.72 -6.91 -29.89
CA ASN B 218 3.97 -6.20 -30.07
C ASN B 218 4.19 -5.73 -31.48
N VAL B 219 3.65 -6.50 -32.41
CA VAL B 219 3.83 -6.25 -33.83
C VAL B 219 2.91 -5.13 -34.34
N LEU B 220 2.10 -4.55 -33.47
CA LEU B 220 1.29 -3.41 -33.89
C LEU B 220 2.08 -2.15 -33.63
N HIS B 221 2.98 -2.24 -32.64
CA HIS B 221 3.88 -1.15 -32.28
C HIS B 221 3.06 -0.03 -31.79
N LYS B 222 2.44 -0.21 -30.65
CA LYS B 222 1.51 0.82 -30.23
C LYS B 222 2.04 1.53 -29.02
N PRO B 223 1.95 2.87 -29.01
CA PRO B 223 2.36 3.61 -27.82
C PRO B 223 1.42 3.23 -26.66
N PRO B 224 1.93 3.15 -25.42
CA PRO B 224 1.07 3.03 -24.23
C PRO B 224 -0.08 4.06 -24.26
N TYR B 225 -1.18 3.78 -23.58
CA TYR B 225 -2.30 4.71 -23.62
C TYR B 225 -2.30 5.68 -22.49
N GLU B 226 -2.77 6.90 -22.74
CA GLU B 226 -2.96 7.84 -21.66
C GLU B 226 -4.26 7.55 -20.95
N HIS B 227 -4.18 7.11 -19.69
CA HIS B 227 -5.39 6.80 -18.93
C HIS B 227 -5.89 8.01 -18.21
N PRO B 228 -7.20 8.07 -17.94
CA PRO B 228 -7.71 9.17 -17.12
C PRO B 228 -7.23 9.09 -15.68
N LYS B 229 -7.19 10.25 -15.02
CA LYS B 229 -6.68 10.33 -13.65
C LYS B 229 -7.74 10.79 -12.67
N ASP B 230 -8.90 11.15 -13.19
CA ASP B 230 -10.01 11.58 -12.37
C ASP B 230 -11.32 11.25 -13.05
N LEU B 231 -12.43 11.61 -12.44
CA LEU B 231 -13.69 11.33 -13.04
C LEU B 231 -14.33 12.53 -13.73
N LYS B 232 -13.54 13.57 -14.01
CA LYS B 232 -14.14 14.83 -14.48
C LYS B 232 -14.80 14.72 -15.85
N LEU B 233 -14.11 14.06 -16.79
CA LEU B 233 -14.62 13.91 -18.18
C LEU B 233 -15.90 13.06 -18.29
N SER B 234 -16.11 12.20 -17.30
CA SER B 234 -17.22 11.25 -17.27
C SER B 234 -18.24 11.70 -16.27
N ASP B 235 -18.12 12.96 -15.86
CA ASP B 235 -19.12 13.64 -15.03
C ASP B 235 -19.28 13.05 -13.61
N GLY B 236 -18.17 12.64 -12.99
CA GLY B 236 -18.22 11.98 -11.70
C GLY B 236 -18.54 10.49 -11.73
N ARG B 237 -18.85 9.96 -12.91
CA ARG B 237 -19.18 8.54 -13.00
C ARG B 237 -17.97 7.71 -13.30
N LEU B 238 -17.85 6.57 -12.63
CA LEU B 238 -16.79 5.61 -12.92
C LEU B 238 -17.23 4.71 -14.07
N ARG B 239 -16.41 4.62 -15.12
CA ARG B 239 -16.82 3.89 -16.31
C ARG B 239 -16.25 2.50 -16.34
N VAL B 240 -17.10 1.53 -16.01
CA VAL B 240 -16.73 0.13 -16.03
C VAL B 240 -17.06 -0.49 -17.39
N GLY B 241 -16.16 -1.35 -17.88
CA GLY B 241 -16.38 -2.05 -19.14
C GLY B 241 -16.28 -3.55 -19.01
N TYR B 242 -17.38 -4.27 -19.23
CA TYR B 242 -17.33 -5.72 -19.19
C TYR B 242 -17.08 -6.30 -20.55
N VAL B 243 -16.20 -7.29 -20.62
CA VAL B 243 -15.76 -7.77 -21.90
C VAL B 243 -15.88 -9.26 -21.88
N SER B 244 -16.86 -9.78 -22.61
CA SER B 244 -17.16 -11.21 -22.61
C SER B 244 -17.51 -11.73 -23.98
N SER B 245 -17.25 -12.99 -24.26
CA SER B 245 -17.71 -13.57 -25.50
C SER B 245 -19.02 -14.31 -25.27
N ASP B 246 -19.60 -14.10 -24.10
CA ASP B 246 -20.74 -14.91 -23.68
C ASP B 246 -21.89 -14.04 -23.13
N PHE B 247 -22.17 -12.96 -23.85
CA PHE B 247 -23.44 -12.28 -23.70
C PHE B 247 -24.36 -12.94 -24.72
N GLY B 248 -24.98 -14.03 -24.33
CA GLY B 248 -25.83 -14.79 -25.21
C GLY B 248 -26.31 -15.97 -24.39
N ASN B 249 -26.83 -17.01 -25.02
CA ASN B 249 -27.21 -18.15 -24.26
C ASN B 249 -25.95 -18.90 -23.80
N HIS B 250 -25.59 -18.75 -22.53
CA HIS B 250 -24.32 -19.23 -22.01
C HIS B 250 -24.26 -18.99 -20.53
N PRO B 251 -23.71 -19.94 -19.74
CA PRO B 251 -23.68 -19.82 -18.28
C PRO B 251 -23.30 -18.43 -17.78
N THR B 252 -22.22 -17.86 -18.30
CA THR B 252 -21.85 -16.49 -17.95
C THR B 252 -23.06 -15.57 -17.89
N SER B 253 -23.86 -15.55 -18.95
CA SER B 253 -25.09 -14.80 -18.92
C SER B 253 -26.04 -15.31 -17.88
N HIS B 254 -26.23 -16.63 -17.82
CA HIS B 254 -27.18 -17.16 -16.85
C HIS B 254 -26.86 -16.70 -15.47
N LEU B 255 -25.61 -16.29 -15.25
CA LEU B 255 -25.25 -15.86 -13.92
C LEU B 255 -25.47 -14.37 -13.72
N MET B 256 -24.86 -13.57 -14.60
CA MET B 256 -24.81 -12.15 -14.32
C MET B 256 -25.63 -11.23 -15.23
N GLN B 257 -26.49 -11.78 -16.09
CA GLN B 257 -27.30 -10.94 -16.98
C GLN B 257 -28.00 -9.77 -16.28
N SER B 258 -28.36 -9.93 -15.00
CA SER B 258 -29.04 -8.84 -14.32
C SER B 258 -28.16 -7.66 -13.89
N ILE B 259 -26.87 -7.92 -13.71
CA ILE B 259 -25.97 -6.98 -13.08
C ILE B 259 -25.75 -5.64 -13.78
N PRO B 260 -25.42 -5.63 -15.07
CA PRO B 260 -25.23 -4.32 -15.70
C PRO B 260 -26.46 -3.44 -15.52
N GLY B 261 -27.64 -4.06 -15.53
CA GLY B 261 -28.87 -3.35 -15.24
C GLY B 261 -28.93 -2.75 -13.84
N MET B 262 -28.36 -3.46 -12.89
CA MET B 262 -28.50 -3.06 -11.51
C MET B 262 -27.48 -2.06 -11.00
N HIS B 263 -26.60 -1.58 -11.87
CA HIS B 263 -25.64 -0.55 -11.46
C HIS B 263 -26.32 0.74 -11.12
N ASN B 264 -25.69 1.52 -10.24
CA ASN B 264 -26.19 2.85 -9.90
C ASN B 264 -25.69 3.84 -10.93
N PRO B 265 -26.61 4.38 -11.73
CA PRO B 265 -26.32 5.28 -12.82
C PRO B 265 -25.76 6.63 -12.35
N ASP B 266 -25.83 6.88 -11.06
CA ASP B 266 -25.34 8.14 -10.55
C ASP B 266 -23.87 8.09 -10.44
N LYS B 267 -23.34 6.92 -10.10
CA LYS B 267 -21.94 6.78 -9.80
C LYS B 267 -21.20 5.95 -10.84
N PHE B 268 -21.92 5.20 -11.67
CA PHE B 268 -21.25 4.34 -12.63
C PHE B 268 -21.85 4.45 -14.01
N GLU B 269 -21.03 4.30 -15.03
CA GLU B 269 -21.52 4.23 -16.37
C GLU B 269 -21.03 2.89 -16.92
N VAL B 270 -21.96 2.05 -17.37
CA VAL B 270 -21.62 0.67 -17.76
C VAL B 270 -21.45 0.45 -19.25
N PHE B 271 -20.33 -0.10 -19.63
CA PHE B 271 -20.14 -0.40 -21.03
C PHE B 271 -19.99 -1.91 -21.16
N CYS B 272 -20.68 -2.49 -22.11
CA CYS B 272 -20.50 -3.91 -22.38
C CYS B 272 -19.85 -4.11 -23.71
N TYR B 273 -18.88 -5.01 -23.78
CA TYR B 273 -18.20 -5.24 -25.03
C TYR B 273 -18.40 -6.71 -25.39
N ALA B 274 -19.22 -6.97 -26.41
CA ALA B 274 -19.41 -8.35 -26.85
C ALA B 274 -18.31 -8.79 -27.79
N LEU B 275 -17.78 -9.97 -27.55
CA LEU B 275 -16.69 -10.46 -28.37
C LEU B 275 -17.30 -11.36 -29.43
N SER B 276 -18.59 -11.58 -29.35
CA SER B 276 -19.23 -12.55 -30.19
C SER B 276 -20.48 -11.92 -30.82
N PRO B 277 -20.84 -12.37 -32.04
CA PRO B 277 -22.02 -11.85 -32.73
C PRO B 277 -23.32 -12.15 -31.99
N ASP B 278 -24.37 -11.40 -32.31
CA ASP B 278 -25.63 -11.56 -31.60
C ASP B 278 -26.25 -12.90 -31.95
N ASP B 279 -26.46 -13.70 -30.91
CA ASP B 279 -27.02 -15.04 -31.10
C ASP B 279 -28.57 -15.10 -31.24
N GLY B 280 -29.23 -13.99 -30.90
CA GLY B 280 -30.66 -13.89 -31.08
C GLY B 280 -31.45 -14.05 -29.82
N THR B 281 -30.84 -14.61 -28.78
CA THR B 281 -31.52 -14.94 -27.51
C THR B 281 -31.84 -13.76 -26.60
N ASN B 282 -32.84 -13.93 -25.75
CA ASN B 282 -33.21 -12.88 -24.81
C ASN B 282 -32.10 -12.39 -23.91
N PHE B 283 -31.15 -13.27 -23.59
CA PHE B 283 -30.05 -12.90 -22.72
C PHE B 283 -29.30 -11.71 -23.38
N ARG B 284 -28.85 -11.90 -24.61
CA ARG B 284 -28.20 -10.81 -25.35
C ARG B 284 -29.06 -9.57 -25.36
N VAL B 285 -30.35 -9.75 -25.48
CA VAL B 285 -31.23 -8.60 -25.61
C VAL B 285 -31.24 -7.81 -24.33
N LYS B 286 -31.49 -8.50 -23.22
CA LYS B 286 -31.52 -7.84 -21.92
C LYS B 286 -30.27 -7.03 -21.65
N VAL B 287 -29.12 -7.59 -21.98
CA VAL B 287 -27.87 -6.93 -21.64
C VAL B 287 -27.74 -5.68 -22.49
N MET B 288 -28.04 -5.79 -23.78
CA MET B 288 -28.05 -4.64 -24.70
C MET B 288 -29.05 -3.59 -24.24
N ALA B 289 -30.22 -4.06 -23.83
CA ALA B 289 -31.29 -3.19 -23.34
C ALA B 289 -30.87 -2.38 -22.09
N GLU B 290 -30.04 -2.97 -21.24
CA GLU B 290 -29.84 -2.46 -19.87
C GLU B 290 -28.52 -1.81 -19.60
N ALA B 291 -27.52 -2.13 -20.39
CA ALA B 291 -26.24 -1.52 -20.23
C ALA B 291 -26.37 -0.14 -20.77
N ASN B 292 -25.59 0.81 -20.25
CA ASN B 292 -25.58 2.21 -20.73
C ASN B 292 -25.07 2.30 -22.14
N HIS B 293 -24.21 1.34 -22.48
CA HIS B 293 -23.60 1.28 -23.80
C HIS B 293 -23.28 -0.12 -24.09
N PHE B 294 -23.61 -0.54 -25.29
CA PHE B 294 -23.25 -1.86 -25.70
C PHE B 294 -22.48 -1.72 -26.99
N ILE B 295 -21.30 -2.31 -27.02
CA ILE B 295 -20.43 -2.26 -28.19
C ILE B 295 -20.16 -3.66 -28.72
N ASP B 296 -20.45 -3.88 -30.01
CA ASP B 296 -20.19 -5.16 -30.67
C ASP B 296 -18.76 -5.19 -31.23
N LEU B 297 -17.86 -5.83 -30.50
CA LEU B 297 -16.46 -5.86 -30.86
C LEU B 297 -16.17 -6.96 -31.86
N SER B 298 -17.14 -7.84 -32.10
CA SER B 298 -16.96 -8.92 -33.06
C SER B 298 -16.95 -8.35 -34.47
N GLN B 299 -17.45 -7.12 -34.62
CA GLN B 299 -17.35 -6.36 -35.89
C GLN B 299 -16.00 -5.69 -36.08
N ILE B 300 -15.12 -5.76 -35.08
CA ILE B 300 -13.79 -5.13 -35.11
C ILE B 300 -12.72 -6.20 -34.80
N PRO B 301 -12.36 -7.00 -35.83
CA PRO B 301 -11.51 -8.14 -35.55
C PRO B 301 -10.10 -7.73 -35.16
N CYS B 302 -9.67 -6.57 -35.66
CA CYS B 302 -8.36 -6.07 -35.34
C CYS B 302 -8.29 -5.66 -33.86
N ASN B 303 -7.41 -6.31 -33.11
CA ASN B 303 -7.22 -5.96 -31.72
C ASN B 303 -6.74 -4.55 -31.46
N GLY B 304 -6.04 -3.96 -32.43
CA GLY B 304 -5.53 -2.59 -32.30
C GLY B 304 -6.67 -1.60 -32.26
N LYS B 305 -7.50 -1.64 -33.29
CA LYS B 305 -8.63 -0.72 -33.41
C LYS B 305 -9.65 -0.95 -32.30
N ALA B 306 -9.89 -2.20 -31.94
CA ALA B 306 -10.74 -2.54 -30.82
C ALA B 306 -10.26 -1.88 -29.55
N ALA B 307 -8.97 -2.07 -29.20
CA ALA B 307 -8.40 -1.43 -28.01
C ALA B 307 -8.55 0.07 -28.04
N ASP B 308 -8.28 0.70 -29.17
CA ASP B 308 -8.56 2.13 -29.31
C ASP B 308 -9.97 2.50 -28.94
N ARG B 309 -10.91 1.69 -29.40
CA ARG B 309 -12.33 1.90 -29.19
C ARG B 309 -12.74 1.79 -27.73
N ILE B 310 -12.01 0.99 -26.97
CA ILE B 310 -12.17 0.95 -25.52
C ILE B 310 -11.62 2.21 -24.87
N HIS B 311 -10.38 2.56 -25.23
CA HIS B 311 -9.72 3.74 -24.73
C HIS B 311 -10.46 4.98 -25.14
N GLN B 312 -11.07 4.89 -26.31
CA GLN B 312 -11.89 5.94 -26.86
C GLN B 312 -13.02 6.23 -25.93
N ASP B 313 -13.63 5.18 -25.42
CA ASP B 313 -14.80 5.31 -24.58
C ASP B 313 -14.45 5.79 -23.18
N GLY B 314 -13.14 5.89 -22.87
CA GLY B 314 -12.65 6.36 -21.58
C GLY B 314 -12.94 5.46 -20.38
N ILE B 315 -12.68 4.16 -20.50
CA ILE B 315 -12.93 3.18 -19.44
C ILE B 315 -11.94 3.22 -18.27
N HIS B 316 -12.44 3.32 -17.06
CA HIS B 316 -11.54 3.29 -15.92
C HIS B 316 -11.20 1.89 -15.52
N ILE B 317 -12.21 1.05 -15.36
CA ILE B 317 -12.00 -0.35 -15.01
C ILE B 317 -12.55 -1.26 -16.09
N LEU B 318 -11.65 -2.05 -16.68
CA LEU B 318 -11.99 -3.04 -17.69
C LEU B 318 -12.05 -4.43 -17.04
N VAL B 319 -13.17 -5.13 -17.18
CA VAL B 319 -13.33 -6.43 -16.54
C VAL B 319 -13.29 -7.54 -17.55
N ASN B 320 -12.39 -8.48 -17.34
CA ASN B 320 -12.22 -9.59 -18.24
C ASN B 320 -13.03 -10.75 -17.73
N MET B 321 -14.03 -11.15 -18.50
CA MET B 321 -14.88 -12.28 -18.08
C MET B 321 -14.53 -13.63 -18.67
N ASN B 322 -13.59 -13.62 -19.59
CA ASN B 322 -13.25 -14.80 -20.37
C ASN B 322 -12.00 -15.55 -19.92
N GLY B 323 -10.95 -14.82 -19.53
CA GLY B 323 -9.66 -15.46 -19.29
C GLY B 323 -9.29 -16.38 -20.44
N TYR B 324 -8.89 -17.60 -20.13
CA TYR B 324 -8.47 -18.54 -21.19
C TYR B 324 -9.61 -19.50 -21.60
N THR B 325 -10.77 -18.92 -21.89
CA THR B 325 -11.87 -19.73 -22.43
C THR B 325 -12.19 -19.39 -23.90
N LYS B 326 -13.05 -20.20 -24.51
CA LYS B 326 -13.32 -20.09 -25.94
C LYS B 326 -13.77 -18.69 -26.29
N GLY B 327 -13.36 -18.22 -27.46
CA GLY B 327 -13.77 -16.91 -27.95
C GLY B 327 -13.12 -15.73 -27.24
N ALA B 328 -12.19 -16.01 -26.31
CA ALA B 328 -11.42 -14.96 -25.59
C ALA B 328 -10.54 -14.09 -26.51
N ARG B 329 -10.26 -12.85 -26.11
CA ARG B 329 -9.37 -12.00 -26.88
C ARG B 329 -8.54 -11.18 -25.96
N ASN B 330 -7.60 -11.82 -25.31
CA ASN B 330 -6.84 -11.15 -24.27
C ASN B 330 -5.85 -10.11 -24.78
N GLU B 331 -5.57 -10.17 -26.08
CA GLU B 331 -4.75 -9.19 -26.76
C GLU B 331 -5.29 -7.81 -26.46
N LEU B 332 -6.61 -7.70 -26.30
CA LEU B 332 -7.23 -6.47 -25.81
C LEU B 332 -6.65 -6.01 -24.48
N PHE B 333 -6.67 -6.88 -23.48
CA PHE B 333 -6.19 -6.48 -22.18
C PHE B 333 -4.71 -6.22 -22.20
N ALA B 334 -3.99 -7.05 -22.94
CA ALA B 334 -2.54 -6.91 -23.11
C ALA B 334 -2.15 -5.51 -23.60
N LEU B 335 -3.00 -4.89 -24.39
CA LEU B 335 -2.76 -3.53 -24.86
C LEU B 335 -2.98 -2.44 -23.78
N ARG B 336 -3.57 -2.84 -22.64
CA ARG B 336 -3.72 -1.97 -21.50
C ARG B 336 -4.43 -0.64 -21.85
N PRO B 337 -5.73 -0.68 -22.18
CA PRO B 337 -6.43 0.59 -22.49
C PRO B 337 -7.08 1.30 -21.28
N ALA B 338 -7.30 0.55 -20.19
CA ALA B 338 -7.85 1.08 -18.95
C ALA B 338 -6.76 1.02 -17.91
N PRO B 339 -6.78 1.96 -16.94
CA PRO B 339 -5.82 1.98 -15.85
C PRO B 339 -5.94 0.77 -14.97
N ILE B 340 -7.14 0.25 -14.79
CA ILE B 340 -7.37 -0.89 -13.93
C ILE B 340 -8.02 -2.00 -14.73
N GLN B 341 -7.50 -3.21 -14.60
CA GLN B 341 -8.04 -4.32 -15.33
C GLN B 341 -8.22 -5.53 -14.41
N ALA B 342 -9.46 -5.95 -14.25
CA ALA B 342 -9.74 -7.02 -13.33
C ALA B 342 -10.28 -8.26 -14.01
N MET B 343 -9.91 -9.43 -13.49
CA MET B 343 -10.55 -10.71 -13.81
C MET B 343 -11.82 -10.89 -12.98
N TRP B 344 -12.88 -11.46 -13.57
CA TRP B 344 -14.11 -11.61 -12.83
C TRP B 344 -15.03 -12.72 -13.31
N LEU B 345 -15.36 -13.63 -12.40
CA LEU B 345 -16.49 -14.58 -12.56
C LEU B 345 -16.34 -15.65 -13.65
N GLY B 346 -15.97 -15.22 -14.85
CA GLY B 346 -15.86 -16.11 -16.01
C GLY B 346 -14.85 -17.24 -15.91
N TYR B 347 -13.60 -16.89 -15.62
CA TYR B 347 -12.52 -17.87 -15.56
C TYR B 347 -12.11 -18.16 -14.10
N PRO B 348 -12.04 -19.45 -13.74
CA PRO B 348 -11.77 -19.94 -12.40
C PRO B 348 -10.29 -20.32 -12.17
N GLY B 349 -9.44 -19.32 -12.20
CA GLY B 349 -8.01 -19.53 -12.12
C GLY B 349 -7.30 -18.22 -12.37
N THR B 350 -6.01 -18.20 -12.10
CA THR B 350 -5.22 -16.99 -12.30
C THR B 350 -4.95 -16.84 -13.78
N SER B 351 -4.80 -15.59 -14.17
CA SER B 351 -4.47 -15.26 -15.54
C SER B 351 -2.99 -15.48 -15.76
N GLY B 352 -2.22 -15.41 -14.67
CA GLY B 352 -0.75 -15.49 -14.71
C GLY B 352 -0.05 -14.34 -15.45
N ALA B 353 -0.81 -13.30 -15.78
CA ALA B 353 -0.32 -12.28 -16.68
C ALA B 353 -0.10 -10.93 -16.01
N LEU B 354 0.87 -10.20 -16.57
CA LEU B 354 1.25 -8.90 -16.06
C LEU B 354 0.16 -7.86 -16.27
N PHE B 355 -0.50 -7.90 -17.42
CA PHE B 355 -1.54 -6.90 -17.72
C PHE B 355 -2.88 -7.05 -16.97
N MET B 356 -2.99 -8.04 -16.09
CA MET B 356 -4.17 -8.17 -15.24
C MET B 356 -3.85 -7.78 -13.81
N ASP B 357 -4.49 -6.72 -13.33
CA ASP B 357 -4.23 -6.14 -12.02
C ASP B 357 -4.93 -6.88 -10.90
N TYR B 358 -6.24 -7.08 -11.01
CA TYR B 358 -6.94 -7.76 -9.93
C TYR B 358 -7.69 -9.00 -10.38
N ILE B 359 -7.83 -9.93 -9.48
CA ILE B 359 -8.78 -11.01 -9.56
C ILE B 359 -9.88 -10.79 -8.51
N ILE B 360 -11.14 -10.91 -8.92
CA ILE B 360 -12.24 -10.69 -8.00
C ILE B 360 -12.67 -12.02 -7.44
N THR B 361 -12.62 -12.12 -6.11
CA THR B 361 -12.91 -13.35 -5.39
C THR B 361 -13.34 -12.99 -3.96
N ASP B 362 -13.13 -13.90 -3.01
CA ASP B 362 -13.40 -13.66 -1.60
C ASP B 362 -12.43 -14.47 -0.73
N GLN B 363 -12.64 -14.39 0.58
CA GLN B 363 -11.74 -15.03 1.53
C GLN B 363 -11.92 -16.54 1.57
N GLU B 364 -13.13 -17.04 1.34
CA GLU B 364 -13.36 -18.46 1.37
C GLU B 364 -12.75 -19.14 0.17
N THR B 365 -12.75 -18.45 -0.97
CA THR B 365 -12.28 -19.08 -2.19
C THR B 365 -10.79 -18.90 -2.30
N SER B 366 -10.31 -17.71 -1.98
CA SER B 366 -8.88 -17.44 -2.08
C SER B 366 -8.34 -16.86 -0.78
N PRO B 367 -8.25 -17.68 0.26
CA PRO B 367 -7.76 -17.13 1.52
C PRO B 367 -6.30 -16.69 1.36
N ALA B 368 -5.88 -15.78 2.23
CA ALA B 368 -4.67 -15.02 2.01
C ALA B 368 -3.44 -15.91 2.02
N GLU B 369 -3.54 -17.02 2.76
CA GLU B 369 -2.49 -18.04 2.78
C GLU B 369 -2.01 -18.31 1.37
N VAL B 370 -2.96 -18.40 0.47
CA VAL B 370 -2.69 -18.91 -0.86
C VAL B 370 -2.73 -17.80 -1.90
N ALA B 371 -2.39 -16.60 -1.46
CA ALA B 371 -2.33 -15.46 -2.38
C ALA B 371 -1.20 -15.62 -3.39
N GLU B 372 -0.30 -16.52 -3.06
CA GLU B 372 0.87 -16.80 -3.86
C GLU B 372 0.50 -17.67 -5.08
N GLN B 373 -0.74 -18.17 -5.11
CA GLN B 373 -1.24 -18.93 -6.25
C GLN B 373 -1.55 -18.04 -7.44
N TYR B 374 -1.95 -16.80 -7.17
CA TYR B 374 -2.38 -15.84 -8.21
C TYR B 374 -1.29 -14.87 -8.57
N SER B 375 -1.31 -14.37 -9.80
CA SER B 375 -0.34 -13.34 -10.17
C SER B 375 -0.91 -11.94 -9.97
N GLU B 376 -2.24 -11.84 -9.89
CA GLU B 376 -2.91 -10.57 -9.65
C GLU B 376 -3.11 -10.37 -8.15
N LYS B 377 -3.35 -9.12 -7.75
CA LYS B 377 -3.70 -8.81 -6.38
C LYS B 377 -5.13 -9.21 -6.19
N LEU B 378 -5.48 -9.69 -4.99
CA LEU B 378 -6.84 -10.14 -4.68
C LEU B 378 -7.77 -8.97 -4.40
N ALA B 379 -8.99 -9.06 -4.89
CA ALA B 379 -9.98 -8.13 -4.47
C ALA B 379 -11.13 -8.97 -3.91
N TYR B 380 -11.47 -8.77 -2.64
CA TYR B 380 -12.46 -9.63 -1.98
C TYR B 380 -13.85 -9.02 -2.07
N MET B 381 -14.83 -9.86 -2.38
CA MET B 381 -16.22 -9.56 -2.10
C MET B 381 -16.50 -10.01 -0.65
N PRO B 382 -17.43 -9.34 0.02
CA PRO B 382 -17.68 -9.65 1.41
C PRO B 382 -18.27 -11.02 1.72
N HIS B 383 -18.84 -11.72 0.74
CA HIS B 383 -19.47 -13.02 1.02
C HIS B 383 -18.95 -14.10 0.10
N THR B 384 -19.44 -14.11 -1.14
CA THR B 384 -18.82 -14.89 -2.22
C THR B 384 -18.73 -14.04 -3.49
N PHE B 385 -17.83 -14.41 -4.38
CA PHE B 385 -17.70 -13.65 -5.61
C PHE B 385 -18.64 -14.24 -6.65
N PHE B 386 -19.18 -15.42 -6.37
CA PHE B 386 -20.13 -16.01 -7.27
C PHE B 386 -21.53 -15.40 -7.12
N ILE B 387 -22.39 -15.62 -8.12
CA ILE B 387 -23.74 -15.01 -8.17
C ILE B 387 -24.58 -15.66 -9.24
N GLY B 388 -25.89 -15.61 -9.11
CA GLY B 388 -26.78 -16.33 -10.02
C GLY B 388 -28.07 -15.60 -10.30
N ASP B 389 -28.58 -15.76 -11.52
CA ASP B 389 -29.78 -15.01 -11.89
C ASP B 389 -31.05 -15.72 -11.51
N HIS B 390 -30.89 -16.93 -11.01
CA HIS B 390 -32.00 -17.83 -10.67
C HIS B 390 -33.24 -17.19 -10.16
N ALA B 391 -33.09 -16.18 -9.30
CA ALA B 391 -34.21 -15.45 -8.73
C ALA B 391 -35.08 -14.75 -9.79
N ASN B 392 -34.43 -14.11 -10.74
CA ASN B 392 -35.08 -13.52 -11.89
C ASN B 392 -35.41 -14.56 -12.98
N MET B 393 -34.48 -15.47 -13.28
CA MET B 393 -34.64 -16.45 -14.34
C MET B 393 -35.64 -17.53 -14.04
N PHE B 394 -35.73 -17.96 -12.78
CA PHE B 394 -36.61 -19.07 -12.34
C PHE B 394 -37.56 -18.78 -11.15
N PRO B 395 -38.39 -17.74 -11.24
CA PRO B 395 -39.23 -17.42 -10.08
C PRO B 395 -40.27 -18.50 -9.78
N HIS B 396 -40.57 -19.36 -10.74
CA HIS B 396 -41.54 -20.40 -10.48
C HIS B 396 -41.08 -21.45 -9.50
N LEU B 397 -39.81 -21.37 -9.10
CA LEU B 397 -39.26 -22.36 -8.16
C LEU B 397 -39.20 -21.87 -6.70
N LYS B 398 -39.55 -20.60 -6.48
CA LYS B 398 -39.65 -20.04 -5.13
C LYS B 398 -40.54 -20.90 -4.24
N LYS B 399 -41.67 -21.36 -4.81
CA LYS B 399 -42.63 -22.21 -4.08
C LYS B 399 -42.84 -23.54 -4.79
N LYS B 400 -43.29 -24.54 -4.04
CA LYS B 400 -43.64 -25.85 -4.60
C LYS B 400 -44.84 -26.46 -3.85
N ALA B 401 -45.45 -27.45 -4.47
CA ALA B 401 -46.55 -28.20 -3.88
C ALA B 401 -46.37 -29.64 -4.28
N VAL B 402 -46.83 -30.56 -3.44
CA VAL B 402 -46.55 -31.96 -3.70
C VAL B 402 -47.80 -32.81 -3.68
N ILE B 403 -47.74 -33.94 -4.37
CA ILE B 403 -48.79 -34.93 -4.31
C ILE B 403 -48.38 -36.08 -3.37
N ASP B 404 -49.31 -36.47 -2.52
CA ASP B 404 -49.15 -37.60 -1.63
C ASP B 404 -49.85 -38.81 -2.25
N PHE B 405 -49.06 -39.81 -2.65
CA PHE B 405 -49.57 -40.91 -3.46
C PHE B 405 -49.59 -42.29 -2.77
N LYS B 406 -49.97 -42.32 -1.50
CA LYS B 406 -50.01 -43.58 -0.74
C LYS B 406 -51.37 -43.86 -0.10
N ILE B 411 -44.93 -38.21 4.43
CA ILE B 411 -45.09 -37.09 3.52
C ILE B 411 -43.73 -36.68 2.95
N TYR B 412 -43.50 -37.02 1.68
CA TYR B 412 -42.25 -36.71 1.01
C TYR B 412 -42.35 -35.40 0.24
N ASP B 413 -41.26 -34.64 0.27
CA ASP B 413 -41.20 -33.35 -0.40
C ASP B 413 -40.65 -33.43 -1.81
N ASN B 414 -40.22 -34.61 -2.25
CA ASN B 414 -39.49 -34.68 -3.50
C ASN B 414 -39.80 -35.88 -4.38
N ARG B 415 -41.06 -36.28 -4.40
CA ARG B 415 -41.44 -37.48 -5.14
C ARG B 415 -42.27 -37.15 -6.37
N ILE B 416 -43.28 -36.30 -6.16
CA ILE B 416 -44.09 -35.69 -7.21
C ILE B 416 -44.22 -34.23 -6.85
N VAL B 417 -43.69 -33.36 -7.72
CA VAL B 417 -43.64 -31.95 -7.40
C VAL B 417 -44.36 -31.12 -8.43
N LEU B 418 -44.89 -29.99 -7.96
CA LEU B 418 -45.62 -29.05 -8.79
C LEU B 418 -45.10 -27.64 -8.56
N ASN B 419 -44.72 -26.95 -9.64
CA ASN B 419 -44.35 -25.54 -9.54
C ASN B 419 -45.08 -24.79 -10.60
N GLY B 420 -45.22 -23.49 -10.39
CA GLY B 420 -45.77 -22.63 -11.41
C GLY B 420 -46.11 -21.29 -10.82
N ILE B 421 -46.09 -20.25 -11.65
CA ILE B 421 -46.42 -18.92 -11.19
C ILE B 421 -47.80 -18.87 -10.51
N ASP B 422 -48.79 -19.56 -11.11
CA ASP B 422 -50.20 -19.53 -10.69
C ASP B 422 -50.62 -20.77 -9.92
N LEU B 423 -49.63 -21.41 -9.30
CA LEU B 423 -49.84 -22.64 -8.54
C LEU B 423 -50.84 -22.42 -7.40
N LYS B 424 -50.66 -21.29 -6.71
CA LYS B 424 -51.51 -20.96 -5.56
C LYS B 424 -53.00 -20.94 -5.93
N ALA B 425 -53.34 -20.18 -6.96
CA ALA B 425 -54.72 -20.07 -7.41
C ALA B 425 -55.32 -21.43 -7.82
N PHE B 426 -54.48 -22.32 -8.32
CA PHE B 426 -54.91 -23.65 -8.70
C PHE B 426 -55.20 -24.49 -7.46
N LEU B 427 -54.32 -24.39 -6.47
CA LEU B 427 -54.55 -25.08 -5.20
C LEU B 427 -55.84 -24.63 -4.55
N ASP B 428 -56.15 -23.36 -4.70
CA ASP B 428 -57.38 -22.80 -4.13
C ASP B 428 -58.62 -23.35 -4.81
N SER B 429 -58.49 -23.78 -6.06
CA SER B 429 -59.61 -24.36 -6.79
C SER B 429 -59.92 -25.73 -6.23
N LEU B 430 -58.92 -26.35 -5.59
CA LEU B 430 -58.98 -27.73 -5.10
C LEU B 430 -59.59 -27.86 -3.72
N PRO B 431 -60.35 -28.96 -3.50
CA PRO B 431 -61.18 -29.08 -2.31
C PRO B 431 -60.45 -29.47 -1.02
N ASP B 432 -59.39 -30.28 -1.12
CA ASP B 432 -58.85 -31.00 0.06
C ASP B 432 -57.36 -30.83 0.43
N VAL B 433 -56.74 -29.78 -0.09
CA VAL B 433 -55.32 -29.50 0.13
C VAL B 433 -54.95 -29.44 1.62
N LYS B 434 -53.79 -30.00 1.99
CA LYS B 434 -53.30 -29.99 3.37
C LYS B 434 -52.01 -29.21 3.45
N ILE B 435 -51.84 -28.41 4.49
CA ILE B 435 -50.73 -27.44 4.52
C ILE B 435 -49.62 -27.72 5.57
N VAL B 436 -48.65 -28.55 5.22
CA VAL B 436 -47.47 -28.84 6.04
C VAL B 436 -46.62 -27.58 6.31
N LYS B 437 -46.09 -27.44 7.53
CA LYS B 437 -45.24 -26.29 7.87
C LYS B 437 -43.76 -26.65 7.89
N MET B 438 -42.92 -25.67 7.58
CA MET B 438 -41.47 -25.89 7.49
C MET B 438 -40.73 -25.23 8.65
N LEU B 454 -41.09 -21.09 4.07
CA LEU B 454 -42.53 -20.87 4.11
C LEU B 454 -43.33 -22.04 4.72
N ASN B 455 -43.73 -23.00 3.86
CA ASN B 455 -44.64 -24.11 4.15
C ASN B 455 -45.03 -24.81 2.84
N MET B 456 -45.44 -26.07 2.90
CA MET B 456 -45.63 -26.83 1.67
C MET B 456 -47.01 -27.48 1.50
N PRO B 457 -47.82 -26.97 0.56
CA PRO B 457 -49.13 -27.53 0.17
C PRO B 457 -49.05 -28.95 -0.35
N VAL B 458 -49.98 -29.81 0.10
CA VAL B 458 -50.00 -31.22 -0.27
C VAL B 458 -51.34 -31.70 -0.81
N ILE B 459 -51.37 -32.11 -2.07
CA ILE B 459 -52.60 -32.62 -2.64
C ILE B 459 -52.73 -34.07 -2.26
N PRO B 460 -53.92 -34.50 -1.80
CA PRO B 460 -54.24 -35.90 -1.46
C PRO B 460 -54.62 -36.72 -2.69
N MET B 461 -54.41 -38.03 -2.62
CA MET B 461 -54.63 -38.95 -3.74
C MET B 461 -56.09 -39.06 -4.25
N ASN B 462 -56.57 -38.05 -4.97
CA ASN B 462 -57.93 -38.04 -5.51
C ASN B 462 -57.98 -38.17 -7.02
N THR B 463 -59.15 -37.98 -7.62
CA THR B 463 -59.30 -38.08 -9.09
C THR B 463 -58.34 -37.15 -9.76
N ILE B 464 -58.29 -35.93 -9.24
CA ILE B 464 -57.31 -34.93 -9.64
C ILE B 464 -55.87 -35.47 -9.59
N ALA B 465 -55.39 -35.82 -8.41
CA ALA B 465 -54.07 -36.39 -8.32
C ALA B 465 -53.89 -37.50 -9.37
N GLU B 466 -54.91 -38.35 -9.54
CA GLU B 466 -54.86 -39.50 -10.46
C GLU B 466 -54.76 -39.11 -11.93
N ALA B 467 -55.51 -38.09 -12.33
CA ALA B 467 -55.41 -37.56 -13.70
C ALA B 467 -53.98 -37.15 -13.96
N VAL B 468 -53.43 -36.34 -13.05
CA VAL B 468 -52.07 -35.83 -13.18
C VAL B 468 -51.08 -36.96 -13.32
N ILE B 469 -51.14 -37.95 -12.43
CA ILE B 469 -50.20 -39.04 -12.49
C ILE B 469 -50.40 -39.88 -13.77
N GLU B 470 -51.64 -40.00 -14.24
CA GLU B 470 -51.87 -40.71 -15.48
C GLU B 470 -51.24 -40.01 -16.68
N MET B 471 -51.29 -38.67 -16.66
CA MET B 471 -50.63 -37.86 -17.70
C MET B 471 -49.17 -38.25 -17.79
N ILE B 472 -48.52 -38.25 -16.62
CA ILE B 472 -47.11 -38.60 -16.48
C ILE B 472 -46.85 -40.00 -17.00
N ASN B 473 -47.73 -40.93 -16.65
CA ASN B 473 -47.61 -42.34 -17.02
C ASN B 473 -47.78 -42.63 -18.48
N ARG B 474 -48.79 -42.03 -19.08
CA ARG B 474 -48.99 -42.20 -20.51
C ARG B 474 -48.00 -41.31 -21.31
N GLY B 475 -47.25 -40.47 -20.62
CA GLY B 475 -46.28 -39.56 -21.26
C GLY B 475 -46.95 -38.55 -22.18
N GLN B 476 -48.05 -37.96 -21.72
CA GLN B 476 -48.75 -36.98 -22.53
C GLN B 476 -48.21 -35.62 -22.21
N ILE B 477 -48.27 -34.71 -23.19
CA ILE B 477 -47.68 -33.36 -23.07
C ILE B 477 -48.30 -32.55 -21.95
N GLN B 478 -49.64 -32.42 -21.95
CA GLN B 478 -50.36 -31.58 -20.99
C GLN B 478 -51.81 -32.00 -20.80
N ILE B 479 -52.41 -31.57 -19.69
CA ILE B 479 -53.84 -31.72 -19.47
C ILE B 479 -54.39 -30.41 -18.97
N THR B 480 -55.69 -30.41 -18.65
CA THR B 480 -56.38 -29.25 -18.06
C THR B 480 -57.20 -29.61 -16.82
N ILE B 481 -57.00 -28.88 -15.73
CA ILE B 481 -57.77 -29.11 -14.51
C ILE B 481 -58.37 -27.79 -13.98
N ASN B 482 -59.69 -27.78 -13.83
CA ASN B 482 -60.39 -26.58 -13.38
C ASN B 482 -59.99 -25.37 -14.21
N GLY B 483 -59.55 -25.65 -15.42
CA GLY B 483 -59.18 -24.60 -16.34
C GLY B 483 -57.71 -24.29 -16.37
N PHE B 484 -56.95 -24.81 -15.40
CA PHE B 484 -55.51 -24.53 -15.37
C PHE B 484 -54.78 -25.52 -16.24
N SER B 485 -53.75 -25.06 -16.95
CA SER B 485 -52.94 -25.97 -17.77
C SER B 485 -51.97 -26.69 -16.86
N ILE B 486 -51.96 -28.01 -16.92
CA ILE B 486 -50.98 -28.77 -16.18
C ILE B 486 -50.06 -29.41 -17.18
N SER B 487 -48.78 -29.12 -17.04
CA SER B 487 -47.80 -29.54 -18.04
C SER B 487 -46.80 -30.59 -17.56
N ASN B 488 -46.65 -31.63 -18.39
CA ASN B 488 -45.60 -32.63 -18.21
C ASN B 488 -44.23 -31.94 -18.25
N GLY B 489 -43.49 -32.11 -17.17
CA GLY B 489 -42.17 -31.48 -17.06
C GLY B 489 -41.06 -32.18 -17.82
N LEU B 490 -41.43 -32.76 -18.96
CA LEU B 490 -40.50 -33.43 -19.83
C LEU B 490 -40.72 -32.95 -21.23
N ALA B 491 -41.76 -32.13 -21.39
CA ALA B 491 -42.25 -31.75 -22.70
C ALA B 491 -42.22 -30.25 -22.92
N THR B 492 -41.62 -29.52 -21.97
CA THR B 492 -41.60 -28.05 -21.99
C THR B 492 -41.07 -27.47 -23.31
N THR B 493 -40.02 -28.05 -23.89
CA THR B 493 -39.53 -27.50 -25.15
C THR B 493 -40.62 -27.54 -26.22
N GLN B 494 -41.62 -28.41 -26.05
CA GLN B 494 -42.72 -28.51 -27.01
C GLN B 494 -43.81 -27.53 -26.67
N ILE B 495 -44.11 -27.39 -25.40
CA ILE B 495 -45.12 -26.45 -24.98
C ILE B 495 -44.66 -25.02 -25.16
N ASN B 496 -43.44 -24.71 -24.76
CA ASN B 496 -42.90 -23.37 -24.90
C ASN B 496 -41.37 -23.37 -24.96
N ASN B 497 -40.80 -23.49 -26.15
CA ASN B 497 -39.33 -23.44 -26.35
C ASN B 497 -38.54 -22.42 -25.51
N LYS B 498 -39.00 -21.17 -25.49
CA LYS B 498 -38.32 -20.09 -24.76
C LYS B 498 -38.26 -20.29 -23.24
N ALA B 499 -39.36 -20.78 -22.65
CA ALA B 499 -39.41 -21.08 -21.23
C ALA B 499 -38.48 -22.24 -20.82
N ALA B 500 -38.28 -23.20 -21.73
CA ALA B 500 -37.38 -24.32 -21.48
C ALA B 500 -35.90 -23.92 -21.46
N THR B 501 -35.53 -22.92 -22.26
CA THR B 501 -34.13 -22.43 -22.28
C THR B 501 -33.75 -21.50 -21.11
N GLY B 502 -34.75 -20.93 -20.43
CA GLY B 502 -34.53 -19.93 -19.38
C GLY B 502 -34.78 -18.50 -19.82
N GLU B 503 -35.07 -18.29 -21.10
CA GLU B 503 -35.32 -16.96 -21.66
C GLU B 503 -36.68 -16.36 -21.25
N GLU B 504 -37.69 -17.21 -21.08
CA GLU B 504 -38.99 -16.81 -20.57
C GLU B 504 -39.33 -17.50 -19.28
N VAL B 505 -40.25 -16.93 -18.54
CA VAL B 505 -40.72 -17.61 -17.35
C VAL B 505 -41.91 -18.41 -17.79
N PRO B 506 -41.97 -19.69 -17.36
CA PRO B 506 -43.05 -20.59 -17.77
C PRO B 506 -44.41 -20.06 -17.35
N ARG B 507 -45.38 -20.13 -18.26
CA ARG B 507 -46.72 -19.61 -18.00
C ARG B 507 -47.73 -20.65 -17.54
N THR B 508 -47.27 -21.85 -17.20
CA THR B 508 -48.19 -22.90 -16.77
C THR B 508 -47.68 -23.48 -15.48
N ILE B 509 -48.35 -24.54 -15.01
CA ILE B 509 -47.92 -25.32 -13.87
C ILE B 509 -47.24 -26.57 -14.36
N ILE B 510 -46.07 -26.91 -13.80
CA ILE B 510 -45.29 -28.04 -14.31
C ILE B 510 -45.12 -29.14 -13.29
N VAL B 511 -45.45 -30.36 -13.69
CA VAL B 511 -45.29 -31.55 -12.85
C VAL B 511 -43.95 -32.24 -13.09
N THR B 512 -43.23 -32.50 -12.02
CA THR B 512 -41.92 -33.16 -12.07
C THR B 512 -41.96 -34.33 -11.09
N THR B 513 -41.48 -35.50 -11.52
CA THR B 513 -41.60 -36.70 -10.70
C THR B 513 -40.43 -37.64 -10.84
N ARG B 514 -40.25 -38.53 -9.86
CA ARG B 514 -39.13 -39.43 -9.89
C ARG B 514 -39.29 -40.50 -10.96
N SER B 515 -40.54 -40.89 -11.19
CA SER B 515 -40.85 -41.89 -12.20
C SER B 515 -40.52 -41.45 -13.63
N GLN B 516 -40.62 -40.14 -13.89
CA GLN B 516 -40.15 -39.54 -15.16
C GLN B 516 -38.69 -39.87 -15.50
N TYR B 517 -37.80 -39.96 -14.50
CA TYR B 517 -36.37 -40.23 -14.73
C TYR B 517 -35.94 -41.59 -14.18
N GLY B 518 -36.91 -42.45 -13.92
CA GLY B 518 -36.66 -43.82 -13.43
C GLY B 518 -35.92 -43.88 -12.10
N LEU B 519 -36.12 -42.84 -11.31
CA LEU B 519 -35.63 -42.87 -9.96
C LEU B 519 -36.63 -43.61 -9.12
N PRO B 520 -36.12 -44.37 -8.13
CA PRO B 520 -36.93 -45.18 -7.22
C PRO B 520 -37.63 -44.32 -6.22
N GLU B 521 -38.95 -44.50 -6.11
CA GLU B 521 -39.80 -43.58 -5.36
C GLU B 521 -39.37 -43.43 -3.90
N ASP B 522 -38.86 -44.52 -3.29
CA ASP B 522 -38.55 -44.56 -1.85
C ASP B 522 -37.04 -44.69 -1.58
N ALA B 523 -36.26 -43.94 -2.34
CA ALA B 523 -34.82 -44.01 -2.22
C ALA B 523 -34.22 -42.74 -1.65
N ILE B 524 -32.95 -42.83 -1.25
CA ILE B 524 -32.13 -41.63 -1.02
C ILE B 524 -31.32 -41.34 -2.28
N VAL B 525 -31.64 -40.24 -2.95
CA VAL B 525 -31.00 -39.94 -4.22
C VAL B 525 -29.89 -38.93 -4.03
N TYR B 526 -28.66 -39.37 -4.23
CA TYR B 526 -27.54 -38.47 -4.24
C TYR B 526 -27.32 -38.11 -5.69
N CYS B 527 -27.23 -36.82 -6.01
CA CYS B 527 -27.05 -36.43 -7.40
C CYS B 527 -25.73 -35.72 -7.58
N ASN B 528 -25.18 -35.77 -8.79
CA ASN B 528 -24.21 -34.79 -9.22
C ASN B 528 -24.40 -34.55 -10.72
N PHE B 529 -24.70 -33.31 -11.08
CA PHE B 529 -25.09 -32.98 -12.46
C PHE B 529 -23.98 -32.35 -13.27
N ASN B 530 -22.74 -32.47 -12.81
CA ASN B 530 -21.64 -31.85 -13.54
C ASN B 530 -21.23 -32.69 -14.74
N GLN B 531 -20.51 -32.07 -15.68
CA GLN B 531 -19.83 -32.83 -16.73
C GLN B 531 -18.93 -33.89 -16.10
N LEU B 532 -18.80 -35.05 -16.73
CA LEU B 532 -18.19 -36.17 -16.05
C LEU B 532 -16.70 -35.98 -15.83
N TYR B 533 -16.07 -35.08 -16.60
CA TYR B 533 -14.63 -34.90 -16.47
C TYR B 533 -14.24 -34.49 -15.05
N LYS B 534 -15.17 -33.91 -14.30
CA LYS B 534 -14.89 -33.51 -12.93
C LYS B 534 -14.69 -34.67 -11.94
N ILE B 535 -15.12 -35.86 -12.32
CA ILE B 535 -14.91 -37.03 -11.47
C ILE B 535 -13.53 -37.68 -11.73
N ASP B 536 -12.86 -38.06 -10.65
CA ASP B 536 -11.70 -38.94 -10.71
C ASP B 536 -11.87 -40.18 -9.81
N PRO B 537 -11.01 -41.21 -9.98
CA PRO B 537 -11.13 -42.48 -9.25
C PRO B 537 -11.32 -42.36 -7.73
N SER B 538 -10.66 -41.38 -7.10
CA SER B 538 -10.92 -41.02 -5.70
C SER B 538 -12.35 -40.58 -5.49
N THR B 539 -12.76 -39.55 -6.23
CA THR B 539 -14.06 -39.02 -6.06
C THR B 539 -15.06 -40.14 -6.13
N LEU B 540 -14.88 -41.05 -7.08
CA LEU B 540 -15.83 -42.13 -7.23
C LEU B 540 -15.82 -43.12 -6.07
N GLN B 541 -14.62 -43.51 -5.63
CA GLN B 541 -14.46 -44.32 -4.42
C GLN B 541 -15.30 -43.83 -3.23
N MET B 542 -15.16 -42.56 -2.88
CA MET B 542 -15.92 -41.96 -1.80
C MET B 542 -17.40 -42.26 -1.94
N TRP B 543 -17.95 -42.05 -3.14
CA TRP B 543 -19.38 -42.22 -3.40
C TRP B 543 -19.77 -43.65 -3.23
N ALA B 544 -18.97 -44.53 -3.82
CA ALA B 544 -19.11 -45.96 -3.60
C ALA B 544 -19.25 -46.29 -2.12
N ASN B 545 -18.35 -45.77 -1.27
CA ASN B 545 -18.42 -45.96 0.20
C ASN B 545 -19.74 -45.50 0.76
N ILE B 546 -20.07 -44.26 0.44
CA ILE B 546 -21.30 -43.64 0.88
C ILE B 546 -22.47 -44.54 0.51
N LEU B 547 -22.57 -44.89 -0.76
CA LEU B 547 -23.65 -45.74 -1.21
C LEU B 547 -23.72 -47.06 -0.45
N LYS B 548 -22.57 -47.64 -0.12
CA LYS B 548 -22.54 -48.88 0.64
C LYS B 548 -23.11 -48.70 2.06
N ARG B 549 -22.78 -47.58 2.67
CA ARG B 549 -23.23 -47.32 4.02
C ARG B 549 -24.69 -46.88 4.10
N VAL B 550 -25.31 -46.57 2.97
CA VAL B 550 -26.70 -46.13 3.01
C VAL B 550 -27.51 -46.99 2.06
N PRO B 551 -28.24 -47.97 2.63
CA PRO B 551 -28.80 -49.10 1.87
C PRO B 551 -29.86 -48.73 0.83
N ASN B 552 -30.66 -47.71 1.12
CA ASN B 552 -31.71 -47.33 0.18
C ASN B 552 -31.31 -46.31 -0.87
N SER B 553 -30.03 -46.26 -1.20
CA SER B 553 -29.55 -45.12 -1.94
C SER B 553 -29.28 -45.45 -3.41
N VAL B 554 -29.28 -44.38 -4.22
CA VAL B 554 -28.89 -44.39 -5.64
C VAL B 554 -28.11 -43.11 -5.92
N LEU B 555 -27.19 -43.18 -6.87
CA LEU B 555 -26.46 -42.02 -7.33
C LEU B 555 -26.98 -41.60 -8.68
N TRP B 556 -27.23 -40.32 -8.84
CA TRP B 556 -27.83 -39.80 -10.05
C TRP B 556 -26.84 -38.97 -10.83
N LEU B 557 -26.52 -39.43 -12.03
CA LEU B 557 -25.50 -38.77 -12.82
C LEU B 557 -26.01 -38.46 -14.19
N LEU B 558 -25.21 -37.72 -14.96
CA LEU B 558 -25.61 -37.32 -16.31
C LEU B 558 -24.77 -37.91 -17.43
N ARG B 559 -25.41 -38.31 -18.52
CA ARG B 559 -24.70 -38.70 -19.74
C ARG B 559 -24.06 -37.45 -20.37
N PHE B 560 -22.89 -37.09 -19.89
CA PHE B 560 -22.30 -35.82 -20.18
C PHE B 560 -20.79 -35.99 -20.29
N PRO B 561 -20.30 -36.65 -21.38
CA PRO B 561 -21.02 -37.23 -22.52
C PRO B 561 -21.46 -38.70 -22.30
N ALA B 562 -22.37 -39.19 -23.14
CA ALA B 562 -22.92 -40.55 -23.00
C ALA B 562 -21.86 -41.64 -23.02
N VAL B 563 -20.77 -41.41 -23.76
CA VAL B 563 -19.66 -42.36 -23.86
C VAL B 563 -18.97 -42.52 -22.51
N GLY B 564 -19.15 -41.52 -21.64
CA GLY B 564 -18.67 -41.60 -20.27
C GLY B 564 -19.37 -42.66 -19.44
N GLU B 565 -20.66 -42.87 -19.69
CA GLU B 565 -21.46 -43.77 -18.85
C GLU B 565 -20.86 -45.17 -18.64
N PRO B 566 -20.65 -45.97 -19.71
CA PRO B 566 -20.11 -47.34 -19.52
C PRO B 566 -18.88 -47.39 -18.60
N ASN B 567 -17.92 -46.50 -18.83
CA ASN B 567 -16.75 -46.40 -17.97
C ASN B 567 -17.09 -46.29 -16.49
N ILE B 568 -17.95 -45.35 -16.13
CA ILE B 568 -18.28 -45.24 -14.74
C ILE B 568 -18.92 -46.54 -14.28
N GLN B 569 -19.93 -47.02 -15.03
CA GLN B 569 -20.57 -48.32 -14.75
C GLN B 569 -19.52 -49.37 -14.43
N GLN B 570 -18.50 -49.43 -15.28
CA GLN B 570 -17.37 -50.30 -15.08
C GLN B 570 -16.74 -50.11 -13.69
N TYR B 571 -16.05 -48.99 -13.50
CA TYR B 571 -15.33 -48.75 -12.27
C TYR B 571 -16.23 -48.92 -11.06
N ALA B 572 -17.50 -48.56 -11.21
CA ALA B 572 -18.43 -48.64 -10.11
C ALA B 572 -18.62 -50.10 -9.74
N GLN B 573 -18.63 -50.94 -10.76
CA GLN B 573 -18.89 -52.36 -10.60
C GLN B 573 -17.73 -53.03 -9.93
N ASN B 574 -16.53 -52.55 -10.24
CA ASN B 574 -15.31 -53.07 -9.63
C ASN B 574 -15.16 -52.64 -8.19
N MET B 575 -15.76 -51.51 -7.84
CA MET B 575 -15.79 -51.09 -6.45
C MET B 575 -16.92 -51.83 -5.72
N GLY B 576 -17.65 -52.67 -6.43
CA GLY B 576 -18.63 -53.56 -5.83
C GLY B 576 -20.06 -53.04 -5.83
N LEU B 577 -20.40 -52.26 -6.85
CA LEU B 577 -21.76 -51.75 -7.01
C LEU B 577 -22.53 -52.38 -8.17
N PRO B 578 -23.65 -53.07 -7.84
CA PRO B 578 -24.59 -53.50 -8.87
C PRO B 578 -24.95 -52.34 -9.80
N GLN B 579 -25.28 -52.66 -11.04
CA GLN B 579 -25.65 -51.62 -12.01
C GLN B 579 -26.77 -50.68 -11.55
N ASN B 580 -27.85 -51.25 -11.02
CA ASN B 580 -29.03 -50.47 -10.61
C ASN B 580 -28.81 -49.48 -9.44
N ARG B 581 -27.60 -49.43 -8.89
CA ARG B 581 -27.27 -48.44 -7.87
C ARG B 581 -26.95 -47.05 -8.45
N ILE B 582 -26.46 -46.98 -9.68
CA ILE B 582 -26.21 -45.72 -10.30
C ILE B 582 -27.15 -45.50 -11.47
N ILE B 583 -27.80 -44.35 -11.49
CA ILE B 583 -28.74 -44.04 -12.54
C ILE B 583 -28.26 -42.88 -13.37
N PHE B 584 -28.28 -43.04 -14.69
CA PHE B 584 -27.93 -41.96 -15.60
C PHE B 584 -29.14 -41.32 -16.29
N SER B 585 -29.16 -40.00 -16.36
CA SER B 585 -30.21 -39.34 -17.11
C SER B 585 -29.58 -38.59 -18.25
N PRO B 586 -30.36 -38.27 -19.28
CA PRO B 586 -29.79 -37.51 -20.38
C PRO B 586 -29.66 -36.04 -19.98
N VAL B 587 -28.83 -35.31 -20.73
CA VAL B 587 -28.69 -33.86 -20.52
C VAL B 587 -30.02 -33.18 -20.83
N ALA B 588 -30.41 -32.18 -20.05
CA ALA B 588 -31.71 -31.51 -20.24
C ALA B 588 -31.61 -30.00 -20.44
N PRO B 589 -32.65 -29.36 -21.01
CA PRO B 589 -32.54 -27.91 -21.19
C PRO B 589 -32.52 -27.20 -19.85
N LYS B 590 -31.88 -26.03 -19.79
CA LYS B 590 -31.67 -25.35 -18.51
C LYS B 590 -32.83 -25.49 -17.52
N GLU B 591 -34.00 -24.99 -17.87
CA GLU B 591 -35.13 -24.95 -16.95
C GLU B 591 -35.50 -26.33 -16.40
N GLU B 592 -35.60 -27.35 -17.26
CA GLU B 592 -35.84 -28.72 -16.78
C GLU B 592 -34.67 -29.17 -15.93
N HIS B 593 -33.46 -28.90 -16.38
CA HIS B 593 -32.29 -29.23 -15.61
C HIS B 593 -32.37 -28.69 -14.20
N VAL B 594 -32.66 -27.40 -14.03
CA VAL B 594 -32.68 -26.80 -12.69
C VAL B 594 -33.79 -27.37 -11.84
N ARG B 595 -34.97 -27.45 -12.46
CA ARG B 595 -36.21 -27.90 -11.82
C ARG B 595 -36.10 -29.33 -11.25
N ARG B 596 -35.49 -30.26 -11.99
CA ARG B 596 -35.48 -31.63 -11.56
C ARG B 596 -34.48 -31.85 -10.46
N GLY B 597 -33.75 -30.80 -10.07
CA GLY B 597 -32.94 -30.84 -8.85
C GLY B 597 -33.78 -31.09 -7.57
N GLN B 598 -35.05 -30.70 -7.63
CA GLN B 598 -35.98 -30.84 -6.51
C GLN B 598 -36.32 -32.27 -6.16
N LEU B 599 -36.11 -33.20 -7.10
CA LEU B 599 -36.35 -34.62 -6.88
C LEU B 599 -35.23 -35.29 -6.06
N ALA B 600 -34.02 -34.77 -6.18
CA ALA B 600 -32.85 -35.23 -5.40
C ALA B 600 -33.01 -34.99 -3.92
N ASP B 601 -32.29 -35.77 -3.11
CA ASP B 601 -32.26 -35.57 -1.67
C ASP B 601 -31.02 -34.80 -1.20
N VAL B 602 -29.83 -35.19 -1.70
CA VAL B 602 -28.58 -34.48 -1.44
C VAL B 602 -27.70 -34.46 -2.67
N CYS B 603 -27.04 -33.34 -2.91
CA CYS B 603 -26.08 -33.27 -3.99
C CYS B 603 -24.70 -33.57 -3.45
N LEU B 604 -23.96 -34.43 -4.13
CA LEU B 604 -22.59 -34.75 -3.75
C LEU B 604 -21.63 -34.07 -4.68
N ASP B 605 -20.82 -33.19 -4.14
CA ASP B 605 -20.00 -32.37 -5.00
C ASP B 605 -18.65 -33.01 -5.34
N THR B 606 -18.28 -32.91 -6.62
CA THR B 606 -16.94 -33.26 -7.11
C THR B 606 -15.89 -32.33 -6.50
N PRO B 607 -14.92 -32.91 -5.79
CA PRO B 607 -13.93 -32.14 -5.08
C PRO B 607 -12.73 -31.79 -5.93
N LEU B 608 -12.49 -32.56 -6.99
CA LEU B 608 -11.38 -32.22 -7.87
C LEU B 608 -11.60 -30.84 -8.48
N CYS B 609 -12.84 -30.57 -8.85
CA CYS B 609 -13.22 -29.31 -9.41
C CYS B 609 -14.71 -29.19 -9.18
N ASN B 610 -15.09 -28.12 -8.49
CA ASN B 610 -16.44 -27.95 -7.93
C ASN B 610 -17.55 -27.71 -8.94
N GLY B 611 -18.79 -27.90 -8.54
CA GLY B 611 -19.89 -27.45 -9.37
C GLY B 611 -19.98 -25.93 -9.23
N HIS B 612 -19.87 -25.19 -10.32
CA HIS B 612 -19.84 -23.72 -10.19
C HIS B 612 -21.18 -23.15 -10.47
N THR B 613 -21.51 -23.04 -11.76
CA THR B 613 -22.86 -22.68 -12.14
C THR B 613 -23.80 -23.71 -11.52
N THR B 614 -23.43 -24.98 -11.67
CA THR B 614 -24.24 -26.06 -11.17
C THR B 614 -24.48 -25.99 -9.66
N GLY B 615 -23.48 -25.57 -8.90
CA GLY B 615 -23.68 -25.28 -7.47
C GLY B 615 -24.91 -24.40 -7.26
N MET B 616 -24.95 -23.29 -7.99
CA MET B 616 -26.05 -22.37 -7.89
C MET B 616 -27.35 -23.07 -8.18
N ASP B 617 -27.36 -23.79 -9.29
CA ASP B 617 -28.55 -24.48 -9.80
C ASP B 617 -29.21 -25.44 -8.81
N VAL B 618 -28.41 -26.24 -8.12
CA VAL B 618 -28.92 -27.28 -7.19
C VAL B 618 -29.30 -26.68 -5.85
N LEU B 619 -28.62 -25.61 -5.48
CA LEU B 619 -29.02 -24.89 -4.31
C LEU B 619 -30.37 -24.19 -4.52
N TRP B 620 -30.57 -23.63 -5.71
CA TRP B 620 -31.84 -22.98 -6.00
C TRP B 620 -32.99 -23.93 -5.86
N ALA B 621 -32.78 -25.21 -6.14
CA ALA B 621 -33.87 -26.18 -6.05
C ALA B 621 -34.13 -26.55 -4.61
N GLY B 622 -33.25 -26.11 -3.72
CA GLY B 622 -33.43 -26.38 -2.29
C GLY B 622 -32.78 -27.66 -1.85
N THR B 623 -31.78 -28.08 -2.61
CA THR B 623 -31.16 -29.35 -2.42
C THR B 623 -29.80 -29.08 -1.87
N PRO B 624 -29.55 -29.56 -0.65
CA PRO B 624 -28.29 -29.31 0.02
C PRO B 624 -27.17 -30.08 -0.66
N MET B 625 -25.98 -29.51 -0.64
CA MET B 625 -24.86 -30.06 -1.37
C MET B 625 -23.62 -30.20 -0.48
N VAL B 626 -23.12 -31.42 -0.36
CA VAL B 626 -21.93 -31.72 0.41
C VAL B 626 -20.67 -31.38 -0.38
N THR B 627 -19.73 -30.67 0.23
CA THR B 627 -18.47 -30.35 -0.45
C THR B 627 -17.22 -30.61 0.41
N MET B 628 -16.08 -30.85 -0.23
CA MET B 628 -14.83 -30.97 0.47
C MET B 628 -13.82 -30.10 -0.25
N PRO B 629 -13.63 -28.88 0.23
CA PRO B 629 -12.76 -27.86 -0.41
C PRO B 629 -11.26 -28.26 -0.46
N GLY B 630 -10.59 -27.98 -1.59
CA GLY B 630 -9.17 -28.24 -1.76
C GLY B 630 -8.34 -26.95 -1.90
N GLU B 631 -7.26 -27.00 -2.65
CA GLU B 631 -6.34 -25.87 -2.72
C GLU B 631 -6.61 -24.88 -3.87
N THR B 632 -6.85 -25.43 -5.06
CA THR B 632 -7.23 -24.63 -6.24
C THR B 632 -8.57 -23.93 -6.07
N LEU B 633 -8.58 -22.65 -6.43
CA LEU B 633 -9.79 -21.85 -6.49
C LEU B 633 -11.00 -22.68 -6.91
N ALA B 634 -10.90 -23.36 -8.04
CA ALA B 634 -12.01 -24.11 -8.62
C ALA B 634 -12.49 -25.25 -7.76
N SER B 635 -11.63 -25.72 -6.86
CA SER B 635 -12.02 -26.80 -5.97
C SER B 635 -12.58 -26.23 -4.67
N ARG B 636 -12.70 -24.91 -4.60
CA ARG B 636 -13.17 -24.26 -3.38
C ARG B 636 -14.50 -23.51 -3.49
N VAL B 637 -14.95 -23.20 -4.72
CA VAL B 637 -16.18 -22.41 -5.02
C VAL B 637 -17.45 -22.90 -4.32
N ALA B 638 -17.74 -24.18 -4.40
CA ALA B 638 -18.90 -24.74 -3.71
C ALA B 638 -18.93 -24.41 -2.21
N ALA B 639 -17.80 -24.66 -1.54
CA ALA B 639 -17.67 -24.31 -0.13
C ALA B 639 -18.00 -22.82 0.12
N SER B 640 -17.42 -21.96 -0.70
CA SER B 640 -17.64 -20.54 -0.59
C SER B 640 -19.12 -20.21 -0.74
N GLN B 641 -19.80 -20.93 -1.62
CA GLN B 641 -21.22 -20.73 -1.81
C GLN B 641 -21.99 -21.19 -0.56
N LEU B 642 -21.64 -22.34 -0.02
CA LEU B 642 -22.32 -22.84 1.19
C LEU B 642 -22.12 -21.98 2.41
N THR B 643 -20.94 -21.37 2.52
CA THR B 643 -20.64 -20.46 3.61
C THR B 643 -21.54 -19.23 3.59
N CYS B 644 -21.63 -18.58 2.42
CA CYS B 644 -22.52 -17.45 2.19
C CYS B 644 -24.02 -17.76 2.47
N LEU B 645 -24.44 -18.96 2.11
CA LEU B 645 -25.76 -19.45 2.43
C LEU B 645 -25.98 -19.72 3.92
N GLY B 646 -24.91 -20.06 4.63
CA GLY B 646 -24.94 -20.27 6.09
C GLY B 646 -25.10 -21.71 6.51
N CYS B 647 -24.39 -22.61 5.83
CA CYS B 647 -24.50 -24.05 6.10
C CYS B 647 -23.14 -24.73 6.16
N LEU B 648 -22.39 -24.41 7.19
CA LEU B 648 -21.04 -24.91 7.36
C LEU B 648 -21.01 -26.41 7.68
N GLU B 649 -22.11 -26.94 8.20
CA GLU B 649 -22.23 -28.37 8.51
C GLU B 649 -22.28 -29.25 7.26
N LEU B 650 -22.24 -28.60 6.10
CA LEU B 650 -22.21 -29.33 4.86
C LEU B 650 -20.80 -29.31 4.27
N ILE B 651 -19.85 -28.71 4.98
CA ILE B 651 -18.52 -28.53 4.44
C ILE B 651 -17.51 -29.42 5.17
N ALA B 652 -16.93 -30.38 4.43
CA ALA B 652 -16.05 -31.42 5.00
C ALA B 652 -14.58 -31.04 4.98
N LYS B 653 -13.85 -31.40 6.04
CA LYS B 653 -12.41 -31.13 6.12
C LYS B 653 -11.50 -32.23 5.54
N ASN B 654 -12.10 -33.38 5.19
CA ASN B 654 -11.39 -34.46 4.52
C ASN B 654 -12.32 -35.52 3.96
N ARG B 655 -11.79 -36.41 3.11
CA ARG B 655 -12.56 -37.56 2.59
C ARG B 655 -13.43 -38.19 3.67
N GLN B 656 -12.82 -38.46 4.81
CA GLN B 656 -13.51 -39.14 5.88
C GLN B 656 -14.79 -38.41 6.27
N GLU B 657 -14.65 -37.16 6.67
CA GLU B 657 -15.79 -36.36 7.11
C GLU B 657 -16.83 -36.23 6.01
N TYR B 658 -16.39 -36.09 4.76
CA TYR B 658 -17.29 -35.99 3.62
C TYR B 658 -18.22 -37.17 3.66
N GLU B 659 -17.67 -38.37 3.67
CA GLU B 659 -18.50 -39.54 3.69
C GLU B 659 -19.51 -39.51 4.84
N ASP B 660 -19.06 -39.09 6.02
CA ASP B 660 -19.92 -39.13 7.19
C ASP B 660 -21.09 -38.19 7.10
N ILE B 661 -20.83 -36.94 6.67
CA ILE B 661 -21.87 -35.93 6.48
C ILE B 661 -22.93 -36.46 5.52
N ALA B 662 -22.48 -37.06 4.42
CA ALA B 662 -23.38 -37.63 3.43
C ALA B 662 -24.22 -38.75 4.06
N VAL B 663 -23.58 -39.63 4.81
CA VAL B 663 -24.28 -40.77 5.35
C VAL B 663 -25.29 -40.32 6.38
N LYS B 664 -24.86 -39.41 7.25
CA LYS B 664 -25.74 -38.82 8.25
C LYS B 664 -27.03 -38.32 7.59
N LEU B 665 -26.90 -37.61 6.48
CA LEU B 665 -28.05 -37.05 5.79
C LEU B 665 -28.93 -38.14 5.20
N GLY B 666 -28.32 -39.22 4.76
CA GLY B 666 -29.06 -40.28 4.06
C GLY B 666 -29.63 -41.34 4.98
N THR B 667 -29.31 -41.25 6.26
CA THR B 667 -29.86 -42.17 7.25
C THR B 667 -30.79 -41.44 8.24
N ASP B 668 -30.34 -40.30 8.73
CA ASP B 668 -31.10 -39.54 9.71
C ASP B 668 -32.14 -38.62 9.04
N LEU B 669 -33.29 -39.20 8.69
CA LEU B 669 -34.34 -38.49 7.95
C LEU B 669 -34.84 -37.21 8.64
N GLU B 670 -34.76 -37.19 9.96
CA GLU B 670 -35.06 -36.01 10.72
C GLU B 670 -34.06 -34.90 10.43
N TYR B 671 -32.78 -35.26 10.49
CA TYR B 671 -31.70 -34.33 10.27
C TYR B 671 -31.80 -33.87 8.82
N LEU B 672 -32.02 -34.81 7.91
CA LEU B 672 -32.19 -34.47 6.51
C LEU B 672 -33.16 -33.32 6.37
N LYS B 673 -34.38 -33.54 6.87
CA LYS B 673 -35.46 -32.56 6.79
C LYS B 673 -35.07 -31.19 7.38
N LYS B 674 -34.33 -31.22 8.47
CA LYS B 674 -33.86 -29.99 9.07
C LYS B 674 -33.02 -29.21 8.05
N VAL B 675 -31.98 -29.86 7.50
CA VAL B 675 -31.06 -29.25 6.55
C VAL B 675 -31.77 -28.82 5.26
N ARG B 676 -32.47 -29.74 4.62
CA ARG B 676 -33.25 -29.35 3.44
C ARG B 676 -34.08 -28.08 3.67
N GLY B 677 -34.75 -28.00 4.82
CA GLY B 677 -35.57 -26.82 5.12
C GLY B 677 -34.72 -25.57 5.23
N LYS B 678 -33.51 -25.72 5.77
CA LYS B 678 -32.62 -24.60 5.99
C LYS B 678 -32.27 -24.02 4.60
N VAL B 679 -31.65 -24.84 3.75
CA VAL B 679 -31.35 -24.48 2.36
C VAL B 679 -32.53 -23.75 1.72
N TRP B 680 -33.69 -24.39 1.71
CA TRP B 680 -34.88 -23.82 1.11
C TRP B 680 -35.14 -22.43 1.60
N LYS B 681 -35.01 -22.20 2.90
CA LYS B 681 -35.24 -20.87 3.45
C LYS B 681 -34.08 -19.93 3.08
N GLN B 682 -32.86 -20.36 3.35
CA GLN B 682 -31.64 -19.56 3.19
C GLN B 682 -31.33 -19.02 1.77
N ARG B 683 -31.78 -19.75 0.75
CA ARG B 683 -31.51 -19.36 -0.64
C ARG B 683 -32.20 -18.00 -0.92
N ILE B 684 -33.34 -17.77 -0.27
CA ILE B 684 -33.98 -16.47 -0.35
C ILE B 684 -33.35 -15.47 0.60
N SER B 685 -33.31 -15.80 1.90
CA SER B 685 -32.94 -14.85 2.94
C SER B 685 -31.43 -14.54 3.02
N SER B 686 -30.56 -15.45 2.61
CA SER B 686 -29.11 -15.17 2.60
C SER B 686 -28.76 -14.30 1.39
N PRO B 687 -27.52 -13.77 1.33
CA PRO B 687 -27.19 -12.84 0.21
C PRO B 687 -26.85 -13.53 -1.11
N LEU B 688 -26.89 -14.85 -1.13
CA LEU B 688 -26.32 -15.65 -2.22
C LEU B 688 -26.91 -15.36 -3.58
N PHE B 689 -28.25 -15.40 -3.65
CA PHE B 689 -28.98 -15.22 -4.91
C PHE B 689 -29.49 -13.79 -5.04
N ASN B 690 -28.87 -12.86 -4.32
CA ASN B 690 -29.33 -11.49 -4.29
C ASN B 690 -28.49 -10.56 -5.17
N THR B 691 -28.94 -10.42 -6.40
CA THR B 691 -28.17 -9.71 -7.39
C THR B 691 -28.06 -8.25 -7.02
N LYS B 692 -29.07 -7.69 -6.38
CA LYS B 692 -29.04 -6.27 -6.13
C LYS B 692 -27.96 -5.98 -5.12
N GLN B 693 -27.98 -6.73 -4.02
CA GLN B 693 -26.96 -6.61 -2.98
C GLN B 693 -25.60 -6.92 -3.53
N TYR B 694 -25.50 -8.04 -4.24
CA TYR B 694 -24.25 -8.37 -4.91
C TYR B 694 -23.66 -7.18 -5.68
N THR B 695 -24.41 -6.61 -6.63
CA THR B 695 -23.96 -5.51 -7.47
C THR B 695 -23.41 -4.37 -6.65
N MET B 696 -24.13 -4.02 -5.59
CA MET B 696 -23.73 -2.90 -4.73
C MET B 696 -22.39 -3.16 -4.06
N GLU B 697 -22.08 -4.41 -3.82
CA GLU B 697 -20.80 -4.78 -3.25
C GLU B 697 -19.71 -4.68 -4.26
N LEU B 698 -20.01 -5.19 -5.44
CA LEU B 698 -19.14 -5.04 -6.59
C LEU B 698 -18.86 -3.57 -6.80
N GLU B 699 -19.86 -2.73 -6.58
CA GLU B 699 -19.65 -1.31 -6.77
C GLU B 699 -18.70 -0.75 -5.73
N ARG B 700 -18.84 -1.16 -4.46
CA ARG B 700 -17.87 -0.77 -3.42
C ARG B 700 -16.45 -1.12 -3.86
N LEU B 701 -16.24 -2.41 -4.13
CA LEU B 701 -14.94 -2.89 -4.52
C LEU B 701 -14.37 -2.10 -5.69
N TYR B 702 -15.20 -1.73 -6.65
CA TYR B 702 -14.74 -0.92 -7.77
C TYR B 702 -14.20 0.39 -7.29
N LEU B 703 -14.96 1.08 -6.46
CA LEU B 703 -14.57 2.40 -6.05
C LEU B 703 -13.34 2.32 -5.18
N GLN B 704 -13.17 1.21 -4.47
CA GLN B 704 -11.97 1.02 -3.66
C GLN B 704 -10.76 1.00 -4.53
N MET B 705 -10.82 0.15 -5.56
CA MET B 705 -9.77 0.07 -6.58
C MET B 705 -9.41 1.43 -7.18
N TRP B 706 -10.45 2.21 -7.47
CA TRP B 706 -10.25 3.46 -8.13
C TRP B 706 -9.57 4.47 -7.26
N GLU B 707 -10.10 4.69 -6.05
CA GLU B 707 -9.52 5.65 -5.10
C GLU B 707 -8.03 5.41 -5.04
N HIS B 708 -7.71 4.15 -4.75
CA HIS B 708 -6.35 3.67 -4.62
C HIS B 708 -5.46 4.07 -5.77
N TYR B 709 -5.91 3.82 -7.00
CA TYR B 709 -5.12 4.19 -8.17
C TYR B 709 -5.09 5.68 -8.40
N ALA B 710 -6.20 6.35 -8.12
CA ALA B 710 -6.29 7.80 -8.31
C ALA B 710 -5.35 8.46 -7.33
N ALA B 711 -5.15 7.81 -6.19
CA ALA B 711 -4.23 8.30 -5.16
C ALA B 711 -2.81 8.36 -5.65
N GLY B 712 -2.51 7.60 -6.71
CA GLY B 712 -1.18 7.49 -7.30
C GLY B 712 -0.55 6.12 -7.12
N ASN B 713 -1.34 5.17 -6.63
CA ASN B 713 -0.84 3.84 -6.28
C ASN B 713 -1.01 2.72 -7.33
N LYS B 714 0.03 1.92 -7.46
CA LYS B 714 -0.02 0.64 -8.15
C LYS B 714 -0.87 -0.29 -7.33
N PRO B 715 -1.47 -1.28 -8.00
CA PRO B 715 -2.44 -2.15 -7.32
C PRO B 715 -1.85 -3.01 -6.18
N ASP B 716 -2.48 -2.97 -5.02
CA ASP B 716 -2.18 -3.92 -4.00
C ASP B 716 -3.48 -4.64 -3.58
N HIS B 717 -3.37 -5.60 -2.66
CA HIS B 717 -4.52 -6.38 -2.19
C HIS B 717 -5.61 -5.55 -1.58
N MET B 718 -6.85 -5.94 -1.86
CA MET B 718 -8.01 -5.27 -1.33
C MET B 718 -8.77 -6.30 -0.50
N ILE B 719 -8.21 -6.62 0.67
CA ILE B 719 -8.73 -7.70 1.49
C ILE B 719 -9.56 -7.24 2.72
N LYS B 720 -9.52 -5.95 3.02
CA LYS B 720 -10.47 -5.33 3.95
C LYS B 720 -10.74 -6.13 5.23
N SER C 4 -70.15 10.28 -80.33
CA SER C 4 -69.32 11.47 -79.97
C SER C 4 -70.13 12.69 -79.52
N CYS C 5 -71.36 12.45 -79.07
CA CYS C 5 -72.34 13.50 -78.83
C CYS C 5 -72.48 13.94 -77.38
N PRO C 6 -72.18 15.21 -77.10
CA PRO C 6 -72.32 15.80 -75.75
C PRO C 6 -73.72 15.69 -75.13
N THR C 7 -74.75 15.83 -75.96
CA THR C 7 -76.12 15.76 -75.48
C THR C 7 -76.47 14.33 -75.04
N HIS C 8 -76.06 13.33 -75.84
CA HIS C 8 -76.22 11.93 -75.50
C HIS C 8 -75.64 11.79 -74.14
N ALA C 9 -74.34 11.99 -74.03
CA ALA C 9 -73.62 11.85 -72.75
C ALA C 9 -74.28 12.61 -71.62
N ASP C 10 -74.72 13.82 -71.92
CA ASP C 10 -75.37 14.68 -70.94
C ASP C 10 -76.57 14.00 -70.28
N SER C 11 -77.40 13.37 -71.11
CA SER C 11 -78.59 12.60 -70.71
C SER C 11 -78.22 11.43 -69.82
N LEU C 12 -77.22 10.66 -70.26
CA LEU C 12 -76.67 9.54 -69.49
C LEU C 12 -76.25 9.98 -68.08
N ASN C 13 -75.55 11.10 -67.99
CA ASN C 13 -75.18 11.63 -66.70
C ASN C 13 -76.39 11.85 -65.83
N ASN C 14 -77.37 12.59 -66.36
CA ASN C 14 -78.66 12.78 -65.70
C ASN C 14 -79.28 11.49 -65.22
N LEU C 15 -79.10 10.41 -65.98
CA LEU C 15 -79.67 9.14 -65.61
C LEU C 15 -78.90 8.57 -64.45
N ALA C 16 -77.58 8.56 -64.59
CA ALA C 16 -76.71 8.03 -63.53
C ALA C 16 -76.98 8.69 -62.17
N ASN C 17 -77.00 10.02 -62.12
CA ASN C 17 -77.32 10.72 -60.88
C ASN C 17 -78.62 10.26 -60.28
N ILE C 18 -79.53 9.81 -61.14
CA ILE C 18 -80.82 9.36 -60.66
C ILE C 18 -80.58 8.02 -60.00
N LYS C 19 -79.80 7.17 -60.66
CA LYS C 19 -79.58 5.82 -60.17
C LYS C 19 -78.86 5.81 -58.85
N ARG C 20 -78.00 6.81 -58.66
CA ARG C 20 -77.30 7.00 -57.41
C ARG C 20 -78.26 7.41 -56.29
N GLU C 21 -79.19 8.31 -56.59
CA GLU C 21 -80.17 8.73 -55.61
C GLU C 21 -80.97 7.58 -55.05
N GLN C 22 -81.49 6.73 -55.95
CA GLN C 22 -82.13 5.49 -55.57
C GLN C 22 -81.10 4.46 -55.06
N GLY C 23 -80.07 4.95 -54.36
CA GLY C 23 -79.09 4.12 -53.68
C GLY C 23 -78.36 3.05 -54.49
N ASN C 24 -78.83 2.77 -55.70
CA ASN C 24 -78.24 1.71 -56.51
C ASN C 24 -76.91 2.13 -57.18
N ILE C 25 -75.82 1.95 -56.43
CA ILE C 25 -74.44 2.33 -56.85
C ILE C 25 -73.95 1.56 -58.09
N GLU C 26 -74.06 0.23 -58.02
CA GLU C 26 -73.78 -0.67 -59.14
C GLU C 26 -74.05 -0.02 -60.50
N GLU C 27 -75.29 0.43 -60.68
CA GLU C 27 -75.75 0.90 -61.98
C GLU C 27 -75.17 2.25 -62.33
N ALA C 28 -75.18 3.18 -61.37
CA ALA C 28 -74.65 4.53 -61.59
C ALA C 28 -73.31 4.47 -62.31
N VAL C 29 -72.34 3.76 -61.74
CA VAL C 29 -71.02 3.62 -62.37
C VAL C 29 -71.14 3.22 -63.84
N ARG C 30 -71.88 2.14 -64.12
CA ARG C 30 -72.03 1.62 -65.49
C ARG C 30 -72.45 2.69 -66.50
N LEU C 31 -73.38 3.54 -66.07
CA LEU C 31 -73.87 4.65 -66.88
C LEU C 31 -72.82 5.74 -67.03
N TYR C 32 -72.24 6.19 -65.91
CA TYR C 32 -71.13 7.18 -65.93
C TYR C 32 -70.08 6.75 -66.94
N ARG C 33 -69.64 5.50 -66.83
CA ARG C 33 -68.64 4.99 -67.73
C ARG C 33 -69.06 5.06 -69.17
N LYS C 34 -70.35 4.78 -69.46
CA LYS C 34 -70.87 4.86 -70.82
C LYS C 34 -70.99 6.31 -71.28
N ALA C 35 -71.31 7.21 -70.35
CA ALA C 35 -71.30 8.64 -70.64
C ALA C 35 -69.92 9.16 -71.02
N LEU C 36 -68.88 8.57 -70.46
CA LEU C 36 -67.53 8.98 -70.80
C LEU C 36 -67.04 8.32 -72.09
N GLU C 37 -67.64 7.19 -72.45
CA GLU C 37 -67.26 6.49 -73.65
C GLU C 37 -67.76 7.32 -74.80
N VAL C 38 -69.00 7.81 -74.67
CA VAL C 38 -69.59 8.68 -75.69
C VAL C 38 -68.87 10.02 -75.84
N PHE C 39 -68.60 10.66 -74.70
CA PHE C 39 -67.93 11.95 -74.72
C PHE C 39 -66.84 12.04 -73.67
N PRO C 40 -65.59 11.73 -74.04
CA PRO C 40 -64.48 11.64 -73.07
C PRO C 40 -64.22 12.95 -72.37
N GLU C 41 -64.42 14.05 -73.06
CA GLU C 41 -64.05 15.36 -72.51
C GLU C 41 -65.11 15.93 -71.58
N PHE C 42 -65.87 15.03 -70.95
CA PHE C 42 -67.00 15.42 -70.09
C PHE C 42 -66.49 15.60 -68.66
N ALA C 43 -66.43 16.85 -68.21
CA ALA C 43 -65.93 17.11 -66.86
C ALA C 43 -66.82 16.51 -65.76
N ALA C 44 -68.09 16.89 -65.71
CA ALA C 44 -68.96 16.47 -64.60
C ALA C 44 -69.05 14.94 -64.45
N ALA C 45 -68.99 14.22 -65.58
CA ALA C 45 -69.02 12.75 -65.58
C ALA C 45 -67.81 12.23 -64.90
N HIS C 46 -66.65 12.76 -65.27
CA HIS C 46 -65.40 12.41 -64.60
C HIS C 46 -65.46 12.68 -63.13
N SER C 47 -66.07 13.79 -62.74
CA SER C 47 -66.14 14.12 -61.34
C SER C 47 -67.06 13.16 -60.55
N ASN C 48 -68.22 12.85 -61.12
CA ASN C 48 -69.21 12.00 -60.46
C ASN C 48 -68.79 10.54 -60.34
N LEU C 49 -68.10 10.06 -61.40
CA LEU C 49 -67.56 8.70 -61.47
C LEU C 49 -66.45 8.55 -60.45
N ALA C 50 -65.72 9.62 -60.22
CA ALA C 50 -64.65 9.60 -59.24
C ALA C 50 -65.18 9.38 -57.83
N SER C 51 -66.23 10.08 -57.46
CA SER C 51 -66.74 10.00 -56.09
C SER C 51 -67.44 8.70 -55.72
N VAL C 52 -67.95 7.97 -56.70
CA VAL C 52 -68.46 6.65 -56.36
C VAL C 52 -67.31 5.66 -56.24
N LEU C 53 -66.33 5.80 -57.12
CA LEU C 53 -65.09 5.06 -56.99
C LEU C 53 -64.46 5.34 -55.63
N GLN C 54 -64.54 6.59 -55.18
CA GLN C 54 -64.04 6.88 -53.86
C GLN C 54 -64.85 6.15 -52.82
N GLN C 55 -66.18 6.21 -52.93
CA GLN C 55 -67.06 5.50 -52.01
C GLN C 55 -66.73 4.03 -52.00
N GLN C 56 -66.46 3.48 -53.18
CA GLN C 56 -66.19 2.05 -53.28
C GLN C 56 -64.78 1.73 -52.79
N GLY C 57 -64.03 2.77 -52.40
CA GLY C 57 -62.68 2.59 -51.91
C GLY C 57 -61.66 2.30 -52.99
N LYS C 58 -62.03 2.49 -54.25
CA LYS C 58 -61.08 2.30 -55.36
C LYS C 58 -60.33 3.61 -55.65
N LEU C 59 -59.46 4.02 -54.72
CA LEU C 59 -58.93 5.38 -54.71
C LEU C 59 -57.95 5.66 -55.84
N GLN C 60 -56.83 4.96 -55.83
CA GLN C 60 -56.07 4.65 -57.06
C GLN C 60 -56.73 5.27 -58.32
N GLU C 61 -57.89 4.73 -58.68
CA GLU C 61 -58.62 5.02 -59.90
C GLU C 61 -59.44 6.28 -59.74
N ALA C 62 -60.23 6.36 -58.68
CA ALA C 62 -60.99 7.57 -58.39
C ALA C 62 -60.12 8.83 -58.54
N LEU C 63 -58.85 8.71 -58.17
CA LEU C 63 -57.92 9.83 -58.27
C LEU C 63 -57.68 10.20 -59.72
N MET C 64 -57.29 9.23 -60.53
CA MET C 64 -57.10 9.45 -61.94
C MET C 64 -58.26 10.23 -62.59
N HIS C 65 -59.49 9.92 -62.21
CA HIS C 65 -60.64 10.63 -62.79
C HIS C 65 -60.83 12.03 -62.30
N TYR C 66 -60.60 12.25 -61.01
CA TYR C 66 -60.52 13.62 -60.48
C TYR C 66 -59.50 14.47 -61.21
N LYS C 67 -58.30 13.92 -61.39
CA LYS C 67 -57.26 14.61 -62.11
C LYS C 67 -57.73 14.96 -63.50
N GLU C 68 -58.48 14.04 -64.13
CA GLU C 68 -59.03 14.29 -65.45
C GLU C 68 -60.04 15.41 -65.43
N ALA C 69 -60.97 15.34 -64.49
CA ALA C 69 -61.96 16.42 -64.32
C ALA C 69 -61.32 17.85 -64.32
N ILE C 70 -60.32 18.07 -63.45
CA ILE C 70 -59.58 19.36 -63.37
C ILE C 70 -58.99 19.79 -64.71
N ARG C 71 -58.15 18.95 -65.33
CA ARG C 71 -57.51 19.31 -66.59
C ARG C 71 -58.52 19.84 -67.64
N ILE C 72 -59.71 19.27 -67.65
CA ILE C 72 -60.79 19.73 -68.51
C ILE C 72 -61.37 21.08 -68.05
N SER C 73 -61.69 21.18 -66.76
CA SER C 73 -62.29 22.39 -66.17
C SER C 73 -61.44 22.98 -65.04
N PRO C 74 -60.50 23.88 -65.38
CA PRO C 74 -59.60 24.41 -64.35
C PRO C 74 -60.29 25.16 -63.22
N THR C 75 -61.48 25.71 -63.43
CA THR C 75 -62.20 26.37 -62.35
C THR C 75 -63.07 25.46 -61.48
N PHE C 76 -63.10 24.16 -61.78
CA PHE C 76 -63.93 23.21 -61.03
C PHE C 76 -63.46 23.10 -59.57
N ALA C 77 -63.91 24.04 -58.75
CA ALA C 77 -63.44 24.09 -57.38
C ALA C 77 -63.88 22.86 -56.60
N ASP C 78 -65.07 22.36 -56.92
CA ASP C 78 -65.63 21.18 -56.24
C ASP C 78 -64.78 19.90 -56.39
N ALA C 79 -64.11 19.76 -57.53
CA ALA C 79 -63.28 18.59 -57.77
C ALA C 79 -61.96 18.64 -57.00
N TYR C 80 -61.40 19.83 -56.87
CA TYR C 80 -60.18 20.01 -56.06
C TYR C 80 -60.40 19.57 -54.64
N SER C 81 -61.49 20.07 -54.05
CA SER C 81 -61.91 19.71 -52.71
C SER C 81 -62.00 18.18 -52.49
N ASN C 82 -62.72 17.50 -53.36
CA ASN C 82 -62.88 16.06 -53.23
C ASN C 82 -61.57 15.28 -53.41
N MET C 83 -60.77 15.69 -54.39
CA MET C 83 -59.46 15.10 -54.65
C MET C 83 -58.60 15.20 -53.40
N GLY C 84 -58.70 16.33 -52.71
CA GLY C 84 -58.18 16.46 -51.37
C GLY C 84 -58.60 15.27 -50.53
N ASN C 85 -59.90 15.07 -50.36
CA ASN C 85 -60.41 13.99 -49.50
C ASN C 85 -59.84 12.63 -49.85
N THR C 86 -59.68 12.38 -51.14
CA THR C 86 -59.15 11.13 -51.62
C THR C 86 -57.68 11.01 -51.22
N LEU C 87 -56.93 12.08 -51.47
CA LEU C 87 -55.51 12.13 -51.14
C LEU C 87 -55.26 12.00 -49.64
N LYS C 88 -56.18 12.53 -48.85
CA LYS C 88 -56.11 12.36 -47.42
C LYS C 88 -56.26 10.87 -47.20
N GLU C 89 -57.37 10.28 -47.64
CA GLU C 89 -57.66 8.85 -47.39
C GLU C 89 -56.55 7.88 -47.89
N MET C 90 -55.59 8.42 -48.64
CA MET C 90 -54.51 7.62 -49.18
C MET C 90 -53.25 7.86 -48.35
N GLN C 91 -53.41 8.43 -47.16
CA GLN C 91 -52.26 8.80 -46.32
C GLN C 91 -51.29 9.82 -46.92
N ASP C 92 -51.63 10.42 -48.06
CA ASP C 92 -50.85 11.53 -48.60
C ASP C 92 -51.44 12.89 -48.18
N VAL C 93 -51.16 13.29 -46.94
CA VAL C 93 -51.69 14.53 -46.36
C VAL C 93 -51.14 15.75 -47.08
N GLN C 94 -49.84 15.81 -47.24
CA GLN C 94 -49.20 16.83 -48.08
C GLN C 94 -50.02 17.27 -49.33
N GLY C 95 -50.24 16.34 -50.26
CA GLY C 95 -50.93 16.68 -51.52
C GLY C 95 -52.38 17.12 -51.37
N ALA C 96 -53.06 16.52 -50.41
CA ALA C 96 -54.45 16.80 -50.10
C ALA C 96 -54.58 18.22 -49.54
N LEU C 97 -53.57 18.63 -48.79
CA LEU C 97 -53.57 19.95 -48.23
C LEU C 97 -53.47 20.95 -49.39
N GLN C 98 -52.60 20.64 -50.33
CA GLN C 98 -52.37 21.45 -51.52
C GLN C 98 -53.66 21.68 -52.31
N CYS C 99 -54.45 20.60 -52.49
CA CYS C 99 -55.75 20.68 -53.15
C CYS C 99 -56.65 21.63 -52.45
N TYR C 100 -56.81 21.45 -51.14
CA TYR C 100 -57.73 22.28 -50.39
C TYR C 100 -57.36 23.75 -50.52
N THR C 101 -56.08 24.08 -50.37
CA THR C 101 -55.66 25.47 -50.49
C THR C 101 -55.84 25.96 -51.91
N ARG C 102 -55.51 25.13 -52.89
CA ARG C 102 -55.69 25.50 -54.27
C ARG C 102 -57.14 25.78 -54.59
N ALA C 103 -58.05 24.98 -54.05
CA ALA C 103 -59.47 25.20 -54.23
C ALA C 103 -59.94 26.53 -53.64
N ILE C 104 -59.48 26.88 -52.44
CA ILE C 104 -59.91 28.12 -51.76
C ILE C 104 -59.43 29.37 -52.49
N GLN C 105 -58.27 29.24 -53.12
CA GLN C 105 -57.64 30.34 -53.84
C GLN C 105 -58.49 30.67 -55.07
N ILE C 106 -58.98 29.63 -55.74
CA ILE C 106 -59.83 29.73 -56.93
C ILE C 106 -61.26 30.22 -56.62
N ASN C 107 -61.89 29.58 -55.65
CA ASN C 107 -63.16 30.07 -55.18
C ASN C 107 -63.10 30.43 -53.70
N PRO C 108 -62.79 31.71 -53.39
CA PRO C 108 -62.65 32.16 -52.00
C PRO C 108 -63.89 31.91 -51.16
N ALA C 109 -65.03 31.81 -51.85
CA ALA C 109 -66.33 31.62 -51.19
C ALA C 109 -66.76 30.15 -51.00
N PHE C 110 -66.07 29.21 -51.66
CA PHE C 110 -66.39 27.79 -51.59
C PHE C 110 -66.23 27.28 -50.15
N ALA C 111 -67.34 26.88 -49.52
CA ALA C 111 -67.30 26.54 -48.11
C ALA C 111 -66.70 25.17 -47.75
N ASP C 112 -66.90 24.15 -48.60
CA ASP C 112 -66.42 22.78 -48.31
C ASP C 112 -64.90 22.68 -48.17
N ALA C 113 -64.18 23.48 -48.95
CA ALA C 113 -62.72 23.49 -48.89
C ALA C 113 -62.29 23.97 -47.55
N HIS C 114 -62.91 25.05 -47.07
CA HIS C 114 -62.64 25.63 -45.76
C HIS C 114 -62.82 24.63 -44.65
N SER C 115 -63.85 23.81 -44.76
CA SER C 115 -64.11 22.75 -43.81
C SER C 115 -63.04 21.67 -43.93
N ASN C 116 -62.90 21.08 -45.12
CA ASN C 116 -61.87 20.08 -45.39
C ASN C 116 -60.50 20.46 -44.91
N LEU C 117 -60.16 21.74 -45.07
CA LEU C 117 -58.91 22.27 -44.54
C LEU C 117 -58.93 22.15 -43.02
N ALA C 118 -59.92 22.77 -42.37
CA ALA C 118 -60.04 22.62 -40.93
C ALA C 118 -59.86 21.18 -40.42
N SER C 119 -60.40 20.21 -41.17
CA SER C 119 -60.37 18.78 -40.82
C SER C 119 -58.96 18.22 -40.81
N ILE C 120 -58.10 18.70 -41.70
CA ILE C 120 -56.69 18.31 -41.61
C ILE C 120 -56.06 18.85 -40.30
N HIS C 121 -56.32 20.10 -40.01
CA HIS C 121 -55.78 20.68 -38.82
C HIS C 121 -56.25 19.92 -37.62
N LYS C 122 -57.51 19.48 -37.64
CA LYS C 122 -58.06 18.72 -36.52
C LYS C 122 -57.25 17.47 -36.31
N ASP C 123 -56.99 16.77 -37.41
CA ASP C 123 -56.23 15.51 -37.37
C ASP C 123 -54.78 15.71 -36.99
N SER C 124 -54.24 16.89 -37.20
CA SER C 124 -52.89 17.15 -36.78
C SER C 124 -52.89 17.65 -35.36
N GLY C 125 -54.08 17.73 -34.78
CA GLY C 125 -54.19 18.13 -33.40
C GLY C 125 -53.83 19.58 -33.15
N ASN C 126 -53.71 20.40 -34.20
CA ASN C 126 -53.76 21.86 -33.95
C ASN C 126 -55.19 22.38 -34.08
N ILE C 127 -55.80 22.60 -32.92
CA ILE C 127 -57.23 22.84 -32.80
C ILE C 127 -57.61 24.31 -32.99
N PRO C 128 -56.84 25.24 -32.40
CA PRO C 128 -57.30 26.59 -32.58
C PRO C 128 -57.44 26.91 -34.07
N GLU C 129 -56.47 26.47 -34.87
CA GLU C 129 -56.54 26.66 -36.33
C GLU C 129 -57.69 25.90 -36.99
N ALA C 130 -58.01 24.73 -36.47
CA ALA C 130 -59.13 23.95 -37.00
C ALA C 130 -60.42 24.72 -36.77
N ILE C 131 -60.59 25.24 -35.56
CA ILE C 131 -61.76 26.04 -35.23
C ILE C 131 -61.90 27.27 -36.13
N ALA C 132 -60.85 28.08 -36.24
CA ALA C 132 -60.85 29.21 -37.16
C ALA C 132 -61.49 28.82 -38.49
N SER C 133 -60.90 27.81 -39.15
CA SER C 133 -61.37 27.37 -40.47
C SER C 133 -62.76 26.81 -40.51
N TYR C 134 -63.25 26.19 -39.44
CA TYR C 134 -64.64 25.77 -39.41
C TYR C 134 -65.55 26.98 -39.34
N ARG C 135 -65.20 27.94 -38.50
CA ARG C 135 -66.00 29.12 -38.31
C ARG C 135 -66.18 29.86 -39.64
N THR C 136 -65.08 30.02 -40.38
CA THR C 136 -65.10 30.61 -41.72
C THR C 136 -66.05 29.84 -42.64
N ALA C 137 -65.91 28.52 -42.63
CA ALA C 137 -66.76 27.66 -43.45
C ALA C 137 -68.24 27.85 -43.15
N LEU C 138 -68.58 28.04 -41.88
CA LEU C 138 -69.97 28.21 -41.46
C LEU C 138 -70.53 29.59 -41.75
N LYS C 139 -69.68 30.60 -41.66
CA LYS C 139 -70.03 31.94 -42.05
C LYS C 139 -70.50 31.88 -43.51
N LEU C 140 -69.66 31.30 -44.36
CA LEU C 140 -69.95 31.22 -45.78
C LEU C 140 -71.21 30.46 -46.08
N LYS C 141 -71.42 29.33 -45.42
CA LYS C 141 -72.58 28.50 -45.66
C LYS C 141 -73.18 28.19 -44.31
N PRO C 142 -74.09 29.03 -43.82
CA PRO C 142 -74.60 28.83 -42.46
C PRO C 142 -75.32 27.50 -42.21
N ASP C 143 -75.75 26.80 -43.25
CA ASP C 143 -76.26 25.44 -43.09
C ASP C 143 -75.25 24.40 -43.61
N PHE C 144 -74.38 23.95 -42.71
CA PHE C 144 -73.38 22.96 -43.06
C PHE C 144 -73.23 22.01 -41.87
N PRO C 145 -73.90 20.84 -41.94
CA PRO C 145 -73.80 19.85 -40.87
C PRO C 145 -72.35 19.44 -40.54
N ASP C 146 -71.66 18.84 -41.50
CA ASP C 146 -70.32 18.32 -41.27
C ASP C 146 -69.46 19.31 -40.52
N ALA C 147 -69.40 20.54 -41.01
CA ALA C 147 -68.63 21.57 -40.35
C ALA C 147 -69.17 21.91 -38.98
N TYR C 148 -70.49 22.03 -38.81
CA TYR C 148 -71.03 22.34 -37.48
C TYR C 148 -70.69 21.27 -36.45
N CYS C 149 -70.89 20.00 -36.81
CA CYS C 149 -70.59 18.89 -35.91
C CYS C 149 -69.11 18.75 -35.53
N ASN C 150 -68.26 18.75 -36.54
CA ASN C 150 -66.83 18.77 -36.28
C ASN C 150 -66.34 19.92 -35.38
N LEU C 151 -66.81 21.14 -35.65
CA LEU C 151 -66.60 22.29 -34.76
C LEU C 151 -67.04 21.95 -33.34
N ALA C 152 -68.27 21.48 -33.22
CA ALA C 152 -68.83 21.16 -31.92
C ALA C 152 -67.90 20.28 -31.11
N HIS C 153 -67.26 19.34 -31.80
CA HIS C 153 -66.32 18.48 -31.15
C HIS C 153 -65.06 19.15 -30.66
N CYS C 154 -64.51 20.09 -31.44
CA CYS C 154 -63.30 20.80 -31.04
C CYS C 154 -63.62 21.61 -29.84
N LEU C 155 -64.72 22.35 -29.93
CA LEU C 155 -65.13 23.19 -28.83
C LEU C 155 -65.22 22.32 -27.61
N GLN C 156 -65.67 21.08 -27.80
CA GLN C 156 -65.75 20.13 -26.71
C GLN C 156 -64.37 19.87 -26.09
N ILE C 157 -63.37 19.79 -26.97
CA ILE C 157 -62.02 19.38 -26.60
C ILE C 157 -61.28 20.47 -25.86
N VAL C 158 -61.60 21.71 -26.18
CA VAL C 158 -60.94 22.83 -25.54
C VAL C 158 -61.79 23.35 -24.42
N CYS C 159 -62.91 22.69 -24.19
CA CYS C 159 -63.83 23.10 -23.17
C CYS C 159 -64.26 24.53 -23.38
N ASP C 160 -64.50 24.88 -24.64
CA ASP C 160 -65.25 26.09 -24.94
C ASP C 160 -66.71 25.67 -24.82
N TRP C 161 -67.38 26.26 -23.85
CA TRP C 161 -68.77 25.90 -23.57
C TRP C 161 -69.76 27.02 -23.86
N THR C 162 -69.43 27.87 -24.83
CA THR C 162 -70.29 28.98 -25.24
C THR C 162 -71.55 28.48 -25.94
N ASP C 163 -72.71 28.91 -25.44
CA ASP C 163 -74.02 28.45 -25.96
C ASP C 163 -74.18 26.93 -25.94
N TYR C 164 -73.62 26.33 -24.90
CA TYR C 164 -73.58 24.89 -24.76
C TYR C 164 -74.93 24.22 -25.00
N ASP C 165 -75.96 24.69 -24.32
CA ASP C 165 -77.27 24.03 -24.41
C ASP C 165 -77.87 24.14 -25.79
N GLU C 166 -77.77 25.33 -26.40
CA GLU C 166 -78.30 25.51 -27.73
C GLU C 166 -77.52 24.65 -28.72
N ARG C 167 -76.22 24.53 -28.49
CA ARG C 167 -75.33 23.80 -29.39
C ARG C 167 -75.68 22.33 -29.38
N MET C 168 -76.00 21.82 -28.20
CA MET C 168 -76.38 20.42 -28.03
C MET C 168 -77.70 20.15 -28.74
N LYS C 169 -78.72 20.92 -28.37
CA LYS C 169 -80.00 20.80 -29.00
C LYS C 169 -79.83 20.84 -30.51
N LYS C 170 -79.06 21.81 -31.00
CA LYS C 170 -78.84 21.90 -32.42
C LYS C 170 -78.29 20.60 -33.02
N LEU C 171 -77.32 19.99 -32.33
CA LEU C 171 -76.74 18.74 -32.83
C LEU C 171 -77.81 17.72 -33.01
N VAL C 172 -78.46 17.36 -31.90
CA VAL C 172 -79.53 16.37 -31.93
C VAL C 172 -80.38 16.68 -33.15
N SER C 173 -80.92 17.89 -33.16
CA SER C 173 -81.66 18.41 -34.30
C SER C 173 -81.10 17.99 -35.69
N ILE C 174 -79.82 18.27 -35.93
CA ILE C 174 -79.18 17.93 -37.20
C ILE C 174 -79.17 16.42 -37.46
N VAL C 175 -78.86 15.64 -36.43
CA VAL C 175 -78.75 14.19 -36.56
C VAL C 175 -80.10 13.57 -36.89
N ALA C 176 -81.10 14.01 -36.13
CA ALA C 176 -82.47 13.65 -36.35
C ALA C 176 -82.77 13.83 -37.85
N ASP C 177 -82.55 15.04 -38.37
CA ASP C 177 -82.80 15.30 -39.79
C ASP C 177 -82.10 14.28 -40.68
N GLN C 178 -80.82 14.04 -40.43
CA GLN C 178 -79.98 13.24 -41.32
C GLN C 178 -80.32 11.75 -41.28
N LEU C 179 -80.64 11.25 -40.09
CA LEU C 179 -81.06 9.86 -39.94
C LEU C 179 -82.29 9.62 -40.76
N GLU C 180 -83.26 10.52 -40.60
CA GLU C 180 -84.53 10.46 -41.32
C GLU C 180 -84.34 10.61 -42.84
N LYS C 181 -83.50 11.55 -43.27
CA LYS C 181 -83.25 11.75 -44.69
C LYS C 181 -82.26 10.74 -45.27
N ASN C 182 -81.98 9.67 -44.52
CA ASN C 182 -81.10 8.60 -44.99
C ASN C 182 -79.71 9.04 -45.52
N ARG C 183 -79.17 10.08 -44.92
CA ARG C 183 -77.86 10.57 -45.25
C ARG C 183 -76.94 10.20 -44.07
N LEU C 184 -75.66 9.92 -44.32
CA LEU C 184 -74.70 9.59 -43.26
C LEU C 184 -74.48 10.76 -42.28
N PRO C 185 -74.62 10.50 -40.97
CA PRO C 185 -74.68 11.57 -39.98
C PRO C 185 -73.34 12.19 -39.72
N SER C 186 -73.34 13.49 -39.48
CA SER C 186 -72.10 14.24 -39.23
C SER C 186 -71.37 13.86 -37.93
N VAL C 187 -72.12 13.53 -36.88
CA VAL C 187 -71.54 13.05 -35.63
C VAL C 187 -70.90 11.68 -35.77
N HIS C 188 -69.65 11.62 -35.33
CA HIS C 188 -68.92 10.38 -35.40
C HIS C 188 -69.33 9.51 -34.26
N PRO C 189 -69.52 8.20 -34.52
CA PRO C 189 -70.02 7.29 -33.48
C PRO C 189 -69.19 7.37 -32.20
N HIS C 190 -67.88 7.53 -32.36
CA HIS C 190 -67.01 7.57 -31.21
C HIS C 190 -67.32 8.73 -30.34
N HIS C 191 -67.85 9.80 -30.91
CA HIS C 191 -68.15 10.98 -30.12
C HIS C 191 -69.54 10.98 -29.66
N SER C 192 -70.39 10.17 -30.29
CA SER C 192 -71.84 10.18 -30.02
C SER C 192 -72.21 10.10 -28.54
N MET C 193 -71.34 9.46 -27.76
CA MET C 193 -71.60 9.24 -26.35
C MET C 193 -71.52 10.53 -25.55
N LEU C 194 -70.89 11.55 -26.13
CA LEU C 194 -70.74 12.85 -25.46
C LEU C 194 -72.01 13.71 -25.49
N TYR C 195 -72.88 13.49 -26.48
CA TYR C 195 -74.03 14.37 -26.62
C TYR C 195 -75.32 13.72 -26.09
N PRO C 196 -76.35 14.55 -25.79
CA PRO C 196 -77.60 14.06 -25.26
C PRO C 196 -78.51 13.64 -26.39
N LEU C 197 -78.13 12.58 -27.09
CA LEU C 197 -78.98 11.94 -28.10
C LEU C 197 -79.80 10.81 -27.45
N SER C 198 -80.73 10.22 -28.21
CA SER C 198 -81.36 8.97 -27.79
C SER C 198 -80.43 7.78 -28.08
N HIS C 199 -80.70 6.64 -27.42
CA HIS C 199 -79.88 5.42 -27.55
C HIS C 199 -80.11 4.76 -28.86
N GLY C 200 -81.32 4.92 -29.37
CA GLY C 200 -81.67 4.46 -30.71
C GLY C 200 -80.91 5.27 -31.73
N PHE C 201 -80.84 6.59 -31.51
CA PHE C 201 -80.06 7.50 -32.34
C PHE C 201 -78.60 7.07 -32.40
N ARG C 202 -78.00 6.79 -31.23
CA ARG C 202 -76.58 6.39 -31.19
C ARG C 202 -76.39 5.08 -31.93
N LYS C 203 -77.28 4.12 -31.70
CA LYS C 203 -77.17 2.86 -32.40
C LYS C 203 -77.29 3.08 -33.89
N ALA C 204 -78.23 3.94 -34.29
CA ALA C 204 -78.47 4.23 -35.70
C ALA C 204 -77.23 4.84 -36.39
N ILE C 205 -76.49 5.67 -35.65
CA ILE C 205 -75.28 6.32 -36.17
C ILE C 205 -74.24 5.26 -36.41
N ALA C 206 -73.91 4.51 -35.36
CA ALA C 206 -73.03 3.37 -35.50
C ALA C 206 -73.42 2.49 -36.69
N GLU C 207 -74.71 2.16 -36.77
CA GLU C 207 -75.30 1.36 -37.83
C GLU C 207 -74.85 1.84 -39.20
N ARG C 208 -74.91 3.15 -39.42
CA ARG C 208 -74.59 3.74 -40.72
C ARG C 208 -73.13 3.63 -41.06
N HIS C 209 -72.25 3.86 -40.10
CA HIS C 209 -70.83 3.64 -40.33
C HIS C 209 -70.52 2.18 -40.51
N GLY C 210 -71.41 1.34 -39.96
CA GLY C 210 -71.43 -0.08 -40.24
C GLY C 210 -71.58 -0.32 -41.73
N ASN C 211 -72.45 0.45 -42.38
CA ASN C 211 -72.70 0.25 -43.81
C ASN C 211 -71.65 0.80 -44.73
N LEU C 212 -70.76 1.64 -44.20
CA LEU C 212 -69.70 2.22 -45.01
C LEU C 212 -68.70 1.18 -45.47
N CYS C 213 -68.42 0.22 -44.58
CA CYS C 213 -67.52 -0.86 -44.88
C CYS C 213 -68.23 -1.81 -45.84
N LEU C 214 -69.50 -2.07 -45.56
CA LEU C 214 -70.30 -2.96 -46.39
C LEU C 214 -70.17 -2.69 -47.89
N ASP C 215 -70.08 -1.41 -48.26
CA ASP C 215 -70.00 -1.01 -49.67
C ASP C 215 -68.59 -1.15 -50.23
N LYS C 216 -67.62 -0.96 -49.35
CA LYS C 216 -66.22 -1.04 -49.71
C LYS C 216 -65.79 -2.48 -50.00
N ILE C 217 -66.55 -3.46 -49.51
CA ILE C 217 -66.20 -4.86 -49.78
C ILE C 217 -67.08 -5.51 -50.83
N ASN C 218 -68.30 -5.01 -51.00
CA ASN C 218 -69.20 -5.54 -52.02
C ASN C 218 -68.59 -5.59 -53.37
N VAL C 219 -67.68 -4.65 -53.62
CA VAL C 219 -67.02 -4.49 -54.90
C VAL C 219 -65.86 -5.48 -55.13
N LEU C 220 -65.65 -6.38 -54.18
CA LEU C 220 -64.70 -7.47 -54.35
C LEU C 220 -65.41 -8.69 -54.92
N HIS C 221 -66.72 -8.75 -54.65
CA HIS C 221 -67.60 -9.82 -55.10
C HIS C 221 -67.08 -11.12 -54.58
N LYS C 222 -67.20 -11.31 -53.27
CA LYS C 222 -66.60 -12.49 -52.67
C LYS C 222 -67.67 -13.44 -52.21
N PRO C 223 -67.46 -14.74 -52.45
CA PRO C 223 -68.40 -15.71 -51.94
C PRO C 223 -68.27 -15.73 -50.42
N PRO C 224 -69.39 -15.95 -49.71
CA PRO C 224 -69.33 -16.23 -48.27
C PRO C 224 -68.28 -17.30 -47.97
N TYR C 225 -67.76 -17.32 -46.77
CA TYR C 225 -66.74 -18.31 -46.46
C TYR C 225 -67.32 -19.54 -45.81
N GLU C 226 -66.70 -20.67 -46.06
CA GLU C 226 -67.02 -21.86 -45.31
C GLU C 226 -66.32 -21.86 -43.98
N HIS C 227 -67.10 -21.75 -42.91
CA HIS C 227 -66.56 -21.80 -41.57
C HIS C 227 -66.42 -23.20 -41.08
N PRO C 228 -65.45 -23.46 -40.17
CA PRO C 228 -65.40 -24.79 -39.55
C PRO C 228 -66.63 -25.05 -38.65
N LYS C 229 -66.92 -26.33 -38.41
CA LYS C 229 -68.11 -26.71 -37.63
C LYS C 229 -67.76 -27.53 -36.40
N ASP C 230 -66.47 -27.83 -36.25
CA ASP C 230 -65.94 -28.57 -35.10
C ASP C 230 -64.47 -28.21 -34.90
N LEU C 231 -63.86 -28.85 -33.91
CA LEU C 231 -62.48 -28.54 -33.55
C LEU C 231 -61.49 -29.58 -34.04
N LYS C 232 -61.92 -30.41 -34.98
CA LYS C 232 -61.08 -31.51 -35.43
C LYS C 232 -59.82 -31.07 -36.15
N LEU C 233 -59.94 -30.10 -37.06
CA LEU C 233 -58.79 -29.63 -37.87
C LEU C 233 -57.69 -28.93 -37.04
N SER C 234 -58.11 -28.38 -35.91
CA SER C 234 -57.27 -27.61 -35.06
C SER C 234 -57.01 -28.41 -33.82
N ASP C 235 -57.22 -29.71 -33.90
CA ASP C 235 -56.76 -30.64 -32.88
C ASP C 235 -57.42 -30.44 -31.50
N GLY C 236 -58.70 -30.12 -31.49
CA GLY C 236 -59.40 -29.87 -30.23
C GLY C 236 -59.18 -28.48 -29.66
N ARG C 237 -58.41 -27.66 -30.34
CA ARG C 237 -58.18 -26.31 -29.87
C ARG C 237 -59.12 -25.30 -30.54
N LEU C 238 -59.64 -24.37 -29.75
CA LEU C 238 -60.42 -23.24 -30.25
C LEU C 238 -59.48 -22.14 -30.71
N ARG C 239 -59.64 -21.67 -31.95
CA ARG C 239 -58.70 -20.71 -32.50
C ARG C 239 -59.27 -19.31 -32.43
N VAL C 240 -58.75 -18.53 -31.47
CA VAL C 240 -59.13 -17.14 -31.32
C VAL C 240 -58.17 -16.17 -31.96
N GLY C 241 -58.71 -15.15 -32.58
CA GLY C 241 -57.89 -14.23 -33.33
C GLY C 241 -58.16 -12.83 -32.89
N TYR C 242 -57.16 -12.17 -32.35
CA TYR C 242 -57.35 -10.80 -31.96
C TYR C 242 -56.92 -9.87 -33.07
N VAL C 243 -57.66 -8.80 -33.30
CA VAL C 243 -57.34 -7.92 -34.39
C VAL C 243 -57.35 -6.50 -33.89
N SER C 244 -56.17 -5.90 -33.87
CA SER C 244 -56.01 -4.60 -33.27
C SER C 244 -54.98 -3.77 -34.03
N SER C 245 -55.17 -2.47 -34.07
CA SER C 245 -54.17 -1.61 -34.65
C SER C 245 -53.24 -1.11 -33.56
N ASP C 246 -53.41 -1.62 -32.35
CA ASP C 246 -52.73 -1.07 -31.18
C ASP C 246 -51.94 -2.14 -30.41
N PHE C 247 -51.25 -3.01 -31.14
CA PHE C 247 -50.23 -3.83 -30.51
C PHE C 247 -48.95 -3.02 -30.63
N GLY C 248 -48.81 -2.09 -29.70
CA GLY C 248 -47.67 -1.20 -29.70
C GLY C 248 -47.82 -0.35 -28.47
N ASN C 249 -47.13 0.76 -28.45
CA ASN C 249 -47.28 1.59 -27.31
C ASN C 249 -48.62 2.34 -27.41
N HIS C 250 -49.57 1.92 -26.59
CA HIS C 250 -50.97 2.30 -26.73
C HIS C 250 -51.84 1.62 -25.69
N PRO C 251 -52.76 2.38 -25.08
CA PRO C 251 -53.60 1.89 -23.99
C PRO C 251 -54.05 0.45 -24.15
N THR C 252 -54.72 0.13 -25.25
CA THR C 252 -55.10 -1.27 -25.52
C THR C 252 -54.02 -2.25 -25.11
N SER C 253 -52.78 -2.01 -25.51
CA SER C 253 -51.68 -2.85 -25.06
C SER C 253 -51.49 -2.70 -23.56
N HIS C 254 -51.43 -1.48 -23.08
CA HIS C 254 -51.21 -1.33 -21.67
C HIS C 254 -52.19 -2.11 -20.85
N LEU C 255 -53.32 -2.44 -21.43
CA LEU C 255 -54.30 -3.17 -20.66
C LEU C 255 -54.08 -4.68 -20.81
N MET C 256 -54.07 -5.17 -22.03
CA MET C 256 -54.21 -6.59 -22.22
C MET C 256 -52.98 -7.32 -22.76
N GLN C 257 -51.82 -6.67 -22.75
CA GLN C 257 -50.60 -7.29 -23.29
C GLN C 257 -50.30 -8.65 -22.69
N SER C 258 -50.77 -8.88 -21.46
CA SER C 258 -50.46 -10.14 -20.81
C SER C 258 -51.31 -11.32 -21.23
N ILE C 259 -52.52 -11.03 -21.70
CA ILE C 259 -53.54 -12.03 -21.99
C ILE C 259 -53.28 -13.08 -23.10
N PRO C 260 -52.79 -12.67 -24.28
CA PRO C 260 -52.45 -13.72 -25.25
C PRO C 260 -51.47 -14.74 -24.66
N GLY C 261 -50.50 -14.27 -23.90
CA GLY C 261 -49.62 -15.18 -23.17
C GLY C 261 -50.35 -16.11 -22.21
N MET C 262 -51.43 -15.65 -21.61
CA MET C 262 -51.97 -16.39 -20.51
C MET C 262 -52.99 -17.42 -20.90
N HIS C 263 -53.30 -17.50 -22.18
CA HIS C 263 -54.26 -18.51 -22.64
C HIS C 263 -53.77 -19.90 -22.40
N ASN C 264 -54.70 -20.84 -22.20
CA ASN C 264 -54.38 -22.25 -22.03
C ASN C 264 -54.20 -22.90 -23.39
N PRO C 265 -52.95 -23.32 -23.67
CA PRO C 265 -52.51 -23.87 -24.94
C PRO C 265 -53.13 -25.21 -25.25
N ASP C 266 -53.75 -25.83 -24.25
CA ASP C 266 -54.34 -27.13 -24.47
C ASP C 266 -55.66 -26.96 -25.19
N LYS C 267 -56.38 -25.90 -24.86
CA LYS C 267 -57.72 -25.72 -25.36
C LYS C 267 -57.85 -24.57 -26.31
N PHE C 268 -56.84 -23.72 -26.38
CA PHE C 268 -56.91 -22.57 -27.26
C PHE C 268 -55.64 -22.35 -28.04
N GLU C 269 -55.77 -21.88 -29.28
CA GLU C 269 -54.62 -21.48 -30.10
C GLU C 269 -54.83 -20.01 -30.43
N VAL C 270 -53.87 -19.17 -30.11
CA VAL C 270 -54.08 -17.73 -30.23
C VAL C 270 -53.46 -17.08 -31.46
N PHE C 271 -54.24 -16.34 -32.20
CA PHE C 271 -53.71 -15.66 -33.35
C PHE C 271 -53.86 -14.15 -33.13
N CYS C 272 -52.78 -13.42 -33.38
CA CYS C 272 -52.83 -11.97 -33.30
C CYS C 272 -52.61 -11.37 -34.66
N TYR C 273 -53.41 -10.38 -34.99
CA TYR C 273 -53.37 -9.81 -36.31
C TYR C 273 -53.12 -8.34 -36.14
N ALA C 274 -51.90 -7.91 -36.37
CA ALA C 274 -51.60 -6.49 -36.20
C ALA C 274 -52.07 -5.71 -37.42
N LEU C 275 -52.76 -4.60 -37.18
CA LEU C 275 -53.23 -3.81 -38.29
C LEU C 275 -52.24 -2.71 -38.57
N SER C 276 -51.21 -2.62 -37.73
CA SER C 276 -50.23 -1.54 -37.79
C SER C 276 -48.78 -2.09 -37.80
N PRO C 277 -47.86 -1.35 -38.44
CA PRO C 277 -46.46 -1.77 -38.51
C PRO C 277 -45.79 -1.81 -37.14
N ASP C 278 -44.68 -2.53 -37.02
CA ASP C 278 -43.99 -2.67 -35.76
C ASP C 278 -43.40 -1.34 -35.33
N ASP C 279 -43.85 -0.85 -34.19
CA ASP C 279 -43.40 0.45 -33.67
C ASP C 279 -42.03 0.40 -32.94
N GLY C 280 -41.58 -0.80 -32.61
CA GLY C 280 -40.30 -0.98 -31.95
C GLY C 280 -40.35 -1.29 -30.47
N THR C 281 -41.48 -1.01 -29.84
CA THR C 281 -41.61 -1.05 -28.39
C THR C 281 -41.77 -2.44 -27.83
N ASN C 282 -41.41 -2.61 -26.56
CA ASN C 282 -41.53 -3.90 -25.88
C ASN C 282 -42.92 -4.47 -25.85
N PHE C 283 -43.93 -3.61 -25.86
CA PHE C 283 -45.30 -4.11 -25.90
C PHE C 283 -45.49 -5.01 -27.14
N ARG C 284 -45.26 -4.44 -28.31
CA ARG C 284 -45.28 -5.21 -29.56
C ARG C 284 -44.51 -6.53 -29.41
N VAL C 285 -43.35 -6.47 -28.76
CA VAL C 285 -42.45 -7.62 -28.69
C VAL C 285 -43.03 -8.74 -27.86
N LYS C 286 -43.52 -8.38 -26.69
CA LYS C 286 -44.12 -9.36 -25.82
C LYS C 286 -45.27 -10.09 -26.53
N VAL C 287 -46.15 -9.33 -27.20
CA VAL C 287 -47.31 -9.95 -27.83
C VAL C 287 -46.88 -10.90 -28.94
N MET C 288 -45.92 -10.48 -29.77
CA MET C 288 -45.37 -11.37 -30.80
C MET C 288 -44.68 -12.56 -30.16
N ALA C 289 -43.99 -12.33 -29.05
CA ALA C 289 -43.28 -13.40 -28.37
C ALA C 289 -44.21 -14.44 -27.77
N GLU C 290 -45.40 -14.03 -27.39
CA GLU C 290 -46.24 -14.87 -26.55
C GLU C 290 -47.46 -15.45 -27.23
N ALA C 291 -47.95 -14.81 -28.28
CA ALA C 291 -49.07 -15.36 -29.00
C ALA C 291 -48.56 -16.59 -29.74
N ASN C 292 -49.43 -17.58 -29.98
CA ASN C 292 -49.06 -18.78 -30.76
C ASN C 292 -48.68 -18.44 -32.17
N HIS C 293 -49.26 -17.36 -32.69
CA HIS C 293 -49.04 -16.89 -34.05
C HIS C 293 -49.29 -15.43 -34.06
N PHE C 294 -48.43 -14.72 -34.75
CA PHE C 294 -48.60 -13.29 -34.90
C PHE C 294 -48.47 -12.98 -36.37
N ILE C 295 -49.45 -12.26 -36.91
CA ILE C 295 -49.55 -12.00 -38.33
C ILE C 295 -49.63 -10.50 -38.60
N ASP C 296 -48.68 -10.00 -39.36
CA ASP C 296 -48.67 -8.57 -39.67
C ASP C 296 -49.55 -8.28 -40.87
N LEU C 297 -50.75 -7.79 -40.60
CA LEU C 297 -51.72 -7.49 -41.65
C LEU C 297 -51.49 -6.13 -42.29
N SER C 298 -50.60 -5.34 -41.72
CA SER C 298 -50.35 -4.07 -42.29
C SER C 298 -49.53 -4.27 -43.55
N GLN C 299 -48.98 -5.47 -43.73
CA GLN C 299 -48.28 -5.82 -44.97
C GLN C 299 -49.24 -6.23 -46.06
N ILE C 300 -50.53 -6.31 -45.73
CA ILE C 300 -51.54 -6.81 -46.67
C ILE C 300 -52.65 -5.77 -46.68
N PRO C 301 -52.49 -4.73 -47.50
CA PRO C 301 -53.44 -3.60 -47.46
C PRO C 301 -54.81 -3.99 -48.04
N CYS C 302 -54.81 -4.96 -48.96
CA CYS C 302 -56.03 -5.47 -49.55
C CYS C 302 -56.86 -6.24 -48.53
N ASN C 303 -58.08 -5.75 -48.28
CA ASN C 303 -59.00 -6.41 -47.36
C ASN C 303 -59.44 -7.79 -47.79
N GLY C 304 -59.49 -8.01 -49.09
CA GLY C 304 -59.85 -9.33 -49.60
C GLY C 304 -58.82 -10.38 -49.21
N LYS C 305 -57.56 -10.11 -49.56
CA LYS C 305 -56.49 -11.06 -49.30
C LYS C 305 -56.27 -11.24 -47.82
N ALA C 306 -56.44 -10.15 -47.06
CA ALA C 306 -56.34 -10.17 -45.60
C ALA C 306 -57.40 -11.06 -44.97
N ALA C 307 -58.66 -10.85 -45.31
CA ALA C 307 -59.73 -11.75 -44.85
C ALA C 307 -59.42 -13.24 -45.17
N ASP C 308 -59.01 -13.52 -46.42
CA ASP C 308 -58.63 -14.88 -46.81
C ASP C 308 -57.65 -15.43 -45.82
N ARG C 309 -56.66 -14.62 -45.50
CA ARG C 309 -55.54 -15.04 -44.68
C ARG C 309 -56.03 -15.39 -43.30
N ILE C 310 -57.11 -14.74 -42.89
CA ILE C 310 -57.74 -15.05 -41.61
C ILE C 310 -58.43 -16.39 -41.72
N HIS C 311 -59.30 -16.52 -42.72
CA HIS C 311 -60.03 -17.76 -42.97
C HIS C 311 -59.09 -18.90 -43.26
N GLN C 312 -57.96 -18.56 -43.87
CA GLN C 312 -56.89 -19.50 -44.15
C GLN C 312 -56.46 -20.15 -42.84
N ASP C 313 -56.27 -19.32 -41.82
CA ASP C 313 -55.75 -19.77 -40.55
C ASP C 313 -56.78 -20.59 -39.76
N GLY C 314 -58.03 -20.56 -40.23
CA GLY C 314 -59.11 -21.33 -39.63
C GLY C 314 -59.59 -20.87 -38.26
N ILE C 315 -59.84 -19.55 -38.13
CA ILE C 315 -60.27 -18.89 -36.88
C ILE C 315 -61.74 -19.15 -36.55
N HIS C 316 -61.99 -19.63 -35.34
CA HIS C 316 -63.34 -19.80 -34.89
C HIS C 316 -63.89 -18.53 -34.37
N ILE C 317 -63.18 -17.88 -33.45
CA ILE C 317 -63.64 -16.59 -32.95
C ILE C 317 -62.66 -15.46 -33.28
N LEU C 318 -63.16 -14.48 -34.02
CA LEU C 318 -62.41 -13.31 -34.34
C LEU C 318 -62.86 -12.17 -33.42
N VAL C 319 -61.90 -11.52 -32.74
CA VAL C 319 -62.18 -10.45 -31.77
C VAL C 319 -61.76 -9.10 -32.32
N ASN C 320 -62.71 -8.17 -32.33
CA ASN C 320 -62.46 -6.84 -32.84
C ASN C 320 -62.13 -5.91 -31.71
N MET C 321 -60.90 -5.42 -31.67
CA MET C 321 -60.51 -4.56 -30.57
C MET C 321 -60.53 -3.08 -30.91
N ASN C 322 -60.79 -2.81 -32.18
CA ASN C 322 -60.77 -1.45 -32.65
C ASN C 322 -62.12 -0.77 -32.70
N GLY C 323 -63.14 -1.43 -33.23
CA GLY C 323 -64.39 -0.72 -33.47
C GLY C 323 -64.13 0.51 -34.34
N TYR C 324 -64.72 1.65 -33.99
CA TYR C 324 -64.59 2.83 -34.84
C TYR C 324 -63.49 3.78 -34.34
N THR C 325 -62.30 3.23 -34.10
CA THR C 325 -61.15 4.06 -33.70
C THR C 325 -60.05 4.08 -34.79
N LYS C 326 -59.02 4.92 -34.58
CA LYS C 326 -58.00 5.15 -35.58
C LYS C 326 -57.33 3.85 -35.99
N GLY C 327 -57.04 3.71 -37.28
CA GLY C 327 -56.33 2.55 -37.78
C GLY C 327 -57.17 1.30 -37.94
N ALA C 328 -58.46 1.39 -37.62
CA ALA C 328 -59.37 0.26 -37.75
C ALA C 328 -59.55 -0.19 -39.21
N ARG C 329 -59.84 -1.47 -39.40
CA ARG C 329 -60.20 -2.01 -40.71
C ARG C 329 -61.32 -3.02 -40.53
N ASN C 330 -62.56 -2.50 -40.41
CA ASN C 330 -63.74 -3.34 -40.19
C ASN C 330 -64.26 -4.06 -41.44
N GLU C 331 -63.87 -3.58 -42.62
CA GLU C 331 -64.05 -4.34 -43.86
C GLU C 331 -63.66 -5.80 -43.65
N LEU C 332 -62.60 -6.06 -42.89
CA LEU C 332 -62.23 -7.44 -42.52
C LEU C 332 -63.37 -8.20 -41.87
N PHE C 333 -63.98 -7.63 -40.85
CA PHE C 333 -65.07 -8.28 -40.17
C PHE C 333 -66.30 -8.42 -41.06
N ALA C 334 -66.56 -7.37 -41.84
CA ALA C 334 -67.67 -7.35 -42.79
C ALA C 334 -67.62 -8.54 -43.74
N LEU C 335 -66.41 -9.01 -44.03
CA LEU C 335 -66.26 -10.14 -44.94
C LEU C 335 -66.53 -11.46 -44.25
N ARG C 336 -66.71 -11.42 -42.94
CA ARG C 336 -67.19 -12.58 -42.19
C ARG C 336 -66.30 -13.84 -42.40
N PRO C 337 -65.05 -13.83 -41.92
CA PRO C 337 -64.19 -15.01 -42.12
C PRO C 337 -64.27 -16.04 -41.00
N ALA C 338 -64.74 -15.62 -39.83
CA ALA C 338 -64.90 -16.55 -38.73
C ALA C 338 -66.40 -16.67 -38.47
N PRO C 339 -66.83 -17.83 -37.95
CA PRO C 339 -68.23 -18.05 -37.60
C PRO C 339 -68.71 -17.13 -36.50
N ILE C 340 -67.83 -16.82 -35.55
CA ILE C 340 -68.17 -15.94 -34.43
C ILE C 340 -67.27 -14.70 -34.41
N GLN C 341 -67.88 -13.52 -34.33
CA GLN C 341 -67.13 -12.29 -34.30
C GLN C 341 -67.58 -11.39 -33.14
N ALA C 342 -66.68 -11.12 -32.20
CA ALA C 342 -67.05 -10.41 -30.98
C ALA C 342 -66.28 -9.14 -30.88
N MET C 343 -66.95 -8.12 -30.38
CA MET C 343 -66.34 -6.84 -29.97
C MET C 343 -65.74 -6.98 -28.58
N TRP C 344 -64.58 -6.37 -28.32
CA TRP C 344 -63.91 -6.51 -27.01
C TRP C 344 -62.98 -5.40 -26.62
N LEU C 345 -63.27 -4.80 -25.46
CA LEU C 345 -62.32 -3.96 -24.71
C LEU C 345 -61.89 -2.63 -25.37
N GLY C 346 -61.47 -2.69 -26.63
CA GLY C 346 -60.99 -1.50 -27.36
C GLY C 346 -61.96 -0.34 -27.55
N TYR C 347 -63.15 -0.62 -28.08
CA TYR C 347 -64.20 0.39 -28.37
C TYR C 347 -65.37 0.30 -27.38
N PRO C 348 -65.69 1.45 -26.76
CA PRO C 348 -66.67 1.57 -25.69
C PRO C 348 -68.07 1.98 -26.19
N GLY C 349 -68.68 1.07 -26.93
CA GLY C 349 -69.92 1.33 -27.60
C GLY C 349 -70.27 0.21 -28.57
N THR C 350 -71.53 0.23 -29.04
CA THR C 350 -72.00 -0.76 -29.97
C THR C 350 -71.45 -0.46 -31.34
N SER C 351 -71.25 -1.52 -32.10
CA SER C 351 -70.75 -1.43 -33.47
C SER C 351 -71.87 -1.04 -34.39
N GLY C 352 -73.09 -1.38 -33.97
CA GLY C 352 -74.33 -1.14 -34.72
C GLY C 352 -74.44 -1.97 -35.97
N ALA C 353 -73.54 -2.94 -36.12
CA ALA C 353 -73.40 -3.62 -37.38
C ALA C 353 -73.86 -5.06 -37.31
N LEU C 354 -74.36 -5.55 -38.43
CA LEU C 354 -74.81 -6.93 -38.58
C LEU C 354 -73.69 -7.94 -38.45
N PHE C 355 -72.51 -7.65 -39.01
CA PHE C 355 -71.43 -8.62 -39.02
C PHE C 355 -70.77 -8.80 -37.65
N MET C 356 -71.23 -8.08 -36.63
CA MET C 356 -70.69 -8.28 -35.30
C MET C 356 -71.68 -9.01 -34.43
N ASP C 357 -71.30 -10.20 -33.97
CA ASP C 357 -72.19 -11.09 -33.23
C ASP C 357 -72.30 -10.77 -31.75
N TYR C 358 -71.17 -10.74 -31.04
CA TYR C 358 -71.23 -10.41 -29.63
C TYR C 358 -70.44 -9.18 -29.27
N ILE C 359 -70.90 -8.51 -28.21
CA ILE C 359 -70.11 -7.52 -27.49
C ILE C 359 -69.80 -8.10 -26.12
N ILE C 360 -68.53 -8.05 -25.73
CA ILE C 360 -68.11 -8.57 -24.44
C ILE C 360 -68.14 -7.47 -23.40
N THR C 361 -68.91 -7.70 -22.35
CA THR C 361 -69.13 -6.71 -21.30
C THR C 361 -69.49 -7.45 -20.00
N ASP C 362 -70.27 -6.82 -19.14
CA ASP C 362 -70.77 -7.45 -17.92
C ASP C 362 -72.07 -6.78 -17.49
N GLN C 363 -72.60 -7.21 -16.36
CA GLN C 363 -73.92 -6.78 -15.95
C GLN C 363 -73.94 -5.37 -15.44
N GLU C 364 -72.86 -4.95 -14.82
CA GLU C 364 -72.77 -3.61 -14.30
C GLU C 364 -72.70 -2.60 -15.43
N THR C 365 -71.93 -2.92 -16.46
CA THR C 365 -71.75 -2.00 -17.58
C THR C 365 -72.96 -1.99 -18.53
N SER C 366 -73.43 -3.18 -18.89
CA SER C 366 -74.58 -3.29 -19.78
C SER C 366 -75.65 -4.17 -19.18
N PRO C 367 -76.35 -3.67 -18.15
CA PRO C 367 -77.44 -4.45 -17.56
C PRO C 367 -78.54 -4.71 -18.58
N ALA C 368 -79.26 -5.81 -18.41
CA ALA C 368 -80.16 -6.33 -19.44
C ALA C 368 -81.26 -5.36 -19.86
N GLU C 369 -81.76 -4.56 -18.91
CA GLU C 369 -82.71 -3.51 -19.22
C GLU C 369 -82.30 -2.81 -20.50
N VAL C 370 -81.02 -2.49 -20.61
CA VAL C 370 -80.53 -1.64 -21.69
C VAL C 370 -79.86 -2.43 -22.81
N ALA C 371 -80.27 -3.68 -23.00
CA ALA C 371 -79.75 -4.53 -24.08
C ALA C 371 -80.14 -4.00 -25.45
N GLU C 372 -81.15 -3.14 -25.46
CA GLU C 372 -81.68 -2.56 -26.67
C GLU C 372 -80.75 -1.45 -27.22
N GLN C 373 -79.78 -1.03 -26.40
CA GLN C 373 -78.79 -0.05 -26.82
C GLN C 373 -77.84 -0.64 -27.84
N TYR C 374 -77.57 -1.93 -27.74
CA TYR C 374 -76.58 -2.62 -28.58
C TYR C 374 -77.24 -3.36 -29.73
N SER C 375 -76.51 -3.57 -30.81
CA SER C 375 -77.01 -4.35 -31.94
C SER C 375 -76.53 -5.80 -31.88
N GLU C 376 -75.46 -6.03 -31.10
CA GLU C 376 -74.88 -7.36 -30.83
C GLU C 376 -75.52 -7.98 -29.60
N LYS C 377 -75.50 -9.30 -29.51
CA LYS C 377 -75.93 -9.97 -28.28
C LYS C 377 -74.88 -9.75 -27.21
N LEU C 378 -75.30 -9.68 -25.95
CA LEU C 378 -74.37 -9.45 -24.85
C LEU C 378 -73.67 -10.75 -24.43
N ALA C 379 -72.40 -10.66 -24.12
CA ALA C 379 -71.68 -11.78 -23.53
C ALA C 379 -71.09 -11.21 -22.26
N TYR C 380 -71.48 -11.78 -21.11
CA TYR C 380 -71.09 -11.20 -19.80
C TYR C 380 -69.84 -11.84 -19.25
N MET C 381 -68.89 -11.04 -18.78
CA MET C 381 -67.84 -11.52 -17.90
C MET C 381 -68.42 -11.48 -16.52
N PRO C 382 -67.94 -12.37 -15.62
CA PRO C 382 -68.53 -12.50 -14.27
C PRO C 382 -68.29 -11.32 -13.32
N HIS C 383 -67.36 -10.42 -13.63
CA HIS C 383 -67.09 -9.30 -12.73
C HIS C 383 -67.10 -7.97 -13.42
N THR C 384 -66.02 -7.70 -14.15
CA THR C 384 -66.02 -6.62 -15.12
C THR C 384 -65.34 -7.09 -16.40
N PHE C 385 -65.67 -6.44 -17.51
CA PHE C 385 -65.04 -6.79 -18.75
C PHE C 385 -63.73 -6.06 -18.89
N PHE C 386 -63.52 -5.04 -18.06
CA PHE C 386 -62.28 -4.30 -18.11
C PHE C 386 -61.13 -5.05 -17.44
N ILE C 387 -59.88 -4.67 -17.72
CA ILE C 387 -58.69 -5.33 -17.17
C ILE C 387 -57.44 -4.49 -17.36
N GLY C 388 -56.43 -4.68 -16.51
CA GLY C 388 -55.21 -3.87 -16.58
C GLY C 388 -53.93 -4.66 -16.33
N ASP C 389 -52.85 -4.24 -16.99
CA ASP C 389 -51.59 -4.95 -16.84
C ASP C 389 -50.78 -4.46 -15.66
N HIS C 390 -51.27 -3.41 -15.04
CA HIS C 390 -50.59 -2.71 -13.95
C HIS C 390 -49.77 -3.58 -13.07
N ALA C 391 -50.29 -4.75 -12.71
CA ALA C 391 -49.63 -5.69 -11.81
C ALA C 391 -48.27 -6.11 -12.34
N ASN C 392 -48.26 -6.40 -13.64
CA ASN C 392 -47.05 -6.76 -14.36
C ASN C 392 -46.27 -5.53 -14.79
N MET C 393 -46.98 -4.50 -15.22
CA MET C 393 -46.34 -3.29 -15.72
C MET C 393 -45.73 -2.42 -14.65
N PHE C 394 -46.34 -2.40 -13.46
CA PHE C 394 -45.88 -1.51 -12.40
C PHE C 394 -45.73 -2.19 -11.04
N PRO C 395 -44.90 -3.24 -10.96
CA PRO C 395 -44.84 -3.91 -9.68
C PRO C 395 -44.30 -3.01 -8.57
N HIS C 396 -43.54 -1.98 -8.94
CA HIS C 396 -42.95 -1.14 -7.92
C HIS C 396 -43.96 -0.34 -7.15
N LEU C 397 -45.23 -0.46 -7.51
CA LEU C 397 -46.25 0.30 -6.80
C LEU C 397 -47.07 -0.54 -5.85
N LYS C 398 -46.79 -1.84 -5.82
CA LYS C 398 -47.38 -2.73 -4.82
C LYS C 398 -47.17 -2.23 -3.39
N LYS C 399 -45.98 -1.71 -3.08
CA LYS C 399 -45.66 -1.20 -1.75
C LYS C 399 -45.16 0.25 -1.81
N LYS C 400 -45.31 0.99 -0.71
CA LYS C 400 -44.79 2.34 -0.62
C LYS C 400 -44.22 2.65 0.74
N ALA C 401 -43.52 3.76 0.84
CA ALA C 401 -42.91 4.19 2.09
C ALA C 401 -42.91 5.68 2.07
N VAL C 402 -43.09 6.29 3.24
CA VAL C 402 -43.28 7.73 3.27
C VAL C 402 -42.34 8.41 4.20
N ILE C 403 -42.08 9.69 3.93
CA ILE C 403 -41.28 10.52 4.81
C ILE C 403 -42.20 11.40 5.64
N ASP C 404 -41.91 11.46 6.95
CA ASP C 404 -42.61 12.35 7.89
C ASP C 404 -41.80 13.62 8.09
N PHE C 405 -42.34 14.75 7.64
CA PHE C 405 -41.53 15.97 7.55
C PHE C 405 -41.98 17.11 8.47
N LYS C 406 -42.38 16.77 9.70
CA LYS C 406 -42.83 17.77 10.68
C LYS C 406 -42.07 17.71 12.00
N ILE C 411 -49.43 11.73 10.59
CA ILE C 411 -48.79 10.84 9.63
C ILE C 411 -49.59 10.72 8.33
N TYR C 412 -49.11 11.40 7.30
CA TYR C 412 -49.79 11.41 6.01
C TYR C 412 -49.18 10.34 5.12
N ASP C 413 -50.04 9.69 4.33
CA ASP C 413 -49.62 8.64 3.39
C ASP C 413 -49.31 9.12 1.97
N ASN C 414 -49.52 10.39 1.67
CA ASN C 414 -49.46 10.87 0.30
C ASN C 414 -48.85 12.25 0.10
N ARG C 415 -47.81 12.54 0.89
CA ARG C 415 -47.13 13.85 0.85
C ARG C 415 -45.73 13.77 0.26
N ILE C 416 -44.97 12.79 0.71
CA ILE C 416 -43.69 12.45 0.13
C ILE C 416 -43.67 10.94 0.13
N VAL C 417 -43.56 10.36 -1.05
CA VAL C 417 -43.68 8.93 -1.22
C VAL C 417 -42.44 8.33 -1.85
N LEU C 418 -42.12 7.10 -1.45
CA LEU C 418 -41.03 6.36 -2.06
C LEU C 418 -41.53 5.02 -2.55
N ASN C 419 -41.20 4.67 -3.79
CA ASN C 419 -41.44 3.34 -4.33
C ASN C 419 -40.20 2.80 -5.00
N GLY C 420 -40.12 1.49 -5.05
CA GLY C 420 -39.03 0.83 -5.75
C GLY C 420 -38.98 -0.64 -5.43
N ILE C 421 -38.47 -1.40 -6.39
CA ILE C 421 -38.33 -2.83 -6.20
C ILE C 421 -37.54 -3.16 -4.92
N ASP C 422 -36.48 -2.41 -4.65
CA ASP C 422 -35.52 -2.70 -3.59
C ASP C 422 -35.71 -1.80 -2.38
N LEU C 423 -36.89 -1.22 -2.30
CA LEU C 423 -37.17 -0.26 -1.26
C LEU C 423 -36.89 -0.89 0.10
N LYS C 424 -37.38 -2.12 0.30
CA LYS C 424 -37.31 -2.78 1.59
C LYS C 424 -35.88 -2.88 2.08
N ALA C 425 -34.99 -3.34 1.21
CA ALA C 425 -33.59 -3.47 1.56
C ALA C 425 -32.95 -2.13 1.96
N PHE C 426 -33.44 -1.05 1.34
CA PHE C 426 -32.97 0.32 1.65
C PHE C 426 -33.47 0.82 2.98
N LEU C 427 -34.74 0.55 3.27
CA LEU C 427 -35.27 0.82 4.58
C LEU C 427 -34.54 0.09 5.66
N ASP C 428 -34.10 -1.14 5.38
CA ASP C 428 -33.32 -1.93 6.34
C ASP C 428 -31.95 -1.37 6.63
N SER C 429 -31.43 -0.60 5.69
CA SER C 429 -30.15 0.07 5.88
C SER C 429 -30.30 1.18 6.90
N LEU C 430 -31.52 1.71 7.01
CA LEU C 430 -31.81 2.90 7.81
C LEU C 430 -32.05 2.61 9.27
N PRO C 431 -31.62 3.56 10.15
CA PRO C 431 -31.62 3.31 11.60
C PRO C 431 -32.97 3.36 12.32
N ASP C 432 -33.87 4.24 11.86
CA ASP C 432 -35.00 4.70 12.70
C ASP C 432 -36.39 4.60 12.12
N VAL C 433 -36.57 3.73 11.13
CA VAL C 433 -37.86 3.53 10.46
C VAL C 433 -39.00 3.12 11.44
N LYS C 434 -40.19 3.66 11.24
CA LYS C 434 -41.33 3.34 12.07
C LYS C 434 -42.36 2.67 11.20
N ILE C 435 -43.09 1.70 11.74
CA ILE C 435 -43.95 0.87 10.90
C ILE C 435 -45.44 0.94 11.27
N VAL C 436 -46.14 1.91 10.68
CA VAL C 436 -47.62 2.07 10.73
C VAL C 436 -48.37 0.86 10.15
N LYS C 437 -49.45 0.43 10.82
CA LYS C 437 -50.26 -0.68 10.31
C LYS C 437 -51.54 -0.21 9.62
N MET C 438 -51.99 -0.98 8.63
CA MET C 438 -53.16 -0.60 7.83
C MET C 438 -54.39 -1.45 8.17
N LEU C 454 -51.32 -4.36 3.60
CA LEU C 454 -50.12 -4.67 4.36
C LEU C 454 -49.87 -3.72 5.57
N ASN C 455 -49.10 -2.64 5.34
CA ASN C 455 -48.57 -1.75 6.38
C ASN C 455 -47.58 -0.77 5.74
N MET C 456 -47.34 0.39 6.36
CA MET C 456 -46.58 1.45 5.68
C MET C 456 -45.40 2.04 6.45
N PRO C 457 -44.19 1.73 5.99
CA PRO C 457 -42.94 2.22 6.59
C PRO C 457 -42.83 3.72 6.52
N VAL C 458 -42.34 4.35 7.60
CA VAL C 458 -42.23 5.79 7.68
C VAL C 458 -40.86 6.26 8.12
N ILE C 459 -40.18 6.98 7.25
CA ILE C 459 -38.87 7.55 7.57
C ILE C 459 -39.01 8.85 8.34
N PRO C 460 -38.31 8.97 9.49
CA PRO C 460 -38.33 10.19 10.28
C PRO C 460 -37.42 11.27 9.70
N MET C 461 -37.72 12.53 10.01
CA MET C 461 -37.01 13.70 9.49
C MET C 461 -35.54 13.80 9.94
N ASN C 462 -34.67 12.98 9.35
CA ASN C 462 -33.23 12.98 9.65
C ASN C 462 -32.39 13.53 8.50
N THR C 463 -31.07 13.44 8.63
CA THR C 463 -30.14 13.88 7.57
C THR C 463 -30.50 13.23 6.27
N ILE C 464 -30.70 11.91 6.32
CA ILE C 464 -31.24 11.16 5.20
C ILE C 464 -32.50 11.81 4.66
N ALA C 465 -33.57 11.90 5.45
CA ALA C 465 -34.77 12.54 4.95
C ALA C 465 -34.45 13.89 4.32
N GLU C 466 -33.56 14.66 4.97
CA GLU C 466 -33.19 16.01 4.48
C GLU C 466 -32.47 16.01 3.14
N ALA C 467 -31.60 15.03 2.94
CA ALA C 467 -30.89 14.89 1.67
C ALA C 467 -31.91 14.67 0.60
N VAL C 468 -32.80 13.70 0.80
CA VAL C 468 -33.81 13.39 -0.20
C VAL C 468 -34.60 14.63 -0.54
N ILE C 469 -35.09 15.33 0.47
CA ILE C 469 -35.92 16.50 0.22
C ILE C 469 -35.13 17.62 -0.46
N GLU C 470 -33.85 17.79 -0.12
CA GLU C 470 -33.03 18.78 -0.83
C GLU C 470 -32.78 18.46 -2.31
N MET C 471 -32.69 17.19 -2.66
CA MET C 471 -32.61 16.76 -4.06
C MET C 471 -33.84 17.26 -4.81
N ILE C 472 -35.02 16.94 -4.26
CA ILE C 472 -36.29 17.37 -4.82
C ILE C 472 -36.33 18.89 -4.99
N ASN C 473 -35.87 19.61 -3.97
CA ASN C 473 -35.90 21.07 -3.94
C ASN C 473 -34.96 21.75 -4.90
N ARG C 474 -33.76 21.20 -5.03
CA ARG C 474 -32.81 21.75 -6.00
C ARG C 474 -33.13 21.21 -7.41
N GLY C 475 -34.04 20.25 -7.47
CA GLY C 475 -34.47 19.65 -8.71
C GLY C 475 -33.36 18.90 -9.39
N GLN C 476 -32.65 18.08 -8.62
CA GLN C 476 -31.55 17.27 -9.16
C GLN C 476 -32.06 15.89 -9.59
N ILE C 477 -31.38 15.31 -10.57
CA ILE C 477 -31.80 14.05 -11.17
C ILE C 477 -31.85 12.91 -10.17
N GLN C 478 -30.73 12.64 -9.48
CA GLN C 478 -30.60 11.55 -8.50
C GLN C 478 -29.51 11.77 -7.46
N ILE C 479 -29.59 11.02 -6.35
CA ILE C 479 -28.55 10.98 -5.31
C ILE C 479 -28.26 9.53 -4.95
N THR C 480 -27.29 9.34 -4.05
CA THR C 480 -26.98 8.00 -3.52
C THR C 480 -27.03 7.97 -1.98
N ILE C 481 -27.73 6.98 -1.44
CA ILE C 481 -27.79 6.80 0.01
C ILE C 481 -27.51 5.36 0.43
N ASN C 482 -26.50 5.20 1.30
CA ASN C 482 -26.03 3.87 1.72
C ASN C 482 -25.84 2.99 0.52
N GLY C 483 -25.57 3.62 -0.62
CA GLY C 483 -25.31 2.91 -1.87
C GLY C 483 -26.48 2.65 -2.81
N PHE C 484 -27.70 2.88 -2.32
CA PHE C 484 -28.89 2.77 -3.15
C PHE C 484 -29.13 4.04 -3.94
N SER C 485 -29.55 3.90 -5.19
CA SER C 485 -29.82 5.09 -6.00
C SER C 485 -31.20 5.59 -5.66
N ILE C 486 -31.26 6.87 -5.33
CA ILE C 486 -32.53 7.54 -5.10
C ILE C 486 -32.80 8.51 -6.25
N SER C 487 -33.95 8.35 -6.87
CA SER C 487 -34.21 9.05 -8.09
C SER C 487 -35.35 10.02 -7.94
N ASN C 488 -35.15 11.21 -8.52
CA ASN C 488 -36.18 12.22 -8.64
C ASN C 488 -37.26 11.73 -9.58
N GLY C 489 -38.46 11.65 -9.08
CA GLY C 489 -39.55 11.09 -9.87
C GLY C 489 -40.12 12.05 -10.88
N LEU C 490 -39.26 12.90 -11.43
CA LEU C 490 -39.63 13.87 -12.44
C LEU C 490 -38.64 13.79 -13.57
N ALA C 491 -37.64 12.93 -13.38
CA ALA C 491 -36.50 12.89 -14.28
C ALA C 491 -36.31 11.50 -14.86
N THR C 492 -37.26 10.61 -14.59
CA THR C 492 -37.16 9.21 -15.01
C THR C 492 -36.87 8.99 -16.48
N THR C 493 -37.43 9.83 -17.36
CA THR C 493 -37.08 9.70 -18.78
C THR C 493 -35.58 9.94 -19.02
N GLN C 494 -34.92 10.66 -18.14
CA GLN C 494 -33.49 10.86 -18.29
C GLN C 494 -32.70 9.74 -17.68
N ILE C 495 -33.14 9.27 -16.52
CA ILE C 495 -32.44 8.17 -15.87
C ILE C 495 -32.62 6.86 -16.65
N ASN C 496 -33.86 6.56 -17.07
CA ASN C 496 -34.17 5.36 -17.83
C ASN C 496 -35.39 5.49 -18.74
N ASN C 497 -35.20 5.96 -19.97
CA ASN C 497 -36.32 6.14 -20.92
C ASN C 497 -37.37 5.01 -20.93
N LYS C 498 -36.92 3.76 -20.96
CA LYS C 498 -37.84 2.63 -21.09
C LYS C 498 -38.70 2.44 -19.87
N ALA C 499 -38.14 2.70 -18.69
CA ALA C 499 -38.90 2.55 -17.46
C ALA C 499 -39.97 3.62 -17.34
N ALA C 500 -39.73 4.78 -17.95
CA ALA C 500 -40.69 5.88 -17.91
C ALA C 500 -41.89 5.64 -18.80
N THR C 501 -41.72 4.86 -19.85
CA THR C 501 -42.84 4.54 -20.75
C THR C 501 -43.68 3.35 -20.29
N GLY C 502 -43.17 2.57 -19.35
CA GLY C 502 -43.86 1.36 -18.95
C GLY C 502 -43.35 0.10 -19.64
N GLU C 503 -42.36 0.23 -20.53
CA GLU C 503 -41.75 -0.95 -21.16
C GLU C 503 -40.78 -1.73 -20.27
N GLU C 504 -40.15 -1.03 -19.32
CA GLU C 504 -39.31 -1.67 -18.30
C GLU C 504 -39.83 -1.38 -16.89
N VAL C 505 -39.40 -2.21 -15.95
CA VAL C 505 -39.69 -1.94 -14.57
C VAL C 505 -38.47 -1.15 -14.10
N PRO C 506 -38.69 -0.03 -13.38
CA PRO C 506 -37.64 0.83 -12.84
C PRO C 506 -36.74 0.08 -11.88
N ARG C 507 -35.44 0.30 -12.03
CA ARG C 507 -34.46 -0.43 -11.26
C ARG C 507 -33.87 0.38 -10.11
N THR C 508 -34.53 1.48 -9.78
CA THR C 508 -34.09 2.30 -8.66
C THR C 508 -35.28 2.57 -7.73
N ILE C 509 -35.06 3.41 -6.73
CA ILE C 509 -36.12 3.88 -5.84
C ILE C 509 -36.51 5.28 -6.34
N ILE C 510 -37.81 5.56 -6.39
CA ILE C 510 -38.26 6.86 -6.92
C ILE C 510 -39.02 7.69 -5.89
N VAL C 511 -38.59 8.93 -5.70
CA VAL C 511 -39.24 9.87 -4.79
C VAL C 511 -40.32 10.64 -5.55
N THR C 512 -41.52 10.70 -4.98
CA THR C 512 -42.63 11.48 -5.53
C THR C 512 -43.16 12.39 -4.41
N THR C 513 -43.40 13.66 -4.72
CA THR C 513 -43.88 14.60 -3.68
C THR C 513 -44.82 15.65 -4.21
N ARG C 514 -45.60 16.25 -3.31
CA ARG C 514 -46.63 17.21 -3.70
C ARG C 514 -45.97 18.50 -4.15
N SER C 515 -44.86 18.85 -3.51
CA SER C 515 -44.09 20.04 -3.90
C SER C 515 -43.61 19.99 -5.35
N GLN C 516 -43.32 18.79 -5.84
CA GLN C 516 -42.93 18.56 -7.23
C GLN C 516 -43.98 19.10 -8.18
N TYR C 517 -45.26 19.01 -7.82
CA TYR C 517 -46.31 19.49 -8.72
C TYR C 517 -47.04 20.70 -8.16
N GLY C 518 -46.45 21.37 -7.20
CA GLY C 518 -47.05 22.58 -6.67
C GLY C 518 -48.37 22.36 -5.97
N LEU C 519 -48.61 21.14 -5.57
CA LEU C 519 -49.72 20.87 -4.70
C LEU C 519 -49.38 21.32 -3.26
N PRO C 520 -50.38 21.88 -2.55
CA PRO C 520 -50.30 22.25 -1.14
C PRO C 520 -50.20 21.05 -0.20
N GLU C 521 -49.17 21.07 0.65
CA GLU C 521 -48.82 19.92 1.47
C GLU C 521 -49.98 19.44 2.33
N ASP C 522 -50.82 20.37 2.81
CA ASP C 522 -51.87 20.04 3.78
C ASP C 522 -53.27 20.22 3.22
N ALA C 523 -53.47 19.80 1.98
CA ALA C 523 -54.75 19.98 1.32
C ALA C 523 -55.49 18.66 1.09
N ILE C 524 -56.77 18.77 0.77
CA ILE C 524 -57.48 17.61 0.23
C ILE C 524 -57.44 17.71 -1.29
N VAL C 525 -56.73 16.79 -1.95
CA VAL C 525 -56.53 16.88 -3.39
C VAL C 525 -57.43 15.96 -4.19
N TYR C 526 -58.41 16.55 -4.86
CA TYR C 526 -59.27 15.80 -5.73
C TYR C 526 -58.67 15.86 -7.10
N CYS C 527 -58.46 14.71 -7.71
CA CYS C 527 -57.87 14.70 -9.02
C CYS C 527 -58.83 14.19 -10.07
N ASN C 528 -58.63 14.62 -11.31
CA ASN C 528 -59.13 13.87 -12.42
C ASN C 528 -58.14 14.02 -13.55
N PHE C 529 -57.59 12.88 -14.00
CA PHE C 529 -56.50 12.90 -14.98
C PHE C 529 -56.92 12.65 -16.45
N ASN C 530 -58.22 12.68 -16.72
CA ASN C 530 -58.69 12.42 -18.07
C ASN C 530 -58.40 13.57 -19.01
N GLN C 531 -58.52 13.29 -20.31
CA GLN C 531 -58.59 14.35 -21.33
C GLN C 531 -59.75 15.28 -20.98
N LEU C 532 -59.59 16.56 -21.29
CA LEU C 532 -60.54 17.53 -20.81
C LEU C 532 -61.87 17.46 -21.55
N TYR C 533 -61.87 16.89 -22.74
CA TYR C 533 -63.14 16.81 -23.45
C TYR C 533 -64.24 16.08 -22.64
N LYS C 534 -63.84 15.25 -21.69
CA LYS C 534 -64.81 14.49 -20.85
C LYS C 534 -65.60 15.33 -19.84
N ILE C 535 -65.13 16.53 -19.55
CA ILE C 535 -65.82 17.44 -18.66
C ILE C 535 -66.82 18.30 -19.44
N ASP C 536 -67.99 18.50 -18.82
CA ASP C 536 -69.00 19.44 -19.29
C ASP C 536 -69.45 20.34 -18.15
N PRO C 537 -70.17 21.42 -18.51
CA PRO C 537 -70.57 22.45 -17.54
C PRO C 537 -71.22 21.90 -16.28
N SER C 538 -71.97 20.82 -16.40
CA SER C 538 -72.55 20.18 -15.20
C SER C 538 -71.46 19.61 -14.35
N THR C 539 -70.61 18.81 -14.99
CA THR C 539 -69.59 18.06 -14.29
C THR C 539 -68.76 19.03 -13.50
N LEU C 540 -68.46 20.16 -14.12
CA LEU C 540 -67.68 21.18 -13.43
C LEU C 540 -68.42 21.76 -12.25
N GLN C 541 -69.70 22.06 -12.45
CA GLN C 541 -70.55 22.62 -11.40
C GLN C 541 -70.46 21.80 -10.13
N MET C 542 -70.61 20.49 -10.30
CA MET C 542 -70.56 19.57 -9.17
C MET C 542 -69.29 19.75 -8.37
N TRP C 543 -68.16 19.78 -9.09
CA TRP C 543 -66.87 19.91 -8.47
C TRP C 543 -66.73 21.22 -7.74
N ALA C 544 -67.10 22.33 -8.41
CA ALA C 544 -67.19 23.62 -7.79
C ALA C 544 -67.91 23.49 -6.45
N ASN C 545 -69.09 22.85 -6.42
CA ASN C 545 -69.85 22.65 -5.17
C ASN C 545 -69.00 21.99 -4.13
N ILE C 546 -68.45 20.84 -4.52
CA ILE C 546 -67.67 20.01 -3.63
C ILE C 546 -66.55 20.84 -3.03
N LEU C 547 -65.78 21.50 -3.88
CA LEU C 547 -64.70 22.36 -3.42
C LEU C 547 -65.15 23.43 -2.45
N LYS C 548 -66.35 23.98 -2.63
CA LYS C 548 -66.87 25.00 -1.73
C LYS C 548 -67.18 24.42 -0.36
N ARG C 549 -67.64 23.17 -0.33
CA ARG C 549 -68.02 22.51 0.90
C ARG C 549 -66.82 21.96 1.66
N VAL C 550 -65.67 21.85 1.01
CA VAL C 550 -64.47 21.31 1.69
C VAL C 550 -63.32 22.30 1.62
N PRO C 551 -63.09 23.01 2.72
CA PRO C 551 -62.33 24.26 2.71
C PRO C 551 -60.87 24.11 2.34
N ASN C 552 -60.29 22.98 2.71
CA ASN C 552 -58.87 22.77 2.45
C ASN C 552 -58.53 22.12 1.12
N SER C 553 -59.43 22.24 0.15
CA SER C 553 -59.36 21.39 -1.02
C SER C 553 -58.83 22.10 -2.26
N VAL C 554 -58.34 21.30 -3.21
CA VAL C 554 -57.91 21.77 -4.50
C VAL C 554 -58.28 20.67 -5.47
N LEU C 555 -58.55 21.08 -6.70
CA LEU C 555 -58.79 20.13 -7.76
C LEU C 555 -57.56 20.04 -8.67
N TRP C 556 -57.20 18.82 -9.03
CA TRP C 556 -56.01 18.59 -9.80
C TRP C 556 -56.35 18.11 -11.17
N LEU C 557 -55.97 18.88 -12.18
CA LEU C 557 -56.33 18.50 -13.53
C LEU C 557 -55.09 18.45 -14.41
N LEU C 558 -55.29 18.06 -15.67
CA LEU C 558 -54.20 18.04 -16.64
C LEU C 558 -54.36 18.98 -17.84
N ARG C 559 -53.26 19.56 -18.28
CA ARG C 559 -53.22 20.37 -19.51
C ARG C 559 -53.30 19.45 -20.70
N PHE C 560 -54.51 19.03 -21.03
CA PHE C 560 -54.77 17.93 -21.94
C PHE C 560 -55.99 18.23 -22.82
N PRO C 561 -55.89 19.23 -23.72
CA PRO C 561 -54.72 20.01 -24.07
C PRO C 561 -54.58 21.31 -23.25
N ALA C 562 -53.38 21.90 -23.26
CA ALA C 562 -53.11 23.14 -22.53
C ALA C 562 -54.03 24.29 -22.89
N VAL C 563 -54.49 24.36 -24.14
CA VAL C 563 -55.43 25.44 -24.55
C VAL C 563 -56.74 25.34 -23.76
N GLY C 564 -57.01 24.12 -23.29
CA GLY C 564 -58.15 23.84 -22.42
C GLY C 564 -58.15 24.56 -21.09
N GLU C 565 -56.95 24.74 -20.51
CA GLU C 565 -56.78 25.33 -19.16
C GLU C 565 -57.44 26.71 -18.88
N PRO C 566 -57.12 27.74 -19.70
CA PRO C 566 -57.75 29.03 -19.49
C PRO C 566 -59.29 28.97 -19.44
N ASN C 567 -59.93 28.24 -20.37
CA ASN C 567 -61.37 28.06 -20.33
C ASN C 567 -61.90 27.49 -19.02
N ILE C 568 -61.30 26.43 -18.50
CA ILE C 568 -61.76 25.92 -17.25
C ILE C 568 -61.55 26.98 -16.19
N GLN C 569 -60.32 27.48 -16.06
CA GLN C 569 -60.08 28.62 -15.17
C GLN C 569 -61.20 29.65 -15.21
N GLN C 570 -61.59 30.03 -16.42
CA GLN C 570 -62.71 30.94 -16.66
C GLN C 570 -63.99 30.46 -16.00
N TYR C 571 -64.58 29.37 -16.51
CA TYR C 571 -65.85 28.89 -15.97
C TYR C 571 -65.74 28.66 -14.49
N ALA C 572 -64.56 28.25 -14.02
CA ALA C 572 -64.34 27.99 -12.62
C ALA C 572 -64.46 29.27 -11.80
N GLN C 573 -63.97 30.36 -12.37
CA GLN C 573 -64.00 31.64 -11.73
C GLN C 573 -65.41 32.20 -11.64
N ASN C 574 -66.21 31.97 -12.66
CA ASN C 574 -67.60 32.45 -12.68
C ASN C 574 -68.47 31.68 -11.72
N MET C 575 -68.09 30.45 -11.43
CA MET C 575 -68.79 29.66 -10.44
C MET C 575 -68.31 30.07 -9.04
N GLY C 576 -67.38 31.04 -9.00
CA GLY C 576 -66.90 31.63 -7.77
C GLY C 576 -65.69 30.97 -7.12
N LEU C 577 -64.77 30.46 -7.94
CA LEU C 577 -63.52 29.82 -7.43
C LEU C 577 -62.28 30.63 -7.76
N PRO C 578 -61.55 31.08 -6.72
CA PRO C 578 -60.25 31.72 -6.92
C PRO C 578 -59.41 30.80 -7.76
N GLN C 579 -58.49 31.37 -8.53
CA GLN C 579 -57.59 30.60 -9.40
C GLN C 579 -56.81 29.49 -8.69
N ASN C 580 -56.20 29.82 -7.55
CA ASN C 580 -55.40 28.87 -6.77
C ASN C 580 -56.13 27.62 -6.24
N ARG C 581 -57.45 27.56 -6.44
CA ARG C 581 -58.24 26.39 -6.06
C ARG C 581 -58.11 25.27 -7.06
N ILE C 582 -57.84 25.59 -8.33
CA ILE C 582 -57.61 24.55 -9.32
C ILE C 582 -56.17 24.55 -9.80
N ILE C 583 -55.57 23.37 -9.79
CA ILE C 583 -54.18 23.25 -10.17
C ILE C 583 -54.07 22.36 -11.39
N PHE C 584 -53.34 22.87 -12.38
CA PHE C 584 -53.01 22.10 -13.59
C PHE C 584 -51.58 21.61 -13.61
N SER C 585 -51.44 20.35 -14.00
CA SER C 585 -50.13 19.74 -14.22
C SER C 585 -50.00 19.40 -15.69
N PRO C 586 -48.76 19.31 -16.20
CA PRO C 586 -48.60 18.96 -17.59
C PRO C 586 -48.79 17.46 -17.75
N VAL C 587 -49.07 16.99 -18.95
CA VAL C 587 -49.13 15.56 -19.25
C VAL C 587 -47.79 14.88 -18.98
N ALA C 588 -47.81 13.68 -18.40
CA ALA C 588 -46.58 12.97 -18.01
C ALA C 588 -46.49 11.59 -18.64
N PRO C 589 -45.26 11.01 -18.74
CA PRO C 589 -45.12 9.67 -19.33
C PRO C 589 -45.78 8.63 -18.42
N LYS C 590 -46.23 7.52 -19.02
CA LYS C 590 -47.13 6.60 -18.34
C LYS C 590 -46.73 6.36 -16.91
N GLU C 591 -45.49 5.90 -16.70
CA GLU C 591 -45.00 5.54 -15.37
C GLU C 591 -45.10 6.69 -14.37
N GLU C 592 -44.62 7.88 -14.71
CA GLU C 592 -44.80 9.03 -13.81
C GLU C 592 -46.29 9.29 -13.61
N HIS C 593 -47.03 9.26 -14.72
CA HIS C 593 -48.46 9.48 -14.65
C HIS C 593 -49.14 8.58 -13.66
N VAL C 594 -48.95 7.26 -13.75
CA VAL C 594 -49.59 6.35 -12.78
C VAL C 594 -49.14 6.60 -11.32
N ARG C 595 -47.84 6.82 -11.17
CA ARG C 595 -47.20 6.93 -9.87
C ARG C 595 -47.67 8.16 -9.09
N ARG C 596 -47.90 9.26 -9.76
CA ARG C 596 -48.21 10.47 -9.03
C ARG C 596 -49.69 10.50 -8.68
N GLY C 597 -50.43 9.46 -9.04
CA GLY C 597 -51.79 9.27 -8.50
C GLY C 597 -51.83 9.04 -6.97
N GLN C 598 -50.67 8.63 -6.41
CA GLN C 598 -50.50 8.34 -4.99
C GLN C 598 -50.51 9.59 -4.17
N LEU C 599 -50.24 10.73 -4.81
CA LEU C 599 -50.29 12.02 -4.12
C LEU C 599 -51.73 12.54 -3.87
N ALA C 600 -52.64 12.20 -4.77
CA ALA C 600 -54.05 12.56 -4.66
C ALA C 600 -54.72 11.89 -3.45
N ASP C 601 -55.78 12.50 -2.97
CA ASP C 601 -56.59 11.94 -1.88
C ASP C 601 -57.83 11.20 -2.41
N VAL C 602 -58.56 11.82 -3.32
CA VAL C 602 -59.68 11.16 -3.97
C VAL C 602 -59.76 11.52 -5.45
N CYS C 603 -60.11 10.56 -6.30
CA CYS C 603 -60.28 10.91 -7.69
C CYS C 603 -61.75 11.12 -7.95
N LEU C 604 -62.05 12.16 -8.72
CA LEU C 604 -63.42 12.53 -9.01
C LEU C 604 -63.64 12.25 -10.44
N ASP C 605 -64.52 11.30 -10.69
CA ASP C 605 -64.70 10.81 -12.02
C ASP C 605 -65.71 11.57 -12.87
N THR C 606 -65.32 11.90 -14.11
CA THR C 606 -66.22 12.48 -15.11
C THR C 606 -67.35 11.49 -15.42
N PRO C 607 -68.60 11.93 -15.20
CA PRO C 607 -69.78 11.10 -15.42
C PRO C 607 -70.30 11.12 -16.86
N LEU C 608 -69.97 12.17 -17.64
CA LEU C 608 -70.36 12.23 -19.05
C LEU C 608 -69.74 11.05 -19.79
N CYS C 609 -68.49 10.78 -19.49
CA CYS C 609 -67.75 9.68 -20.07
C CYS C 609 -66.65 9.31 -19.07
N ASN C 610 -66.67 8.08 -18.61
CA ASN C 610 -65.84 7.67 -17.49
C ASN C 610 -64.33 7.60 -17.79
N GLY C 611 -63.50 7.59 -16.76
CA GLY C 611 -62.09 7.22 -16.96
C GLY C 611 -62.05 5.72 -17.21
N HIS C 612 -61.42 5.30 -18.29
CA HIS C 612 -61.44 3.87 -18.57
C HIS C 612 -60.13 3.26 -18.22
N THR C 613 -59.12 3.53 -19.04
CA THR C 613 -57.78 3.10 -18.73
C THR C 613 -57.41 3.83 -17.47
N THR C 614 -57.72 5.13 -17.44
CA THR C 614 -57.39 5.97 -16.32
C THR C 614 -58.00 5.46 -15.02
N GLY C 615 -59.22 4.97 -15.08
CA GLY C 615 -59.82 4.33 -13.91
C GLY C 615 -58.87 3.33 -13.29
N MET C 616 -58.33 2.47 -14.13
CA MET C 616 -57.43 1.44 -13.70
C MET C 616 -56.20 2.05 -13.08
N ASP C 617 -55.67 3.06 -13.77
CA ASP C 617 -54.46 3.76 -13.35
C ASP C 617 -54.54 4.33 -11.92
N VAL C 618 -55.62 5.04 -11.61
CA VAL C 618 -55.76 5.71 -10.34
C VAL C 618 -56.11 4.75 -9.22
N LEU C 619 -56.81 3.68 -9.56
CA LEU C 619 -57.07 2.66 -8.57
C LEU C 619 -55.81 1.90 -8.21
N TRP C 620 -54.92 1.70 -9.18
CA TRP C 620 -53.66 1.02 -8.90
C TRP C 620 -52.82 1.78 -7.89
N ALA C 621 -52.94 3.10 -7.89
CA ALA C 621 -52.17 3.92 -6.97
C ALA C 621 -52.82 3.93 -5.59
N GLY C 622 -53.94 3.23 -5.44
CA GLY C 622 -54.56 3.09 -4.13
C GLY C 622 -55.42 4.29 -3.83
N THR C 623 -55.84 4.97 -4.88
CA THR C 623 -56.59 6.20 -4.76
C THR C 623 -58.06 5.95 -5.11
N PRO C 624 -58.96 6.17 -4.14
CA PRO C 624 -60.36 5.86 -4.36
C PRO C 624 -60.99 6.88 -5.30
N MET C 625 -61.94 6.41 -6.10
CA MET C 625 -62.53 7.23 -7.12
C MET C 625 -64.05 7.25 -6.99
N VAL C 626 -64.60 8.43 -6.82
CA VAL C 626 -66.04 8.61 -6.79
C VAL C 626 -66.66 8.64 -8.19
N THR C 627 -67.71 7.87 -8.44
CA THR C 627 -68.34 7.86 -9.77
C THR C 627 -69.85 7.96 -9.71
N MET C 628 -70.45 8.45 -10.78
CA MET C 628 -71.91 8.49 -10.94
C MET C 628 -72.35 7.94 -12.29
N PRO C 629 -72.64 6.62 -12.34
CA PRO C 629 -72.97 5.89 -13.56
C PRO C 629 -74.23 6.41 -14.29
N GLY C 630 -74.17 6.47 -15.61
CA GLY C 630 -75.29 6.93 -16.42
C GLY C 630 -75.84 5.81 -17.28
N GLU C 631 -76.31 6.15 -18.47
CA GLU C 631 -76.94 5.18 -19.35
C GLU C 631 -76.00 4.53 -20.36
N THR C 632 -75.23 5.35 -21.06
CA THR C 632 -74.23 4.88 -22.00
C THR C 632 -73.17 4.02 -21.31
N LEU C 633 -72.91 2.84 -21.86
CA LEU C 633 -71.72 2.00 -21.51
C LEU C 633 -70.55 2.83 -20.98
N ALA C 634 -70.03 3.75 -21.80
CA ALA C 634 -68.85 4.56 -21.48
C ALA C 634 -69.01 5.39 -20.22
N SER C 635 -70.26 5.69 -19.85
CA SER C 635 -70.52 6.45 -18.63
C SER C 635 -70.71 5.52 -17.46
N ARG C 636 -70.50 4.24 -17.69
CA ARG C 636 -70.73 3.25 -16.66
C ARG C 636 -69.48 2.45 -16.24
N VAL C 637 -68.45 2.44 -17.08
CA VAL C 637 -67.21 1.65 -16.85
C VAL C 637 -66.58 1.81 -15.46
N ALA C 638 -66.40 3.05 -15.01
CA ALA C 638 -65.84 3.30 -13.70
C ALA C 638 -66.60 2.56 -12.60
N ALA C 639 -67.93 2.73 -12.57
CA ALA C 639 -68.79 2.03 -11.59
C ALA C 639 -68.53 0.51 -11.60
N SER C 640 -68.50 -0.06 -12.79
CA SER C 640 -68.22 -1.47 -12.99
C SER C 640 -66.84 -1.89 -12.42
N GLN C 641 -65.85 -1.03 -12.53
CA GLN C 641 -64.56 -1.33 -11.95
C GLN C 641 -64.67 -1.31 -10.42
N LEU C 642 -65.38 -0.33 -9.87
CA LEU C 642 -65.47 -0.21 -8.42
C LEU C 642 -66.26 -1.34 -7.81
N THR C 643 -67.27 -1.81 -8.52
CA THR C 643 -68.06 -2.93 -8.01
C THR C 643 -67.15 -4.13 -7.83
N CYS C 644 -66.44 -4.48 -8.91
CA CYS C 644 -65.52 -5.61 -8.95
C CYS C 644 -64.50 -5.52 -7.84
N LEU C 645 -64.03 -4.31 -7.55
CA LEU C 645 -63.08 -4.07 -6.47
C LEU C 645 -63.73 -4.30 -5.09
N GLY C 646 -65.04 -4.05 -5.01
CA GLY C 646 -65.80 -4.16 -3.75
C GLY C 646 -65.92 -2.87 -2.95
N CYS C 647 -66.29 -1.78 -3.61
CA CYS C 647 -66.45 -0.48 -2.96
C CYS C 647 -67.66 0.28 -3.48
N LEU C 648 -68.84 -0.17 -3.06
CA LEU C 648 -70.10 0.37 -3.55
C LEU C 648 -70.40 1.72 -2.92
N GLU C 649 -69.69 2.05 -1.86
CA GLU C 649 -69.93 3.28 -1.15
C GLU C 649 -69.31 4.44 -1.89
N LEU C 650 -68.65 4.13 -2.99
CA LEU C 650 -68.07 5.15 -3.84
C LEU C 650 -68.92 5.44 -5.09
N ILE C 651 -70.06 4.78 -5.20
CA ILE C 651 -70.90 4.82 -6.40
C ILE C 651 -72.21 5.55 -6.15
N ALA C 652 -72.36 6.73 -6.75
CA ALA C 652 -73.49 7.63 -6.46
C ALA C 652 -74.67 7.45 -7.39
N LYS C 653 -75.88 7.60 -6.86
CA LYS C 653 -77.06 7.42 -7.68
C LYS C 653 -77.52 8.69 -8.36
N ASN C 654 -76.94 9.83 -7.98
CA ASN C 654 -77.30 11.14 -8.56
C ASN C 654 -76.31 12.25 -8.18
N ARG C 655 -76.38 13.37 -8.91
CA ARG C 655 -75.51 14.52 -8.64
C ARG C 655 -75.37 14.75 -7.14
N GLN C 656 -76.52 14.78 -6.48
CA GLN C 656 -76.58 15.05 -5.07
C GLN C 656 -75.70 14.08 -4.30
N GLU C 657 -75.96 12.79 -4.41
CA GLU C 657 -75.18 11.83 -3.66
C GLU C 657 -73.69 11.93 -3.96
N TYR C 658 -73.35 12.13 -5.23
CA TYR C 658 -71.95 12.29 -5.64
C TYR C 658 -71.29 13.32 -4.77
N GLU C 659 -71.81 14.53 -4.77
CA GLU C 659 -71.20 15.58 -4.01
C GLU C 659 -71.01 15.15 -2.58
N ASP C 660 -72.01 14.46 -2.03
CA ASP C 660 -71.93 14.07 -0.60
C ASP C 660 -70.84 13.06 -0.26
N ILE C 661 -70.76 12.01 -1.07
CA ILE C 661 -69.69 11.05 -0.95
C ILE C 661 -68.35 11.73 -0.99
N ALA C 662 -68.18 12.64 -1.95
CA ALA C 662 -66.93 13.40 -2.09
C ALA C 662 -66.63 14.20 -0.87
N VAL C 663 -67.64 14.91 -0.38
CA VAL C 663 -67.43 15.79 0.75
C VAL C 663 -67.11 15.00 2.01
N LYS C 664 -67.91 13.95 2.25
CA LYS C 664 -67.65 13.05 3.37
C LYS C 664 -66.20 12.59 3.40
N LEU C 665 -65.64 12.23 2.25
CA LEU C 665 -64.28 11.77 2.13
C LEU C 665 -63.32 12.87 2.45
N GLY C 666 -63.66 14.08 2.05
CA GLY C 666 -62.74 15.20 2.18
C GLY C 666 -62.78 15.91 3.51
N THR C 667 -63.76 15.54 4.35
CA THR C 667 -63.90 16.14 5.68
C THR C 667 -63.57 15.13 6.75
N ASP C 668 -64.15 13.94 6.62
CA ASP C 668 -64.01 12.86 7.59
C ASP C 668 -62.71 12.03 7.42
N LEU C 669 -61.60 12.59 7.90
CA LEU C 669 -60.26 12.01 7.72
C LEU C 669 -60.17 10.56 8.17
N GLU C 670 -60.93 10.22 9.19
CA GLU C 670 -61.04 8.84 9.62
C GLU C 670 -61.63 7.95 8.54
N TYR C 671 -62.74 8.41 7.96
CA TYR C 671 -63.45 7.67 6.95
C TYR C 671 -62.56 7.57 5.76
N LEU C 672 -61.91 8.69 5.43
CA LEU C 672 -61.05 8.74 4.28
C LEU C 672 -60.07 7.61 4.41
N LYS C 673 -59.35 7.58 5.54
CA LYS C 673 -58.31 6.56 5.78
C LYS C 673 -58.84 5.11 5.66
N LYS C 674 -60.08 4.90 6.11
CA LYS C 674 -60.70 3.59 6.02
C LYS C 674 -60.79 3.17 4.55
N VAL C 675 -61.43 4.01 3.74
CA VAL C 675 -61.61 3.76 2.30
C VAL C 675 -60.28 3.67 1.52
N ARG C 676 -59.39 4.64 1.66
CA ARG C 676 -58.07 4.52 1.06
C ARG C 676 -57.39 3.19 1.39
N GLY C 677 -57.49 2.74 2.64
CA GLY C 677 -56.92 1.45 3.02
C GLY C 677 -57.57 0.28 2.29
N LYS C 678 -58.88 0.37 2.14
CA LYS C 678 -59.67 -0.67 1.46
C LYS C 678 -59.19 -0.84 0.02
N VAL C 679 -59.27 0.23 -0.77
CA VAL C 679 -58.70 0.32 -2.13
C VAL C 679 -57.29 -0.31 -2.26
N TRP C 680 -56.38 0.16 -1.40
CA TRP C 680 -55.02 -0.36 -1.33
C TRP C 680 -54.95 -1.86 -1.17
N LYS C 681 -55.77 -2.41 -0.30
CA LYS C 681 -55.79 -3.84 -0.12
C LYS C 681 -56.46 -4.51 -1.33
N GLN C 682 -57.68 -4.04 -1.61
CA GLN C 682 -58.56 -4.62 -2.62
C GLN C 682 -57.96 -4.75 -4.01
N ARG C 683 -57.12 -3.80 -4.40
CA ARG C 683 -56.58 -3.82 -5.76
C ARG C 683 -55.79 -5.11 -5.98
N ILE C 684 -55.23 -5.66 -4.91
CA ILE C 684 -54.52 -6.94 -4.99
C ILE C 684 -55.49 -8.08 -4.85
N SER C 685 -56.24 -8.08 -3.73
CA SER C 685 -57.06 -9.23 -3.38
C SER C 685 -58.30 -9.42 -4.25
N SER C 686 -58.85 -8.36 -4.83
CA SER C 686 -60.03 -8.52 -5.68
C SER C 686 -59.57 -8.99 -7.05
N PRO C 687 -60.51 -9.41 -7.93
CA PRO C 687 -60.10 -9.94 -9.23
C PRO C 687 -59.77 -8.90 -10.27
N LEU C 688 -59.86 -7.62 -9.91
CA LEU C 688 -59.77 -6.52 -10.88
C LEU C 688 -58.49 -6.44 -11.70
N PHE C 689 -57.36 -6.55 -11.02
CA PHE C 689 -56.04 -6.46 -11.65
C PHE C 689 -55.42 -7.84 -11.84
N ASN C 690 -56.26 -8.87 -11.86
CA ASN C 690 -55.81 -10.26 -11.99
C ASN C 690 -56.00 -10.83 -13.40
N THR C 691 -54.95 -10.73 -14.18
CA THR C 691 -55.01 -11.04 -15.59
C THR C 691 -55.16 -12.53 -15.82
N LYS C 692 -54.64 -13.34 -14.90
CA LYS C 692 -54.72 -14.79 -15.06
C LYS C 692 -56.14 -15.26 -14.90
N GLN C 693 -56.76 -14.83 -13.80
CA GLN C 693 -58.17 -15.12 -13.56
C GLN C 693 -59.02 -14.55 -14.67
N TYR C 694 -58.77 -13.29 -15.02
CA TYR C 694 -59.51 -12.66 -16.10
C TYR C 694 -59.47 -13.52 -17.34
N THR C 695 -58.27 -13.94 -17.75
CA THR C 695 -58.13 -14.71 -18.98
C THR C 695 -58.98 -15.96 -18.91
N MET C 696 -58.91 -16.66 -17.79
CA MET C 696 -59.63 -17.90 -17.66
C MET C 696 -61.12 -17.71 -17.84
N GLU C 697 -61.63 -16.55 -17.48
CA GLU C 697 -63.04 -16.25 -17.61
C GLU C 697 -63.40 -15.96 -19.05
N LEU C 698 -62.56 -15.16 -19.67
CA LEU C 698 -62.65 -14.92 -21.08
C LEU C 698 -62.69 -16.27 -21.85
N GLU C 699 -61.93 -17.26 -21.37
CA GLU C 699 -61.90 -18.57 -22.01
C GLU C 699 -63.23 -19.26 -21.82
N ARG C 700 -63.79 -19.17 -20.64
CA ARG C 700 -65.09 -19.75 -20.42
C ARG C 700 -66.04 -19.17 -21.46
N LEU C 701 -66.14 -17.86 -21.44
CA LEU C 701 -67.08 -17.16 -22.30
C LEU C 701 -66.88 -17.53 -23.77
N TYR C 702 -65.65 -17.79 -24.16
CA TYR C 702 -65.39 -18.18 -25.53
C TYR C 702 -66.01 -19.54 -25.82
N LEU C 703 -65.80 -20.47 -24.91
CA LEU C 703 -66.27 -21.82 -25.14
C LEU C 703 -67.77 -21.89 -25.08
N GLN C 704 -68.37 -21.02 -24.28
CA GLN C 704 -69.82 -20.94 -24.28
C GLN C 704 -70.32 -20.56 -25.66
N MET C 705 -69.77 -19.48 -26.21
CA MET C 705 -70.12 -19.00 -27.53
C MET C 705 -69.99 -20.11 -28.57
N TRP C 706 -68.94 -20.89 -28.43
CA TRP C 706 -68.66 -21.90 -29.41
C TRP C 706 -69.63 -23.04 -29.36
N GLU C 707 -69.80 -23.63 -28.19
CA GLU C 707 -70.75 -24.74 -28.00
C GLU C 707 -72.05 -24.40 -28.68
N HIS C 708 -72.60 -23.26 -28.27
CA HIS C 708 -73.83 -22.72 -28.81
C HIS C 708 -73.87 -22.65 -30.31
N TYR C 709 -72.80 -22.17 -30.95
CA TYR C 709 -72.80 -22.10 -32.42
C TYR C 709 -72.65 -23.45 -33.03
N ALA C 710 -71.81 -24.28 -32.42
CA ALA C 710 -71.57 -25.64 -32.93
C ALA C 710 -72.82 -26.48 -32.80
N ALA C 711 -73.65 -26.17 -31.81
CA ALA C 711 -74.96 -26.80 -31.63
C ALA C 711 -75.89 -26.51 -32.81
N GLY C 712 -75.59 -25.48 -33.60
CA GLY C 712 -76.39 -25.14 -34.76
C GLY C 712 -77.17 -23.86 -34.58
N ASN C 713 -76.84 -23.10 -33.53
CA ASN C 713 -77.57 -21.87 -33.18
C ASN C 713 -76.93 -20.57 -33.58
N LYS C 714 -77.76 -19.67 -34.09
CA LYS C 714 -77.42 -18.27 -34.23
C LYS C 714 -77.18 -17.64 -32.86
N PRO C 715 -76.35 -16.60 -32.81
CA PRO C 715 -75.98 -16.04 -31.50
C PRO C 715 -77.14 -15.48 -30.67
N ASP C 716 -77.26 -15.91 -29.43
CA ASP C 716 -78.14 -15.21 -28.50
C ASP C 716 -77.36 -14.77 -27.25
N HIS C 717 -78.02 -14.02 -26.37
CA HIS C 717 -77.38 -13.48 -25.16
C HIS C 717 -76.73 -14.51 -24.30
N MET C 718 -75.56 -14.18 -23.77
CA MET C 718 -74.81 -15.06 -22.87
C MET C 718 -74.69 -14.39 -21.52
N ILE C 719 -75.80 -14.31 -20.81
CA ILE C 719 -75.91 -13.49 -19.59
C ILE C 719 -75.89 -14.32 -18.31
N LYS C 720 -76.01 -15.64 -18.43
CA LYS C 720 -75.72 -16.57 -17.33
C LYS C 720 -76.36 -16.14 -15.99
N SER D 4 104.55 -9.90 15.72
CA SER D 4 104.39 -9.27 17.07
C SER D 4 105.09 -7.93 17.19
N CYS D 5 105.28 -7.25 16.06
CA CYS D 5 106.18 -6.11 15.96
C CYS D 5 105.47 -4.73 16.06
N PRO D 6 105.79 -3.93 17.10
CA PRO D 6 105.28 -2.57 17.24
C PRO D 6 105.52 -1.69 16.03
N THR D 7 106.70 -1.78 15.43
CA THR D 7 107.07 -0.94 14.30
C THR D 7 106.22 -1.24 13.05
N HIS D 8 106.05 -2.52 12.76
CA HIS D 8 105.13 -2.99 11.74
C HIS D 8 103.80 -2.32 11.96
N ALA D 9 103.14 -2.69 13.06
CA ALA D 9 101.84 -2.12 13.40
C ALA D 9 101.86 -0.60 13.25
N ASP D 10 102.90 0.03 13.79
CA ASP D 10 103.00 1.47 13.80
C ASP D 10 102.83 2.05 12.39
N SER D 11 103.44 1.37 11.42
CA SER D 11 103.40 1.75 10.00
C SER D 11 102.01 1.59 9.46
N LEU D 12 101.42 0.42 9.72
CA LEU D 12 100.04 0.15 9.29
C LEU D 12 99.07 1.23 9.76
N ASN D 13 99.18 1.63 11.03
CA ASN D 13 98.42 2.77 11.56
C ASN D 13 98.62 4.03 10.69
N ASN D 14 99.87 4.42 10.45
CA ASN D 14 100.19 5.55 9.59
C ASN D 14 99.50 5.46 8.25
N LEU D 15 99.36 4.23 7.75
CA LEU D 15 98.74 3.99 6.46
C LEU D 15 97.27 4.17 6.54
N ALA D 16 96.65 3.51 7.52
CA ALA D 16 95.22 3.66 7.78
C ALA D 16 94.74 5.13 7.91
N ASN D 17 95.41 5.91 8.76
CA ASN D 17 95.10 7.34 8.90
C ASN D 17 95.11 8.03 7.55
N ILE D 18 96.00 7.59 6.67
CA ILE D 18 96.12 8.16 5.34
C ILE D 18 94.84 7.80 4.61
N LYS D 19 94.44 6.52 4.66
CA LYS D 19 93.28 6.02 3.90
C LYS D 19 91.98 6.70 4.31
N ARG D 20 91.91 7.04 5.59
CA ARG D 20 90.80 7.76 6.15
C ARG D 20 90.74 9.17 5.58
N GLU D 21 91.89 9.82 5.46
CA GLU D 21 91.96 11.19 4.92
C GLU D 21 91.42 11.29 3.51
N GLN D 22 91.84 10.34 2.68
CA GLN D 22 91.28 10.20 1.33
C GLN D 22 89.88 9.60 1.40
N GLY D 23 89.13 9.95 2.44
CA GLY D 23 87.72 9.58 2.58
C GLY D 23 87.34 8.11 2.51
N ASN D 24 88.29 7.23 2.16
CA ASN D 24 88.01 5.80 1.99
C ASN D 24 87.98 5.01 3.31
N ILE D 25 86.79 4.97 3.90
CA ILE D 25 86.57 4.39 5.21
C ILE D 25 86.80 2.90 5.19
N GLU D 26 86.13 2.24 4.25
CA GLU D 26 86.25 0.80 4.01
C GLU D 26 87.64 0.29 4.37
N GLU D 27 88.65 0.89 3.73
CA GLU D 27 90.02 0.39 3.81
C GLU D 27 90.68 0.70 5.13
N ALA D 28 90.49 1.94 5.60
CA ALA D 28 91.04 2.32 6.88
C ALA D 28 90.81 1.22 7.91
N VAL D 29 89.55 0.81 8.08
CA VAL D 29 89.19 -0.25 9.02
C VAL D 29 90.01 -1.53 8.83
N ARG D 30 90.06 -2.02 7.60
CA ARG D 30 90.82 -3.24 7.31
C ARG D 30 92.26 -3.15 7.81
N LEU D 31 92.89 -1.98 7.61
CA LEU D 31 94.27 -1.74 8.03
C LEU D 31 94.42 -1.69 9.53
N TYR D 32 93.58 -0.86 10.18
CA TYR D 32 93.56 -0.77 11.65
C TYR D 32 93.48 -2.18 12.23
N ARG D 33 92.57 -2.98 11.71
CA ARG D 33 92.35 -4.33 12.23
C ARG D 33 93.58 -5.20 12.11
N LYS D 34 94.33 -5.02 11.03
CA LYS D 34 95.57 -5.76 10.84
C LYS D 34 96.67 -5.22 11.77
N ALA D 35 96.67 -3.91 11.98
CA ALA D 35 97.61 -3.32 12.90
C ALA D 35 97.41 -3.93 14.29
N LEU D 36 96.18 -4.25 14.62
CA LEU D 36 95.91 -4.75 15.95
C LEU D 36 96.19 -6.24 16.02
N GLU D 37 96.14 -6.90 14.88
CA GLU D 37 96.42 -8.32 14.82
C GLU D 37 97.89 -8.53 15.06
N VAL D 38 98.72 -7.66 14.47
CA VAL D 38 100.17 -7.64 14.68
C VAL D 38 100.52 -7.34 16.14
N PHE D 39 99.96 -6.26 16.66
CA PHE D 39 100.32 -5.77 17.99
C PHE D 39 99.05 -5.40 18.73
N PRO D 40 98.49 -6.35 19.49
CA PRO D 40 97.22 -6.16 20.21
C PRO D 40 97.23 -5.02 21.23
N GLU D 41 98.35 -4.81 21.90
CA GLU D 41 98.50 -3.79 22.94
C GLU D 41 98.76 -2.41 22.34
N PHE D 42 98.21 -2.15 21.16
CA PHE D 42 98.37 -0.86 20.49
C PHE D 42 97.24 0.09 20.91
N ALA D 43 97.54 1.06 21.76
CA ALA D 43 96.52 2.03 22.16
C ALA D 43 95.91 2.82 20.98
N ALA D 44 96.75 3.58 20.25
CA ALA D 44 96.25 4.50 19.22
C ALA D 44 95.41 3.81 18.15
N ALA D 45 95.75 2.56 17.83
CA ALA D 45 95.03 1.80 16.82
C ALA D 45 93.64 1.53 17.33
N HIS D 46 93.54 1.03 18.56
CA HIS D 46 92.24 0.80 19.18
C HIS D 46 91.37 2.02 19.19
N SER D 47 91.98 3.16 19.48
CA SER D 47 91.26 4.42 19.53
C SER D 47 90.78 4.82 18.14
N ASN D 48 91.64 4.65 17.14
CA ASN D 48 91.29 5.07 15.78
C ASN D 48 90.24 4.18 15.16
N LEU D 49 90.37 2.87 15.39
CA LEU D 49 89.43 1.90 14.87
C LEU D 49 88.09 2.09 15.52
N ALA D 50 88.10 2.52 16.78
CA ALA D 50 86.85 2.78 17.49
C ALA D 50 86.00 3.89 16.81
N SER D 51 86.64 4.99 16.42
CA SER D 51 85.92 6.17 15.97
C SER D 51 85.39 6.01 14.54
N VAL D 52 85.95 5.08 13.76
CA VAL D 52 85.29 4.77 12.48
C VAL D 52 84.17 3.80 12.71
N LEU D 53 84.33 2.91 13.66
CA LEU D 53 83.21 2.09 14.08
C LEU D 53 82.09 2.92 14.64
N GLN D 54 82.44 4.01 15.31
CA GLN D 54 81.41 4.92 15.76
C GLN D 54 80.76 5.63 14.58
N GLN D 55 81.56 6.12 13.63
CA GLN D 55 81.02 6.75 12.42
C GLN D 55 80.10 5.79 11.67
N GLN D 56 80.46 4.53 11.63
CA GLN D 56 79.67 3.54 10.92
C GLN D 56 78.44 3.16 11.73
N GLY D 57 78.34 3.70 12.93
CA GLY D 57 77.20 3.42 13.78
C GLY D 57 77.29 2.08 14.46
N LYS D 58 78.44 1.41 14.44
CA LYS D 58 78.59 0.12 15.15
C LYS D 58 79.05 0.34 16.58
N LEU D 59 78.19 0.91 17.40
CA LEU D 59 78.62 1.46 18.68
C LEU D 59 79.01 0.38 19.70
N GLN D 60 78.06 -0.45 20.07
CA GLN D 60 78.32 -1.79 20.59
C GLN D 60 79.82 -2.10 20.64
N GLU D 61 80.39 -2.22 19.43
CA GLU D 61 81.76 -2.62 19.17
C GLU D 61 82.73 -1.45 19.36
N ALA D 62 82.47 -0.32 18.70
CA ALA D 62 83.27 0.89 18.92
C ALA D 62 83.56 1.15 20.41
N LEU D 63 82.58 0.88 21.26
CA LEU D 63 82.76 1.01 22.71
C LEU D 63 83.81 0.07 23.22
N MET D 64 83.66 -1.22 22.95
CA MET D 64 84.68 -2.20 23.36
C MET D 64 86.14 -1.77 23.10
N HIS D 65 86.38 -1.16 21.95
CA HIS D 65 87.72 -0.75 21.56
C HIS D 65 88.15 0.44 22.28
N TYR D 66 87.24 1.39 22.49
CA TYR D 66 87.54 2.52 23.37
C TYR D 66 87.92 2.05 24.78
N LYS D 67 87.17 1.10 25.34
CA LYS D 67 87.48 0.55 26.65
C LYS D 67 88.87 -0.08 26.67
N GLU D 68 89.21 -0.73 25.56
CA GLU D 68 90.54 -1.30 25.42
C GLU D 68 91.61 -0.21 25.42
N ALA D 69 91.43 0.81 24.58
CA ALA D 69 92.39 1.91 24.48
C ALA D 69 92.76 2.44 25.85
N ILE D 70 91.77 2.79 26.65
CA ILE D 70 92.00 3.26 28.03
C ILE D 70 92.84 2.30 28.89
N ARG D 71 92.42 1.04 28.96
CA ARG D 71 93.09 0.03 29.81
C ARG D 71 94.57 -0.03 29.53
N ILE D 72 94.93 0.18 28.28
CA ILE D 72 96.31 0.24 27.89
C ILE D 72 96.93 1.59 28.27
N SER D 73 96.28 2.71 27.97
CA SER D 73 96.83 4.06 28.25
C SER D 73 95.96 4.88 29.18
N PRO D 74 96.14 4.69 30.50
CA PRO D 74 95.21 5.35 31.40
C PRO D 74 95.17 6.88 31.32
N THR D 75 96.22 7.54 30.80
CA THR D 75 96.21 9.01 30.62
C THR D 75 95.64 9.48 29.28
N PHE D 76 95.15 8.54 28.47
CA PHE D 76 94.61 8.84 27.14
C PHE D 76 93.31 9.63 27.30
N ALA D 77 93.45 10.94 27.49
CA ALA D 77 92.32 11.80 27.75
C ALA D 77 91.36 11.85 26.54
N ASP D 78 91.94 11.82 25.34
CA ASP D 78 91.17 11.91 24.10
C ASP D 78 90.16 10.77 23.90
N ALA D 79 90.48 9.58 24.41
CA ALA D 79 89.61 8.42 24.26
C ALA D 79 88.46 8.46 25.25
N TYR D 80 88.69 8.97 26.45
CA TYR D 80 87.61 9.14 27.42
C TYR D 80 86.54 10.02 26.84
N SER D 81 86.96 11.13 26.27
CA SER D 81 86.08 12.09 25.61
C SER D 81 85.21 11.43 24.55
N ASN D 82 85.84 10.68 23.65
CA ASN D 82 85.10 10.07 22.56
C ASN D 82 84.16 9.00 23.02
N MET D 83 84.60 8.23 24.02
CA MET D 83 83.79 7.16 24.59
C MET D 83 82.54 7.77 25.21
N GLY D 84 82.69 8.93 25.82
CA GLY D 84 81.55 9.74 26.19
C GLY D 84 80.56 9.91 25.04
N ASN D 85 81.00 10.51 23.94
CA ASN D 85 80.16 10.70 22.76
C ASN D 85 79.42 9.45 22.31
N THR D 86 80.10 8.32 22.34
CA THR D 86 79.49 7.03 22.03
C THR D 86 78.41 6.68 23.04
N LEU D 87 78.72 6.75 24.34
CA LEU D 87 77.76 6.41 25.38
C LEU D 87 76.55 7.31 25.37
N LYS D 88 76.74 8.54 24.91
CA LYS D 88 75.66 9.49 24.72
C LYS D 88 74.78 8.95 23.60
N GLU D 89 75.39 8.69 22.45
CA GLU D 89 74.66 8.18 21.28
C GLU D 89 73.97 6.82 21.53
N MET D 90 74.24 6.21 22.68
CA MET D 90 73.65 4.93 23.08
C MET D 90 72.57 5.15 24.12
N GLN D 91 72.14 6.40 24.26
CA GLN D 91 71.14 6.77 25.25
C GLN D 91 71.57 6.56 26.69
N ASP D 92 72.82 6.17 26.91
CA ASP D 92 73.32 6.10 28.28
C ASP D 92 74.05 7.38 28.65
N VAL D 93 73.27 8.40 29.02
CA VAL D 93 73.79 9.74 29.38
C VAL D 93 74.66 9.70 30.65
N GLN D 94 74.12 9.11 31.71
CA GLN D 94 74.85 8.83 32.93
C GLN D 94 76.36 8.49 32.69
N GLY D 95 76.64 7.37 32.03
CA GLY D 95 78.01 6.90 31.83
C GLY D 95 78.87 7.81 30.98
N ALA D 96 78.24 8.45 30.00
CA ALA D 96 78.93 9.40 29.12
C ALA D 96 79.31 10.64 29.90
N LEU D 97 78.47 11.00 30.86
CA LEU D 97 78.77 12.13 31.71
C LEU D 97 79.99 11.84 32.54
N GLN D 98 80.03 10.64 33.11
CA GLN D 98 81.17 10.12 33.85
C GLN D 98 82.50 10.14 33.08
N CYS D 99 82.45 9.81 31.78
CA CYS D 99 83.62 9.90 30.91
C CYS D 99 84.12 11.32 30.82
N TYR D 100 83.26 12.24 30.41
CA TYR D 100 83.67 13.62 30.22
C TYR D 100 84.32 14.17 31.48
N THR D 101 83.71 13.97 32.65
CA THR D 101 84.29 14.53 33.86
C THR D 101 85.60 13.85 34.15
N ARG D 102 85.64 12.53 33.96
CA ARG D 102 86.88 11.79 34.20
C ARG D 102 88.02 12.32 33.31
N ALA D 103 87.71 12.66 32.07
CA ALA D 103 88.71 13.17 31.18
C ALA D 103 89.22 14.51 31.69
N ILE D 104 88.32 15.38 32.13
CA ILE D 104 88.70 16.75 32.55
C ILE D 104 89.59 16.71 33.77
N GLN D 105 89.33 15.71 34.60
CA GLN D 105 90.04 15.56 35.84
C GLN D 105 91.50 15.18 35.55
N ILE D 106 91.69 14.31 34.56
CA ILE D 106 93.00 13.86 34.12
C ILE D 106 93.77 14.94 33.35
N ASN D 107 93.14 15.54 32.37
CA ASN D 107 93.74 16.66 31.67
C ASN D 107 92.85 17.91 31.81
N PRO D 108 93.11 18.71 32.86
CA PRO D 108 92.34 19.94 33.11
C PRO D 108 92.25 20.89 31.90
N ALA D 109 93.23 20.78 30.99
CA ALA D 109 93.39 21.72 29.88
C ALA D 109 92.78 21.21 28.61
N PHE D 110 92.38 19.93 28.60
CA PHE D 110 91.77 19.27 27.41
C PHE D 110 90.45 19.94 27.06
N ALA D 111 90.39 20.59 25.90
CA ALA D 111 89.23 21.43 25.56
C ALA D 111 87.96 20.71 25.03
N ASP D 112 88.12 19.60 24.33
CA ASP D 112 86.96 18.85 23.82
C ASP D 112 86.05 18.28 24.92
N ALA D 113 86.63 17.87 26.02
CA ALA D 113 85.85 17.35 27.13
C ALA D 113 84.94 18.44 27.64
N HIS D 114 85.50 19.64 27.84
CA HIS D 114 84.73 20.79 28.31
C HIS D 114 83.56 21.12 27.44
N SER D 115 83.76 21.00 26.13
CA SER D 115 82.70 21.19 25.16
C SER D 115 81.67 20.05 25.26
N ASN D 116 82.15 18.81 25.11
CA ASN D 116 81.29 17.64 25.27
C ASN D 116 80.39 17.75 26.46
N LEU D 117 80.97 18.17 27.59
CA LEU D 117 80.22 18.35 28.83
C LEU D 117 79.13 19.39 28.62
N ALA D 118 79.50 20.56 28.14
CA ALA D 118 78.51 21.58 27.85
C ALA D 118 77.37 21.02 27.01
N SER D 119 77.70 20.16 26.05
CA SER D 119 76.71 19.61 25.13
C SER D 119 75.65 18.79 25.84
N ILE D 120 76.04 18.06 26.88
CA ILE D 120 75.08 17.32 27.68
C ILE D 120 74.16 18.32 28.35
N HIS D 121 74.74 19.35 28.94
CA HIS D 121 73.95 20.38 29.60
C HIS D 121 72.95 20.99 28.66
N LYS D 122 73.40 21.25 27.45
CA LYS D 122 72.52 21.81 26.45
C LYS D 122 71.32 20.89 26.24
N ASP D 123 71.56 19.60 26.12
CA ASP D 123 70.50 18.64 25.85
C ASP D 123 69.59 18.39 27.02
N SER D 124 70.00 18.78 28.21
CA SER D 124 69.10 18.63 29.34
C SER D 124 68.45 19.94 29.56
N GLY D 125 68.75 20.90 28.69
CA GLY D 125 68.09 22.17 28.74
C GLY D 125 68.49 23.03 29.91
N ASN D 126 69.56 22.69 30.62
CA ASN D 126 70.14 23.70 31.52
C ASN D 126 71.26 24.45 30.81
N ILE D 127 70.90 25.65 30.36
CA ILE D 127 71.68 26.44 29.41
C ILE D 127 72.72 27.32 30.09
N PRO D 128 72.38 27.96 31.24
CA PRO D 128 73.44 28.79 31.76
C PRO D 128 74.71 27.94 32.03
N GLU D 129 74.54 26.74 32.59
CA GLU D 129 75.66 25.82 32.78
C GLU D 129 76.30 25.37 31.48
N ALA D 130 75.51 25.11 30.44
CA ALA D 130 76.06 24.77 29.13
C ALA D 130 76.97 25.88 28.57
N ILE D 131 76.54 27.13 28.72
CA ILE D 131 77.30 28.27 28.28
C ILE D 131 78.62 28.36 29.07
N ALA D 132 78.54 28.33 30.40
CA ALA D 132 79.76 28.33 31.23
C ALA D 132 80.83 27.42 30.62
N SER D 133 80.47 26.14 30.44
CA SER D 133 81.38 25.13 29.97
C SER D 133 81.87 25.36 28.56
N TYR D 134 81.08 25.98 27.70
CA TYR D 134 81.55 26.29 26.35
C TYR D 134 82.59 27.41 26.40
N ARG D 135 82.35 28.41 27.26
CA ARG D 135 83.26 29.55 27.40
C ARG D 135 84.61 29.06 27.87
N THR D 136 84.61 28.16 28.86
CA THR D 136 85.83 27.52 29.34
C THR D 136 86.52 26.77 28.20
N ALA D 137 85.77 25.97 27.46
CA ALA D 137 86.32 25.26 26.32
C ALA D 137 87.01 26.21 25.33
N LEU D 138 86.37 27.34 25.06
CA LEU D 138 86.91 28.32 24.10
C LEU D 138 88.11 29.11 24.61
N LYS D 139 88.11 29.41 25.89
CA LYS D 139 89.28 29.98 26.53
C LYS D 139 90.50 29.07 26.30
N LEU D 140 90.37 27.77 26.60
CA LEU D 140 91.45 26.79 26.44
C LEU D 140 91.91 26.64 25.01
N LYS D 141 90.96 26.57 24.09
CA LYS D 141 91.31 26.44 22.68
C LYS D 141 90.54 27.49 21.88
N PRO D 142 91.13 28.69 21.69
CA PRO D 142 90.37 29.79 21.04
C PRO D 142 89.88 29.53 19.61
N ASP D 143 90.43 28.50 18.95
CA ASP D 143 89.87 28.07 17.67
C ASP D 143 89.18 26.71 17.79
N PHE D 144 87.87 26.75 18.05
CA PHE D 144 87.10 25.54 18.22
C PHE D 144 85.75 25.82 17.61
N PRO D 145 85.56 25.41 16.36
CA PRO D 145 84.27 25.58 15.71
C PRO D 145 83.09 25.00 16.51
N ASP D 146 83.08 23.68 16.73
CA ASP D 146 81.95 23.00 17.38
C ASP D 146 81.48 23.72 18.62
N ALA D 147 82.41 24.05 19.50
CA ALA D 147 82.09 24.84 20.68
C ALA D 147 81.58 26.26 20.39
N TYR D 148 82.22 26.98 19.46
CA TYR D 148 81.76 28.33 19.10
C TYR D 148 80.32 28.32 18.61
N CYS D 149 80.02 27.45 17.65
CA CYS D 149 78.69 27.33 17.07
C CYS D 149 77.63 26.95 18.08
N ASN D 150 77.86 25.89 18.83
CA ASN D 150 76.91 25.50 19.84
C ASN D 150 76.65 26.62 20.82
N LEU D 151 77.72 27.29 21.27
CA LEU D 151 77.60 28.46 22.14
C LEU D 151 76.70 29.50 21.53
N ALA D 152 76.98 29.83 20.27
CA ALA D 152 76.21 30.82 19.53
C ALA D 152 74.70 30.53 19.59
N HIS D 153 74.37 29.25 19.54
CA HIS D 153 72.99 28.84 19.59
C HIS D 153 72.38 29.09 20.93
N CYS D 154 73.12 28.84 22.01
CA CYS D 154 72.59 29.01 23.36
C CYS D 154 72.36 30.47 23.60
N LEU D 155 73.34 31.27 23.23
CA LEU D 155 73.20 32.71 23.36
C LEU D 155 71.97 33.13 22.62
N GLN D 156 71.71 32.46 21.50
CA GLN D 156 70.50 32.70 20.71
C GLN D 156 69.20 32.45 21.47
N ILE D 157 69.23 31.40 22.29
CA ILE D 157 68.09 30.90 23.01
C ILE D 157 67.76 31.75 24.23
N VAL D 158 68.78 32.37 24.80
CA VAL D 158 68.57 33.21 26.01
C VAL D 158 68.44 34.67 25.59
N CYS D 159 68.62 34.92 24.30
CA CYS D 159 68.61 36.26 23.78
C CYS D 159 69.72 37.09 24.39
N ASP D 160 70.86 36.44 24.59
CA ASP D 160 72.08 37.17 24.82
C ASP D 160 72.59 37.61 23.46
N TRP D 161 72.58 38.92 23.23
CA TRP D 161 72.91 39.44 21.91
C TRP D 161 74.18 40.24 21.92
N THR D 162 75.13 39.87 22.79
CA THR D 162 76.42 40.56 22.91
C THR D 162 77.31 40.28 21.70
N ASP D 163 77.80 41.36 21.07
CA ASP D 163 78.60 41.27 19.84
C ASP D 163 77.90 40.52 18.71
N TYR D 164 76.59 40.71 18.63
CA TYR D 164 75.72 39.95 17.73
C TYR D 164 76.22 39.93 16.29
N ASP D 165 76.53 41.10 15.75
CA ASP D 165 76.92 41.20 14.36
C ASP D 165 78.25 40.51 14.09
N GLU D 166 79.23 40.69 14.99
CA GLU D 166 80.52 40.04 14.83
C GLU D 166 80.34 38.54 14.98
N ARG D 167 79.45 38.14 15.88
CA ARG D 167 79.18 36.73 16.12
C ARG D 167 78.63 36.09 14.85
N MET D 168 77.70 36.78 14.19
CA MET D 168 77.10 36.29 12.96
C MET D 168 78.13 36.14 11.86
N LYS D 169 78.83 37.23 11.60
CA LYS D 169 79.89 37.20 10.59
C LYS D 169 80.83 36.06 10.87
N LYS D 170 81.21 35.90 12.14
CA LYS D 170 82.13 34.84 12.51
C LYS D 170 81.59 33.46 12.15
N LEU D 171 80.31 33.21 12.42
CA LEU D 171 79.70 31.94 12.07
C LEU D 171 79.84 31.65 10.59
N VAL D 172 79.25 32.52 9.77
CA VAL D 172 79.33 32.40 8.31
C VAL D 172 80.76 32.04 7.93
N SER D 173 81.69 32.88 8.36
CA SER D 173 83.11 32.65 8.24
C SER D 173 83.58 31.19 8.50
N ILE D 174 83.21 30.64 9.66
CA ILE D 174 83.58 29.27 10.06
C ILE D 174 83.00 28.20 9.15
N VAL D 175 81.73 28.37 8.80
CA VAL D 175 81.01 27.46 7.91
C VAL D 175 81.60 27.48 6.49
N ALA D 176 81.84 28.68 5.97
CA ALA D 176 82.57 28.87 4.73
C ALA D 176 83.84 28.01 4.72
N ASP D 177 84.70 28.21 5.70
CA ASP D 177 85.90 27.40 5.85
C ASP D 177 85.58 25.90 5.81
N GLN D 178 84.63 25.46 6.62
CA GLN D 178 84.39 24.01 6.79
C GLN D 178 83.81 23.34 5.56
N LEU D 179 82.94 24.08 4.85
CA LEU D 179 82.31 23.56 3.65
C LEU D 179 83.37 23.33 2.63
N GLU D 180 84.27 24.31 2.53
CA GLU D 180 85.35 24.26 1.56
C GLU D 180 86.37 23.20 1.93
N LYS D 181 86.68 23.05 3.22
CA LYS D 181 87.62 22.02 3.69
C LYS D 181 86.99 20.64 3.86
N ASN D 182 85.82 20.44 3.24
CA ASN D 182 85.14 19.14 3.24
C ASN D 182 85.02 18.46 4.63
N ARG D 183 84.84 19.29 5.66
CA ARG D 183 84.61 18.83 7.02
C ARG D 183 83.15 19.13 7.36
N LEU D 184 82.52 18.27 8.16
CA LEU D 184 81.11 18.45 8.57
C LEU D 184 80.90 19.72 9.40
N PRO D 185 79.98 20.59 8.97
CA PRO D 185 79.87 21.93 9.55
C PRO D 185 79.28 21.92 10.95
N SER D 186 79.76 22.83 11.78
CA SER D 186 79.36 22.87 13.18
C SER D 186 77.93 23.33 13.35
N VAL D 187 77.44 24.17 12.45
CA VAL D 187 76.03 24.63 12.51
C VAL D 187 75.07 23.50 12.14
N HIS D 188 74.11 23.26 13.02
CA HIS D 188 73.13 22.24 12.74
C HIS D 188 72.10 22.73 11.77
N PRO D 189 71.69 21.87 10.82
CA PRO D 189 70.80 22.31 9.74
C PRO D 189 69.53 22.93 10.24
N HIS D 190 69.05 22.44 11.38
CA HIS D 190 67.83 22.96 11.96
C HIS D 190 67.98 24.38 12.44
N HIS D 191 69.20 24.77 12.79
CA HIS D 191 69.45 26.10 13.29
C HIS D 191 69.85 26.99 12.18
N SER D 192 70.31 26.39 11.08
CA SER D 192 70.87 27.16 9.96
C SER D 192 70.00 28.33 9.51
N MET D 193 68.69 28.18 9.66
CA MET D 193 67.76 29.22 9.22
C MET D 193 67.82 30.50 10.06
N LEU D 194 68.46 30.43 11.22
CA LEU D 194 68.55 31.59 12.11
C LEU D 194 69.69 32.53 11.74
N TYR D 195 70.69 32.04 11.01
CA TYR D 195 71.86 32.89 10.73
C TYR D 195 71.87 33.41 9.30
N PRO D 196 72.60 34.51 9.05
CA PRO D 196 72.65 35.12 7.71
C PRO D 196 73.65 34.43 6.79
N LEU D 197 73.36 33.19 6.44
CA LEU D 197 74.17 32.44 5.50
C LEU D 197 73.53 32.54 4.13
N SER D 198 74.23 32.06 3.11
CA SER D 198 73.64 31.94 1.78
C SER D 198 72.78 30.67 1.72
N HIS D 199 71.87 30.63 0.75
CA HIS D 199 70.92 29.52 0.57
C HIS D 199 71.62 28.30 0.06
N GLY D 200 72.69 28.51 -0.70
CA GLY D 200 73.56 27.42 -1.15
C GLY D 200 74.31 26.83 0.04
N PHE D 201 74.75 27.72 0.94
CA PHE D 201 75.36 27.31 2.21
C PHE D 201 74.43 26.44 3.04
N ARG D 202 73.20 26.91 3.22
CA ARG D 202 72.22 26.15 3.98
C ARG D 202 71.97 24.78 3.34
N LYS D 203 71.76 24.76 2.02
CA LYS D 203 71.58 23.51 1.33
C LYS D 203 72.79 22.62 1.49
N ALA D 204 73.98 23.21 1.38
CA ALA D 204 75.22 22.42 1.53
C ALA D 204 75.36 21.77 2.91
N ILE D 205 74.89 22.46 3.96
CA ILE D 205 74.94 21.93 5.32
C ILE D 205 74.04 20.72 5.42
N ALA D 206 72.77 20.91 5.08
CA ALA D 206 71.78 19.84 5.05
C ALA D 206 72.35 18.67 4.28
N GLU D 207 72.89 18.97 3.11
CA GLU D 207 73.54 18.00 2.25
C GLU D 207 74.48 17.09 3.03
N ARG D 208 75.33 17.68 3.89
CA ARG D 208 76.36 16.93 4.65
C ARG D 208 75.82 16.01 5.72
N HIS D 209 74.78 16.45 6.41
CA HIS D 209 74.07 15.60 7.36
C HIS D 209 73.29 14.54 6.63
N GLY D 210 72.92 14.87 5.40
CA GLY D 210 72.41 13.88 4.46
C GLY D 210 73.38 12.74 4.39
N ASN D 211 74.67 13.04 4.29
CA ASN D 211 75.69 12.00 4.09
C ASN D 211 76.07 11.23 5.33
N LEU D 212 75.68 11.73 6.49
CA LEU D 212 75.98 11.01 7.72
C LEU D 212 75.23 9.70 7.82
N CYS D 213 73.98 9.71 7.35
CA CYS D 213 73.14 8.51 7.31
C CYS D 213 73.70 7.56 6.25
N LEU D 214 74.05 8.11 5.08
CA LEU D 214 74.59 7.33 3.97
C LEU D 214 75.70 6.38 4.36
N ASP D 215 76.53 6.80 5.31
CA ASP D 215 77.65 5.95 5.76
C ASP D 215 77.21 4.92 6.75
N LYS D 216 76.21 5.28 7.55
CA LYS D 216 75.69 4.40 8.59
C LYS D 216 74.93 3.23 8.03
N ILE D 217 74.49 3.32 6.76
CA ILE D 217 73.79 2.18 6.13
C ILE D 217 74.62 1.39 5.12
N ASN D 218 75.62 2.05 4.54
CA ASN D 218 76.54 1.39 3.62
C ASN D 218 77.08 0.12 4.17
N VAL D 219 77.28 0.13 5.49
CA VAL D 219 77.88 -0.98 6.20
C VAL D 219 76.92 -2.14 6.47
N LEU D 220 75.68 -2.04 5.98
CA LEU D 220 74.75 -3.17 5.98
C LEU D 220 74.86 -3.96 4.70
N HIS D 221 75.34 -3.29 3.64
CA HIS D 221 75.58 -3.87 2.32
C HIS D 221 74.30 -4.43 1.81
N LYS D 222 73.37 -3.55 1.49
CA LYS D 222 72.07 -4.05 1.13
C LYS D 222 71.81 -3.80 -0.31
N PRO D 223 71.22 -4.81 -0.99
CA PRO D 223 70.85 -4.58 -2.38
C PRO D 223 69.77 -3.53 -2.43
N PRO D 224 69.75 -2.73 -3.50
CA PRO D 224 68.58 -1.88 -3.76
C PRO D 224 67.26 -2.69 -3.72
N TYR D 225 66.15 -2.04 -3.43
CA TYR D 225 64.90 -2.79 -3.32
C TYR D 225 64.13 -2.76 -4.61
N GLU D 226 63.39 -3.83 -4.86
CA GLU D 226 62.47 -3.82 -5.96
C GLU D 226 61.20 -3.12 -5.56
N HIS D 227 60.92 -2.00 -6.18
CA HIS D 227 59.70 -1.26 -5.88
C HIS D 227 58.58 -1.74 -6.75
N PRO D 228 57.34 -1.62 -6.27
CA PRO D 228 56.22 -1.94 -7.16
C PRO D 228 56.13 -0.94 -8.31
N LYS D 229 55.45 -1.37 -9.39
CA LYS D 229 55.30 -0.54 -10.60
C LYS D 229 53.83 -0.21 -10.94
N ASP D 230 52.92 -0.77 -10.16
CA ASP D 230 51.50 -0.57 -10.38
C ASP D 230 50.79 -0.81 -9.04
N LEU D 231 49.47 -0.75 -9.06
CA LEU D 231 48.73 -0.85 -7.85
C LEU D 231 48.04 -2.21 -7.72
N LYS D 232 48.43 -3.16 -8.56
CA LYS D 232 47.69 -4.43 -8.62
C LYS D 232 47.73 -5.26 -7.33
N LEU D 233 48.89 -5.31 -6.68
CA LEU D 233 49.08 -6.09 -5.42
C LEU D 233 48.35 -5.49 -4.21
N SER D 234 48.06 -4.20 -4.31
CA SER D 234 47.41 -3.46 -3.25
C SER D 234 45.98 -3.15 -3.63
N ASP D 235 45.49 -3.84 -4.64
CA ASP D 235 44.08 -3.82 -4.99
C ASP D 235 43.60 -2.45 -5.46
N GLY D 236 44.43 -1.77 -6.25
CA GLY D 236 44.11 -0.43 -6.73
C GLY D 236 44.39 0.69 -5.72
N ARG D 237 44.81 0.34 -4.52
CA ARG D 237 45.04 1.35 -3.49
C ARG D 237 46.48 1.78 -3.47
N LEU D 238 46.70 3.08 -3.32
CA LEU D 238 48.03 3.63 -3.20
C LEU D 238 48.39 3.53 -1.73
N ARG D 239 49.56 3.00 -1.44
CA ARG D 239 49.96 2.75 -0.07
C ARG D 239 50.92 3.79 0.47
N VAL D 240 50.37 4.76 1.22
CA VAL D 240 51.17 5.80 1.84
C VAL D 240 51.63 5.41 3.24
N GLY D 241 52.87 5.72 3.55
CA GLY D 241 53.41 5.47 4.88
C GLY D 241 53.93 6.74 5.50
N TYR D 242 53.37 7.12 6.63
CA TYR D 242 53.92 8.25 7.36
C TYR D 242 54.90 7.80 8.42
N VAL D 243 56.02 8.49 8.52
CA VAL D 243 57.06 8.07 9.43
C VAL D 243 57.49 9.23 10.30
N SER D 244 57.15 9.12 11.59
CA SER D 244 57.32 10.20 12.56
C SER D 244 57.67 9.68 13.95
N SER D 245 58.49 10.44 14.67
CA SER D 245 58.79 10.13 16.05
C SER D 245 57.86 10.88 16.98
N ASP D 246 56.80 11.47 16.42
CA ASP D 246 55.95 12.40 17.16
C ASP D 246 54.47 12.06 17.02
N PHE D 247 54.15 10.78 16.99
CA PHE D 247 52.78 10.35 17.16
C PHE D 247 52.59 10.19 18.66
N GLY D 248 52.31 11.29 19.30
CA GLY D 248 52.06 11.31 20.74
C GLY D 248 51.80 12.75 21.08
N ASN D 249 52.03 13.12 22.33
CA ASN D 249 51.88 14.52 22.69
C ASN D 249 53.02 15.42 22.17
N HIS D 250 52.74 16.12 21.07
CA HIS D 250 53.76 16.80 20.29
C HIS D 250 53.11 17.54 19.14
N PRO D 251 53.55 18.79 18.86
CA PRO D 251 52.99 19.63 17.79
C PRO D 251 52.60 18.89 16.51
N THR D 252 53.51 18.07 15.98
CA THR D 252 53.22 17.29 14.79
C THR D 252 51.85 16.66 14.90
N SER D 253 51.61 15.96 16.00
CA SER D 253 50.31 15.38 16.24
C SER D 253 49.24 16.45 16.32
N HIS D 254 49.50 17.49 17.09
CA HIS D 254 48.50 18.52 17.27
C HIS D 254 48.06 19.07 15.96
N LEU D 255 48.93 18.99 14.96
CA LEU D 255 48.57 19.48 13.63
C LEU D 255 47.75 18.48 12.81
N MET D 256 48.31 17.30 12.59
CA MET D 256 47.78 16.41 11.60
C MET D 256 47.12 15.11 12.11
N GLN D 257 46.95 14.97 13.44
CA GLN D 257 46.33 13.76 14.03
C GLN D 257 45.03 13.30 13.33
N SER D 258 44.32 14.23 12.67
CA SER D 258 43.05 13.85 12.02
C SER D 258 43.23 13.23 10.65
N ILE D 259 44.36 13.57 10.00
CA ILE D 259 44.62 13.21 8.60
C ILE D 259 44.57 11.72 8.24
N PRO D 260 45.35 10.88 8.93
CA PRO D 260 45.28 9.44 8.59
C PRO D 260 43.85 8.92 8.58
N GLY D 261 43.06 9.39 9.54
CA GLY D 261 41.66 9.02 9.59
C GLY D 261 40.89 9.46 8.37
N MET D 262 41.26 10.60 7.81
CA MET D 262 40.43 11.22 6.81
C MET D 262 40.71 10.74 5.39
N HIS D 263 41.69 9.84 5.22
CA HIS D 263 42.02 9.32 3.89
C HIS D 263 40.89 8.53 3.32
N ASN D 264 40.77 8.56 1.99
CA ASN D 264 39.79 7.75 1.26
C ASN D 264 40.28 6.32 1.12
N PRO D 265 39.65 5.39 1.85
CA PRO D 265 40.00 3.97 1.92
C PRO D 265 39.86 3.25 0.59
N ASP D 266 39.18 3.87 -0.37
CA ASP D 266 38.95 3.25 -1.67
C ASP D 266 40.19 3.35 -2.51
N LYS D 267 40.88 4.47 -2.37
CA LYS D 267 42.01 4.72 -3.22
C LYS D 267 43.30 4.67 -2.46
N PHE D 268 43.25 4.76 -1.14
CA PHE D 268 44.46 4.81 -0.34
C PHE D 268 44.47 3.87 0.82
N GLU D 269 45.63 3.29 1.11
CA GLU D 269 45.82 2.48 2.30
C GLU D 269 46.92 3.14 3.13
N VAL D 270 46.60 3.51 4.37
CA VAL D 270 47.52 4.32 5.17
C VAL D 270 48.32 3.52 6.16
N PHE D 271 49.64 3.69 6.12
CA PHE D 271 50.52 3.04 7.08
C PHE D 271 51.19 4.11 7.93
N CYS D 272 51.21 3.91 9.24
CA CYS D 272 51.93 4.81 10.11
C CYS D 272 53.04 4.08 10.81
N TYR D 273 54.21 4.68 10.83
CA TYR D 273 55.36 4.01 11.40
C TYR D 273 55.85 4.90 12.50
N ALA D 274 55.63 4.47 13.74
CA ALA D 274 56.09 5.29 14.89
C ALA D 274 57.55 5.02 15.14
N LEU D 275 58.29 6.09 15.37
CA LEU D 275 59.70 5.96 15.64
C LEU D 275 59.95 5.96 17.11
N SER D 276 58.89 6.20 17.88
CA SER D 276 59.00 6.37 19.33
C SER D 276 57.95 5.51 20.06
N PRO D 277 58.28 5.05 21.28
CA PRO D 277 57.35 4.18 22.02
C PRO D 277 56.04 4.90 22.35
N ASP D 278 55.04 4.15 22.78
CA ASP D 278 53.74 4.70 23.11
C ASP D 278 53.82 5.52 24.38
N ASP D 279 53.53 6.81 24.26
CA ASP D 279 53.57 7.74 25.41
C ASP D 279 52.31 7.72 26.30
N GLY D 280 51.24 7.11 25.84
CA GLY D 280 50.04 6.92 26.66
C GLY D 280 48.91 7.87 26.33
N THR D 281 49.23 8.92 25.59
CA THR D 281 48.27 9.97 25.27
C THR D 281 47.21 9.63 24.22
N ASN D 282 46.11 10.37 24.25
CA ASN D 282 45.06 10.23 23.27
C ASN D 282 45.52 10.45 21.86
N PHE D 283 46.48 11.34 21.65
CA PHE D 283 46.96 11.55 20.29
C PHE D 283 47.43 10.22 19.68
N ARG D 284 48.36 9.56 20.36
CA ARG D 284 48.87 8.28 19.91
C ARG D 284 47.73 7.32 19.63
N VAL D 285 46.71 7.36 20.49
CA VAL D 285 45.56 6.41 20.41
C VAL D 285 44.76 6.60 19.12
N LYS D 286 44.33 7.84 18.90
CA LYS D 286 43.58 8.19 17.72
C LYS D 286 44.30 7.72 16.49
N VAL D 287 45.59 8.02 16.38
CA VAL D 287 46.31 7.67 15.17
C VAL D 287 46.36 6.16 14.98
N MET D 288 46.62 5.42 16.06
CA MET D 288 46.58 3.97 16.03
C MET D 288 45.19 3.44 15.71
N ALA D 289 44.18 4.08 16.28
CA ALA D 289 42.80 3.70 16.03
C ALA D 289 42.40 3.92 14.58
N GLU D 290 42.96 4.94 13.93
CA GLU D 290 42.43 5.42 12.67
C GLU D 290 43.22 5.12 11.41
N ALA D 291 44.52 4.91 11.53
CA ALA D 291 45.29 4.53 10.37
C ALA D 291 44.94 3.09 10.05
N ASN D 292 45.09 2.71 8.78
CA ASN D 292 44.79 1.33 8.38
C ASN D 292 45.72 0.34 9.01
N HIS D 293 46.96 0.79 9.23
CA HIS D 293 48.01 -0.04 9.82
C HIS D 293 48.93 0.81 10.60
N PHE D 294 49.26 0.37 11.80
CA PHE D 294 50.14 1.15 12.60
C PHE D 294 51.25 0.23 13.03
N ILE D 295 52.47 0.64 12.74
CA ILE D 295 53.65 -0.18 12.99
C ILE D 295 54.61 0.53 13.94
N ASP D 296 54.87 -0.11 15.09
CA ASP D 296 55.83 0.44 16.06
C ASP D 296 57.30 0.09 15.70
N LEU D 297 57.98 1.04 15.07
CA LEU D 297 59.32 0.81 14.62
C LEU D 297 60.33 1.03 15.71
N SER D 298 59.89 1.54 16.87
CA SER D 298 60.79 1.68 18.02
C SER D 298 61.17 0.32 18.61
N GLN D 299 60.38 -0.70 18.31
CA GLN D 299 60.68 -2.09 18.66
C GLN D 299 61.68 -2.75 17.71
N ILE D 300 62.12 -2.02 16.68
CA ILE D 300 63.01 -2.55 15.66
C ILE D 300 64.12 -1.51 15.48
N PRO D 301 65.14 -1.54 16.38
CA PRO D 301 66.18 -0.50 16.37
C PRO D 301 67.08 -0.59 15.15
N CYS D 302 67.27 -1.81 14.62
CA CYS D 302 68.04 -2.01 13.41
C CYS D 302 67.39 -1.36 12.19
N ASN D 303 68.10 -0.44 11.56
CA ASN D 303 67.59 0.23 10.37
C ASN D 303 67.43 -0.69 9.17
N GLY D 304 68.20 -1.76 9.14
CA GLY D 304 68.10 -2.74 8.07
C GLY D 304 66.77 -3.46 8.11
N LYS D 305 66.49 -4.10 9.23
CA LYS D 305 65.23 -4.82 9.40
C LYS D 305 64.01 -3.92 9.30
N ALA D 306 64.13 -2.71 9.83
CA ALA D 306 63.06 -1.72 9.77
C ALA D 306 62.72 -1.37 8.34
N ALA D 307 63.70 -0.95 7.56
CA ALA D 307 63.49 -0.71 6.13
C ALA D 307 62.81 -1.89 5.41
N ASP D 308 63.29 -3.11 5.66
CA ASP D 308 62.66 -4.30 5.09
C ASP D 308 61.19 -4.30 5.38
N ARG D 309 60.87 -4.06 6.65
CA ARG D 309 59.52 -4.09 7.14
C ARG D 309 58.64 -3.09 6.40
N ILE D 310 59.25 -1.99 5.97
CA ILE D 310 58.58 -0.99 5.16
C ILE D 310 58.33 -1.55 3.79
N HIS D 311 59.40 -1.95 3.12
CA HIS D 311 59.32 -2.58 1.82
C HIS D 311 58.44 -3.79 1.83
N GLN D 312 58.45 -4.53 2.94
CA GLN D 312 57.59 -5.68 3.17
C GLN D 312 56.15 -5.26 2.97
N ASP D 313 55.79 -4.12 3.55
CA ASP D 313 54.43 -3.66 3.55
C ASP D 313 54.04 -3.10 2.20
N GLY D 314 54.99 -3.00 1.27
CA GLY D 314 54.74 -2.54 -0.10
C GLY D 314 54.26 -1.11 -0.23
N ILE D 315 55.02 -0.19 0.38
CA ILE D 315 54.74 1.24 0.38
C ILE D 315 55.10 1.90 -0.97
N HIS D 316 54.18 2.69 -1.53
CA HIS D 316 54.48 3.43 -2.72
C HIS D 316 55.10 4.74 -2.35
N ILE D 317 54.45 5.51 -1.50
CA ILE D 317 54.98 6.78 -1.07
C ILE D 317 55.25 6.78 0.42
N LEU D 318 56.52 7.00 0.76
CA LEU D 318 56.97 7.14 2.13
C LEU D 318 57.17 8.61 2.49
N VAL D 319 56.52 9.05 3.56
CA VAL D 319 56.53 10.44 3.91
C VAL D 319 57.38 10.63 5.13
N ASN D 320 58.38 11.51 5.02
CA ASN D 320 59.24 11.86 6.13
C ASN D 320 58.74 13.07 6.89
N MET D 321 58.33 12.87 8.13
CA MET D 321 57.81 13.99 8.93
C MET D 321 58.81 14.56 9.92
N ASN D 322 59.99 13.94 10.00
CA ASN D 322 60.98 14.34 10.96
C ASN D 322 62.12 15.21 10.41
N GLY D 323 62.64 14.88 9.24
CA GLY D 323 63.82 15.57 8.73
C GLY D 323 64.87 15.55 9.81
N TYR D 324 65.50 16.69 10.09
CA TYR D 324 66.60 16.68 11.04
C TYR D 324 66.18 17.11 12.44
N THR D 325 65.13 16.48 12.95
CA THR D 325 64.69 16.77 14.31
C THR D 325 64.88 15.59 15.24
N LYS D 326 64.60 15.80 16.54
CA LYS D 326 64.87 14.80 17.57
C LYS D 326 64.15 13.51 17.27
N GLY D 327 64.78 12.38 17.55
CA GLY D 327 64.14 11.10 17.36
C GLY D 327 64.10 10.61 15.92
N ALA D 328 64.64 11.41 15.00
CA ALA D 328 64.59 11.06 13.56
C ALA D 328 65.43 9.84 13.23
N ARG D 329 65.06 9.11 12.18
CA ARG D 329 65.87 7.99 11.72
C ARG D 329 65.90 7.96 10.20
N ASN D 330 66.73 8.84 9.63
CA ASN D 330 66.73 9.02 8.18
C ASN D 330 67.45 7.92 7.42
N GLU D 331 68.25 7.15 8.14
CA GLU D 331 68.82 5.92 7.61
C GLU D 331 67.76 5.09 6.91
N LEU D 332 66.56 5.04 7.49
CA LEU D 332 65.39 4.43 6.82
C LEU D 332 65.18 4.90 5.39
N PHE D 333 65.10 6.22 5.21
CA PHE D 333 64.87 6.82 3.90
C PHE D 333 66.04 6.62 2.98
N ALA D 334 67.25 6.71 3.55
CA ALA D 334 68.48 6.50 2.81
C ALA D 334 68.53 5.10 2.19
N LEU D 335 67.87 4.14 2.81
CA LEU D 335 67.79 2.78 2.24
C LEU D 335 66.79 2.65 1.08
N ARG D 336 65.99 3.70 0.84
CA ARG D 336 65.11 3.76 -0.31
C ARG D 336 64.20 2.53 -0.42
N PRO D 337 63.20 2.38 0.47
CA PRO D 337 62.28 1.21 0.36
C PRO D 337 61.04 1.49 -0.47
N ALA D 338 60.77 2.77 -0.68
CA ALA D 338 59.62 3.16 -1.45
C ALA D 338 60.15 3.84 -2.67
N PRO D 339 59.40 3.74 -3.79
CA PRO D 339 59.78 4.42 -5.03
C PRO D 339 59.74 5.92 -4.91
N ILE D 340 58.78 6.44 -4.17
CA ILE D 340 58.65 7.89 -3.94
C ILE D 340 58.78 8.27 -2.45
N GLN D 341 59.66 9.20 -2.12
CA GLN D 341 59.85 9.56 -0.74
C GLN D 341 59.74 11.06 -0.58
N ALA D 342 58.77 11.52 0.20
CA ALA D 342 58.51 12.95 0.29
C ALA D 342 58.69 13.48 1.69
N MET D 343 59.23 14.69 1.79
CA MET D 343 59.29 15.46 3.04
C MET D 343 57.93 16.14 3.25
N TRP D 344 57.48 16.21 4.52
CA TRP D 344 56.17 16.81 4.82
C TRP D 344 55.95 17.35 6.21
N LEU D 345 55.69 18.66 6.27
CA LEU D 345 55.08 19.31 7.42
C LEU D 345 56.00 19.43 8.63
N GLY D 346 56.59 18.32 9.05
CA GLY D 346 57.45 18.27 10.24
C GLY D 346 58.70 19.14 10.25
N TYR D 347 59.52 19.06 9.20
CA TYR D 347 60.75 19.81 9.15
C TYR D 347 60.67 20.95 8.14
N PRO D 348 60.98 22.19 8.60
CA PRO D 348 60.82 23.43 7.84
C PRO D 348 62.14 23.84 7.13
N GLY D 349 62.51 23.05 6.14
CA GLY D 349 63.77 23.22 5.43
C GLY D 349 64.06 22.06 4.50
N THR D 350 65.05 22.24 3.65
CA THR D 350 65.38 21.21 2.69
C THR D 350 66.17 20.16 3.38
N SER D 351 66.05 18.93 2.89
CA SER D 351 66.74 17.78 3.46
C SER D 351 68.16 17.75 2.97
N GLY D 352 68.35 18.39 1.82
CA GLY D 352 69.63 18.47 1.12
C GLY D 352 70.11 17.12 0.63
N ALA D 353 69.22 16.13 0.65
CA ALA D 353 69.62 14.74 0.43
C ALA D 353 69.09 14.17 -0.89
N LEU D 354 69.90 13.27 -1.44
CA LEU D 354 69.57 12.57 -2.67
C LEU D 354 68.38 11.64 -2.50
N PHE D 355 68.29 10.93 -1.38
CA PHE D 355 67.21 9.96 -1.18
C PHE D 355 65.82 10.58 -0.92
N MET D 356 65.73 11.91 -0.90
CA MET D 356 64.42 12.56 -0.76
C MET D 356 63.99 13.22 -2.07
N ASP D 357 62.88 12.74 -2.60
CA ASP D 357 62.36 13.11 -3.91
C ASP D 357 61.61 14.43 -3.91
N TYR D 358 60.60 14.55 -3.05
CA TYR D 358 59.77 15.76 -3.03
C TYR D 358 59.77 16.40 -1.69
N ILE D 359 59.60 17.71 -1.69
CA ILE D 359 59.23 18.44 -0.51
C ILE D 359 57.80 18.93 -0.73
N ILE D 360 56.92 18.72 0.23
CA ILE D 360 55.54 19.19 0.13
C ILE D 360 55.40 20.60 0.71
N THR D 361 54.98 21.53 -0.14
CA THR D 361 54.89 22.94 0.21
C THR D 361 53.83 23.59 -0.68
N ASP D 362 53.95 24.90 -0.91
CA ASP D 362 53.05 25.63 -1.81
C ASP D 362 53.79 26.80 -2.43
N GLN D 363 53.05 27.60 -3.20
CA GLN D 363 53.65 28.68 -3.95
C GLN D 363 54.03 29.90 -3.08
N GLU D 364 53.27 30.11 -2.02
CA GLU D 364 53.55 31.21 -1.11
C GLU D 364 54.81 30.93 -0.29
N THR D 365 54.98 29.68 0.10
CA THR D 365 56.09 29.32 0.97
C THR D 365 57.36 29.12 0.17
N SER D 366 57.24 28.42 -0.95
CA SER D 366 58.39 28.16 -1.78
C SER D 366 58.12 28.55 -3.24
N PRO D 367 58.10 29.88 -3.55
CA PRO D 367 57.84 30.28 -4.93
C PRO D 367 58.98 29.81 -5.84
N ALA D 368 58.67 29.56 -7.12
CA ALA D 368 59.58 28.89 -8.04
C ALA D 368 60.92 29.60 -8.25
N GLU D 369 60.92 30.93 -8.13
CA GLU D 369 62.17 31.70 -8.14
C GLU D 369 63.18 31.00 -7.27
N VAL D 370 62.75 30.60 -6.08
CA VAL D 370 63.67 30.10 -5.07
C VAL D 370 63.69 28.56 -4.96
N ALA D 371 63.40 27.88 -6.07
CA ALA D 371 63.43 26.41 -6.12
C ALA D 371 64.86 25.88 -5.94
N GLU D 372 65.82 26.77 -6.15
CA GLU D 372 67.22 26.45 -6.06
C GLU D 372 67.69 26.31 -4.60
N GLN D 373 66.82 26.73 -3.66
CA GLN D 373 67.09 26.56 -2.24
C GLN D 373 66.98 25.09 -1.80
N TYR D 374 66.11 24.33 -2.45
CA TYR D 374 65.81 22.94 -2.07
C TYR D 374 66.52 21.94 -2.96
N SER D 375 66.82 20.77 -2.41
CA SER D 375 67.46 19.71 -3.20
C SER D 375 66.41 18.74 -3.77
N GLU D 376 65.20 18.78 -3.23
CA GLU D 376 64.09 17.98 -3.72
C GLU D 376 63.27 18.80 -4.72
N LYS D 377 62.49 18.12 -5.56
CA LYS D 377 61.55 18.78 -6.45
C LYS D 377 60.38 19.26 -5.62
N LEU D 378 59.76 20.37 -6.02
CA LEU D 378 58.65 20.92 -5.24
C LEU D 378 57.32 20.23 -5.56
N ALA D 379 56.52 19.99 -4.54
CA ALA D 379 55.16 19.52 -4.72
C ALA D 379 54.22 20.51 -4.03
N TYR D 380 53.39 21.20 -4.82
CA TYR D 380 52.57 22.28 -4.28
C TYR D 380 51.22 21.79 -3.81
N MET D 381 50.83 22.25 -2.63
CA MET D 381 49.43 22.24 -2.23
C MET D 381 48.78 23.51 -2.78
N PRO D 382 47.49 23.42 -3.13
CA PRO D 382 46.81 24.56 -3.75
C PRO D 382 46.65 25.80 -2.87
N HIS D 383 46.86 25.69 -1.57
CA HIS D 383 46.66 26.87 -0.72
C HIS D 383 47.83 27.09 0.19
N THR D 384 47.90 26.30 1.26
CA THR D 384 49.11 26.20 2.09
C THR D 384 49.35 24.74 2.41
N PHE D 385 50.61 24.43 2.71
CA PHE D 385 50.97 23.07 3.04
C PHE D 385 50.74 22.86 4.52
N PHE D 386 50.58 23.96 5.25
CA PHE D 386 50.33 23.84 6.69
C PHE D 386 48.88 23.43 6.99
N ILE D 387 48.63 22.97 8.22
CA ILE D 387 47.31 22.49 8.63
C ILE D 387 47.25 22.31 10.14
N GLY D 388 46.05 22.37 10.70
CA GLY D 388 45.90 22.30 12.15
C GLY D 388 44.66 21.55 12.60
N ASP D 389 44.76 20.91 13.75
CA ASP D 389 43.64 20.13 14.22
C ASP D 389 42.63 20.92 15.04
N HIS D 390 42.99 22.18 15.31
CA HIS D 390 42.22 23.10 16.16
C HIS D 390 40.74 22.94 16.12
N ALA D 391 40.19 22.72 14.92
CA ALA D 391 38.75 22.55 14.73
C ALA D 391 38.25 21.38 15.54
N ASN D 392 38.97 20.27 15.45
CA ASN D 392 38.63 19.07 16.19
C ASN D 392 39.12 19.13 17.63
N MET D 393 40.31 19.69 17.82
CA MET D 393 40.91 19.74 19.15
C MET D 393 40.28 20.75 20.06
N PHE D 394 39.89 21.90 19.51
CA PHE D 394 39.36 23.01 20.31
C PHE D 394 38.01 23.58 19.86
N PRO D 395 36.95 22.75 19.84
CA PRO D 395 35.66 23.24 19.31
C PRO D 395 35.00 24.26 20.22
N HIS D 396 35.41 24.30 21.48
CA HIS D 396 34.87 25.29 22.40
C HIS D 396 35.26 26.71 22.07
N LEU D 397 36.18 26.90 21.14
CA LEU D 397 36.60 28.25 20.78
C LEU D 397 35.94 28.80 19.53
N LYS D 398 35.08 28.00 18.90
CA LYS D 398 34.26 28.43 17.75
C LYS D 398 33.47 29.68 18.10
N LYS D 399 32.89 29.71 19.30
CA LYS D 399 32.07 30.82 19.76
C LYS D 399 32.62 31.35 21.07
N LYS D 400 32.37 32.63 21.34
CA LYS D 400 32.74 33.24 22.63
C LYS D 400 31.64 34.16 23.14
N ALA D 401 31.72 34.53 24.40
CA ALA D 401 30.79 35.48 24.98
C ALA D 401 31.58 36.33 25.94
N VAL D 402 31.17 37.57 26.12
CA VAL D 402 31.96 38.53 26.92
C VAL D 402 31.16 39.21 28.02
N ILE D 403 31.85 39.60 29.08
CA ILE D 403 31.24 40.41 30.11
C ILE D 403 31.61 41.87 29.91
N ASP D 404 30.63 42.74 30.10
CA ASP D 404 30.82 44.18 30.04
C ASP D 404 30.90 44.69 31.47
N PHE D 405 32.06 45.22 31.85
CA PHE D 405 32.34 45.53 33.25
C PHE D 405 32.54 47.02 33.54
N LYS D 406 31.71 47.87 32.93
CA LYS D 406 31.80 49.32 33.15
C LYS D 406 30.48 49.95 33.59
N ILE D 411 32.23 48.55 24.20
CA ILE D 411 32.08 47.10 24.24
C ILE D 411 33.32 46.41 23.67
N TYR D 412 34.13 45.85 24.57
CA TYR D 412 35.37 45.16 24.19
C TYR D 412 35.15 43.66 24.02
N ASP D 413 35.81 43.08 23.01
CA ASP D 413 35.70 41.66 22.70
C ASP D 413 36.76 40.78 23.37
N ASN D 414 37.70 41.38 24.09
CA ASN D 414 38.84 40.63 24.56
C ASN D 414 39.33 41.00 25.95
N ARG D 415 38.41 41.24 26.88
CA ARG D 415 38.76 41.71 28.22
C ARG D 415 38.39 40.70 29.28
N ILE D 416 37.17 40.19 29.16
CA ILE D 416 36.73 39.07 29.96
C ILE D 416 35.95 38.18 29.00
N VAL D 417 36.44 36.97 28.80
CA VAL D 417 35.86 36.11 27.80
C VAL D 417 35.31 34.81 28.39
N LEU D 418 34.28 34.28 27.75
CA LEU D 418 33.74 33.00 28.15
C LEU D 418 33.62 32.07 26.93
N ASN D 419 34.13 30.85 27.08
CA ASN D 419 33.91 29.83 26.08
C ASN D 419 33.47 28.57 26.74
N GLY D 420 32.84 27.70 25.96
CA GLY D 420 32.39 26.43 26.47
C GLY D 420 31.43 25.81 25.49
N ILE D 421 31.38 24.48 25.49
CA ILE D 421 30.47 23.74 24.64
C ILE D 421 29.02 24.16 24.90
N ASP D 422 28.69 24.32 26.18
CA ASP D 422 27.32 24.55 26.62
C ASP D 422 27.07 26.02 26.96
N LEU D 423 27.90 26.89 26.41
CA LEU D 423 27.84 28.32 26.66
C LEU D 423 26.46 28.89 26.35
N LYS D 424 25.92 28.52 25.18
CA LYS D 424 24.63 29.00 24.73
C LYS D 424 23.49 28.72 25.69
N ALA D 425 23.36 27.47 26.12
CA ALA D 425 22.34 27.08 27.12
C ALA D 425 22.43 27.87 28.44
N PHE D 426 23.64 28.22 28.84
CA PHE D 426 23.86 29.01 30.04
C PHE D 426 23.46 30.43 29.83
N LEU D 427 23.75 30.98 28.66
CA LEU D 427 23.34 32.34 28.32
C LEU D 427 21.83 32.45 28.31
N ASP D 428 21.18 31.38 27.90
CA ASP D 428 19.73 31.33 27.87
C ASP D 428 19.10 31.28 29.27
N SER D 429 19.86 30.81 30.26
CA SER D 429 19.38 30.83 31.64
C SER D 429 19.38 32.24 32.19
N LEU D 430 20.26 33.09 31.65
CA LEU D 430 20.44 34.46 32.10
C LEU D 430 19.39 35.45 31.58
N PRO D 431 19.05 36.44 32.42
CA PRO D 431 17.96 37.37 32.11
C PRO D 431 18.24 38.45 31.05
N ASP D 432 19.45 39.03 31.03
CA ASP D 432 19.66 40.32 30.39
C ASP D 432 20.72 40.41 29.29
N VAL D 433 21.05 39.28 28.67
CA VAL D 433 22.10 39.20 27.65
C VAL D 433 21.83 40.11 26.44
N LYS D 434 22.86 40.76 25.91
CA LYS D 434 22.71 41.65 24.75
C LYS D 434 23.51 41.12 23.60
N ILE D 435 22.96 41.20 22.40
CA ILE D 435 23.56 40.46 21.29
C ILE D 435 24.17 41.35 20.20
N VAL D 436 25.43 41.73 20.38
CA VAL D 436 26.24 42.44 19.35
C VAL D 436 26.41 41.64 18.04
N LYS D 437 26.35 42.33 16.90
CA LYS D 437 26.52 41.70 15.59
C LYS D 437 27.90 41.96 14.96
N MET D 438 28.40 41.00 14.19
CA MET D 438 29.74 41.07 13.60
C MET D 438 29.71 41.32 12.11
N LEU D 454 29.75 35.19 13.03
CA LEU D 454 28.43 35.05 13.60
C LEU D 454 27.94 36.36 14.28
N ASN D 455 28.28 36.52 15.57
CA ASN D 455 27.76 37.57 16.47
C ASN D 455 28.19 37.26 17.92
N MET D 456 28.23 38.27 18.79
CA MET D 456 28.83 38.08 20.12
C MET D 456 27.96 38.47 21.33
N PRO D 457 27.47 37.46 22.07
CA PRO D 457 26.72 37.66 23.32
C PRO D 457 27.50 38.46 24.36
N VAL D 458 26.82 39.41 25.03
CA VAL D 458 27.41 40.24 26.07
C VAL D 458 26.63 40.25 27.36
N ILE D 459 27.23 39.74 28.43
CA ILE D 459 26.58 39.77 29.75
C ILE D 459 26.83 41.13 30.38
N PRO D 460 25.75 41.74 30.94
CA PRO D 460 25.83 43.01 31.66
C PRO D 460 26.29 42.84 33.11
N MET D 461 26.89 43.89 33.66
CA MET D 461 27.48 43.90 35.01
C MET D 461 26.46 43.65 36.13
N ASN D 462 25.99 42.41 36.30
CA ASN D 462 25.05 42.06 37.36
C ASN D 462 25.65 41.20 38.44
N THR D 463 24.83 40.70 39.37
CA THR D 463 25.29 39.82 40.47
C THR D 463 26.04 38.63 39.90
N ILE D 464 25.42 38.03 38.89
CA ILE D 464 26.08 37.03 38.06
C ILE D 464 27.49 37.49 37.63
N ALA D 465 27.56 38.53 36.79
CA ALA D 465 28.84 39.05 36.34
C ALA D 465 29.81 39.28 37.51
N GLU D 466 29.29 39.79 38.62
CA GLU D 466 30.10 40.02 39.82
C GLU D 466 30.62 38.76 40.49
N ALA D 467 29.78 37.71 40.55
CA ALA D 467 30.20 36.41 41.09
C ALA D 467 31.39 35.91 40.27
N VAL D 468 31.23 35.84 38.95
CA VAL D 468 32.31 35.41 38.06
C VAL D 468 33.58 36.18 38.30
N ILE D 469 33.48 37.50 38.31
CA ILE D 469 34.68 38.30 38.47
C ILE D 469 35.32 38.11 39.84
N GLU D 470 34.51 37.89 40.88
CA GLU D 470 35.06 37.62 42.21
C GLU D 470 35.81 36.28 42.29
N MET D 471 35.32 35.28 41.57
CA MET D 471 36.00 33.98 41.48
C MET D 471 37.41 34.20 40.96
N ILE D 472 37.49 34.90 39.83
CA ILE D 472 38.76 35.30 39.19
C ILE D 472 39.68 36.03 40.18
N ASN D 473 39.12 36.99 40.90
CA ASN D 473 39.87 37.83 41.83
C ASN D 473 40.39 37.08 43.04
N ARG D 474 39.55 36.26 43.64
CA ARG D 474 39.98 35.47 44.78
C ARG D 474 40.83 34.29 44.33
N GLY D 475 40.88 34.06 43.02
CA GLY D 475 41.66 32.97 42.42
C GLY D 475 41.13 31.60 42.81
N GLN D 476 39.81 31.45 42.77
CA GLN D 476 39.18 30.20 43.10
C GLN D 476 39.07 29.34 41.85
N ILE D 477 39.12 28.03 42.04
CA ILE D 477 39.06 27.04 40.96
C ILE D 477 37.80 27.16 40.13
N GLN D 478 36.64 27.07 40.78
CA GLN D 478 35.37 27.06 40.08
C GLN D 478 34.17 27.47 40.92
N ILE D 479 33.10 27.87 40.23
CA ILE D 479 31.82 28.21 40.86
C ILE D 479 30.66 27.55 40.09
N THR D 480 29.44 27.77 40.59
CA THR D 480 28.23 27.25 39.99
C THR D 480 27.17 28.34 39.83
N ILE D 481 26.64 28.48 38.62
CA ILE D 481 25.60 29.47 38.34
C ILE D 481 24.45 28.85 37.57
N ASN D 482 23.24 28.96 38.13
CA ASN D 482 22.04 28.29 37.57
C ASN D 482 22.27 26.82 37.27
N GLY D 483 23.23 26.21 37.97
CA GLY D 483 23.56 24.81 37.73
C GLY D 483 24.70 24.52 36.77
N PHE D 484 25.17 25.53 36.04
CA PHE D 484 26.31 25.37 35.13
C PHE D 484 27.65 25.58 35.87
N SER D 485 28.64 24.73 35.60
CA SER D 485 29.97 24.92 36.20
C SER D 485 30.72 26.02 35.47
N ILE D 486 31.18 27.01 36.21
CA ILE D 486 31.99 28.05 35.65
C ILE D 486 33.40 27.93 36.19
N SER D 487 34.35 27.80 35.29
CA SER D 487 35.71 27.42 35.65
C SER D 487 36.69 28.51 35.38
N ASN D 488 37.59 28.66 36.33
CA ASN D 488 38.70 29.60 36.24
C ASN D 488 39.67 29.09 35.20
N GLY D 489 39.92 29.88 34.17
CA GLY D 489 40.74 29.41 33.07
C GLY D 489 42.22 29.45 33.37
N LEU D 490 42.56 29.16 34.62
CA LEU D 490 43.94 29.14 35.09
C LEU D 490 44.14 27.88 35.91
N ALA D 491 43.05 27.17 36.12
CA ALA D 491 43.03 25.99 37.00
C ALA D 491 42.61 24.71 36.26
N THR D 492 42.53 24.76 34.93
CA THR D 492 41.99 23.66 34.17
C THR D 492 42.76 22.36 34.40
N THR D 493 44.08 22.42 34.54
CA THR D 493 44.81 21.17 34.84
C THR D 493 44.34 20.51 36.13
N GLN D 494 43.74 21.29 37.02
CA GLN D 494 43.22 20.73 38.24
C GLN D 494 41.84 20.17 38.02
N ILE D 495 41.03 20.90 37.26
CA ILE D 495 39.64 20.51 37.05
C ILE D 495 39.54 19.35 36.11
N ASN D 496 40.36 19.35 35.05
CA ASN D 496 40.46 18.24 34.11
C ASN D 496 41.79 18.16 33.35
N ASN D 497 42.78 17.48 33.92
CA ASN D 497 44.10 17.31 33.29
C ASN D 497 44.09 17.08 31.77
N LYS D 498 43.24 16.17 31.31
CA LYS D 498 43.17 15.80 29.87
C LYS D 498 42.67 16.95 28.96
N ALA D 499 41.70 17.73 29.45
CA ALA D 499 41.19 18.85 28.68
C ALA D 499 42.24 19.96 28.50
N ALA D 500 43.11 20.09 29.50
CA ALA D 500 44.10 21.14 29.52
C ALA D 500 45.23 20.82 28.57
N THR D 501 45.46 19.54 28.31
CA THR D 501 46.54 19.12 27.40
C THR D 501 46.09 19.13 25.95
N GLY D 502 44.78 19.12 25.73
CA GLY D 502 44.21 19.07 24.39
C GLY D 502 43.73 17.68 24.01
N GLU D 503 43.88 16.72 24.90
CA GLU D 503 43.43 15.35 24.62
C GLU D 503 41.91 15.19 24.74
N GLU D 504 41.29 15.98 25.61
CA GLU D 504 39.84 16.00 25.70
C GLU D 504 39.29 17.38 25.34
N VAL D 505 38.00 17.42 25.05
CA VAL D 505 37.31 18.70 24.91
C VAL D 505 36.73 19.05 26.28
N PRO D 506 36.97 20.30 26.75
CA PRO D 506 36.53 20.74 28.07
C PRO D 506 35.02 20.63 28.20
N ARG D 507 34.57 20.07 29.33
CA ARG D 507 33.15 19.84 29.60
C ARG D 507 32.45 20.93 30.46
N THR D 508 33.12 22.05 30.64
CA THR D 508 32.55 23.16 31.39
C THR D 508 32.69 24.45 30.58
N ILE D 509 32.31 25.56 31.21
CA ILE D 509 32.53 26.90 30.66
C ILE D 509 33.76 27.53 31.31
N ILE D 510 34.62 28.14 30.52
CA ILE D 510 35.87 28.64 31.06
C ILE D 510 35.97 30.14 30.91
N VAL D 511 36.31 30.80 32.01
CA VAL D 511 36.53 32.24 32.04
C VAL D 511 37.99 32.58 31.83
N THR D 512 38.26 33.52 30.94
CA THR D 512 39.63 33.96 30.66
C THR D 512 39.61 35.45 30.70
N THR D 513 40.59 36.08 31.36
CA THR D 513 40.56 37.55 31.53
C THR D 513 41.93 38.18 31.49
N ARG D 514 42.01 39.47 31.21
CA ARG D 514 43.29 40.13 31.16
C ARG D 514 43.89 40.23 32.53
N SER D 515 43.07 40.45 33.55
CA SER D 515 43.56 40.56 34.92
C SER D 515 44.27 39.28 35.38
N GLN D 516 43.82 38.13 34.88
CA GLN D 516 44.51 36.84 35.16
C GLN D 516 46.00 36.88 34.83
N TYR D 517 46.38 37.53 33.73
CA TYR D 517 47.78 37.60 33.34
C TYR D 517 48.39 38.99 33.54
N GLY D 518 47.77 39.80 34.41
CA GLY D 518 48.22 41.17 34.68
C GLY D 518 48.34 42.08 33.46
N LEU D 519 47.52 41.81 32.46
CA LEU D 519 47.41 42.70 31.32
C LEU D 519 46.49 43.86 31.70
N PRO D 520 46.84 45.08 31.24
CA PRO D 520 46.06 46.28 31.47
C PRO D 520 44.75 46.27 30.71
N GLU D 521 43.64 46.44 31.42
CA GLU D 521 42.31 46.27 30.86
C GLU D 521 42.06 47.11 29.60
N ASP D 522 42.61 48.31 29.54
CA ASP D 522 42.34 49.26 28.44
C ASP D 522 43.55 49.53 27.55
N ALA D 523 44.28 48.48 27.22
CA ALA D 523 45.50 48.61 26.42
C ALA D 523 45.38 47.96 25.04
N ILE D 524 46.31 48.32 24.17
CA ILE D 524 46.50 47.54 22.95
C ILE D 524 47.57 46.49 23.19
N VAL D 525 47.19 45.21 23.16
CA VAL D 525 48.10 44.13 23.48
C VAL D 525 48.65 43.43 22.22
N TYR D 526 49.92 43.64 21.97
CA TYR D 526 50.59 42.93 20.91
C TYR D 526 51.22 41.72 21.55
N CYS D 527 50.92 40.55 21.03
CA CYS D 527 51.52 39.36 21.62
C CYS D 527 52.50 38.75 20.65
N ASN D 528 53.43 37.96 21.19
CA ASN D 528 54.12 36.92 20.42
C ASN D 528 54.44 35.76 21.35
N PHE D 529 53.89 34.60 21.05
CA PHE D 529 54.01 33.48 21.98
C PHE D 529 55.10 32.46 21.64
N ASN D 530 55.98 32.79 20.70
CA ASN D 530 57.00 31.84 20.27
C ASN D 530 58.09 31.70 21.32
N GLN D 531 58.86 30.62 21.24
CA GLN D 531 60.11 30.53 21.97
C GLN D 531 60.95 31.77 21.67
N LEU D 532 61.75 32.23 22.62
CA LEU D 532 62.44 33.49 22.46
C LEU D 532 63.58 33.45 21.45
N TYR D 533 64.11 32.27 21.15
CA TYR D 533 65.21 32.21 20.22
C TYR D 533 64.86 32.81 18.85
N LYS D 534 63.58 32.85 18.51
CA LYS D 534 63.14 33.41 17.22
C LYS D 534 63.30 34.95 17.09
N ILE D 535 63.52 35.64 18.21
CA ILE D 535 63.71 37.09 18.21
C ILE D 535 65.17 37.42 18.08
N ASP D 536 65.44 38.44 17.27
CA ASP D 536 66.78 39.02 17.17
C ASP D 536 66.71 40.56 17.37
N PRO D 537 67.87 41.22 17.50
CA PRO D 537 67.93 42.67 17.76
C PRO D 537 67.15 43.54 16.79
N SER D 538 67.07 43.14 15.53
CA SER D 538 66.20 43.83 14.57
C SER D 538 64.74 43.71 14.95
N THR D 539 64.31 42.46 15.04
CA THR D 539 62.92 42.13 15.36
C THR D 539 62.48 42.91 16.59
N LEU D 540 63.34 43.01 17.58
CA LEU D 540 62.99 43.74 18.78
C LEU D 540 62.91 45.23 18.51
N GLN D 541 63.85 45.73 17.72
CA GLN D 541 63.85 47.14 17.34
C GLN D 541 62.51 47.56 16.76
N MET D 542 62.02 46.81 15.77
CA MET D 542 60.74 47.06 15.16
C MET D 542 59.63 47.22 16.18
N TRP D 543 59.55 46.27 17.12
CA TRP D 543 58.49 46.29 18.11
C TRP D 543 58.60 47.51 18.98
N ALA D 544 59.82 47.79 19.45
CA ALA D 544 60.08 49.00 20.19
C ALA D 544 59.47 50.20 19.47
N ASN D 545 59.77 50.37 18.18
CA ASN D 545 59.21 51.46 17.36
C ASN D 545 57.70 51.51 17.46
N ILE D 546 57.08 50.36 17.14
CA ILE D 546 55.64 50.20 17.13
C ILE D 546 55.10 50.65 18.47
N LEU D 547 55.64 50.09 19.56
CA LEU D 547 55.21 50.46 20.89
C LEU D 547 55.36 51.95 21.18
N LYS D 548 56.39 52.58 20.65
CA LYS D 548 56.53 54.01 20.82
C LYS D 548 55.42 54.79 20.10
N ARG D 549 55.07 54.35 18.90
CA ARG D 549 54.07 55.04 18.10
C ARG D 549 52.63 54.78 18.58
N VAL D 550 52.43 53.77 19.42
CA VAL D 550 51.10 53.45 19.91
C VAL D 550 51.07 53.52 21.43
N PRO D 551 50.59 54.65 21.99
CA PRO D 551 50.80 55.00 23.39
C PRO D 551 50.18 54.04 24.43
N ASN D 552 49.03 53.47 24.12
CA ASN D 552 48.37 52.62 25.09
C ASN D 552 48.77 51.17 25.01
N SER D 553 49.96 50.90 24.51
CA SER D 553 50.28 49.54 24.13
C SER D 553 51.20 48.84 25.09
N VAL D 554 51.12 47.51 25.07
CA VAL D 554 52.01 46.62 25.78
C VAL D 554 52.37 45.44 24.86
N LEU D 555 53.56 44.88 25.07
CA LEU D 555 53.96 43.70 24.36
C LEU D 555 53.88 42.49 25.26
N TRP D 556 53.32 41.41 24.76
CA TRP D 556 53.09 40.24 25.57
C TRP D 556 53.97 39.14 25.11
N LEU D 557 54.85 38.69 26.00
CA LEU D 557 55.80 37.66 25.66
C LEU D 557 55.74 36.50 26.62
N LEU D 558 56.52 35.46 26.34
CA LEU D 558 56.54 34.26 27.16
C LEU D 558 57.92 33.98 27.75
N ARG D 559 57.93 33.53 29.01
CA ARG D 559 59.16 33.11 29.66
C ARG D 559 59.53 31.77 29.08
N PHE D 560 60.27 31.79 27.97
CA PHE D 560 60.43 30.62 27.12
C PHE D 560 61.84 30.62 26.50
N PRO D 561 62.87 30.41 27.32
CA PRO D 561 62.89 30.11 28.75
C PRO D 561 62.92 31.36 29.64
N ALA D 562 62.70 31.17 30.94
CA ALA D 562 62.64 32.30 31.89
C ALA D 562 63.92 33.12 31.95
N VAL D 563 65.06 32.46 31.73
CA VAL D 563 66.35 33.14 31.74
C VAL D 563 66.42 34.14 30.60
N GLY D 564 65.58 33.96 29.58
CA GLY D 564 65.49 34.87 28.46
C GLY D 564 64.94 36.25 28.83
N GLU D 565 64.07 36.29 29.84
CA GLU D 565 63.36 37.50 30.21
C GLU D 565 64.28 38.70 30.51
N PRO D 566 65.17 38.61 31.53
CA PRO D 566 66.02 39.77 31.88
C PRO D 566 66.73 40.40 30.68
N ASN D 567 67.34 39.59 29.83
CA ASN D 567 67.95 40.09 28.60
C ASN D 567 67.02 40.92 27.75
N ILE D 568 65.81 40.45 27.44
CA ILE D 568 64.93 41.25 26.63
C ILE D 568 64.62 42.55 27.36
N GLN D 569 64.24 42.46 28.63
CA GLN D 569 64.06 43.63 29.49
C GLN D 569 65.20 44.63 29.34
N GLN D 570 66.43 44.11 29.41
CA GLN D 570 67.61 44.90 29.17
C GLN D 570 67.56 45.65 27.85
N TYR D 571 67.70 44.92 26.74
CA TYR D 571 67.71 45.52 25.40
C TYR D 571 66.49 46.43 25.15
N ALA D 572 65.36 46.06 25.74
CA ALA D 572 64.14 46.83 25.63
C ALA D 572 64.34 48.19 26.27
N GLN D 573 65.02 48.18 27.41
CA GLN D 573 65.25 49.38 28.19
C GLN D 573 66.17 50.33 27.45
N ASN D 574 67.18 49.77 26.78
CA ASN D 574 68.17 50.56 26.06
C ASN D 574 67.59 51.15 24.82
N MET D 575 66.56 50.52 24.28
CA MET D 575 65.84 51.07 23.15
C MET D 575 64.81 52.09 23.66
N GLY D 576 64.81 52.32 24.97
CA GLY D 576 64.01 53.39 25.58
C GLY D 576 62.61 52.99 26.00
N LEU D 577 62.45 51.75 26.46
CA LEU D 577 61.16 51.29 26.98
C LEU D 577 61.21 51.04 28.49
N PRO D 578 60.36 51.74 29.24
CA PRO D 578 60.09 51.38 30.65
C PRO D 578 59.75 49.89 30.79
N GLN D 579 60.07 49.31 31.95
CA GLN D 579 59.79 47.91 32.22
C GLN D 579 58.34 47.50 32.00
N ASN D 580 57.41 48.24 32.60
CA ASN D 580 55.97 47.96 32.48
C ASN D 580 55.37 47.95 31.04
N ARG D 581 56.18 48.29 30.02
CA ARG D 581 55.73 48.22 28.64
C ARG D 581 55.74 46.80 28.09
N ILE D 582 56.60 45.95 28.63
CA ILE D 582 56.64 44.55 28.22
C ILE D 582 56.24 43.63 29.34
N ILE D 583 55.30 42.73 29.06
CA ILE D 583 54.76 41.83 30.06
C ILE D 583 55.06 40.42 29.69
N PHE D 584 55.61 39.67 30.65
CA PHE D 584 55.91 38.26 30.45
C PHE D 584 54.94 37.39 31.18
N SER D 585 54.46 36.36 30.48
CA SER D 585 53.65 35.32 31.11
C SER D 585 54.38 34.02 31.11
N PRO D 586 54.03 33.12 32.04
CA PRO D 586 54.71 31.81 32.06
C PRO D 586 54.15 30.91 30.96
N VAL D 587 54.89 29.87 30.60
CA VAL D 587 54.40 28.93 29.61
C VAL D 587 53.17 28.19 30.16
N ALA D 588 52.22 27.91 29.29
CA ALA D 588 50.96 27.32 29.73
C ALA D 588 50.65 26.05 28.97
N PRO D 589 49.75 25.20 29.52
CA PRO D 589 49.38 23.96 28.81
C PRO D 589 48.61 24.28 27.55
N LYS D 590 48.67 23.40 26.56
CA LYS D 590 48.17 23.73 25.24
C LYS D 590 46.81 24.47 25.21
N GLU D 591 45.82 23.89 25.85
CA GLU D 591 44.49 24.46 25.85
C GLU D 591 44.42 25.88 26.44
N GLU D 592 44.99 26.12 27.60
CA GLU D 592 45.09 27.49 28.11
C GLU D 592 45.89 28.36 27.17
N HIS D 593 46.98 27.82 26.66
CA HIS D 593 47.80 28.56 25.71
C HIS D 593 47.01 29.07 24.55
N VAL D 594 46.30 28.18 23.86
CA VAL D 594 45.50 28.62 22.70
C VAL D 594 44.41 29.63 23.11
N ARG D 595 43.76 29.35 24.22
CA ARG D 595 42.57 30.08 24.65
C ARG D 595 42.87 31.53 25.02
N ARG D 596 44.02 31.76 25.66
CA ARG D 596 44.36 33.11 26.12
C ARG D 596 44.88 34.00 24.98
N GLY D 597 45.00 33.47 23.78
CA GLY D 597 45.24 34.27 22.58
C GLY D 597 44.09 35.25 22.32
N GLN D 598 42.91 34.95 22.85
CA GLN D 598 41.71 35.73 22.62
C GLN D 598 41.79 37.05 23.33
N LEU D 599 42.62 37.14 24.36
CA LEU D 599 42.85 38.39 25.13
C LEU D 599 43.64 39.46 24.34
N ALA D 600 44.63 39.00 23.57
CA ALA D 600 45.46 39.83 22.70
C ALA D 600 44.62 40.56 21.66
N ASP D 601 45.19 41.66 21.16
CA ASP D 601 44.57 42.44 20.10
C ASP D 601 45.20 42.14 18.74
N VAL D 602 46.53 42.14 18.66
CA VAL D 602 47.24 41.77 17.43
C VAL D 602 48.46 40.94 17.78
N CYS D 603 48.74 39.94 16.96
CA CYS D 603 49.95 39.18 17.16
C CYS D 603 51.03 39.72 16.24
N LEU D 604 52.22 39.94 16.78
CA LEU D 604 53.30 40.42 15.96
C LEU D 604 54.23 39.27 15.72
N ASP D 605 54.44 38.94 14.46
CA ASP D 605 55.18 37.73 14.13
C ASP D 605 56.69 37.95 14.03
N THR D 606 57.45 37.03 14.60
CA THR D 606 58.90 36.98 14.38
C THR D 606 59.23 36.68 12.91
N PRO D 607 59.96 37.58 12.25
CA PRO D 607 60.29 37.45 10.83
C PRO D 607 61.56 36.63 10.55
N LEU D 608 62.46 36.51 11.53
CA LEU D 608 63.65 35.68 11.37
C LEU D 608 63.21 34.25 11.17
N CYS D 609 62.24 33.84 11.98
CA CYS D 609 61.67 32.52 11.87
C CYS D 609 60.24 32.60 12.36
N ASN D 610 59.29 32.24 11.50
CA ASN D 610 57.86 32.47 11.75
C ASN D 610 57.27 31.66 12.89
N GLY D 611 56.09 32.05 13.37
CA GLY D 611 55.30 31.14 14.20
C GLY D 611 54.68 30.09 13.28
N HIS D 612 54.90 28.82 13.56
CA HIS D 612 54.39 27.78 12.65
C HIS D 612 53.17 27.15 13.21
N THR D 613 53.34 26.26 14.19
CA THR D 613 52.24 25.78 14.93
C THR D 613 51.61 26.97 15.62
N THR D 614 52.43 27.84 16.16
CA THR D 614 51.90 28.97 16.90
C THR D 614 51.03 29.86 16.03
N GLY D 615 51.42 30.05 14.77
CA GLY D 615 50.58 30.79 13.79
C GLY D 615 49.15 30.30 13.76
N MET D 616 48.99 28.99 13.62
CA MET D 616 47.68 28.36 13.67
C MET D 616 46.97 28.69 14.96
N ASP D 617 47.66 28.50 16.07
CA ASP D 617 47.11 28.72 17.41
C ASP D 617 46.48 30.09 17.64
N VAL D 618 47.22 31.13 17.27
CA VAL D 618 46.79 32.52 17.45
C VAL D 618 45.67 32.89 16.46
N LEU D 619 45.72 32.30 15.27
CA LEU D 619 44.68 32.53 14.29
C LEU D 619 43.35 31.90 14.73
N TRP D 620 43.44 30.71 15.30
CA TRP D 620 42.26 30.03 15.78
C TRP D 620 41.54 30.82 16.84
N ALA D 621 42.27 31.66 17.57
CA ALA D 621 41.68 32.48 18.62
C ALA D 621 41.04 33.71 18.02
N GLY D 622 41.24 33.92 16.72
CA GLY D 622 40.59 35.02 16.02
C GLY D 622 41.42 36.28 16.17
N THR D 623 42.72 36.09 16.38
CA THR D 623 43.65 37.18 16.61
C THR D 623 44.51 37.36 15.39
N PRO D 624 44.36 38.52 14.72
CA PRO D 624 45.12 38.79 13.49
C PRO D 624 46.62 38.94 13.77
N MET D 625 47.43 38.47 12.82
CA MET D 625 48.86 38.39 13.03
C MET D 625 49.60 39.05 11.90
N VAL D 626 50.42 40.04 12.24
CA VAL D 626 51.25 40.78 11.28
C VAL D 626 52.54 40.04 10.95
N THR D 627 52.82 39.80 9.67
CA THR D 627 54.06 39.10 9.29
C THR D 627 54.87 39.86 8.23
N MET D 628 56.17 39.58 8.19
CA MET D 628 57.00 40.12 7.11
C MET D 628 57.86 39.03 6.51
N PRO D 629 57.39 38.42 5.41
CA PRO D 629 58.03 37.24 4.83
C PRO D 629 59.45 37.50 4.31
N GLY D 630 60.38 36.57 4.58
CA GLY D 630 61.75 36.65 4.08
C GLY D 630 62.05 35.60 3.02
N GLU D 631 63.28 35.11 2.99
CA GLU D 631 63.70 34.17 1.93
C GLU D 631 63.55 32.68 2.30
N THR D 632 64.03 32.33 3.49
CA THR D 632 63.92 30.98 4.03
C THR D 632 62.46 30.55 4.21
N LEU D 633 62.15 29.35 3.73
CA LEU D 633 60.87 28.69 4.00
C LEU D 633 60.31 29.10 5.38
N ALA D 634 61.11 28.88 6.43
CA ALA D 634 60.65 29.07 7.80
C ALA D 634 60.27 30.51 8.13
N SER D 635 60.80 31.43 7.34
CA SER D 635 60.46 32.81 7.54
C SER D 635 59.30 33.22 6.63
N ARG D 636 58.73 32.26 5.92
CA ARG D 636 57.61 32.55 5.04
C ARG D 636 56.28 31.91 5.46
N VAL D 637 56.31 30.86 6.29
CA VAL D 637 55.10 30.09 6.69
C VAL D 637 53.91 30.96 7.12
N ALA D 638 54.14 31.90 8.03
CA ALA D 638 53.06 32.78 8.52
C ALA D 638 52.34 33.50 7.37
N ALA D 639 53.09 34.09 6.43
CA ALA D 639 52.51 34.75 5.28
C ALA D 639 51.60 33.81 4.49
N SER D 640 52.10 32.59 4.28
CA SER D 640 51.39 31.56 3.54
C SER D 640 50.11 31.19 4.23
N GLN D 641 50.13 31.15 5.56
CA GLN D 641 48.90 30.91 6.34
C GLN D 641 47.89 32.05 6.16
N LEU D 642 48.36 33.29 6.20
CA LEU D 642 47.48 34.45 6.06
C LEU D 642 46.91 34.56 4.66
N THR D 643 47.69 34.17 3.66
CA THR D 643 47.20 34.22 2.31
C THR D 643 45.98 33.33 2.17
N CYS D 644 46.13 32.06 2.59
CA CYS D 644 45.06 31.06 2.55
C CYS D 644 43.81 31.49 3.34
N LEU D 645 44.02 32.25 4.40
CA LEU D 645 42.93 32.77 5.20
C LEU D 645 42.23 33.90 4.48
N GLY D 646 42.99 34.62 3.64
CA GLY D 646 42.48 35.73 2.84
C GLY D 646 42.65 37.11 3.47
N CYS D 647 43.85 37.42 3.97
CA CYS D 647 44.11 38.69 4.65
C CYS D 647 45.47 39.22 4.29
N LEU D 648 45.59 39.65 3.04
CA LEU D 648 46.87 40.10 2.51
C LEU D 648 47.31 41.47 3.10
N GLU D 649 46.36 42.18 3.69
CA GLU D 649 46.63 43.50 4.30
C GLU D 649 47.42 43.35 5.59
N LEU D 650 47.66 42.11 6.00
CA LEU D 650 48.44 41.83 7.20
C LEU D 650 49.86 41.39 6.86
N ILE D 651 50.19 41.38 5.56
CA ILE D 651 51.50 40.91 5.09
C ILE D 651 52.38 42.05 4.57
N ALA D 652 53.45 42.34 5.29
CA ALA D 652 54.29 43.49 4.98
C ALA D 652 55.43 43.14 4.02
N LYS D 653 55.75 44.08 3.13
CA LYS D 653 56.88 43.93 2.19
C LYS D 653 58.24 44.40 2.70
N ASN D 654 58.26 45.08 3.85
CA ASN D 654 59.50 45.50 4.53
C ASN D 654 59.29 45.98 5.99
N ARG D 655 60.39 46.10 6.73
CA ARG D 655 60.37 46.59 8.11
C ARG D 655 59.42 47.75 8.24
N GLN D 656 59.57 48.71 7.32
CA GLN D 656 58.79 49.91 7.34
C GLN D 656 57.27 49.62 7.32
N GLU D 657 56.82 48.89 6.31
CA GLU D 657 55.41 48.58 6.18
C GLU D 657 54.91 47.81 7.39
N TYR D 658 55.71 46.86 7.88
CA TYR D 658 55.35 46.06 9.04
C TYR D 658 54.94 46.99 10.16
N GLU D 659 55.81 47.93 10.50
CA GLU D 659 55.52 48.83 11.59
C GLU D 659 54.22 49.56 11.35
N ASP D 660 53.98 49.99 10.11
CA ASP D 660 52.79 50.78 9.83
C ASP D 660 51.50 49.99 9.98
N ILE D 661 51.46 48.79 9.42
CA ILE D 661 50.30 47.90 9.54
C ILE D 661 49.98 47.67 11.03
N ALA D 662 51.02 47.45 11.82
CA ALA D 662 50.89 47.26 13.27
C ALA D 662 50.29 48.50 13.93
N VAL D 663 50.80 49.66 13.58
CA VAL D 663 50.38 50.89 14.22
C VAL D 663 48.94 51.21 13.83
N LYS D 664 48.65 51.06 12.54
CA LYS D 664 47.30 51.28 12.04
C LYS D 664 46.28 50.50 12.84
N LEU D 665 46.58 49.22 13.07
CA LEU D 665 45.71 48.33 13.86
C LEU D 665 45.53 48.77 15.30
N GLY D 666 46.61 49.31 15.88
CA GLY D 666 46.63 49.68 17.27
C GLY D 666 46.09 51.06 17.55
N THR D 667 45.88 51.86 16.51
CA THR D 667 45.34 53.23 16.67
C THR D 667 43.91 53.33 16.15
N ASP D 668 43.69 52.79 14.95
CA ASP D 668 42.40 52.85 14.25
C ASP D 668 41.47 51.72 14.72
N LEU D 669 40.83 51.95 15.86
CA LEU D 669 39.99 50.95 16.51
C LEU D 669 38.88 50.43 15.61
N GLU D 670 38.45 51.27 14.68
CA GLU D 670 37.48 50.86 13.68
C GLU D 670 38.06 49.83 12.75
N TYR D 671 39.26 50.12 12.25
CA TYR D 671 39.96 49.22 11.35
C TYR D 671 40.31 47.93 12.06
N LEU D 672 40.80 48.07 13.28
CA LEU D 672 41.06 46.91 14.12
C LEU D 672 39.86 45.97 14.13
N LYS D 673 38.70 46.48 14.54
CA LYS D 673 37.48 45.66 14.63
C LYS D 673 37.11 45.01 13.30
N LYS D 674 37.32 45.72 12.20
CA LYS D 674 37.05 45.17 10.88
C LYS D 674 37.90 43.92 10.63
N VAL D 675 39.22 44.04 10.81
CA VAL D 675 40.16 42.93 10.62
C VAL D 675 39.92 41.76 11.61
N ARG D 676 39.85 42.05 12.90
CA ARG D 676 39.56 41.03 13.89
C ARG D 676 38.33 40.22 13.51
N GLY D 677 37.27 40.90 13.08
CA GLY D 677 36.06 40.26 12.61
C GLY D 677 36.27 39.37 11.38
N LYS D 678 37.13 39.80 10.48
CA LYS D 678 37.45 39.05 9.27
C LYS D 678 38.10 37.70 9.65
N VAL D 679 39.20 37.77 10.39
CA VAL D 679 39.90 36.62 10.92
C VAL D 679 38.93 35.64 11.58
N TRP D 680 38.17 36.14 12.55
CA TRP D 680 37.16 35.36 13.23
C TRP D 680 36.25 34.59 12.31
N LYS D 681 35.79 35.22 11.24
CA LYS D 681 34.91 34.58 10.28
C LYS D 681 35.71 33.63 9.41
N GLN D 682 36.81 34.15 8.87
CA GLN D 682 37.64 33.44 7.90
C GLN D 682 38.22 32.11 8.36
N ARG D 683 38.58 32.00 9.64
CA ARG D 683 39.18 30.78 10.17
C ARG D 683 38.26 29.56 9.98
N ILE D 684 36.95 29.80 9.96
CA ILE D 684 35.99 28.76 9.66
C ILE D 684 35.80 28.62 8.15
N SER D 685 35.43 29.72 7.50
CA SER D 685 35.05 29.66 6.10
C SER D 685 36.20 29.41 5.12
N SER D 686 37.43 29.83 5.44
CA SER D 686 38.55 29.60 4.52
C SER D 686 39.03 28.15 4.66
N PRO D 687 39.90 27.69 3.76
CA PRO D 687 40.25 26.26 3.82
C PRO D 687 41.29 25.93 4.90
N LEU D 688 41.81 26.96 5.57
CA LEU D 688 42.98 26.84 6.44
C LEU D 688 42.90 25.77 7.56
N PHE D 689 41.80 25.75 8.29
CA PHE D 689 41.63 24.80 9.38
C PHE D 689 40.74 23.66 8.99
N ASN D 690 40.66 23.39 7.67
CA ASN D 690 39.78 22.35 7.13
C ASN D 690 40.54 21.10 6.76
N THR D 691 40.58 20.17 7.69
CA THR D 691 41.38 18.98 7.54
C THR D 691 40.84 18.05 6.48
N LYS D 692 39.53 17.98 6.35
CA LYS D 692 38.97 17.13 5.30
C LYS D 692 39.40 17.58 3.90
N GLN D 693 39.22 18.87 3.61
CA GLN D 693 39.59 19.44 2.33
C GLN D 693 41.08 19.32 2.16
N TYR D 694 41.81 19.67 3.21
CA TYR D 694 43.24 19.53 3.15
C TYR D 694 43.64 18.10 2.69
N THR D 695 43.17 17.08 3.40
CA THR D 695 43.53 15.70 3.11
C THR D 695 43.31 15.34 1.67
N MET D 696 42.15 15.73 1.15
CA MET D 696 41.77 15.44 -0.23
C MET D 696 42.72 16.06 -1.25
N GLU D 697 43.31 17.20 -0.91
CA GLU D 697 44.32 17.83 -1.73
C GLU D 697 45.66 17.13 -1.68
N LEU D 698 46.05 16.77 -0.48
CA LEU D 698 47.17 15.90 -0.27
C LEU D 698 47.03 14.59 -1.06
N GLU D 699 45.81 14.05 -1.12
CA GLU D 699 45.56 12.87 -1.93
C GLU D 699 45.76 13.14 -3.41
N ARG D 700 45.23 14.25 -3.94
CA ARG D 700 45.50 14.63 -5.32
C ARG D 700 46.99 14.60 -5.58
N LEU D 701 47.71 15.39 -4.80
CA LEU D 701 49.15 15.53 -4.96
C LEU D 701 49.85 14.17 -4.94
N TYR D 702 49.32 13.24 -4.14
CA TYR D 702 49.92 11.91 -4.07
C TYR D 702 49.79 11.19 -5.39
N LEU D 703 48.59 11.23 -5.94
CA LEU D 703 48.28 10.48 -7.13
C LEU D 703 48.99 11.08 -8.33
N GLN D 704 49.21 12.39 -8.29
CA GLN D 704 50.03 13.05 -9.29
C GLN D 704 51.45 12.47 -9.29
N MET D 705 52.06 12.45 -8.12
CA MET D 705 53.40 11.94 -7.98
C MET D 705 53.48 10.51 -8.51
N TRP D 706 52.44 9.74 -8.25
CA TRP D 706 52.42 8.33 -8.59
C TRP D 706 52.32 8.08 -10.06
N GLU D 707 51.29 8.66 -10.71
CA GLU D 707 51.10 8.58 -12.17
C GLU D 707 52.43 8.79 -12.88
N HIS D 708 53.01 9.95 -12.59
CA HIS D 708 54.29 10.38 -13.09
C HIS D 708 55.39 9.33 -12.97
N TYR D 709 55.55 8.73 -11.80
CA TYR D 709 56.60 7.71 -11.63
C TYR D 709 56.20 6.43 -12.34
N ALA D 710 54.91 6.12 -12.32
CA ALA D 710 54.41 4.89 -12.92
C ALA D 710 54.55 4.98 -14.42
N ALA D 711 54.49 6.21 -14.94
CA ALA D 711 54.75 6.52 -16.36
C ALA D 711 56.19 6.22 -16.77
N GLY D 712 57.09 6.09 -15.79
CA GLY D 712 58.47 5.72 -16.07
C GLY D 712 59.40 6.87 -15.79
N ASN D 713 58.87 7.93 -15.18
CA ASN D 713 59.63 9.15 -14.97
C ASN D 713 60.24 9.36 -13.60
N LYS D 714 61.48 9.83 -13.62
CA LYS D 714 62.14 10.39 -12.45
C LYS D 714 61.42 11.66 -11.97
N PRO D 715 61.47 11.94 -10.67
CA PRO D 715 60.69 13.07 -10.14
C PRO D 715 61.04 14.46 -10.73
N ASP D 716 60.03 15.17 -11.17
CA ASP D 716 60.17 16.58 -11.47
C ASP D 716 59.10 17.39 -10.74
N HIS D 717 59.19 18.71 -10.89
CA HIS D 717 58.34 19.63 -10.14
C HIS D 717 56.88 19.37 -10.40
N MET D 718 56.07 19.51 -9.35
CA MET D 718 54.62 19.38 -9.43
C MET D 718 54.00 20.71 -8.99
N ILE D 719 54.17 21.71 -9.84
CA ILE D 719 53.79 23.08 -9.50
C ILE D 719 52.47 23.56 -10.11
N LYS D 720 51.93 22.77 -11.05
CA LYS D 720 50.55 22.89 -11.52
C LYS D 720 50.21 24.36 -11.85
N PRO E 1 22.64 -12.52 10.71
CA PRO E 1 23.86 -12.58 11.52
C PRO E 1 24.14 -11.29 12.30
N VAL E 2 25.39 -11.09 12.69
CA VAL E 2 25.75 -10.21 13.82
C VAL E 2 24.71 -10.29 14.93
N SER E 3 25.12 -10.68 16.13
CA SER E 3 24.22 -10.54 17.25
C SER E 3 24.66 -9.34 18.07
N VAL E 4 23.68 -8.76 18.76
CA VAL E 4 23.86 -7.50 19.43
C VAL E 4 23.45 -7.70 20.87
N PRO E 5 24.07 -6.96 21.81
CA PRO E 5 23.69 -7.03 23.22
C PRO E 5 22.28 -6.47 23.47
N TYR E 6 21.52 -7.16 24.33
CA TYR E 6 20.22 -6.71 24.76
C TYR E 6 19.99 -7.03 26.24
N SER E 8 18.22 -8.73 29.52
CA SER E 8 17.53 -9.98 29.83
C SER E 8 17.50 -10.30 31.34
N ALA E 9 16.58 -11.18 31.72
CA ALA E 9 16.39 -11.57 33.11
C ALA E 9 17.65 -12.06 33.83
N GLN E 10 17.53 -12.23 35.14
CA GLN E 10 18.64 -12.64 35.99
C GLN E 10 18.90 -14.18 36.00
N SER E 11 18.08 -14.94 35.27
CA SER E 11 18.18 -16.42 35.13
C SER E 11 17.92 -17.28 36.39
N PRO F 1 -30.38 -36.35 -25.66
CA PRO F 1 -30.40 -35.25 -26.63
C PRO F 1 -30.50 -33.85 -25.97
N VAL F 2 -30.98 -32.87 -26.73
CA VAL F 2 -30.66 -31.45 -26.50
C VAL F 2 -29.25 -31.28 -25.97
N SER F 3 -28.44 -30.49 -26.66
CA SER F 3 -27.16 -30.11 -26.08
C SER F 3 -27.22 -28.65 -25.58
N VAL F 4 -26.45 -28.37 -24.53
CA VAL F 4 -26.51 -27.12 -23.80
C VAL F 4 -25.13 -26.48 -23.83
N PRO F 5 -25.07 -25.14 -23.79
CA PRO F 5 -23.78 -24.44 -23.74
C PRO F 5 -23.06 -24.67 -22.41
N TYR F 6 -21.75 -24.86 -22.48
CA TYR F 6 -20.90 -24.99 -21.31
C TYR F 6 -19.58 -24.33 -21.57
N SER F 8 -15.46 -23.93 -21.93
CA SER F 8 -14.40 -24.79 -22.45
C SER F 8 -13.16 -24.00 -22.84
N ALA F 9 -12.02 -24.70 -22.87
CA ALA F 9 -10.70 -24.15 -23.16
C ALA F 9 -10.63 -23.35 -24.46
N GLN F 10 -9.51 -22.67 -24.66
CA GLN F 10 -9.32 -21.80 -25.80
C GLN F 10 -8.83 -22.51 -27.08
N SER F 11 -8.71 -23.84 -27.00
CA SER F 11 -8.29 -24.72 -28.14
C SER F 11 -6.87 -24.46 -28.73
N PRO G 1 -45.05 19.11 -21.68
CA PRO G 1 -44.43 18.33 -22.76
C PRO G 1 -44.63 16.82 -22.60
N VAL G 2 -43.77 16.03 -23.23
CA VAL G 2 -44.05 14.63 -23.57
C VAL G 2 -45.50 14.45 -23.96
N SER G 3 -45.75 13.93 -25.16
CA SER G 3 -47.12 13.52 -25.49
C SER G 3 -47.25 12.02 -25.51
N VAL G 4 -48.45 11.57 -25.16
CA VAL G 4 -48.70 10.19 -24.87
C VAL G 4 -49.77 9.73 -25.85
N PRO G 5 -49.73 8.43 -26.28
CA PRO G 5 -50.77 7.84 -27.11
C PRO G 5 -52.11 7.72 -26.35
N TYR G 6 -53.20 8.06 -27.04
CA TYR G 6 -54.55 7.94 -26.52
C TYR G 6 -55.49 7.45 -27.64
N SER G 8 -58.67 7.61 -30.25
CA SER G 8 -59.38 8.68 -30.98
C SER G 8 -60.14 8.14 -32.20
N ALA G 9 -61.10 8.93 -32.66
CA ALA G 9 -62.01 8.57 -33.76
C ALA G 9 -61.29 8.16 -35.04
N GLN G 10 -62.06 7.64 -35.99
CA GLN G 10 -61.54 7.11 -37.23
C GLN G 10 -61.27 8.19 -38.30
N SER G 11 -61.55 9.45 -37.97
CA SER G 11 -61.37 10.64 -38.85
C SER G 11 -62.21 10.66 -40.15
N PRO H 1 55.82 27.56 35.18
CA PRO H 1 55.84 26.10 35.23
C PRO H 1 55.02 25.43 34.11
N VAL H 2 54.57 24.20 34.32
CA VAL H 2 54.26 23.26 33.23
C VAL H 2 55.19 23.44 32.02
N SER H 3 55.87 22.38 31.62
CA SER H 3 56.62 22.45 30.37
C SER H 3 55.92 21.66 29.28
N VAL H 4 56.05 22.14 28.05
CA VAL H 4 55.29 21.65 26.94
C VAL H 4 56.27 21.10 25.93
N PRO H 5 55.86 20.09 25.13
CA PRO H 5 56.69 19.59 24.03
C PRO H 5 56.85 20.60 22.90
N TYR H 6 58.06 20.70 22.38
CA TYR H 6 58.35 21.56 21.24
C TYR H 6 59.36 20.87 20.33
N SER H 8 62.88 20.37 18.20
CA SER H 8 64.28 20.67 18.45
C SER H 8 65.22 19.81 17.62
N ALA H 9 66.45 20.30 17.47
CA ALA H 9 67.48 19.68 16.65
C ALA H 9 67.74 18.20 17.00
N GLN H 10 68.52 17.54 16.15
CA GLN H 10 68.83 16.14 16.32
C GLN H 10 69.97 15.87 17.34
N SER H 11 70.57 16.93 17.89
CA SER H 11 71.67 16.85 18.89
C SER H 11 73.00 16.26 18.37
#